data_2AFH
#
_entry.id   2AFH
#
_cell.length_a   170.911
_cell.length_b   75.893
_cell.length_c   223.665
_cell.angle_alpha   90.00
_cell.angle_beta   90.00
_cell.angle_gamma   90.00
#
_symmetry.space_group_name_H-M   'P 21 21 21'
#
loop_
_entity.id
_entity.type
_entity.pdbx_description
1 polymer 'Nitrogenase molybdenum-iron protein'
2 polymer 'Nitrogenase molybdenum-iron protein'
3 polymer 'Nitrogenase iron protein 1'
4 non-polymer '3-HYDROXY-3-CARBOXY-ADIPIC ACID'
5 non-polymer 'FE(7)-MO-S(9)-N CLUSTER'
6 non-polymer 'TRIETHYLENE GLYCOL'
7 non-polymer 'CALCIUM ION'
8 non-polymer 'SODIUM ION'
9 non-polymer 'FE(8)-S(7) CLUSTER'
10 non-polymer 2-AMINO-2-HYDROXYMETHYL-PROPANE-1,3-DIOL
11 non-polymer 'TETRAETHYLENE GLYCOL'
12 non-polymer 'PENTAETHYLENE GLYCOL'
13 non-polymer DI(HYDROXYETHYL)ETHER
14 non-polymer 'HEXAETHYLENE GLYCOL'
15 non-polymer 'IRON/SULFUR CLUSTER'
16 water water
#
loop_
_entity_poly.entity_id
_entity_poly.type
_entity_poly.pdbx_seq_one_letter_code
_entity_poly.pdbx_strand_id
1 'polypeptide(L)'
;TGMSREEVESLIQEVLEVYPEKARKDRNKHLAVNDPAVTQSKKCIISNKKSQPGLMTIRGCAYAGSKGVVWGPIKDMIHI
SHGPVGCGQYSRAGRRNYYIGTTGVNAFVTMNFTSDFQEKDIVFGGDKKLAKLIDEVETLFPLNKGISVQSECPIGLIGD
DIESVSKVKGAELSKTIVPVRCEGFRGVSQSLGHHIANDAVRDWVLGKRDEDTTFASTPYDVAIIGDYNIGGDAWSSRIL
LEEMGLRCVAQWSGDGSISEIELTPKVKLNLVHCYRSMNYISRHMEEKYGIPWMEYNFFGPTKTIESLRAIAAKFDESIQ
KKCEEVIAKYKPEWEAVVAKYRPRLEGKRVMLYIGGLRPRHVIGAYEDLGMEVVGTGYEFAHNDDYDRTMKEMGDSTLLY
DDVTGYEFEEFVKRIKPDLIGSGIKEKFIFQKMGIPFREMHSWDYSGPYHGFDGFAIFARDMDMTLNNPCWKKLQAPWEA
SEGAEKVAASA
;
A,C
2 'polypeptide(L)'
;SQQVDKIKASYPLFLDQDYKDMLAKKRDGFEEKYPQDKIDEVFQWTTTKEYQELNFQREALTVNPAKACQPLGAVLCALG
FEKTMPYVHGSQGCVAYFRSYFNRHFREPVSCVSDSMTEDAAVFGGQQNMKDGLQNCKATYKPDMIAVSTTCMAEVIGDD
LNAFINNSKKEGFIPDEFPVPFAHTPSFVGSHVTGWDNMFEGIARYFTLKSMDDKVVGSNKKINIVPGFETYLGNFRVIK
RMLSEMGVGYSLLSDPEEVLDTPADGQFRMYAGGTTQEEMKDAPNALNTVLLQPWHLEKTKKFVEGTWKHEVPKLNIPMG
LDWTDEFLMKVSEISGQPIPASLTKERGRLVDMMTDSHTWLHGKRFALWGDPDFVMGLVKFLLELGCEPVHILCHNGNKR
WKKAVDAILAASPYGKNATVYIGKDLWHLRSLVFTDKPDFMIGNSYGKFIQRDTLHKGKEFEVPLIRIGFPIFDRHHLHR
STTLGYEGAMQILTTLVNSILERLDEETRGMQATDYNHDLVR
;
B,D
3 'polypeptide(L)'
;AMRQCAIYGKGGIGKSTTTQNLVAALAEMGKKVMIVGCDPKADSTRLILHSKAQNTIMEMAAEAGTVEDLELEDVLKAGY
GGVKCVESGGPEPGVGCAGRGVITAINFLEEEGAYEDDLDFVFYDVLGDVVCGGFAMPIRENKAQEIYIVCSGEMMAMYA
ANNISKGIVKYANSGSVRLGGLICNSRNTDREDELIIALANKLGTQMIHFVPRDNVVQRAEIRRMTVIEYDPKAKQADEY
RALARKVVDNKLLVIPNPITMDELEELLMEFGIMEVEDESIVGKTAEEV
;
E,F
#
# COMPACT_ATOMS: atom_id res chain seq x y z
N SER A 4 36.70 -23.97 21.71
CA SER A 4 37.68 -23.85 22.84
C SER A 4 37.24 -22.81 23.87
N ARG A 5 36.87 -23.29 25.05
CA ARG A 5 36.43 -22.39 26.10
C ARG A 5 37.23 -21.10 26.15
N GLU A 6 38.54 -21.21 25.98
CA GLU A 6 39.41 -20.03 26.02
C GLU A 6 39.06 -19.07 24.88
N GLU A 7 38.91 -19.62 23.69
CA GLU A 7 38.58 -18.83 22.52
C GLU A 7 37.25 -18.08 22.67
N VAL A 8 36.28 -18.72 23.33
CA VAL A 8 34.97 -18.09 23.51
C VAL A 8 35.09 -16.97 24.55
N GLU A 9 35.71 -17.25 25.68
CA GLU A 9 35.89 -16.26 26.74
C GLU A 9 36.60 -15.04 26.15
N SER A 10 37.57 -15.32 25.28
CA SER A 10 38.34 -14.27 24.64
C SER A 10 37.47 -13.49 23.66
N LEU A 11 36.60 -14.19 22.93
CA LEU A 11 35.71 -13.53 21.97
C LEU A 11 34.84 -12.54 22.73
N ILE A 12 34.26 -13.00 23.84
CA ILE A 12 33.42 -12.16 24.65
C ILE A 12 34.12 -10.87 25.08
N GLN A 13 35.31 -10.99 25.65
CA GLN A 13 36.05 -9.83 26.09
C GLN A 13 36.40 -8.90 24.93
N GLU A 14 36.78 -9.47 23.78
CA GLU A 14 37.11 -8.63 22.64
C GLU A 14 35.91 -7.78 22.23
N VAL A 15 34.74 -8.42 22.12
CA VAL A 15 33.49 -7.74 21.73
C VAL A 15 33.11 -6.63 22.69
N LEU A 16 33.24 -6.89 23.99
CA LEU A 16 32.93 -5.90 25.02
C LEU A 16 33.76 -4.63 25.00
N GLU A 17 34.95 -4.70 24.42
CA GLU A 17 35.84 -3.53 24.37
C GLU A 17 35.26 -2.25 23.78
N VAL A 18 34.30 -2.37 22.86
CA VAL A 18 33.72 -1.17 22.26
C VAL A 18 32.79 -0.37 23.19
N TYR A 19 32.33 -0.99 24.26
CA TYR A 19 31.43 -0.31 25.18
C TYR A 19 31.99 0.68 26.17
N PRO A 20 31.20 1.70 26.53
CA PRO A 20 31.65 2.66 27.53
C PRO A 20 31.63 1.79 28.81
N GLU A 21 32.37 2.22 29.83
CA GLU A 21 32.47 1.51 31.09
C GLU A 21 31.20 0.88 31.70
N LYS A 22 30.18 1.70 31.94
CA LYS A 22 28.92 1.23 32.51
C LYS A 22 28.28 0.08 31.73
N ALA A 23 28.15 0.24 30.41
CA ALA A 23 27.55 -0.78 29.56
C ALA A 23 28.43 -2.01 29.50
N ARG A 24 29.74 -1.82 29.50
CA ARG A 24 30.65 -2.96 29.44
C ARG A 24 30.54 -3.92 30.63
N LYS A 25 30.53 -3.35 31.85
CA LYS A 25 30.43 -4.14 33.07
C LYS A 25 29.09 -4.86 33.14
N ASP A 26 28.04 -4.18 32.70
CA ASP A 26 26.71 -4.78 32.71
C ASP A 26 26.60 -5.92 31.68
N ARG A 27 26.96 -5.65 30.42
CA ARG A 27 26.88 -6.67 29.37
C ARG A 27 27.72 -7.90 29.67
N ASN A 28 28.85 -7.70 30.33
CA ASN A 28 29.70 -8.84 30.62
C ASN A 28 28.96 -9.90 31.46
N LYS A 29 27.98 -9.48 32.25
CA LYS A 29 27.24 -10.42 33.08
C LYS A 29 26.14 -11.17 32.33
N HIS A 30 25.86 -10.76 31.10
CA HIS A 30 24.83 -11.41 30.29
C HIS A 30 25.37 -12.29 29.16
N LEU A 31 26.69 -12.50 29.17
CA LEU A 31 27.36 -13.32 28.17
C LEU A 31 28.13 -14.38 28.92
N ALA A 32 28.08 -15.63 28.46
CA ALA A 32 28.78 -16.73 29.12
C ALA A 32 29.09 -17.93 28.24
N VAL A 33 30.07 -18.71 28.66
CA VAL A 33 30.51 -19.91 27.97
C VAL A 33 29.82 -21.06 28.74
N ASN A 34 29.02 -21.85 28.06
CA ASN A 34 28.30 -22.95 28.70
C ASN A 34 29.07 -24.05 29.39
N ASP A 35 28.52 -24.52 30.51
CA ASP A 35 29.10 -25.58 31.30
C ASP A 35 27.89 -26.45 31.64
N PRO A 36 27.73 -27.57 30.92
CA PRO A 36 26.62 -28.51 31.10
C PRO A 36 26.44 -28.99 32.55
N ALA A 37 27.51 -28.93 33.34
CA ALA A 37 27.44 -29.36 34.74
C ALA A 37 26.68 -28.41 35.66
N VAL A 38 26.66 -27.12 35.31
CA VAL A 38 25.97 -26.13 36.13
C VAL A 38 24.47 -26.36 36.23
N THR A 39 23.92 -26.15 37.42
CA THR A 39 22.49 -26.33 37.66
C THR A 39 21.86 -25.01 38.13
N GLN A 40 22.71 -24.14 38.67
CA GLN A 40 22.28 -22.84 39.17
C GLN A 40 22.93 -21.84 38.23
N SER A 41 22.22 -21.55 37.13
CA SER A 41 22.69 -20.62 36.10
C SER A 41 23.19 -19.27 36.57
N LYS A 42 22.72 -18.77 37.70
CA LYS A 42 23.20 -17.47 38.15
C LYS A 42 24.68 -17.40 38.39
N LYS A 43 25.29 -18.56 38.62
CA LYS A 43 26.73 -18.60 38.86
C LYS A 43 27.45 -18.27 37.55
N CYS A 44 26.75 -18.35 36.43
CA CYS A 44 27.33 -18.07 35.12
C CYS A 44 26.75 -16.94 34.29
N ILE A 45 25.47 -16.67 34.44
CA ILE A 45 24.87 -15.60 33.64
C ILE A 45 23.69 -14.96 34.34
N ILE A 46 23.51 -13.65 34.18
CA ILE A 46 22.39 -12.98 34.83
C ILE A 46 21.36 -12.65 33.72
N SER A 47 20.08 -12.57 34.10
CA SER A 47 19.04 -12.26 33.14
C SER A 47 17.88 -11.51 33.75
N ASN A 48 16.88 -11.22 32.91
CA ASN A 48 15.69 -10.51 33.33
C ASN A 48 15.98 -9.17 34.05
N LYS A 49 16.92 -8.42 33.49
CA LYS A 49 17.31 -7.11 34.03
C LYS A 49 16.97 -6.13 32.90
N LYS A 50 17.00 -4.84 33.19
CA LYS A 50 16.69 -3.84 32.17
C LYS A 50 17.75 -3.85 31.06
N SER A 51 17.39 -3.34 29.90
CA SER A 51 18.33 -3.29 28.78
C SER A 51 19.08 -1.95 28.92
N GLN A 52 20.35 -1.91 28.50
CA GLN A 52 21.11 -0.67 28.59
C GLN A 52 20.63 0.20 27.44
N PRO A 53 20.49 1.50 27.66
CA PRO A 53 20.02 2.45 26.63
C PRO A 53 20.94 2.54 25.42
N GLY A 54 20.33 2.73 24.24
CA GLY A 54 21.05 2.87 22.98
C GLY A 54 21.84 1.72 22.40
N LEU A 55 21.70 0.52 22.97
CA LEU A 55 22.45 -0.62 22.44
C LEU A 55 21.74 -1.51 21.43
N MET A 56 20.52 -1.15 21.05
CA MET A 56 19.73 -1.91 20.09
C MET A 56 19.30 -3.30 20.57
N THR A 57 18.63 -3.34 21.71
CA THR A 57 18.15 -4.62 22.22
C THR A 57 17.10 -5.10 21.19
N ILE A 58 16.85 -6.39 21.16
CA ILE A 58 15.88 -6.97 20.22
C ILE A 58 14.50 -7.13 20.90
N ARG A 59 14.48 -6.86 22.20
CA ARG A 59 13.28 -6.95 23.05
C ARG A 59 12.11 -6.03 22.70
N GLY A 60 10.92 -6.48 23.12
CA GLY A 60 9.69 -5.75 22.91
C GLY A 60 9.24 -5.21 24.27
N CYS A 61 7.94 -4.94 24.42
CA CYS A 61 7.44 -4.43 25.69
C CYS A 61 6.37 -5.34 26.34
N ALA A 62 5.88 -4.91 27.50
CA ALA A 62 4.86 -5.67 28.24
C ALA A 62 3.56 -5.80 27.46
N TYR A 63 3.23 -4.78 26.68
CA TYR A 63 2.01 -4.77 25.88
C TYR A 63 2.17 -5.91 24.88
N ALA A 64 3.36 -6.05 24.29
CA ALA A 64 3.57 -7.13 23.32
C ALA A 64 3.37 -8.50 24.03
N GLY A 65 3.87 -8.59 25.27
CA GLY A 65 3.76 -9.82 26.03
C GLY A 65 2.33 -10.12 26.48
N SER A 66 1.52 -9.08 26.68
CA SER A 66 0.14 -9.32 27.10
C SER A 66 -0.84 -9.38 25.94
N LYS A 67 -0.87 -8.33 25.13
CA LYS A 67 -1.79 -8.27 23.99
C LYS A 67 -1.36 -9.18 22.85
N GLY A 68 -0.12 -9.03 22.42
CA GLY A 68 0.36 -9.84 21.32
C GLY A 68 0.55 -11.32 21.60
N VAL A 69 0.93 -11.66 22.82
CA VAL A 69 1.15 -13.06 23.16
C VAL A 69 0.07 -13.85 23.85
N VAL A 70 -0.29 -13.42 25.06
CA VAL A 70 -1.30 -14.10 25.83
C VAL A 70 -2.76 -13.87 25.50
N TRP A 71 -3.17 -12.62 25.42
CA TRP A 71 -4.57 -12.34 25.13
C TRP A 71 -5.00 -12.32 23.67
N GLY A 72 -4.16 -11.74 22.81
CA GLY A 72 -4.47 -11.65 21.39
C GLY A 72 -5.09 -12.88 20.76
N PRO A 73 -4.53 -14.08 21.03
CA PRO A 73 -5.02 -15.35 20.49
C PRO A 73 -6.43 -15.82 20.85
N ILE A 74 -6.96 -15.40 22.00
CA ILE A 74 -8.29 -15.82 22.40
C ILE A 74 -9.20 -15.30 21.31
N LYS A 75 -9.68 -16.23 20.51
CA LYS A 75 -10.53 -15.91 19.39
C LYS A 75 -11.91 -15.33 19.48
N ASP A 76 -12.69 -15.69 20.49
CA ASP A 76 -14.02 -15.15 20.57
C ASP A 76 -14.22 -13.94 21.46
N MET A 77 -13.11 -13.31 21.84
CA MET A 77 -13.12 -12.11 22.68
C MET A 77 -12.58 -10.97 21.80
N ILE A 78 -12.94 -9.73 22.15
CA ILE A 78 -12.48 -8.58 21.41
C ILE A 78 -11.47 -7.89 22.35
N HIS A 79 -10.26 -7.71 21.85
CA HIS A 79 -9.17 -7.08 22.60
C HIS A 79 -8.92 -5.67 22.09
N ILE A 80 -9.08 -4.70 22.99
CA ILE A 80 -8.88 -3.31 22.65
C ILE A 80 -7.48 -2.82 22.98
N SER A 81 -6.79 -2.33 21.98
CA SER A 81 -5.44 -1.79 22.19
C SER A 81 -5.81 -0.35 22.65
N HIS A 82 -5.84 -0.15 23.96
CA HIS A 82 -6.19 1.12 24.60
C HIS A 82 -5.09 2.17 24.68
N GLY A 83 -5.22 3.21 23.87
CA GLY A 83 -4.22 4.28 23.86
C GLY A 83 -4.10 4.79 22.42
N PRO A 84 -2.95 5.39 22.04
CA PRO A 84 -2.78 5.91 20.67
C PRO A 84 -2.77 4.75 19.63
N VAL A 85 -2.88 5.10 18.36
CA VAL A 85 -2.93 4.16 17.23
C VAL A 85 -1.75 3.24 16.91
N GLY A 86 -0.56 3.62 17.36
CA GLY A 86 0.63 2.81 17.08
C GLY A 86 0.70 1.34 17.41
N CYS A 87 0.72 1.03 18.71
CA CYS A 87 0.81 -0.34 19.22
C CYS A 87 -0.08 -1.38 18.51
N GLY A 88 -1.37 -1.10 18.43
CA GLY A 88 -2.29 -2.03 17.79
C GLY A 88 -2.03 -2.24 16.30
N GLN A 89 -1.59 -1.20 15.60
CA GLN A 89 -1.32 -1.33 14.17
C GLN A 89 -0.07 -2.18 13.89
N TYR A 90 1.04 -1.92 14.60
CA TYR A 90 2.25 -2.71 14.35
C TYR A 90 2.06 -4.18 14.74
N SER A 91 1.22 -4.44 15.74
CA SER A 91 0.99 -5.82 16.17
C SER A 91 -0.24 -6.50 15.52
N ARG A 92 -0.86 -5.85 14.53
CA ARG A 92 -2.02 -6.47 13.89
C ARG A 92 -1.61 -7.60 12.95
N ALA A 93 -2.01 -8.81 13.30
CA ALA A 93 -1.72 -10.00 12.52
C ALA A 93 -0.25 -10.27 12.26
N GLY A 94 0.62 -9.81 13.15
CA GLY A 94 2.03 -10.07 12.92
C GLY A 94 2.44 -11.43 13.47
N ARG A 95 1.69 -11.93 14.44
CA ARG A 95 1.98 -13.24 15.05
C ARG A 95 0.96 -14.24 14.55
N ARG A 96 1.47 -15.35 14.02
CA ARG A 96 0.64 -16.42 13.46
C ARG A 96 -0.05 -17.38 14.44
N ASN A 97 -0.81 -16.83 15.38
CA ASN A 97 -1.53 -17.65 16.36
C ASN A 97 -2.84 -18.04 15.69
N TYR A 98 -2.77 -19.17 15.00
CA TYR A 98 -3.89 -19.73 14.25
C TYR A 98 -5.15 -20.10 15.01
N TYR A 99 -6.28 -20.02 14.31
CA TYR A 99 -7.57 -20.32 14.90
C TYR A 99 -8.59 -20.58 13.80
N ILE A 100 -9.73 -21.18 14.19
CA ILE A 100 -10.82 -21.50 13.28
C ILE A 100 -11.97 -20.55 13.71
N GLY A 101 -12.54 -19.81 12.76
CA GLY A 101 -13.63 -18.89 13.14
C GLY A 101 -14.09 -18.03 11.96
N THR A 102 -15.12 -17.21 12.17
CA THR A 102 -15.67 -16.33 11.13
C THR A 102 -15.28 -14.95 11.66
N THR A 103 -14.15 -14.47 11.19
CA THR A 103 -13.61 -13.19 11.61
C THR A 103 -14.48 -11.97 11.32
N GLY A 104 -14.67 -11.18 12.36
CA GLY A 104 -15.49 -9.98 12.28
C GLY A 104 -16.91 -10.32 12.70
N VAL A 105 -17.20 -11.62 12.89
CA VAL A 105 -18.52 -12.09 13.29
C VAL A 105 -18.45 -12.80 14.62
N ASN A 106 -17.85 -14.00 14.73
CA ASN A 106 -17.78 -14.68 16.05
C ASN A 106 -16.32 -14.77 16.57
N ALA A 107 -15.35 -14.46 15.71
CA ALA A 107 -13.92 -14.49 16.04
C ALA A 107 -13.30 -13.14 15.65
N PHE A 108 -12.21 -12.71 16.31
CA PHE A 108 -11.66 -11.39 15.97
C PHE A 108 -10.15 -11.19 16.02
N VAL A 109 -9.43 -12.29 16.06
CA VAL A 109 -7.97 -12.28 16.13
C VAL A 109 -7.18 -11.38 15.21
N THR A 110 -7.45 -11.42 13.90
CA THR A 110 -6.72 -10.58 12.98
C THR A 110 -7.11 -9.11 12.92
N MET A 111 -8.16 -8.72 13.60
CA MET A 111 -8.58 -7.32 13.57
C MET A 111 -7.85 -6.47 14.59
N ASN A 112 -7.85 -5.16 14.36
CA ASN A 112 -7.20 -4.21 15.26
C ASN A 112 -8.25 -3.26 15.83
N PHE A 113 -8.66 -3.49 17.08
CA PHE A 113 -9.65 -2.65 17.76
C PHE A 113 -8.82 -1.69 18.59
N THR A 114 -9.11 -0.40 18.53
CA THR A 114 -8.34 0.55 19.31
C THR A 114 -9.12 1.80 19.67
N SER A 115 -8.69 2.49 20.74
CA SER A 115 -9.37 3.71 21.17
C SER A 115 -8.74 4.93 20.48
N ASP A 116 -7.71 4.67 19.66
CA ASP A 116 -6.99 5.72 18.91
C ASP A 116 -6.89 7.10 19.59
N PHE A 117 -6.20 7.15 20.74
CA PHE A 117 -6.04 8.40 21.48
C PHE A 117 -5.52 9.57 20.68
N GLN A 118 -6.21 10.70 20.84
CA GLN A 118 -5.88 11.97 20.17
C GLN A 118 -5.44 12.86 21.36
N GLU A 119 -4.90 14.03 21.07
CA GLU A 119 -4.45 14.92 22.14
C GLU A 119 -5.47 15.22 23.22
N LYS A 120 -6.73 15.42 22.84
CA LYS A 120 -7.75 15.72 23.83
C LYS A 120 -7.98 14.53 24.79
N ASP A 121 -7.66 13.32 24.35
CA ASP A 121 -7.82 12.14 25.21
C ASP A 121 -6.71 12.12 26.28
N ILE A 122 -5.57 12.70 25.95
CA ILE A 122 -4.45 12.75 26.87
C ILE A 122 -4.76 13.81 27.95
N VAL A 123 -5.29 14.93 27.50
CA VAL A 123 -5.65 16.04 28.38
C VAL A 123 -6.77 15.71 29.37
N PHE A 124 -7.88 15.20 28.86
CA PHE A 124 -9.03 14.83 29.69
C PHE A 124 -9.09 13.38 30.17
N GLY A 125 -8.22 12.49 29.68
CA GLY A 125 -8.28 11.10 30.12
C GLY A 125 -9.20 10.31 29.19
N GLY A 126 -9.04 9.00 29.11
CA GLY A 126 -9.88 8.25 28.21
C GLY A 126 -10.94 7.33 28.77
N ASP A 127 -11.32 7.50 30.04
CA ASP A 127 -12.32 6.63 30.64
C ASP A 127 -13.70 6.77 30.03
N LYS A 128 -14.13 7.98 29.70
CA LYS A 128 -15.45 8.14 29.09
C LYS A 128 -15.40 7.56 27.67
N LYS A 129 -14.27 7.77 26.98
CA LYS A 129 -14.13 7.26 25.61
C LYS A 129 -14.23 5.73 25.68
N LEU A 130 -13.55 5.12 26.66
CA LEU A 130 -13.54 3.67 26.85
C LEU A 130 -14.96 3.14 27.03
N ALA A 131 -15.73 3.81 27.89
CA ALA A 131 -17.10 3.40 28.17
C ALA A 131 -17.94 3.46 26.88
N LYS A 132 -17.81 4.55 26.13
CA LYS A 132 -18.55 4.69 24.88
C LYS A 132 -18.08 3.63 23.84
N LEU A 133 -16.77 3.39 23.81
CA LEU A 133 -16.19 2.42 22.89
C LEU A 133 -16.82 1.05 23.16
N ILE A 134 -16.90 0.67 24.42
CA ILE A 134 -17.50 -0.61 24.80
C ILE A 134 -18.94 -0.76 24.27
N ASP A 135 -19.76 0.29 24.36
CA ASP A 135 -21.14 0.22 23.88
C ASP A 135 -21.11 0.01 22.34
N GLU A 136 -20.18 0.69 21.68
CA GLU A 136 -20.04 0.57 20.22
C GLU A 136 -19.62 -0.82 19.80
N VAL A 137 -18.74 -1.45 20.59
CA VAL A 137 -18.26 -2.81 20.32
C VAL A 137 -19.45 -3.77 20.44
N GLU A 138 -20.22 -3.57 21.51
CA GLU A 138 -21.39 -4.38 21.80
C GLU A 138 -22.43 -4.27 20.68
N THR A 139 -22.59 -3.06 20.15
CA THR A 139 -23.55 -2.84 19.07
C THR A 139 -23.13 -3.48 17.72
N LEU A 140 -21.88 -3.26 17.33
CA LEU A 140 -21.35 -3.78 16.06
C LEU A 140 -20.78 -5.19 16.01
N PHE A 141 -20.50 -5.78 17.16
CA PHE A 141 -19.95 -7.13 17.28
C PHE A 141 -20.69 -7.85 18.41
N PRO A 142 -22.02 -8.03 18.25
CA PRO A 142 -22.88 -8.68 19.23
C PRO A 142 -22.52 -10.09 19.61
N LEU A 143 -21.78 -10.81 18.76
CA LEU A 143 -21.40 -12.18 19.09
C LEU A 143 -20.07 -12.28 19.87
N ASN A 144 -19.44 -11.16 20.20
CA ASN A 144 -18.18 -11.26 20.95
C ASN A 144 -18.58 -11.85 22.31
N LYS A 145 -17.73 -12.69 22.89
CA LYS A 145 -18.06 -13.30 24.18
C LYS A 145 -17.27 -12.75 25.36
N GLY A 146 -16.73 -11.55 25.20
CA GLY A 146 -15.95 -10.95 26.25
C GLY A 146 -15.02 -9.91 25.66
N ILE A 147 -14.66 -8.91 26.47
CA ILE A 147 -13.78 -7.85 26.02
C ILE A 147 -12.57 -7.67 26.91
N SER A 148 -11.39 -7.42 26.33
CA SER A 148 -10.21 -7.19 27.17
C SER A 148 -9.72 -5.78 26.80
N VAL A 149 -9.12 -5.08 27.79
CA VAL A 149 -8.61 -3.73 27.59
C VAL A 149 -7.10 -3.77 27.80
N GLN A 150 -6.35 -3.75 26.70
CA GLN A 150 -4.90 -3.81 26.75
C GLN A 150 -4.32 -2.40 26.80
N SER A 151 -3.90 -2.00 28.00
CA SER A 151 -3.35 -0.67 28.18
C SER A 151 -2.02 -0.38 27.50
N GLU A 152 -1.95 0.74 26.78
CA GLU A 152 -0.71 1.12 26.14
C GLU A 152 -0.09 2.15 27.11
N CYS A 153 1.17 2.52 26.89
CA CYS A 153 1.89 3.48 27.76
C CYS A 153 1.14 4.62 28.43
N PRO A 154 0.38 5.43 27.67
CA PRO A 154 -0.31 6.54 28.32
C PRO A 154 -1.37 6.30 29.39
N ILE A 155 -2.06 5.18 29.36
CA ILE A 155 -3.10 4.88 30.33
C ILE A 155 -2.69 5.09 31.79
N GLY A 156 -1.64 4.43 32.23
CA GLY A 156 -1.20 4.60 33.61
C GLY A 156 -0.58 5.95 33.87
N LEU A 157 0.07 6.51 32.87
CA LEU A 157 0.71 7.81 33.00
C LEU A 157 -0.27 8.95 33.22
N ILE A 158 -1.48 8.87 32.65
CA ILE A 158 -2.44 9.96 32.85
C ILE A 158 -3.45 9.69 33.97
N GLY A 159 -3.28 8.56 34.65
CA GLY A 159 -4.17 8.22 35.75
C GLY A 159 -5.59 7.74 35.45
N ASP A 160 -5.82 7.15 34.29
CA ASP A 160 -7.15 6.66 33.96
C ASP A 160 -7.47 5.49 34.90
N ASP A 161 -8.75 5.23 35.11
CA ASP A 161 -9.16 4.15 35.99
C ASP A 161 -9.91 3.14 35.14
N ILE A 162 -9.19 2.29 34.38
CA ILE A 162 -9.87 1.31 33.55
C ILE A 162 -10.55 0.19 34.33
N GLU A 163 -10.11 -0.06 35.57
CA GLU A 163 -10.70 -1.11 36.40
C GLU A 163 -12.14 -0.72 36.72
N SER A 164 -12.36 0.53 37.09
CA SER A 164 -13.72 0.99 37.40
C SER A 164 -14.62 0.87 36.20
N VAL A 165 -14.13 1.36 35.06
CA VAL A 165 -14.91 1.30 33.82
C VAL A 165 -15.31 -0.14 33.51
N SER A 166 -14.37 -1.06 33.64
CA SER A 166 -14.64 -2.48 33.37
C SER A 166 -15.69 -3.05 34.31
N LYS A 167 -15.62 -2.68 35.58
CA LYS A 167 -16.57 -3.17 36.56
C LYS A 167 -17.95 -2.63 36.28
N VAL A 168 -18.05 -1.32 36.06
CA VAL A 168 -19.32 -0.68 35.77
C VAL A 168 -19.97 -1.17 34.49
N LYS A 169 -19.22 -1.16 33.40
CA LYS A 169 -19.75 -1.60 32.12
C LYS A 169 -20.00 -3.09 32.15
N GLY A 170 -19.15 -3.82 32.89
CA GLY A 170 -19.31 -5.26 32.99
C GLY A 170 -20.64 -5.65 33.62
N ALA A 171 -20.99 -4.97 34.71
CA ALA A 171 -22.24 -5.24 35.40
C ALA A 171 -23.39 -4.73 34.53
N GLU A 172 -23.22 -3.54 33.98
CA GLU A 172 -24.27 -2.99 33.15
C GLU A 172 -24.64 -3.89 31.97
N LEU A 173 -23.63 -4.44 31.30
CA LEU A 173 -23.87 -5.30 30.14
C LEU A 173 -23.84 -6.79 30.40
N SER A 174 -23.61 -7.19 31.65
CA SER A 174 -23.55 -8.60 32.00
C SER A 174 -22.53 -9.21 31.03
N LYS A 175 -21.36 -8.58 30.97
CA LYS A 175 -20.31 -9.05 30.09
C LYS A 175 -18.97 -9.06 30.79
N THR A 176 -18.14 -10.04 30.45
CA THR A 176 -16.82 -10.14 31.04
C THR A 176 -15.93 -9.10 30.34
N ILE A 177 -15.45 -8.11 31.10
CA ILE A 177 -14.58 -7.04 30.58
C ILE A 177 -13.32 -7.03 31.44
N VAL A 178 -12.20 -7.42 30.84
CA VAL A 178 -10.93 -7.48 31.54
C VAL A 178 -9.95 -6.34 31.36
N PRO A 179 -9.67 -5.60 32.46
CA PRO A 179 -8.71 -4.49 32.38
C PRO A 179 -7.30 -5.08 32.55
N VAL A 180 -6.40 -4.79 31.62
CA VAL A 180 -5.05 -5.34 31.75
C VAL A 180 -4.06 -4.17 31.74
N ARG A 181 -3.29 -4.05 32.84
CA ARG A 181 -2.31 -2.96 32.97
C ARG A 181 -0.98 -3.41 32.40
N CYS A 182 -0.94 -3.60 31.09
CA CYS A 182 0.28 -4.01 30.44
C CYS A 182 1.00 -2.84 29.75
N GLU A 183 0.88 -1.63 30.30
CA GLU A 183 1.56 -0.48 29.70
C GLU A 183 3.00 -0.84 29.42
N GLY A 184 3.49 -0.43 28.25
CA GLY A 184 4.87 -0.72 27.84
C GLY A 184 6.02 -0.30 28.72
N PHE A 185 5.82 0.68 29.59
CA PHE A 185 6.90 1.11 30.46
C PHE A 185 7.07 0.18 31.66
N ARG A 186 6.12 -0.74 31.88
CA ARG A 186 6.25 -1.66 33.03
C ARG A 186 7.20 -2.81 32.69
N GLY A 187 7.95 -3.28 33.67
CA GLY A 187 8.87 -4.38 33.42
C GLY A 187 10.09 -3.98 32.58
N VAL A 188 10.74 -4.95 31.94
CA VAL A 188 11.91 -4.63 31.13
C VAL A 188 11.84 -5.32 29.77
N SER A 189 10.74 -6.04 29.52
CA SER A 189 10.61 -6.75 28.26
C SER A 189 9.21 -7.32 28.15
N GLN A 190 9.03 -8.28 27.25
CA GLN A 190 7.72 -8.92 27.04
C GLN A 190 7.31 -9.74 28.28
N SER A 191 8.31 -10.25 29.02
CA SER A 191 8.06 -11.07 30.19
C SER A 191 7.06 -10.58 31.21
N LEU A 192 7.24 -9.37 31.74
CA LEU A 192 6.28 -8.90 32.75
C LEU A 192 4.85 -8.88 32.14
N GLY A 193 4.78 -8.70 30.82
CA GLY A 193 3.48 -8.68 30.14
C GLY A 193 2.76 -10.02 30.35
N HIS A 194 3.51 -11.12 30.28
CA HIS A 194 2.98 -12.47 30.47
C HIS A 194 2.38 -12.57 31.87
N HIS A 195 3.21 -12.24 32.86
CA HIS A 195 2.80 -12.30 34.26
C HIS A 195 1.58 -11.40 34.49
N ILE A 196 1.63 -10.16 34.01
CA ILE A 196 0.50 -9.26 34.20
C ILE A 196 -0.76 -9.88 33.58
N ALA A 197 -0.61 -10.49 32.39
CA ALA A 197 -1.73 -11.12 31.68
C ALA A 197 -2.30 -12.35 32.42
N ASN A 198 -1.41 -13.20 32.96
CA ASN A 198 -1.81 -14.41 33.71
C ASN A 198 -2.63 -13.95 34.92
N ASP A 199 -2.14 -12.92 35.61
CA ASP A 199 -2.87 -12.41 36.77
C ASP A 199 -4.23 -11.86 36.39
N ALA A 200 -4.32 -11.23 35.21
CA ALA A 200 -5.61 -10.67 34.77
C ALA A 200 -6.63 -11.81 34.48
N VAL A 201 -6.16 -12.92 33.90
CA VAL A 201 -7.03 -14.08 33.61
C VAL A 201 -7.54 -14.61 34.97
N ARG A 202 -6.58 -14.83 35.87
CA ARG A 202 -6.88 -15.33 37.20
C ARG A 202 -7.94 -14.47 37.88
N ASP A 203 -7.69 -13.17 38.00
CA ASP A 203 -8.62 -12.26 38.66
C ASP A 203 -9.95 -11.91 38.01
N TRP A 204 -10.05 -11.97 36.69
CA TRP A 204 -11.31 -11.61 36.06
C TRP A 204 -12.02 -12.69 35.25
N VAL A 205 -11.33 -13.80 34.95
CA VAL A 205 -11.95 -14.85 34.16
C VAL A 205 -12.05 -16.26 34.75
N LEU A 206 -10.90 -16.80 35.13
CA LEU A 206 -10.78 -18.14 35.68
C LEU A 206 -11.73 -18.66 36.75
N GLY A 207 -12.18 -17.81 37.65
CA GLY A 207 -13.08 -18.32 38.67
C GLY A 207 -14.56 -18.22 38.34
N LYS A 208 -14.89 -17.84 37.11
CA LYS A 208 -16.30 -17.73 36.74
C LYS A 208 -17.15 -18.97 36.97
N ARG A 209 -16.57 -20.15 36.79
CA ARG A 209 -17.32 -21.37 36.98
C ARG A 209 -16.96 -22.15 38.25
N ASP A 210 -16.41 -21.47 39.23
CA ASP A 210 -16.02 -22.12 40.47
C ASP A 210 -17.20 -22.85 41.16
N GLU A 211 -18.41 -22.32 41.04
CA GLU A 211 -19.59 -22.93 41.65
C GLU A 211 -20.46 -23.71 40.65
N ASP A 212 -20.02 -23.82 39.41
CA ASP A 212 -20.77 -24.53 38.39
C ASP A 212 -20.33 -25.98 38.27
N THR A 213 -21.28 -26.91 38.38
CA THR A 213 -20.96 -28.34 38.28
C THR A 213 -21.56 -29.00 37.05
N THR A 214 -22.00 -28.22 36.08
CA THR A 214 -22.59 -28.80 34.88
C THR A 214 -21.60 -29.47 33.93
N PHE A 215 -20.30 -29.22 34.08
CA PHE A 215 -19.32 -29.85 33.20
C PHE A 215 -19.01 -31.29 33.58
N ALA A 216 -19.27 -32.22 32.67
CA ALA A 216 -19.00 -33.63 32.93
C ALA A 216 -17.53 -33.85 32.65
N SER A 217 -16.78 -34.19 33.68
CA SER A 217 -15.35 -34.41 33.53
C SER A 217 -15.03 -35.89 33.47
N THR A 218 -13.86 -36.22 32.92
CA THR A 218 -13.44 -37.59 32.83
C THR A 218 -12.07 -37.59 33.45
N PRO A 219 -11.55 -38.78 33.78
CA PRO A 219 -10.23 -38.87 34.39
C PRO A 219 -9.09 -38.60 33.41
N TYR A 220 -9.40 -38.39 32.14
CA TYR A 220 -8.35 -38.13 31.15
C TYR A 220 -8.33 -36.71 30.61
N ASP A 221 -8.98 -35.81 31.34
CA ASP A 221 -9.05 -34.40 30.96
C ASP A 221 -7.78 -33.64 31.26
N VAL A 222 -7.22 -33.02 30.21
CA VAL A 222 -5.98 -32.24 30.34
C VAL A 222 -6.19 -30.93 29.62
N ALA A 223 -5.24 -30.00 29.80
CA ALA A 223 -5.33 -28.69 29.14
C ALA A 223 -3.94 -28.42 28.61
N ILE A 224 -3.87 -27.84 27.42
CA ILE A 224 -2.57 -27.53 26.82
C ILE A 224 -2.29 -26.09 27.27
N ILE A 225 -1.31 -25.94 28.15
CA ILE A 225 -0.94 -24.63 28.67
C ILE A 225 0.31 -24.05 28.02
N GLY A 226 0.18 -22.88 27.40
CA GLY A 226 1.36 -22.29 26.78
C GLY A 226 1.78 -22.73 25.37
N ASP A 227 0.80 -22.80 24.46
CA ASP A 227 1.08 -23.18 23.07
C ASP A 227 0.16 -22.21 22.33
N TYR A 228 0.76 -21.29 21.60
CA TYR A 228 -0.02 -20.31 20.88
C TYR A 228 -0.39 -20.68 19.45
N ASN A 229 -0.28 -21.97 19.16
CA ASN A 229 -0.62 -22.53 17.86
C ASN A 229 -0.01 -21.82 16.67
N ILE A 230 1.29 -21.51 16.76
CA ILE A 230 1.98 -20.79 15.66
C ILE A 230 2.03 -21.72 14.43
N GLY A 231 1.37 -21.29 13.37
CA GLY A 231 1.35 -22.10 12.16
C GLY A 231 0.63 -23.41 12.37
N GLY A 232 -0.17 -23.49 13.43
CA GLY A 232 -0.91 -24.71 13.71
C GLY A 232 -0.27 -25.66 14.72
N ASP A 233 0.81 -25.19 15.37
CA ASP A 233 1.56 -25.98 16.36
C ASP A 233 0.71 -26.70 17.38
N ALA A 234 -0.29 -26.03 17.95
CA ALA A 234 -1.12 -26.67 18.95
C ALA A 234 -2.00 -27.79 18.40
N TRP A 235 -2.53 -27.60 17.19
CA TRP A 235 -3.38 -28.62 16.59
C TRP A 235 -2.57 -29.89 16.30
N SER A 236 -1.30 -29.74 15.90
CA SER A 236 -0.50 -30.92 15.62
C SER A 236 0.06 -31.56 16.88
N SER A 237 -0.25 -30.93 18.03
CA SER A 237 0.16 -31.39 19.35
C SER A 237 -1.08 -32.11 19.93
N ARG A 238 -2.21 -31.41 19.85
CA ARG A 238 -3.50 -31.89 20.32
C ARG A 238 -3.87 -33.24 19.74
N ILE A 239 -3.65 -33.40 18.43
CA ILE A 239 -3.98 -34.66 17.77
C ILE A 239 -3.28 -35.89 18.43
N LEU A 240 -2.02 -35.74 18.81
CA LEU A 240 -1.26 -36.84 19.44
C LEU A 240 -1.80 -37.16 20.84
N LEU A 241 -2.04 -36.12 21.64
CA LEU A 241 -2.55 -36.30 23.00
C LEU A 241 -3.90 -37.04 22.98
N GLU A 242 -4.76 -36.69 22.02
CA GLU A 242 -6.06 -37.34 21.93
C GLU A 242 -5.94 -38.74 21.32
N GLU A 243 -4.96 -38.97 20.46
CA GLU A 243 -4.82 -40.29 19.87
C GLU A 243 -4.36 -41.19 21.03
N MET A 244 -3.74 -40.58 22.05
CA MET A 244 -3.25 -41.28 23.22
C MET A 244 -4.37 -41.58 24.22
N GLY A 245 -5.57 -41.09 23.92
CA GLY A 245 -6.69 -41.34 24.81
C GLY A 245 -7.03 -40.24 25.79
N LEU A 246 -6.31 -39.14 25.74
CA LEU A 246 -6.59 -38.04 26.65
C LEU A 246 -7.64 -37.11 26.03
N ARG A 247 -8.25 -36.26 26.83
CA ARG A 247 -9.26 -35.33 26.30
C ARG A 247 -8.79 -33.91 26.56
N CYS A 248 -8.46 -33.17 25.50
CA CYS A 248 -8.00 -31.78 25.64
C CYS A 248 -9.13 -30.80 25.78
N VAL A 249 -9.40 -30.43 27.03
CA VAL A 249 -10.47 -29.51 27.36
C VAL A 249 -10.15 -28.08 26.94
N ALA A 250 -8.89 -27.68 27.03
CA ALA A 250 -8.53 -26.31 26.66
C ALA A 250 -7.16 -26.15 26.07
N GLN A 251 -6.98 -25.05 25.33
CA GLN A 251 -5.73 -24.69 24.67
C GLN A 251 -5.43 -23.23 25.08
N TRP A 252 -4.35 -23.00 25.81
CA TRP A 252 -3.99 -21.66 26.23
C TRP A 252 -2.75 -21.12 25.49
N SER A 253 -2.91 -20.21 24.52
CA SER A 253 -4.21 -19.64 24.15
C SER A 253 -4.44 -19.72 22.61
N GLY A 254 -3.58 -20.45 21.91
CA GLY A 254 -3.68 -20.61 20.46
C GLY A 254 -4.98 -21.28 20.13
N ASP A 255 -5.81 -20.63 19.31
CA ASP A 255 -7.13 -21.14 18.90
C ASP A 255 -8.03 -21.32 20.14
N GLY A 256 -7.72 -20.60 21.21
CA GLY A 256 -8.49 -20.70 22.43
C GLY A 256 -9.75 -19.89 22.52
N SER A 257 -10.73 -20.38 23.27
CA SER A 257 -11.99 -19.69 23.44
C SER A 257 -12.09 -19.29 24.92
N ILE A 258 -12.88 -18.29 25.24
CA ILE A 258 -12.99 -17.89 26.62
C ILE A 258 -13.62 -19.07 27.42
N SER A 259 -14.57 -19.81 26.83
CA SER A 259 -15.19 -20.92 27.56
C SER A 259 -14.17 -22.00 27.93
N GLU A 260 -13.24 -22.34 27.02
CA GLU A 260 -12.24 -23.37 27.35
C GLU A 260 -11.40 -22.94 28.55
N ILE A 261 -11.10 -21.66 28.60
CA ILE A 261 -10.32 -21.11 29.69
C ILE A 261 -11.09 -21.25 30.98
N GLU A 262 -12.36 -20.86 30.96
CA GLU A 262 -13.20 -20.95 32.15
C GLU A 262 -13.44 -22.41 32.60
N LEU A 263 -13.26 -23.36 31.69
CA LEU A 263 -13.44 -24.77 31.96
C LEU A 263 -12.17 -25.46 32.43
N THR A 264 -11.03 -24.81 32.25
CA THR A 264 -9.75 -25.38 32.65
C THR A 264 -9.65 -25.85 34.12
N PRO A 265 -10.23 -25.09 35.08
CA PRO A 265 -10.15 -25.55 36.48
C PRO A 265 -10.78 -26.95 36.70
N LYS A 266 -11.44 -27.52 35.68
CA LYS A 266 -12.04 -28.84 35.86
C LYS A 266 -11.15 -29.99 35.35
N VAL A 267 -9.99 -29.67 34.75
CA VAL A 267 -9.10 -30.71 34.24
C VAL A 267 -8.32 -31.45 35.33
N LYS A 268 -7.70 -32.56 34.95
CA LYS A 268 -6.93 -33.36 35.90
C LYS A 268 -5.44 -33.08 35.86
N LEU A 269 -4.99 -32.47 34.78
CA LEU A 269 -3.57 -32.19 34.65
C LEU A 269 -3.36 -31.09 33.61
N ASN A 270 -2.49 -30.14 33.95
CA ASN A 270 -2.17 -29.04 33.07
C ASN A 270 -0.87 -29.38 32.43
N LEU A 271 -0.86 -29.42 31.10
CA LEU A 271 0.36 -29.75 30.35
C LEU A 271 1.01 -28.44 29.89
N VAL A 272 2.12 -28.09 30.52
CA VAL A 272 2.85 -26.87 30.20
C VAL A 272 3.96 -26.97 29.15
N HIS A 273 3.79 -26.26 28.04
CA HIS A 273 4.80 -26.27 26.98
C HIS A 273 5.61 -25.00 27.24
N CYS A 274 5.00 -23.82 27.09
CA CYS A 274 5.75 -22.60 27.35
C CYS A 274 5.79 -22.27 28.84
N TYR A 275 6.83 -22.75 29.51
CA TYR A 275 6.99 -22.51 30.93
C TYR A 275 7.04 -21.02 31.26
N ARG A 276 7.86 -20.29 30.51
CA ARG A 276 8.00 -18.85 30.73
C ARG A 276 6.73 -18.03 30.75
N SER A 277 5.90 -18.15 29.72
CA SER A 277 4.66 -17.36 29.70
C SER A 277 3.51 -17.82 30.58
N MET A 278 3.43 -19.11 30.88
CA MET A 278 2.32 -19.55 31.72
C MET A 278 2.56 -20.37 32.97
N ASN A 279 3.76 -20.28 33.53
CA ASN A 279 4.01 -21.04 34.74
C ASN A 279 3.21 -20.35 35.86
N TYR A 280 3.01 -19.04 35.71
CA TYR A 280 2.26 -18.26 36.71
C TYR A 280 0.86 -18.79 36.99
N ILE A 281 0.04 -18.88 35.93
CA ILE A 281 -1.31 -19.37 36.09
C ILE A 281 -1.32 -20.86 36.42
N SER A 282 -0.28 -21.59 36.05
CA SER A 282 -0.21 -23.03 36.33
C SER A 282 -0.05 -23.25 37.83
N ARG A 283 0.85 -22.48 38.47
CA ARG A 283 1.10 -22.58 39.91
C ARG A 283 -0.19 -22.20 40.63
N HIS A 284 -0.88 -21.17 40.13
CA HIS A 284 -2.12 -20.74 40.74
C HIS A 284 -3.17 -21.84 40.69
N MET A 285 -3.30 -22.54 39.56
CA MET A 285 -4.31 -23.58 39.48
C MET A 285 -4.05 -24.75 40.42
N GLU A 286 -2.78 -25.01 40.69
CA GLU A 286 -2.43 -26.10 41.59
C GLU A 286 -2.81 -25.65 43.01
N GLU A 287 -2.43 -24.42 43.34
CA GLU A 287 -2.72 -23.86 44.64
C GLU A 287 -4.20 -23.79 44.93
N LYS A 288 -4.97 -23.27 43.98
CA LYS A 288 -6.40 -23.13 44.17
C LYS A 288 -7.29 -24.33 43.87
N TYR A 289 -6.98 -25.08 42.82
CA TYR A 289 -7.80 -26.23 42.44
C TYR A 289 -7.17 -27.59 42.68
N GLY A 290 -5.89 -27.60 43.04
CA GLY A 290 -5.22 -28.84 43.28
C GLY A 290 -4.78 -29.52 42.00
N ILE A 291 -4.82 -28.80 40.88
CA ILE A 291 -4.43 -29.39 39.59
C ILE A 291 -2.91 -29.38 39.43
N PRO A 292 -2.29 -30.56 39.30
CA PRO A 292 -0.85 -30.57 39.14
C PRO A 292 -0.48 -30.21 37.69
N TRP A 293 0.74 -29.75 37.46
CA TRP A 293 1.16 -29.38 36.11
C TRP A 293 2.54 -29.92 35.83
N MET A 294 2.83 -30.20 34.56
CA MET A 294 4.15 -30.73 34.19
C MET A 294 4.62 -30.13 32.89
N GLU A 295 5.94 -30.00 32.75
CA GLU A 295 6.51 -29.44 31.55
C GLU A 295 6.75 -30.52 30.50
N TYR A 296 6.58 -30.15 29.24
CA TYR A 296 6.80 -31.13 28.15
C TYR A 296 7.39 -30.41 26.95
N ASN A 297 7.85 -31.19 25.98
CA ASN A 297 8.47 -30.66 24.78
C ASN A 297 8.05 -31.49 23.57
N PHE A 298 7.40 -30.85 22.60
CA PHE A 298 6.97 -31.53 21.39
C PHE A 298 7.79 -31.17 20.16
N PHE A 299 9.06 -30.83 20.37
CA PHE A 299 9.95 -30.46 19.26
C PHE A 299 10.85 -31.63 18.91
N GLY A 300 10.59 -32.26 17.77
CA GLY A 300 11.40 -33.40 17.37
C GLY A 300 10.90 -34.74 17.92
N PRO A 301 11.18 -35.84 17.23
CA PRO A 301 10.72 -37.15 17.70
C PRO A 301 11.22 -37.59 19.08
N THR A 302 12.49 -37.33 19.38
CA THR A 302 13.04 -37.73 20.68
C THR A 302 12.29 -37.08 21.81
N LYS A 303 12.18 -35.75 21.78
CA LYS A 303 11.46 -35.04 22.83
C LYS A 303 9.97 -35.36 22.85
N THR A 304 9.38 -35.52 21.68
CA THR A 304 7.94 -35.81 21.63
C THR A 304 7.65 -37.18 22.23
N ILE A 305 8.44 -38.17 21.85
CA ILE A 305 8.26 -39.53 22.36
C ILE A 305 8.46 -39.51 23.87
N GLU A 306 9.50 -38.82 24.32
CA GLU A 306 9.78 -38.73 25.74
C GLU A 306 8.63 -38.04 26.48
N SER A 307 8.07 -36.99 25.87
CA SER A 307 6.97 -36.28 26.49
C SER A 307 5.69 -37.12 26.55
N LEU A 308 5.37 -37.79 25.45
CA LEU A 308 4.15 -38.62 25.42
C LEU A 308 4.21 -39.70 26.54
N ARG A 309 5.38 -40.33 26.65
CA ARG A 309 5.63 -41.36 27.63
C ARG A 309 5.50 -40.78 29.07
N ALA A 310 6.12 -39.62 29.32
CA ALA A 310 6.06 -39.01 30.65
C ALA A 310 4.60 -38.60 31.00
N ILE A 311 3.89 -38.06 30.02
CA ILE A 311 2.52 -37.65 30.27
C ILE A 311 1.64 -38.89 30.55
N ALA A 312 1.78 -39.90 29.70
CA ALA A 312 1.00 -41.14 29.84
C ALA A 312 1.23 -41.79 31.21
N ALA A 313 2.46 -41.73 31.70
CA ALA A 313 2.79 -42.32 32.99
C ALA A 313 1.97 -41.69 34.10
N LYS A 314 1.41 -40.52 33.86
CA LYS A 314 0.61 -39.84 34.88
C LYS A 314 -0.80 -40.41 34.97
N PHE A 315 -1.17 -41.24 34.01
CA PHE A 315 -2.50 -41.83 34.01
C PHE A 315 -2.40 -43.36 34.12
N ASP A 316 -3.53 -44.04 34.01
CA ASP A 316 -3.52 -45.49 34.10
C ASP A 316 -2.87 -46.21 32.94
N GLU A 317 -2.81 -47.53 33.07
CA GLU A 317 -2.21 -48.41 32.07
C GLU A 317 -2.83 -48.36 30.68
N SER A 318 -4.11 -48.03 30.60
CA SER A 318 -4.75 -47.97 29.29
C SER A 318 -4.18 -46.81 28.48
N ILE A 319 -3.86 -45.70 29.16
CA ILE A 319 -3.30 -44.55 28.46
C ILE A 319 -1.88 -44.92 28.05
N GLN A 320 -1.13 -45.55 28.95
CA GLN A 320 0.23 -45.94 28.62
C GLN A 320 0.27 -46.90 27.43
N LYS A 321 -0.76 -47.73 27.30
CA LYS A 321 -0.82 -48.68 26.19
C LYS A 321 -1.06 -47.90 24.89
N LYS A 322 -2.03 -46.98 24.92
CA LYS A 322 -2.33 -46.17 23.74
C LYS A 322 -1.10 -45.32 23.38
N CYS A 323 -0.36 -44.88 24.39
CA CYS A 323 0.82 -44.07 24.14
C CYS A 323 1.78 -44.87 23.25
N GLU A 324 2.03 -46.13 23.58
CA GLU A 324 2.94 -46.92 22.78
C GLU A 324 2.38 -47.21 21.38
N GLU A 325 1.06 -47.26 21.25
CA GLU A 325 0.47 -47.52 19.93
C GLU A 325 0.69 -46.27 19.05
N VAL A 326 0.52 -45.09 19.66
CA VAL A 326 0.71 -43.84 18.93
C VAL A 326 2.19 -43.73 18.53
N ILE A 327 3.11 -44.06 19.43
CA ILE A 327 4.52 -43.97 19.09
C ILE A 327 4.85 -44.92 17.94
N ALA A 328 4.24 -46.10 17.92
CA ALA A 328 4.52 -47.05 16.85
C ALA A 328 3.89 -46.60 15.53
N LYS A 329 2.77 -45.91 15.60
CA LYS A 329 2.13 -45.45 14.37
C LYS A 329 3.03 -44.47 13.61
N TYR A 330 3.56 -43.48 14.33
CA TYR A 330 4.42 -42.47 13.72
C TYR A 330 5.89 -42.80 13.50
N LYS A 331 6.38 -43.84 14.16
CA LYS A 331 7.79 -44.24 14.01
C LYS A 331 8.24 -44.27 12.56
N PRO A 332 7.53 -44.99 11.68
CA PRO A 332 8.03 -44.98 10.31
C PRO A 332 7.95 -43.63 9.60
N GLU A 333 7.10 -42.74 10.09
CA GLU A 333 6.99 -41.43 9.44
C GLU A 333 8.19 -40.54 9.77
N TRP A 334 8.52 -40.40 11.05
CA TRP A 334 9.68 -39.56 11.37
C TRP A 334 10.99 -40.23 11.00
N GLU A 335 11.01 -41.57 10.90
CA GLU A 335 12.25 -42.23 10.54
C GLU A 335 12.50 -41.94 9.08
N ALA A 336 11.42 -41.81 8.31
CA ALA A 336 11.57 -41.51 6.87
C ALA A 336 12.08 -40.06 6.72
N VAL A 337 11.60 -39.17 7.60
CA VAL A 337 12.01 -37.76 7.55
C VAL A 337 13.52 -37.70 7.88
N VAL A 338 13.94 -38.43 8.91
CA VAL A 338 15.34 -38.46 9.29
C VAL A 338 16.16 -39.07 8.17
N ALA A 339 15.66 -40.17 7.62
CA ALA A 339 16.39 -40.83 6.54
C ALA A 339 16.63 -39.91 5.37
N LYS A 340 15.64 -39.08 5.06
CA LYS A 340 15.80 -38.17 3.93
C LYS A 340 16.64 -36.93 4.19
N TYR A 341 16.36 -36.26 5.30
CA TYR A 341 17.07 -35.05 5.63
C TYR A 341 18.32 -35.06 6.49
N ARG A 342 18.46 -36.01 7.42
CA ARG A 342 19.68 -35.97 8.23
C ARG A 342 20.96 -36.03 7.40
N PRO A 343 21.00 -36.85 6.36
CA PRO A 343 22.26 -36.86 5.60
C PRO A 343 22.57 -35.53 4.93
N ARG A 344 21.56 -34.68 4.81
CA ARG A 344 21.77 -33.40 4.17
C ARG A 344 22.14 -32.32 5.19
N LEU A 345 21.93 -32.60 6.47
CA LEU A 345 22.22 -31.63 7.53
C LEU A 345 23.23 -32.07 8.59
N GLU A 346 23.65 -33.32 8.48
CA GLU A 346 24.61 -33.91 9.42
C GLU A 346 25.82 -33.03 9.68
N GLY A 347 26.08 -32.72 10.95
CA GLY A 347 27.23 -31.90 11.28
C GLY A 347 27.11 -30.39 11.20
N LYS A 348 26.08 -29.88 10.54
CA LYS A 348 25.94 -28.43 10.43
C LYS A 348 25.71 -27.77 11.79
N ARG A 349 26.30 -26.59 11.94
CA ARG A 349 26.21 -25.84 13.19
C ARG A 349 25.20 -24.67 13.12
N VAL A 350 24.39 -24.57 14.16
CA VAL A 350 23.37 -23.54 14.27
C VAL A 350 23.49 -22.60 15.48
N MET A 351 23.18 -21.33 15.26
CA MET A 351 23.21 -20.36 16.37
C MET A 351 21.75 -19.88 16.43
N LEU A 352 21.20 -19.86 17.63
CA LEU A 352 19.81 -19.43 17.84
C LEU A 352 19.71 -18.25 18.79
N TYR A 353 18.63 -17.49 18.63
CA TYR A 353 18.36 -16.33 19.48
C TYR A 353 16.87 -16.10 19.37
N ILE A 354 16.15 -16.43 20.44
CA ILE A 354 14.72 -16.24 20.40
C ILE A 354 14.19 -15.59 21.67
N GLY A 355 12.96 -15.91 22.06
CA GLY A 355 12.36 -15.31 23.25
C GLY A 355 12.50 -15.81 24.68
N GLY A 356 11.75 -16.84 25.01
CA GLY A 356 11.80 -17.39 26.36
C GLY A 356 11.62 -18.90 26.49
N LEU A 357 11.46 -19.61 25.38
CA LEU A 357 11.27 -21.05 25.44
C LEU A 357 12.06 -21.76 24.36
N ARG A 358 11.72 -21.47 23.10
CA ARG A 358 12.38 -22.08 21.98
C ARG A 358 13.91 -22.13 21.96
N PRO A 359 14.61 -21.10 22.49
CA PRO A 359 16.08 -21.17 22.46
C PRO A 359 16.64 -22.47 23.05
N ARG A 360 15.91 -23.11 23.96
CA ARG A 360 16.40 -24.35 24.51
C ARG A 360 15.48 -25.47 24.02
N HIS A 361 14.19 -25.17 23.86
CA HIS A 361 13.26 -26.20 23.42
C HIS A 361 13.46 -26.89 22.08
N VAL A 362 14.09 -26.21 21.12
CA VAL A 362 14.31 -26.80 19.80
C VAL A 362 15.59 -27.57 19.60
N ILE A 363 16.50 -27.50 20.58
CA ILE A 363 17.78 -28.21 20.47
C ILE A 363 17.65 -29.68 20.07
N GLY A 364 16.75 -30.39 20.75
CA GLY A 364 16.55 -31.80 20.45
C GLY A 364 16.19 -32.05 18.99
N ALA A 365 15.31 -31.21 18.45
CA ALA A 365 14.90 -31.36 17.04
C ALA A 365 16.11 -31.21 16.12
N TYR A 366 16.98 -30.24 16.41
CA TYR A 366 18.15 -30.05 15.55
C TYR A 366 19.06 -31.29 15.65
N GLU A 367 19.20 -31.82 16.86
CA GLU A 367 20.04 -32.99 17.05
C GLU A 367 19.48 -34.24 16.37
N ASP A 368 18.15 -34.30 16.23
CA ASP A 368 17.50 -35.43 15.59
C ASP A 368 17.85 -35.45 14.11
N LEU A 369 18.41 -34.34 13.61
CA LEU A 369 18.79 -34.21 12.21
C LEU A 369 20.32 -34.14 12.14
N GLY A 370 20.96 -34.53 13.24
CA GLY A 370 22.42 -34.53 13.31
C GLY A 370 23.08 -33.16 13.35
N MET A 371 22.33 -32.11 13.70
CA MET A 371 22.85 -30.77 13.75
C MET A 371 23.29 -30.41 15.15
N GLU A 372 24.21 -29.44 15.25
CA GLU A 372 24.73 -28.99 16.54
C GLU A 372 24.45 -27.52 16.82
N VAL A 373 23.86 -27.22 17.97
CA VAL A 373 23.56 -25.84 18.36
C VAL A 373 24.80 -25.32 19.09
N VAL A 374 25.56 -24.46 18.41
CA VAL A 374 26.78 -23.91 19.01
C VAL A 374 26.60 -22.62 19.77
N GLY A 375 25.39 -22.06 19.73
CA GLY A 375 25.15 -20.82 20.44
C GLY A 375 23.65 -20.61 20.58
N THR A 376 23.22 -20.05 21.71
CA THR A 376 21.81 -19.83 21.92
C THR A 376 21.64 -18.76 22.99
N GLY A 377 20.50 -18.11 22.99
CA GLY A 377 20.25 -17.08 23.97
C GLY A 377 18.79 -16.68 23.89
N TYR A 378 18.36 -15.91 24.89
CA TYR A 378 16.98 -15.44 25.00
C TYR A 378 16.88 -13.95 25.14
N GLU A 379 15.78 -13.40 24.62
CA GLU A 379 15.54 -11.98 24.69
C GLU A 379 15.14 -11.58 26.12
N PHE A 380 14.29 -12.39 26.73
CA PHE A 380 13.80 -12.09 28.06
C PHE A 380 13.61 -13.25 29.05
N ALA A 381 14.33 -14.33 28.88
CA ALA A 381 14.21 -15.46 29.80
C ALA A 381 14.72 -15.08 31.21
N HIS A 382 14.29 -15.82 32.24
CA HIS A 382 14.69 -15.58 33.61
C HIS A 382 15.74 -16.64 33.94
N ASN A 383 16.32 -16.60 35.14
CA ASN A 383 17.30 -17.61 35.42
C ASN A 383 16.79 -19.03 35.54
N ASP A 384 15.52 -19.22 35.89
CA ASP A 384 15.03 -20.60 35.98
C ASP A 384 15.00 -21.18 34.54
N ASP A 385 14.99 -20.30 33.53
CA ASP A 385 14.99 -20.76 32.13
C ASP A 385 16.43 -21.19 31.79
N TYR A 386 17.41 -20.38 32.20
CA TYR A 386 18.79 -20.74 31.92
C TYR A 386 19.16 -22.02 32.70
N ASP A 387 18.55 -22.21 33.87
CA ASP A 387 18.85 -23.42 34.64
C ASP A 387 18.47 -24.64 33.79
N ARG A 388 17.34 -24.53 33.07
CA ARG A 388 16.89 -25.63 32.21
C ARG A 388 17.63 -25.69 30.87
N THR A 389 18.42 -24.67 30.60
CA THR A 389 19.19 -24.56 29.34
C THR A 389 20.60 -25.13 29.30
N MET A 390 21.42 -24.77 30.28
CA MET A 390 22.80 -25.26 30.30
C MET A 390 22.98 -26.75 30.13
N LYS A 391 22.14 -27.54 30.73
CA LYS A 391 22.25 -28.99 30.60
C LYS A 391 21.87 -29.47 29.18
N GLU A 392 21.14 -28.65 28.43
CA GLU A 392 20.72 -29.00 27.06
C GLU A 392 21.74 -28.63 25.98
N MET A 393 22.61 -27.69 26.31
CA MET A 393 23.65 -27.21 25.41
C MET A 393 24.98 -27.91 25.66
N GLY A 394 25.80 -27.98 24.63
CA GLY A 394 27.09 -28.63 24.74
C GLY A 394 28.10 -27.79 25.51
N ASP A 395 29.13 -28.46 26.00
CA ASP A 395 30.18 -27.78 26.76
C ASP A 395 30.87 -26.76 25.85
N SER A 396 31.19 -25.61 26.41
CA SER A 396 31.86 -24.53 25.66
C SER A 396 31.09 -23.86 24.52
N THR A 397 29.76 -23.95 24.54
CA THR A 397 28.95 -23.31 23.50
C THR A 397 28.71 -21.91 24.05
N LEU A 398 28.30 -20.97 23.21
CA LEU A 398 28.05 -19.60 23.67
C LEU A 398 26.60 -19.31 24.06
N LEU A 399 26.42 -18.55 25.15
CA LEU A 399 25.11 -18.17 25.66
C LEU A 399 25.07 -16.64 25.73
N TYR A 400 23.94 -16.03 25.37
CA TYR A 400 23.79 -14.58 25.41
C TYR A 400 22.38 -14.21 25.80
N ASP A 401 22.27 -13.35 26.81
CA ASP A 401 21.00 -12.88 27.31
C ASP A 401 20.81 -11.43 26.84
N ASP A 402 19.61 -11.14 26.31
CA ASP A 402 19.29 -9.81 25.81
C ASP A 402 20.47 -9.31 24.98
N VAL A 403 20.91 -10.15 24.04
CA VAL A 403 22.03 -9.81 23.19
C VAL A 403 21.78 -8.49 22.44
N THR A 404 22.85 -7.74 22.19
CA THR A 404 22.77 -6.47 21.48
C THR A 404 23.03 -6.75 19.99
N GLY A 405 22.53 -5.88 19.11
CA GLY A 405 22.74 -6.09 17.69
C GLY A 405 24.22 -6.27 17.37
N TYR A 406 25.02 -5.37 17.94
CA TYR A 406 26.47 -5.39 17.76
C TYR A 406 27.05 -6.73 18.17
N GLU A 407 26.71 -7.18 19.38
CA GLU A 407 27.21 -8.47 19.91
C GLU A 407 26.87 -9.65 19.00
N PHE A 408 25.59 -9.76 18.65
CA PHE A 408 25.15 -10.86 17.79
C PHE A 408 25.94 -10.89 16.50
N GLU A 409 26.08 -9.73 15.87
CA GLU A 409 26.83 -9.68 14.61
C GLU A 409 28.29 -10.12 14.78
N GLU A 410 28.94 -9.65 15.84
CA GLU A 410 30.33 -10.02 16.08
C GLU A 410 30.49 -11.49 16.43
N PHE A 411 29.59 -12.04 17.24
CA PHE A 411 29.67 -13.45 17.60
C PHE A 411 29.50 -14.29 16.35
N VAL A 412 28.56 -13.91 15.50
CA VAL A 412 28.34 -14.66 14.28
C VAL A 412 29.55 -14.62 13.35
N LYS A 413 30.21 -13.46 13.23
CA LYS A 413 31.38 -13.36 12.35
C LYS A 413 32.53 -14.29 12.81
N ARG A 414 32.69 -14.43 14.13
CA ARG A 414 33.76 -15.28 14.66
C ARG A 414 33.41 -16.77 14.62
N ILE A 415 32.26 -17.12 15.20
CA ILE A 415 31.77 -18.50 15.27
C ILE A 415 31.45 -19.10 13.88
N LYS A 416 30.93 -18.29 12.97
CA LYS A 416 30.59 -18.74 11.63
C LYS A 416 29.66 -19.95 11.55
N PRO A 417 28.47 -19.83 12.10
CA PRO A 417 27.49 -20.92 12.06
C PRO A 417 27.05 -21.22 10.61
N ASP A 418 26.55 -22.43 10.38
CA ASP A 418 26.09 -22.76 9.03
C ASP A 418 24.64 -22.28 8.87
N LEU A 419 23.99 -21.98 9.99
CA LEU A 419 22.60 -21.51 9.98
C LEU A 419 22.27 -20.75 11.24
N ILE A 420 21.38 -19.76 11.12
CA ILE A 420 20.97 -18.96 12.26
C ILE A 420 19.46 -19.02 12.34
N GLY A 421 18.94 -19.14 13.57
CA GLY A 421 17.51 -19.19 13.78
C GLY A 421 17.14 -18.08 14.75
N SER A 422 16.54 -17.01 14.21
CA SER A 422 16.15 -15.89 15.05
C SER A 422 14.87 -15.21 14.55
N GLY A 423 14.72 -13.90 14.81
CA GLY A 423 13.54 -13.14 14.39
C GLY A 423 13.59 -12.29 13.14
N ILE A 424 12.50 -11.58 12.86
CA ILE A 424 12.40 -10.73 11.68
C ILE A 424 13.41 -9.59 11.62
N LYS A 425 13.74 -9.03 12.78
CA LYS A 425 14.70 -7.92 12.84
C LYS A 425 16.13 -8.41 12.59
N GLU A 426 16.35 -9.71 12.71
CA GLU A 426 17.68 -10.30 12.51
C GLU A 426 17.89 -10.92 11.12
N LYS A 427 16.83 -11.53 10.61
CA LYS A 427 16.85 -12.17 9.31
C LYS A 427 17.66 -11.59 8.15
N PHE A 428 17.28 -10.41 7.72
CA PHE A 428 17.97 -9.78 6.60
C PHE A 428 19.43 -9.38 6.85
N ILE A 429 19.82 -9.19 8.11
CA ILE A 429 21.21 -8.82 8.41
C ILE A 429 22.15 -9.98 8.00
N PHE A 430 21.85 -11.17 8.50
CA PHE A 430 22.65 -12.35 8.23
C PHE A 430 22.56 -12.91 6.85
N GLN A 431 21.43 -12.71 6.16
CA GLN A 431 21.32 -13.24 4.82
C GLN A 431 22.35 -12.47 3.99
N LYS A 432 22.46 -11.17 4.25
CA LYS A 432 23.40 -10.35 3.51
C LYS A 432 24.83 -10.82 3.73
N MET A 433 25.06 -11.49 4.86
CA MET A 433 26.38 -11.99 5.20
C MET A 433 26.57 -13.37 4.57
N GLY A 434 25.57 -13.86 3.84
CA GLY A 434 25.67 -15.16 3.20
C GLY A 434 25.41 -16.32 4.17
N ILE A 435 24.76 -16.05 5.29
CA ILE A 435 24.49 -17.12 6.23
C ILE A 435 23.03 -17.53 6.20
N PRO A 436 22.76 -18.80 5.86
CA PRO A 436 21.37 -19.29 5.80
C PRO A 436 20.64 -18.88 7.08
N PHE A 437 19.42 -18.37 6.93
CA PHE A 437 18.63 -17.93 8.08
C PHE A 437 17.18 -18.43 8.08
N ARG A 438 16.71 -18.88 9.24
CA ARG A 438 15.31 -19.35 9.32
C ARG A 438 14.65 -18.61 10.47
N GLU A 439 13.46 -18.07 10.24
CA GLU A 439 12.79 -17.36 11.31
C GLU A 439 12.28 -18.41 12.31
N MET A 440 12.61 -18.26 13.59
CA MET A 440 12.16 -19.23 14.56
C MET A 440 11.08 -18.76 15.51
N HIS A 441 10.37 -17.71 15.11
CA HIS A 441 9.26 -17.13 15.87
C HIS A 441 8.06 -17.47 14.93
N SER A 442 8.09 -16.88 13.73
CA SER A 442 7.04 -17.08 12.73
C SER A 442 7.19 -18.31 11.85
N TRP A 443 8.25 -19.09 12.06
CA TRP A 443 8.53 -20.31 11.28
C TRP A 443 8.68 -19.91 9.81
N ASP A 444 8.99 -18.64 9.56
CA ASP A 444 9.13 -18.14 8.19
C ASP A 444 7.91 -18.45 7.32
N TYR A 445 6.72 -18.27 7.91
CA TYR A 445 5.45 -18.49 7.24
C TYR A 445 5.17 -19.93 6.87
N SER A 446 5.92 -20.83 7.51
CA SER A 446 5.79 -22.26 7.28
C SER A 446 5.22 -22.86 8.57
N GLY A 447 5.52 -24.13 8.84
CA GLY A 447 5.01 -24.76 10.06
C GLY A 447 3.70 -25.50 9.80
N PRO A 448 3.17 -26.21 10.81
CA PRO A 448 3.63 -26.32 12.20
C PRO A 448 4.96 -27.04 12.40
N TYR A 449 5.59 -26.82 13.55
CA TYR A 449 6.86 -27.46 13.86
C TYR A 449 6.67 -28.45 15.03
N HIS A 450 5.59 -28.29 15.80
CA HIS A 450 5.34 -29.20 16.95
C HIS A 450 4.86 -30.60 16.53
N GLY A 451 5.19 -31.59 17.35
CA GLY A 451 4.79 -32.96 17.09
C GLY A 451 5.44 -33.69 15.94
N PHE A 452 4.89 -34.85 15.59
CA PHE A 452 5.44 -35.62 14.49
C PHE A 452 5.19 -34.97 13.12
N ASP A 453 3.96 -34.49 12.88
CA ASP A 453 3.70 -33.86 11.57
C ASP A 453 4.52 -32.58 11.45
N GLY A 454 4.74 -31.92 12.57
CA GLY A 454 5.52 -30.69 12.52
C GLY A 454 7.00 -30.94 12.26
N PHE A 455 7.51 -32.10 12.72
CA PHE A 455 8.90 -32.44 12.51
C PHE A 455 9.26 -32.54 11.03
N ALA A 456 8.37 -33.15 10.25
CA ALA A 456 8.62 -33.30 8.81
C ALA A 456 8.86 -31.92 8.16
N ILE A 457 7.98 -30.97 8.49
CA ILE A 457 8.04 -29.61 7.97
C ILE A 457 9.34 -28.88 8.35
N PHE A 458 9.69 -29.01 9.64
CA PHE A 458 10.89 -28.41 10.23
C PHE A 458 12.12 -28.91 9.47
N ALA A 459 12.20 -30.22 9.23
CA ALA A 459 13.33 -30.83 8.51
C ALA A 459 13.41 -30.28 7.09
N ARG A 460 12.27 -30.33 6.40
CA ARG A 460 12.18 -29.83 5.03
C ARG A 460 12.68 -28.37 4.97
N ASP A 461 12.22 -27.54 5.92
CA ASP A 461 12.60 -26.13 6.01
C ASP A 461 14.09 -25.88 6.33
N MET A 462 14.65 -26.65 7.26
CA MET A 462 16.06 -26.43 7.55
C MET A 462 16.89 -26.79 6.34
N ASP A 463 16.46 -27.82 5.63
CA ASP A 463 17.18 -28.25 4.44
C ASP A 463 17.09 -27.30 3.26
N MET A 464 15.86 -26.86 2.93
CA MET A 464 15.69 -25.96 1.80
C MET A 464 16.49 -24.68 1.93
N THR A 465 16.61 -24.18 3.15
CA THR A 465 17.34 -22.95 3.37
C THR A 465 18.86 -23.13 3.50
N LEU A 466 19.27 -24.06 4.34
CA LEU A 466 20.70 -24.28 4.53
C LEU A 466 21.41 -24.69 3.24
N ASN A 467 20.79 -25.57 2.45
CA ASN A 467 21.40 -26.03 1.19
C ASN A 467 20.89 -25.36 -0.08
N ASN A 468 20.32 -24.18 0.07
CA ASN A 468 19.82 -23.51 -1.09
C ASN A 468 20.92 -23.03 -2.03
N PRO A 469 20.70 -23.12 -3.35
CA PRO A 469 21.76 -22.68 -4.26
C PRO A 469 22.11 -21.19 -4.19
N CYS A 470 21.24 -20.37 -3.60
CA CYS A 470 21.54 -18.96 -3.53
C CYS A 470 22.81 -18.59 -2.72
N TRP A 471 23.10 -19.36 -1.69
CA TRP A 471 24.26 -19.11 -0.83
C TRP A 471 25.63 -19.26 -1.47
N LYS A 472 25.67 -19.83 -2.66
CA LYS A 472 26.93 -20.01 -3.37
C LYS A 472 27.12 -18.88 -4.37
N LYS A 473 26.19 -17.93 -4.42
CA LYS A 473 26.27 -16.81 -5.36
C LYS A 473 26.50 -15.38 -4.86
N LEU A 474 26.89 -15.19 -3.61
CA LEU A 474 27.10 -13.82 -3.14
C LEU A 474 28.32 -13.07 -3.63
N GLN A 475 29.31 -13.79 -4.13
CA GLN A 475 30.51 -13.12 -4.61
C GLN A 475 30.56 -13.05 -6.13
N ALA A 476 30.62 -11.84 -6.68
CA ALA A 476 30.68 -11.69 -8.13
C ALA A 476 31.93 -12.40 -8.59
N PRO A 477 31.86 -13.17 -9.68
CA PRO A 477 33.05 -13.88 -10.18
C PRO A 477 34.21 -12.99 -10.62
N TRP A 478 34.00 -11.68 -10.79
CA TRP A 478 35.11 -10.84 -11.21
C TRP A 478 35.82 -10.30 -9.98
N GLU A 479 35.50 -10.91 -8.85
CA GLU A 479 36.09 -10.54 -7.58
C GLU A 479 36.91 -11.69 -6.99
N SER B 1 -0.69 -37.13 10.05
CA SER B 1 0.34 -37.94 9.33
C SER B 1 0.93 -37.15 8.18
N GLN B 2 2.11 -37.59 7.72
CA GLN B 2 2.84 -36.96 6.60
C GLN B 2 3.38 -38.03 5.65
N GLN B 3 3.48 -37.69 4.35
CA GLN B 3 4.01 -38.61 3.33
C GLN B 3 5.33 -37.89 3.15
N VAL B 4 6.44 -38.55 3.51
CA VAL B 4 7.74 -37.93 3.40
C VAL B 4 8.09 -37.25 2.08
N ASP B 5 7.59 -37.77 0.97
CA ASP B 5 7.93 -37.13 -0.30
C ASP B 5 6.96 -36.07 -0.79
N LYS B 6 5.99 -35.74 0.05
CA LYS B 6 4.96 -34.71 -0.23
C LYS B 6 4.49 -34.13 1.10
N ILE B 7 5.42 -33.51 1.83
CA ILE B 7 5.10 -32.92 3.11
C ILE B 7 4.09 -31.77 2.98
N LYS B 8 3.13 -31.72 3.88
CA LYS B 8 2.10 -30.68 3.88
C LYS B 8 2.32 -29.69 5.01
N ALA B 9 2.19 -28.40 4.72
CA ALA B 9 2.37 -27.36 5.75
C ALA B 9 0.94 -27.14 6.27
N SER B 10 0.75 -26.28 7.27
CA SER B 10 -0.59 -26.03 7.82
C SER B 10 -1.67 -26.16 6.78
N TYR B 11 -1.47 -25.56 5.61
CA TYR B 11 -2.47 -25.67 4.54
C TYR B 11 -1.66 -26.52 3.57
N PRO B 12 -2.22 -27.66 3.10
CA PRO B 12 -3.49 -28.25 3.50
C PRO B 12 -3.53 -29.30 4.57
N LEU B 13 -2.44 -29.42 5.33
CA LEU B 13 -2.38 -30.43 6.38
C LEU B 13 -3.65 -30.54 7.23
N PHE B 14 -4.11 -29.43 7.79
CA PHE B 14 -5.28 -29.48 8.63
C PHE B 14 -6.63 -29.82 7.97
N LEU B 15 -6.57 -30.07 6.67
CA LEU B 15 -7.76 -30.41 5.90
C LEU B 15 -7.91 -31.94 5.93
N ASP B 16 -6.88 -32.63 6.39
CA ASP B 16 -6.96 -34.10 6.45
C ASP B 16 -8.16 -34.45 7.32
N GLN B 17 -8.78 -35.58 7.06
CA GLN B 17 -9.94 -36.00 7.83
C GLN B 17 -9.71 -36.10 9.35
N ASP B 18 -8.59 -36.69 9.77
CA ASP B 18 -8.39 -36.79 11.23
C ASP B 18 -8.28 -35.42 11.91
N TYR B 19 -7.63 -34.46 11.24
CA TYR B 19 -7.52 -33.12 11.84
C TYR B 19 -8.90 -32.47 11.85
N LYS B 20 -9.63 -32.65 10.76
CA LYS B 20 -10.96 -32.08 10.64
C LYS B 20 -11.90 -32.63 11.75
N ASP B 21 -11.85 -33.93 12.02
CA ASP B 21 -12.71 -34.51 13.06
C ASP B 21 -12.30 -33.96 14.44
N MET B 22 -10.98 -33.84 14.65
CA MET B 22 -10.44 -33.33 15.90
C MET B 22 -10.94 -31.89 16.13
N LEU B 23 -10.86 -31.03 15.11
CA LEU B 23 -11.32 -29.64 15.28
C LEU B 23 -12.81 -29.55 15.54
N ALA B 24 -13.58 -30.48 14.94
CA ALA B 24 -15.04 -30.50 15.12
C ALA B 24 -15.34 -30.82 16.59
N LYS B 25 -14.61 -31.78 17.15
CA LYS B 25 -14.78 -32.18 18.55
C LYS B 25 -14.35 -31.09 19.53
N LYS B 26 -13.30 -30.35 19.19
CA LYS B 26 -12.80 -29.28 20.04
C LYS B 26 -13.89 -28.23 20.16
N ARG B 27 -14.47 -27.90 19.03
CA ARG B 27 -15.53 -26.91 18.96
C ARG B 27 -16.78 -27.35 19.73
N ASP B 28 -17.32 -28.51 19.35
CA ASP B 28 -18.52 -28.99 20.02
C ASP B 28 -18.36 -29.22 21.49
N GLY B 29 -17.22 -29.75 21.89
CA GLY B 29 -17.03 -30.01 23.30
C GLY B 29 -16.64 -28.87 24.22
N PHE B 30 -15.82 -27.93 23.75
CA PHE B 30 -15.41 -26.87 24.68
C PHE B 30 -15.46 -25.38 24.28
N GLU B 31 -15.83 -25.08 23.04
CA GLU B 31 -15.89 -23.68 22.59
C GLU B 31 -17.19 -22.93 22.81
N GLU B 32 -18.26 -23.67 23.12
CA GLU B 32 -19.58 -23.08 23.34
C GLU B 32 -19.78 -22.00 22.26
N LYS B 33 -19.53 -22.44 21.03
CA LYS B 33 -19.64 -21.61 19.86
C LYS B 33 -21.07 -21.25 19.44
N TYR B 34 -21.28 -20.05 18.91
CA TYR B 34 -22.62 -19.69 18.48
C TYR B 34 -22.97 -20.60 17.31
N PRO B 35 -24.24 -21.04 17.22
CA PRO B 35 -24.69 -21.92 16.12
C PRO B 35 -24.32 -21.30 14.77
N GLN B 36 -23.97 -22.15 13.80
CA GLN B 36 -23.61 -21.66 12.48
C GLN B 36 -24.73 -20.80 11.85
N ASP B 37 -26.01 -21.15 12.03
CA ASP B 37 -27.03 -20.31 11.41
C ASP B 37 -27.06 -18.91 12.04
N LYS B 38 -26.68 -18.81 13.30
CA LYS B 38 -26.67 -17.50 13.97
C LYS B 38 -25.47 -16.71 13.40
N ILE B 39 -24.35 -17.40 13.19
CA ILE B 39 -23.18 -16.72 12.65
C ILE B 39 -23.53 -16.18 11.25
N ASP B 40 -24.23 -16.97 10.44
CA ASP B 40 -24.59 -16.53 9.09
C ASP B 40 -25.49 -15.31 9.17
N GLU B 41 -26.43 -15.34 10.10
CA GLU B 41 -27.36 -14.23 10.26
C GLU B 41 -26.63 -12.93 10.61
N VAL B 42 -25.74 -12.98 11.59
CA VAL B 42 -25.02 -11.77 11.94
C VAL B 42 -24.10 -11.32 10.77
N PHE B 43 -23.40 -12.27 10.13
CA PHE B 43 -22.53 -11.91 9.02
C PHE B 43 -23.34 -11.14 7.99
N GLN B 44 -24.50 -11.70 7.62
CA GLN B 44 -25.33 -11.04 6.63
C GLN B 44 -25.71 -9.61 7.07
N TRP B 45 -26.08 -9.47 8.33
CA TRP B 45 -26.46 -8.18 8.87
C TRP B 45 -25.29 -7.19 8.75
N THR B 46 -24.05 -7.66 8.90
CA THR B 46 -22.89 -6.77 8.79
C THR B 46 -22.65 -6.27 7.36
N THR B 47 -23.39 -6.79 6.37
CA THR B 47 -23.19 -6.32 4.98
C THR B 47 -24.33 -5.35 4.60
N THR B 48 -25.24 -5.07 5.52
CA THR B 48 -26.36 -4.19 5.21
C THR B 48 -26.19 -2.70 5.41
N LYS B 49 -27.12 -1.94 4.86
CA LYS B 49 -27.12 -0.49 4.97
C LYS B 49 -27.45 -0.12 6.44
N GLU B 50 -28.33 -0.88 7.09
CA GLU B 50 -28.69 -0.61 8.47
C GLU B 50 -27.41 -0.68 9.33
N TYR B 51 -26.62 -1.73 9.16
CA TYR B 51 -25.38 -1.90 9.90
C TYR B 51 -24.40 -0.77 9.52
N GLN B 52 -24.37 -0.40 8.24
CA GLN B 52 -23.46 0.66 7.83
C GLN B 52 -23.76 1.98 8.57
N GLU B 53 -25.04 2.27 8.78
CA GLU B 53 -25.38 3.52 9.48
C GLU B 53 -24.86 3.50 10.91
N LEU B 54 -25.07 2.40 11.60
CA LEU B 54 -24.61 2.24 12.97
C LEU B 54 -23.09 2.35 12.98
N ASN B 55 -22.47 1.75 11.96
CA ASN B 55 -21.02 1.73 11.81
C ASN B 55 -20.46 3.15 11.66
N PHE B 56 -21.11 3.96 10.82
CA PHE B 56 -20.64 5.32 10.63
C PHE B 56 -20.92 6.28 11.79
N GLN B 57 -21.74 5.88 12.75
CA GLN B 57 -21.98 6.82 13.85
C GLN B 57 -21.01 6.50 15.00
N ARG B 58 -20.01 5.67 14.78
CA ARG B 58 -19.09 5.36 15.88
C ARG B 58 -18.39 6.68 16.26
N GLU B 59 -18.12 6.87 17.55
CA GLU B 59 -17.45 8.08 18.00
C GLU B 59 -16.27 7.77 18.88
N ALA B 60 -16.21 6.57 19.42
CA ALA B 60 -15.11 6.23 20.28
C ALA B 60 -14.30 5.05 19.81
N LEU B 61 -14.95 4.07 19.19
CA LEU B 61 -14.22 2.90 18.73
C LEU B 61 -13.68 3.04 17.32
N THR B 62 -12.47 2.56 17.14
CA THR B 62 -11.79 2.58 15.85
C THR B 62 -11.48 1.11 15.56
N VAL B 63 -11.75 0.66 14.35
CA VAL B 63 -11.51 -0.73 13.95
C VAL B 63 -10.72 -0.79 12.64
N ASN B 64 -9.56 -1.47 12.65
CA ASN B 64 -8.72 -1.61 11.45
C ASN B 64 -8.34 -0.25 10.86
N PRO B 65 -7.60 0.55 11.63
CA PRO B 65 -7.20 1.86 11.13
C PRO B 65 -6.31 1.75 9.89
N ALA B 66 -6.22 2.85 9.16
CA ALA B 66 -5.38 2.89 7.97
C ALA B 66 -4.39 4.03 8.18
N LYS B 67 -3.62 3.94 9.27
CA LYS B 67 -2.61 4.95 9.61
C LYS B 67 -1.78 4.35 10.74
N ALA B 68 -0.58 4.90 10.98
CA ALA B 68 0.30 4.43 12.06
C ALA B 68 0.63 5.68 12.90
N CYS B 69 1.57 5.56 13.85
CA CYS B 69 1.93 6.71 14.71
C CYS B 69 3.19 7.49 14.30
N GLN B 70 3.27 8.74 14.75
CA GLN B 70 4.40 9.61 14.43
C GLN B 70 5.84 9.12 14.37
N PRO B 71 6.36 8.50 15.45
CA PRO B 71 7.75 8.06 15.38
C PRO B 71 8.10 7.12 14.22
N LEU B 72 7.13 6.35 13.73
CA LEU B 72 7.42 5.45 12.60
C LEU B 72 7.96 6.34 11.45
N GLY B 73 7.27 7.46 11.21
CA GLY B 73 7.67 8.39 10.16
C GLY B 73 8.98 9.12 10.48
N ALA B 74 9.25 9.37 11.76
CA ALA B 74 10.49 10.05 12.17
C ALA B 74 11.66 9.11 11.87
N VAL B 75 11.48 7.83 12.11
CA VAL B 75 12.54 6.86 11.86
C VAL B 75 12.88 6.76 10.36
N LEU B 76 11.84 6.70 9.52
CA LEU B 76 12.05 6.60 8.06
C LEU B 76 12.76 7.85 7.55
N CYS B 77 12.38 9.01 8.07
CA CYS B 77 13.00 10.26 7.65
C CYS B 77 14.48 10.27 8.03
N ALA B 78 14.77 9.87 9.27
CA ALA B 78 16.14 9.84 9.78
C ALA B 78 17.02 8.89 8.98
N LEU B 79 16.43 7.78 8.57
CA LEU B 79 17.11 6.74 7.80
C LEU B 79 17.66 7.28 6.48
N GLY B 80 17.14 8.41 6.00
CA GLY B 80 17.62 8.98 4.75
C GLY B 80 18.83 9.93 4.83
N PHE B 81 19.51 9.97 5.99
CA PHE B 81 20.68 10.85 6.13
C PHE B 81 21.94 10.00 6.31
N GLU B 82 23.05 10.46 5.71
CA GLU B 82 24.31 9.74 5.79
C GLU B 82 24.75 9.32 7.20
N LYS B 83 25.10 8.04 7.32
CA LYS B 83 25.55 7.45 8.57
C LYS B 83 24.78 7.98 9.80
N THR B 84 23.46 8.05 9.65
CA THR B 84 22.61 8.53 10.72
C THR B 84 21.83 7.39 11.38
N MET B 85 21.84 7.38 12.71
CA MET B 85 21.14 6.36 13.46
C MET B 85 19.84 6.94 14.01
N PRO B 86 18.67 6.35 13.66
CA PRO B 86 17.40 6.86 14.20
C PRO B 86 17.46 6.44 15.68
N TYR B 87 17.05 7.34 16.56
CA TYR B 87 17.06 7.11 18.01
C TYR B 87 15.71 7.59 18.54
N VAL B 88 14.97 6.71 19.21
CA VAL B 88 13.70 7.14 19.72
C VAL B 88 13.74 7.12 21.23
N HIS B 89 13.68 8.32 21.79
CA HIS B 89 13.73 8.50 23.23
C HIS B 89 12.40 8.05 23.78
N GLY B 90 12.43 7.03 24.63
CA GLY B 90 11.20 6.53 25.20
C GLY B 90 11.27 5.04 25.49
N SER B 91 10.13 4.36 25.36
CA SER B 91 10.04 2.92 25.61
C SER B 91 10.51 2.07 24.44
N GLN B 92 11.30 1.04 24.71
CA GLN B 92 11.83 0.16 23.67
C GLN B 92 10.85 -0.67 22.86
N GLY B 93 9.68 -0.97 23.43
CA GLY B 93 8.70 -1.77 22.71
C GLY B 93 8.36 -1.16 21.36
N CYS B 94 8.30 0.17 21.34
CA CYS B 94 7.98 0.93 20.13
C CYS B 94 8.99 0.66 19.04
N VAL B 95 10.26 0.65 19.42
CA VAL B 95 11.34 0.43 18.46
C VAL B 95 11.34 -0.99 17.87
N ALA B 96 10.97 -1.99 18.67
CA ALA B 96 10.92 -3.37 18.15
C ALA B 96 9.81 -3.35 17.06
N TYR B 97 8.72 -2.64 17.32
CA TYR B 97 7.63 -2.56 16.34
C TYR B 97 7.98 -1.76 15.09
N PHE B 98 8.58 -0.57 15.25
CA PHE B 98 8.93 0.21 14.04
C PHE B 98 9.86 -0.59 13.13
N ARG B 99 10.89 -1.21 13.70
CA ARG B 99 11.81 -1.99 12.88
C ARG B 99 11.14 -3.14 12.12
N SER B 100 10.39 -3.95 12.87
CA SER B 100 9.66 -5.11 12.33
C SER B 100 8.71 -4.70 11.22
N TYR B 101 7.99 -3.58 11.41
CA TYR B 101 7.04 -3.07 10.41
C TYR B 101 7.76 -2.77 9.10
N PHE B 102 8.88 -2.06 9.16
CA PHE B 102 9.62 -1.74 7.94
C PHE B 102 10.38 -2.96 7.40
N ASN B 103 10.84 -3.85 8.29
CA ASN B 103 11.55 -5.06 7.86
C ASN B 103 10.65 -5.89 6.95
N ARG B 104 9.37 -6.05 7.32
CA ARG B 104 8.42 -6.84 6.52
C ARG B 104 8.02 -6.22 5.19
N HIS B 105 8.06 -4.90 5.10
CA HIS B 105 7.68 -4.20 3.85
C HIS B 105 8.84 -4.15 2.85
N PHE B 106 10.03 -3.82 3.35
CA PHE B 106 11.21 -3.73 2.52
C PHE B 106 12.01 -5.02 2.43
N ARG B 107 11.77 -5.93 3.36
CA ARG B 107 12.48 -7.20 3.41
C ARG B 107 13.96 -6.82 3.53
N GLU B 108 14.28 -5.89 4.43
CA GLU B 108 15.66 -5.43 4.64
C GLU B 108 15.88 -5.11 6.09
N PRO B 109 17.15 -5.04 6.54
CA PRO B 109 17.43 -4.69 7.93
C PRO B 109 16.95 -3.23 8.11
N VAL B 110 16.59 -2.86 9.33
CA VAL B 110 16.13 -1.51 9.67
C VAL B 110 16.75 -1.23 11.03
N SER B 111 17.73 -0.35 11.05
CA SER B 111 18.42 -0.02 12.28
C SER B 111 17.84 1.17 12.98
N CYS B 112 17.65 1.02 14.28
CA CYS B 112 17.09 2.09 15.09
C CYS B 112 17.33 1.67 16.54
N VAL B 113 17.53 2.65 17.43
CA VAL B 113 17.75 2.35 18.85
C VAL B 113 16.72 3.08 19.70
N SER B 114 16.67 2.66 20.96
CA SER B 114 15.78 3.20 21.97
C SER B 114 16.67 3.48 23.20
N ASP B 115 16.21 4.28 24.17
CA ASP B 115 17.07 4.50 25.33
C ASP B 115 16.41 3.83 26.53
N SER B 116 15.54 2.88 26.19
CA SER B 116 14.79 2.06 27.14
C SER B 116 14.32 2.63 28.46
N MET B 117 13.51 3.69 28.41
CA MET B 117 13.00 4.30 29.61
C MET B 117 12.01 3.28 30.19
N THR B 118 12.09 3.05 31.50
CA THR B 118 11.19 2.10 32.13
C THR B 118 10.35 2.75 33.21
N GLU B 119 9.77 1.93 34.08
CA GLU B 119 8.94 2.48 35.13
C GLU B 119 9.60 3.52 36.03
N ASP B 120 10.88 3.36 36.32
CA ASP B 120 11.51 4.34 37.18
C ASP B 120 11.84 5.66 36.51
N ALA B 121 11.46 5.79 35.23
CA ALA B 121 11.72 7.01 34.48
C ALA B 121 10.36 7.69 34.25
N ALA B 122 9.30 6.92 34.50
CA ALA B 122 7.94 7.41 34.34
C ALA B 122 7.62 8.51 35.34
N VAL B 123 8.30 8.50 36.48
CA VAL B 123 8.03 9.53 37.48
C VAL B 123 8.96 10.73 37.32
N PHE B 124 10.25 10.48 37.26
CA PHE B 124 11.22 11.56 37.12
C PHE B 124 11.83 11.86 35.74
N GLY B 125 11.26 11.30 34.68
CA GLY B 125 11.79 11.57 33.35
C GLY B 125 12.95 10.70 32.92
N GLY B 126 13.31 10.80 31.64
CA GLY B 126 14.41 10.01 31.15
C GLY B 126 15.72 10.71 30.83
N GLN B 127 16.08 11.72 31.61
CA GLN B 127 17.33 12.43 31.35
C GLN B 127 18.55 11.48 31.39
N GLN B 128 18.59 10.58 32.37
CA GLN B 128 19.73 9.66 32.44
C GLN B 128 19.75 8.72 31.23
N ASN B 129 18.58 8.27 30.78
CA ASN B 129 18.50 7.36 29.63
C ASN B 129 19.13 8.03 28.41
N MET B 130 18.85 9.33 28.26
CA MET B 130 19.38 10.10 27.14
C MET B 130 20.91 10.20 27.23
N LYS B 131 21.44 10.44 28.42
CA LYS B 131 22.90 10.56 28.59
C LYS B 131 23.62 9.27 28.23
N ASP B 132 23.20 8.18 28.85
CA ASP B 132 23.81 6.89 28.61
C ASP B 132 23.49 6.41 27.19
N GLY B 133 22.26 6.65 26.75
CA GLY B 133 21.85 6.24 25.43
C GLY B 133 22.69 6.80 24.30
N LEU B 134 22.80 8.12 24.24
CA LEU B 134 23.58 8.75 23.19
C LEU B 134 25.04 8.24 23.27
N GLN B 135 25.58 8.13 24.47
CA GLN B 135 26.96 7.66 24.58
C GLN B 135 27.16 6.24 24.09
N ASN B 136 26.28 5.33 24.52
CA ASN B 136 26.35 3.94 24.12
C ASN B 136 26.13 3.75 22.62
N CYS B 137 25.17 4.51 22.08
CA CYS B 137 24.84 4.44 20.65
C CYS B 137 26.01 4.88 19.77
N LYS B 138 26.55 6.05 20.07
CA LYS B 138 27.68 6.57 19.29
C LYS B 138 28.89 5.61 19.36
N ALA B 139 29.18 5.11 20.56
CA ALA B 139 30.30 4.20 20.77
C ALA B 139 30.17 2.85 20.10
N THR B 140 28.99 2.27 20.25
CA THR B 140 28.69 0.97 19.69
C THR B 140 28.40 0.88 18.22
N TYR B 141 27.58 1.79 17.70
CA TYR B 141 27.22 1.76 16.28
C TYR B 141 27.91 2.77 15.38
N LYS B 142 28.75 3.60 15.99
CA LYS B 142 29.50 4.62 15.28
C LYS B 142 28.81 5.45 14.18
N PRO B 143 27.65 6.03 14.48
CA PRO B 143 27.00 6.84 13.44
C PRO B 143 27.69 8.22 13.47
N ASP B 144 27.50 9.00 12.41
CA ASP B 144 28.10 10.32 12.36
C ASP B 144 27.04 11.32 12.81
N MET B 145 25.82 10.82 13.00
CA MET B 145 24.70 11.64 13.44
C MET B 145 23.63 10.76 14.09
N ILE B 146 23.00 11.30 15.13
CA ILE B 146 21.95 10.59 15.84
C ILE B 146 20.73 11.52 15.74
N ALA B 147 19.66 11.04 15.10
CA ALA B 147 18.43 11.84 14.93
C ALA B 147 17.43 11.35 15.99
N VAL B 148 17.08 12.24 16.92
CA VAL B 148 16.17 11.91 18.01
C VAL B 148 14.69 12.26 17.87
N SER B 149 13.85 11.28 18.19
CA SER B 149 12.39 11.45 18.12
C SER B 149 11.87 10.89 19.45
N THR B 150 10.54 10.79 19.64
CA THR B 150 10.06 10.26 20.91
C THR B 150 8.87 9.31 20.89
N THR B 151 8.71 8.53 21.96
CA THR B 151 7.58 7.60 22.08
C THR B 151 6.54 8.38 22.95
N CYS B 152 5.29 7.91 22.99
CA CYS B 152 4.25 8.58 23.75
C CYS B 152 4.51 8.70 25.26
N MET B 153 5.20 7.74 25.84
CA MET B 153 5.50 7.81 27.26
C MET B 153 6.33 9.08 27.56
N ALA B 154 7.37 9.32 26.77
CA ALA B 154 8.22 10.50 26.99
C ALA B 154 7.45 11.78 26.77
N GLU B 155 6.53 11.77 25.81
CA GLU B 155 5.73 12.95 25.53
C GLU B 155 4.77 13.24 26.70
N VAL B 156 4.08 12.21 27.17
CA VAL B 156 3.13 12.38 28.27
C VAL B 156 3.80 12.90 29.54
N ILE B 157 4.99 12.41 29.86
CA ILE B 157 5.65 12.88 31.06
C ILE B 157 6.41 14.21 30.88
N GLY B 158 6.42 14.74 29.67
CA GLY B 158 7.11 16.00 29.43
C GLY B 158 8.62 16.10 29.32
N ASP B 159 9.34 15.03 28.98
CA ASP B 159 10.79 15.11 28.84
C ASP B 159 11.14 16.20 27.83
N ASP B 160 12.08 17.09 28.17
CA ASP B 160 12.49 18.17 27.27
C ASP B 160 13.70 17.72 26.49
N LEU B 161 13.47 17.30 25.25
CA LEU B 161 14.53 16.84 24.38
C LEU B 161 15.70 17.81 24.32
N ASN B 162 15.40 19.06 24.02
CA ASN B 162 16.42 20.09 23.92
C ASN B 162 17.35 20.12 25.13
N ALA B 163 16.75 20.23 26.30
CA ALA B 163 17.51 20.27 27.54
C ALA B 163 18.28 18.97 27.80
N PHE B 164 17.61 17.83 27.58
CA PHE B 164 18.25 16.52 27.81
C PHE B 164 19.50 16.29 26.96
N ILE B 165 19.45 16.72 25.71
CA ILE B 165 20.57 16.58 24.80
C ILE B 165 21.67 17.57 25.20
N ASN B 166 21.28 18.82 25.47
CA ASN B 166 22.24 19.86 25.87
C ASN B 166 23.03 19.38 27.09
N ASN B 167 22.33 18.81 28.07
CA ASN B 167 22.98 18.31 29.28
C ASN B 167 23.89 17.13 29.02
N SER B 168 23.50 16.27 28.08
CA SER B 168 24.31 15.10 27.76
C SER B 168 25.64 15.60 27.21
N LYS B 169 25.58 16.68 26.41
CA LYS B 169 26.77 17.27 25.83
C LYS B 169 27.57 18.04 26.88
N LYS B 170 26.87 18.87 27.64
CA LYS B 170 27.46 19.69 28.69
C LYS B 170 28.25 18.81 29.64
N GLU B 171 27.73 17.62 29.93
CA GLU B 171 28.40 16.70 30.83
C GLU B 171 29.34 15.69 30.18
N GLY B 172 29.60 15.85 28.89
CA GLY B 172 30.51 14.93 28.23
C GLY B 172 30.07 13.56 27.80
N PHE B 173 28.77 13.30 27.66
CA PHE B 173 28.36 11.95 27.24
C PHE B 173 28.57 11.76 25.75
N ILE B 174 28.53 12.87 25.00
CA ILE B 174 28.75 12.87 23.55
C ILE B 174 29.41 14.19 23.23
N PRO B 175 30.25 14.23 22.18
CA PRO B 175 30.94 15.47 21.80
C PRO B 175 29.97 16.62 21.56
N ASP B 176 30.39 17.81 21.96
CA ASP B 176 29.59 19.00 21.80
C ASP B 176 29.27 19.32 20.33
N GLU B 177 30.18 18.94 19.43
CA GLU B 177 29.95 19.22 18.00
C GLU B 177 29.21 18.09 17.30
N PHE B 178 29.01 16.97 18.00
CA PHE B 178 28.31 15.82 17.40
C PHE B 178 26.87 16.20 17.10
N PRO B 179 26.47 16.08 15.83
CA PRO B 179 25.09 16.44 15.47
C PRO B 179 23.98 15.57 16.07
N VAL B 180 23.06 16.20 16.80
CA VAL B 180 21.96 15.49 17.40
C VAL B 180 20.67 16.25 17.16
N PRO B 181 20.22 16.32 15.90
CA PRO B 181 18.96 17.03 15.64
C PRO B 181 17.85 16.24 16.39
N PHE B 182 16.73 16.89 16.69
CA PHE B 182 15.67 16.20 17.40
C PHE B 182 14.31 16.75 17.07
N ALA B 183 13.27 16.00 17.46
CA ALA B 183 11.88 16.42 17.21
C ALA B 183 10.95 15.67 18.13
N HIS B 184 9.95 16.37 18.65
CA HIS B 184 8.95 15.78 19.53
C HIS B 184 7.97 15.14 18.52
N THR B 185 7.67 13.87 18.69
CA THR B 185 6.75 13.18 17.77
C THR B 185 5.69 12.41 18.53
N PRO B 186 4.70 13.12 19.08
CA PRO B 186 3.63 12.48 19.84
C PRO B 186 2.70 11.61 18.98
N SER B 187 2.57 10.36 19.37
CA SER B 187 1.71 9.41 18.64
C SER B 187 0.22 9.78 18.68
N PHE B 188 -0.18 10.55 19.68
CA PHE B 188 -1.58 10.98 19.82
C PHE B 188 -1.93 12.24 19.00
N VAL B 189 -1.01 12.68 18.15
CA VAL B 189 -1.23 13.86 17.30
C VAL B 189 -0.96 13.38 15.84
N GLY B 190 -1.89 13.67 14.94
CA GLY B 190 -1.75 13.28 13.55
C GLY B 190 -1.43 11.81 13.31
N SER B 191 -0.42 11.54 12.51
CA SER B 191 -0.06 10.15 12.22
C SER B 191 1.40 10.01 11.84
N HIS B 192 1.78 8.84 11.34
CA HIS B 192 3.16 8.61 10.94
C HIS B 192 3.70 9.69 9.97
N VAL B 193 2.87 10.19 9.07
CA VAL B 193 3.39 11.20 8.16
C VAL B 193 3.72 12.50 8.89
N THR B 194 3.01 12.76 10.00
CA THR B 194 3.25 13.98 10.77
C THR B 194 4.64 13.80 11.42
N GLY B 195 4.95 12.58 11.83
CA GLY B 195 6.26 12.36 12.43
C GLY B 195 7.38 12.62 11.43
N TRP B 196 7.16 12.27 10.16
CA TRP B 196 8.16 12.49 9.14
C TRP B 196 8.40 14.01 9.04
N ASP B 197 7.31 14.76 8.91
CA ASP B 197 7.36 16.23 8.81
C ASP B 197 8.09 16.84 10.02
N ASN B 198 7.75 16.36 11.21
CA ASN B 198 8.37 16.88 12.41
C ASN B 198 9.86 16.60 12.46
N MET B 199 10.24 15.37 12.13
CA MET B 199 11.64 14.99 12.15
C MET B 199 12.43 15.78 11.10
N PHE B 200 11.88 15.90 9.88
CA PHE B 200 12.57 16.65 8.84
C PHE B 200 12.83 18.12 9.22
N GLU B 201 11.79 18.82 9.66
CA GLU B 201 11.92 20.21 10.03
C GLU B 201 12.95 20.31 11.18
N GLY B 202 12.98 19.30 12.04
CA GLY B 202 13.92 19.31 13.15
C GLY B 202 15.35 19.25 12.65
N ILE B 203 15.59 18.36 11.69
CA ILE B 203 16.95 18.22 11.13
C ILE B 203 17.31 19.47 10.32
N ALA B 204 16.34 20.02 9.59
CA ALA B 204 16.59 21.22 8.80
C ALA B 204 16.93 22.43 9.68
N ARG B 205 16.20 22.59 10.79
CA ARG B 205 16.47 23.71 11.67
C ARG B 205 17.81 23.55 12.37
N TYR B 206 18.16 22.32 12.74
CA TYR B 206 19.43 22.04 13.43
C TYR B 206 20.64 22.52 12.61
N PHE B 207 20.62 22.25 11.29
CA PHE B 207 21.72 22.64 10.43
C PHE B 207 21.67 24.03 9.81
N THR B 208 20.57 24.76 9.98
CA THR B 208 20.53 26.08 9.35
C THR B 208 19.96 27.25 10.16
N LEU B 209 19.22 26.98 11.22
CA LEU B 209 18.64 28.07 12.00
C LEU B 209 19.57 29.19 12.46
N LYS B 210 20.70 28.79 13.06
CA LYS B 210 21.67 29.73 13.57
C LYS B 210 22.68 30.34 12.57
N SER B 211 22.67 29.88 11.32
CA SER B 211 23.62 30.39 10.34
C SER B 211 22.99 30.99 9.06
N MET B 212 21.75 31.46 9.16
CA MET B 212 21.07 32.03 8.01
C MET B 212 21.66 33.30 7.42
N ASP B 213 22.45 34.03 8.19
CA ASP B 213 23.08 35.25 7.70
C ASP B 213 24.15 34.92 6.67
N ASP B 214 24.59 33.65 6.67
CA ASP B 214 25.61 33.18 5.75
C ASP B 214 25.05 32.72 4.42
N LYS B 215 23.74 32.54 4.36
CA LYS B 215 23.08 32.05 3.15
C LYS B 215 22.60 33.07 2.12
N VAL B 216 22.65 32.66 0.85
CA VAL B 216 22.24 33.49 -0.27
C VAL B 216 21.38 32.60 -1.17
N VAL B 217 20.09 32.92 -1.28
CA VAL B 217 19.17 32.14 -2.10
C VAL B 217 19.60 32.04 -3.57
N GLY B 218 19.64 30.82 -4.09
CA GLY B 218 20.03 30.61 -5.47
C GLY B 218 21.54 30.54 -5.71
N SER B 219 22.36 30.81 -4.69
CA SER B 219 23.80 30.76 -4.87
C SER B 219 24.37 29.39 -5.26
N ASN B 220 23.75 28.26 -4.84
CA ASN B 220 24.32 26.99 -5.24
C ASN B 220 23.74 26.42 -6.52
N LYS B 221 22.81 27.15 -7.12
CA LYS B 221 22.17 26.75 -8.38
C LYS B 221 21.39 25.44 -8.43
N LYS B 222 21.06 24.88 -7.27
CA LYS B 222 20.32 23.63 -7.20
C LYS B 222 18.87 23.84 -6.77
N ILE B 223 18.10 22.76 -6.85
CA ILE B 223 16.70 22.79 -6.45
C ILE B 223 16.60 21.71 -5.38
N ASN B 224 16.10 22.05 -4.18
CA ASN B 224 15.98 21.03 -3.15
C ASN B 224 14.70 20.25 -3.41
N ILE B 225 14.72 18.96 -3.07
CA ILE B 225 13.55 18.09 -3.25
C ILE B 225 13.34 17.38 -1.92
N VAL B 226 12.16 17.55 -1.30
CA VAL B 226 11.84 16.90 -0.03
C VAL B 226 10.78 15.86 -0.39
N PRO B 227 11.12 14.58 -0.26
CA PRO B 227 10.19 13.50 -0.60
C PRO B 227 9.03 13.15 0.31
N GLY B 228 9.19 13.36 1.62
CA GLY B 228 8.13 13.03 2.56
C GLY B 228 8.19 11.52 2.82
N PHE B 229 7.24 10.99 3.60
CA PHE B 229 7.18 9.56 3.93
C PHE B 229 6.99 8.82 2.58
N GLU B 230 8.00 8.06 2.17
CA GLU B 230 7.97 7.33 0.88
C GLU B 230 8.49 5.90 1.06
N THR B 231 7.68 4.93 0.68
CA THR B 231 8.05 3.54 0.82
C THR B 231 8.23 2.73 -0.48
N TYR B 232 8.35 3.44 -1.60
CA TYR B 232 8.56 2.78 -2.89
C TYR B 232 9.95 3.26 -3.32
N LEU B 233 10.89 2.33 -3.48
CA LEU B 233 12.24 2.71 -3.88
C LEU B 233 12.28 3.40 -5.25
N GLY B 234 11.39 2.98 -6.14
CA GLY B 234 11.34 3.59 -7.48
C GLY B 234 10.95 5.07 -7.45
N ASN B 235 10.32 5.53 -6.37
CA ASN B 235 9.93 6.93 -6.30
C ASN B 235 11.11 7.85 -6.05
N PHE B 236 12.04 7.44 -5.20
CA PHE B 236 13.20 8.29 -4.94
C PHE B 236 13.98 8.29 -6.27
N ARG B 237 14.13 7.10 -6.83
CA ARG B 237 14.85 6.90 -8.07
C ARG B 237 14.33 7.60 -9.29
N VAL B 238 13.04 7.52 -9.55
CA VAL B 238 12.52 8.20 -10.73
C VAL B 238 12.69 9.73 -10.65
N ILE B 239 12.62 10.31 -9.45
CA ILE B 239 12.78 11.76 -9.32
C ILE B 239 14.23 12.15 -9.68
N LYS B 240 15.19 11.41 -9.13
CA LYS B 240 16.60 11.70 -9.41
C LYS B 240 16.90 11.48 -10.89
N ARG B 241 16.30 10.44 -11.48
CA ARG B 241 16.52 10.14 -12.89
C ARG B 241 15.96 11.24 -13.79
N MET B 242 14.76 11.70 -13.50
CA MET B 242 14.21 12.76 -14.35
C MET B 242 14.98 14.07 -14.24
N LEU B 243 15.40 14.42 -13.03
CA LEU B 243 16.14 15.67 -12.85
C LEU B 243 17.49 15.59 -13.55
N SER B 244 18.20 14.47 -13.40
CA SER B 244 19.51 14.32 -14.05
C SER B 244 19.30 14.33 -15.56
N GLU B 245 18.23 13.73 -16.01
CA GLU B 245 17.91 13.66 -17.43
C GLU B 245 17.73 15.08 -18.00
N MET B 246 17.26 16.01 -17.15
CA MET B 246 17.02 17.40 -17.53
C MET B 246 18.27 18.25 -17.31
N GLY B 247 19.29 17.68 -16.69
CA GLY B 247 20.48 18.46 -16.46
C GLY B 247 20.24 19.45 -15.35
N VAL B 248 19.31 19.12 -14.45
CA VAL B 248 19.00 20.02 -13.33
C VAL B 248 19.80 19.67 -12.07
N GLY B 249 20.48 20.65 -11.49
CA GLY B 249 21.24 20.39 -10.28
C GLY B 249 20.18 20.26 -9.18
N TYR B 250 20.34 19.31 -8.29
CA TYR B 250 19.36 19.13 -7.23
C TYR B 250 19.98 18.49 -6.01
N SER B 251 19.20 18.49 -4.94
CA SER B 251 19.64 17.90 -3.69
C SER B 251 18.41 17.24 -3.06
N LEU B 252 18.44 15.90 -2.94
CA LEU B 252 17.34 15.12 -2.36
C LEU B 252 17.57 15.10 -0.85
N LEU B 253 16.71 15.81 -0.12
CA LEU B 253 16.79 15.90 1.35
C LEU B 253 15.99 14.81 2.05
N SER B 254 16.74 13.80 2.50
CA SER B 254 16.28 12.57 3.20
C SER B 254 16.14 11.63 2.00
N ASP B 255 17.21 10.88 1.77
CA ASP B 255 17.31 9.91 0.68
C ASP B 255 17.68 8.54 1.23
N PRO B 256 16.68 7.69 1.51
CA PRO B 256 17.00 6.37 2.04
C PRO B 256 17.11 5.24 1.03
N GLU B 257 17.09 5.56 -0.25
CA GLU B 257 17.16 4.52 -1.26
C GLU B 257 18.33 3.55 -1.21
N GLU B 258 19.52 4.00 -0.82
CA GLU B 258 20.65 3.09 -0.74
C GLU B 258 20.56 2.17 0.48
N VAL B 259 20.29 2.74 1.66
CA VAL B 259 20.19 1.96 2.89
C VAL B 259 19.00 0.98 2.94
N LEU B 260 17.99 1.19 2.09
CA LEU B 260 16.83 0.32 2.04
C LEU B 260 16.99 -0.69 0.90
N ASP B 261 18.16 -0.75 0.30
CA ASP B 261 18.41 -1.68 -0.80
C ASP B 261 19.88 -2.05 -0.96
N THR B 262 20.51 -2.51 0.10
CA THR B 262 21.91 -2.88 0.00
C THR B 262 22.05 -4.26 -0.64
N PRO B 263 23.17 -4.51 -1.34
CA PRO B 263 23.36 -5.81 -1.98
C PRO B 263 23.73 -6.93 -0.99
N ALA B 264 23.39 -8.17 -1.34
CA ALA B 264 23.70 -9.30 -0.48
C ALA B 264 24.99 -9.79 -1.14
N ASP B 265 26.12 -9.25 -0.69
CA ASP B 265 27.42 -9.62 -1.25
C ASP B 265 28.40 -10.16 -0.22
N GLY B 266 27.90 -10.56 0.95
CA GLY B 266 28.82 -11.07 1.95
C GLY B 266 28.97 -10.17 3.16
N GLN B 267 28.49 -8.92 3.07
CA GLN B 267 28.64 -8.07 4.25
C GLN B 267 27.39 -7.28 4.52
N PHE B 268 27.15 -7.04 5.79
CA PHE B 268 25.99 -6.27 6.22
C PHE B 268 26.45 -4.83 6.37
N ARG B 269 25.76 -3.93 5.68
CA ARG B 269 26.10 -2.50 5.74
C ARG B 269 25.01 -1.82 6.56
N MET B 270 25.32 -1.44 7.79
CA MET B 270 24.31 -0.79 8.64
C MET B 270 23.86 0.54 8.03
N TYR B 271 24.79 1.23 7.40
CA TYR B 271 24.51 2.52 6.78
C TYR B 271 24.92 2.48 5.31
N ALA B 272 24.28 3.31 4.50
CA ALA B 272 24.59 3.38 3.07
C ALA B 272 23.93 4.61 2.42
N GLY B 273 24.70 5.33 1.62
CA GLY B 273 24.20 6.51 0.93
C GLY B 273 23.62 7.54 1.90
N GLY B 274 22.56 8.21 1.46
CA GLY B 274 21.88 9.22 2.25
C GLY B 274 22.31 10.66 2.00
N THR B 275 21.43 11.57 2.40
CA THR B 275 21.67 13.01 2.26
C THR B 275 22.83 13.33 3.21
N THR B 276 23.80 14.12 2.79
CA THR B 276 24.91 14.41 3.69
C THR B 276 24.60 15.62 4.58
N GLN B 277 25.36 15.75 5.66
CA GLN B 277 25.18 16.86 6.58
C GLN B 277 25.48 18.14 5.81
N GLU B 278 26.47 18.10 4.92
CA GLU B 278 26.83 19.27 4.13
C GLU B 278 25.65 19.69 3.24
N GLU B 279 24.91 18.72 2.69
CA GLU B 279 23.78 19.07 1.84
C GLU B 279 22.68 19.77 2.64
N MET B 280 22.53 19.41 3.92
CA MET B 280 21.50 20.06 4.72
C MET B 280 21.96 21.48 5.02
N LYS B 281 23.23 21.65 5.39
CA LYS B 281 23.78 22.96 5.71
C LYS B 281 23.66 23.90 4.50
N ASP B 282 23.94 23.39 3.32
CA ASP B 282 23.89 24.14 2.08
C ASP B 282 22.51 24.34 1.47
N ALA B 283 21.54 23.56 1.92
CA ALA B 283 20.19 23.67 1.38
C ALA B 283 19.60 25.08 1.21
N PRO B 284 19.79 25.98 2.19
CA PRO B 284 19.22 27.32 2.04
C PRO B 284 19.77 28.08 0.82
N ASN B 285 20.94 27.67 0.35
CA ASN B 285 21.58 28.29 -0.81
C ASN B 285 21.00 27.88 -2.15
N ALA B 286 19.98 27.01 -2.13
CA ALA B 286 19.34 26.55 -3.36
C ALA B 286 18.41 27.62 -3.97
N LEU B 287 18.05 27.43 -5.23
CA LEU B 287 17.18 28.35 -5.93
C LEU B 287 15.80 28.27 -5.31
N ASN B 288 15.41 27.06 -4.92
CA ASN B 288 14.11 26.89 -4.33
C ASN B 288 14.03 25.49 -3.72
N THR B 289 12.86 25.18 -3.16
CA THR B 289 12.65 23.87 -2.52
C THR B 289 11.29 23.36 -2.97
N VAL B 290 11.28 22.15 -3.50
CA VAL B 290 10.03 21.54 -3.96
C VAL B 290 9.63 20.41 -3.00
N LEU B 291 8.39 20.44 -2.55
CA LEU B 291 7.89 19.42 -1.64
C LEU B 291 7.03 18.43 -2.45
N LEU B 292 7.46 17.17 -2.52
CA LEU B 292 6.72 16.17 -3.28
C LEU B 292 5.38 15.72 -2.68
N GLN B 293 5.23 15.81 -1.35
CA GLN B 293 4.00 15.41 -0.69
C GLN B 293 3.67 16.53 0.28
N PRO B 294 3.22 17.67 -0.26
CA PRO B 294 2.88 18.85 0.53
C PRO B 294 1.84 18.67 1.64
N TRP B 295 0.90 17.74 1.47
CA TRP B 295 -0.08 17.57 2.53
C TRP B 295 0.42 17.04 3.85
N HIS B 296 1.67 16.56 3.88
CA HIS B 296 2.20 16.11 5.16
C HIS B 296 3.56 16.80 5.41
N LEU B 297 3.81 17.93 4.71
CA LEU B 297 5.06 18.70 4.88
C LEU B 297 4.75 20.17 5.26
N GLU B 298 3.64 20.38 5.94
CA GLU B 298 3.25 21.74 6.35
C GLU B 298 4.19 22.44 7.33
N LYS B 299 4.71 21.72 8.30
CA LYS B 299 5.60 22.36 9.24
C LYS B 299 6.91 22.66 8.49
N THR B 300 7.37 21.71 7.67
CA THR B 300 8.61 21.90 6.89
C THR B 300 8.43 23.14 5.98
N LYS B 301 7.29 23.22 5.32
CA LYS B 301 7.01 24.33 4.43
C LYS B 301 7.11 25.69 5.15
N LYS B 302 6.55 25.78 6.35
CA LYS B 302 6.61 27.04 7.10
C LYS B 302 8.06 27.45 7.40
N PHE B 303 8.89 26.47 7.72
CA PHE B 303 10.28 26.73 8.02
C PHE B 303 11.07 27.08 6.74
N VAL B 304 10.79 26.37 5.65
CA VAL B 304 11.50 26.60 4.39
C VAL B 304 11.12 27.97 3.82
N GLU B 305 9.84 28.32 3.87
CA GLU B 305 9.39 29.61 3.36
C GLU B 305 9.75 30.77 4.28
N GLY B 306 9.49 30.59 5.57
CA GLY B 306 9.78 31.63 6.55
C GLY B 306 11.24 31.90 6.90
N THR B 307 12.05 30.85 6.96
CA THR B 307 13.47 31.02 7.29
C THR B 307 14.42 30.96 6.10
N TRP B 308 14.24 29.99 5.20
CA TRP B 308 15.15 29.91 4.04
C TRP B 308 14.76 30.94 2.99
N LYS B 309 13.51 31.43 3.08
CA LYS B 309 13.00 32.43 2.14
C LYS B 309 12.81 31.83 0.74
N HIS B 310 12.48 30.54 0.65
CA HIS B 310 12.30 29.93 -0.65
C HIS B 310 10.84 30.08 -1.04
N GLU B 311 10.58 30.40 -2.30
CA GLU B 311 9.22 30.56 -2.75
C GLU B 311 8.67 29.19 -3.15
N VAL B 312 8.54 28.31 -2.17
CA VAL B 312 8.03 26.97 -2.42
C VAL B 312 6.84 26.96 -3.41
N PRO B 313 7.00 26.33 -4.59
CA PRO B 313 5.96 26.24 -5.61
C PRO B 313 4.72 25.50 -5.11
N LYS B 314 3.53 25.91 -5.53
CA LYS B 314 2.30 25.25 -5.12
C LYS B 314 2.06 24.11 -6.08
N LEU B 315 2.71 22.99 -5.80
CA LEU B 315 2.57 21.84 -6.66
C LEU B 315 1.99 20.62 -5.97
N ASN B 316 1.18 19.86 -6.71
CA ASN B 316 0.60 18.65 -6.14
C ASN B 316 1.69 17.58 -6.34
N ILE B 317 1.50 16.43 -5.70
CA ILE B 317 2.42 15.31 -5.78
C ILE B 317 2.47 14.99 -7.28
N PRO B 318 3.67 14.66 -7.83
CA PRO B 318 3.80 14.36 -9.25
C PRO B 318 3.35 12.95 -9.61
N MET B 319 2.04 12.75 -9.63
CA MET B 319 1.44 11.46 -9.95
C MET B 319 0.44 11.73 -11.04
N GLY B 320 0.39 10.84 -12.02
CA GLY B 320 -0.55 11.03 -13.11
C GLY B 320 0.08 11.90 -14.19
N LEU B 321 -0.65 12.10 -15.26
CA LEU B 321 -0.18 12.91 -16.38
C LEU B 321 -0.07 14.40 -16.12
N ASP B 322 -1.21 15.05 -15.81
CA ASP B 322 -1.18 16.50 -15.56
C ASP B 322 -0.20 16.98 -14.50
N TRP B 323 -0.18 16.31 -13.35
CA TRP B 323 0.70 16.67 -12.26
C TRP B 323 2.18 16.39 -12.52
N THR B 324 2.49 15.43 -13.40
CA THR B 324 3.89 15.16 -13.68
C THR B 324 4.28 16.30 -14.65
N ASP B 325 3.37 16.64 -15.57
CA ASP B 325 3.63 17.73 -16.53
C ASP B 325 3.92 19.02 -15.74
N GLU B 326 3.05 19.33 -14.76
CA GLU B 326 3.21 20.54 -13.94
C GLU B 326 4.53 20.57 -13.19
N PHE B 327 4.90 19.44 -12.61
CA PHE B 327 6.16 19.34 -11.87
C PHE B 327 7.34 19.64 -12.82
N LEU B 328 7.36 19.02 -13.98
CA LEU B 328 8.46 19.23 -14.92
C LEU B 328 8.53 20.68 -15.39
N MET B 329 7.38 21.26 -15.73
CA MET B 329 7.34 22.64 -16.18
C MET B 329 7.83 23.63 -15.13
N LYS B 330 7.48 23.37 -13.87
CA LYS B 330 7.88 24.23 -12.77
C LYS B 330 9.39 24.09 -12.54
N VAL B 331 9.88 22.85 -12.61
CA VAL B 331 11.31 22.60 -12.41
C VAL B 331 12.09 23.27 -13.55
N SER B 332 11.52 23.22 -14.75
CA SER B 332 12.13 23.83 -15.91
C SER B 332 12.18 25.35 -15.69
N GLU B 333 11.10 25.90 -15.18
CA GLU B 333 11.01 27.33 -14.93
C GLU B 333 12.04 27.78 -13.88
N ILE B 334 12.13 27.06 -12.77
CA ILE B 334 13.08 27.40 -11.70
C ILE B 334 14.56 27.24 -12.07
N SER B 335 14.91 26.17 -12.77
CA SER B 335 16.31 25.93 -13.14
C SER B 335 16.75 26.56 -14.45
N GLY B 336 15.81 26.88 -15.33
CA GLY B 336 16.19 27.47 -16.60
C GLY B 336 16.53 26.37 -17.62
N GLN B 337 16.41 25.10 -17.23
CA GLN B 337 16.70 23.99 -18.13
C GLN B 337 15.42 23.60 -18.88
N PRO B 338 15.53 23.35 -20.20
CA PRO B 338 14.32 22.97 -20.93
C PRO B 338 13.99 21.52 -20.66
N ILE B 339 12.74 21.14 -20.96
CA ILE B 339 12.37 19.76 -20.75
C ILE B 339 12.90 19.11 -22.01
N PRO B 340 13.75 18.08 -21.86
CA PRO B 340 14.36 17.38 -23.00
C PRO B 340 13.45 16.45 -23.78
N ALA B 341 13.87 16.20 -25.02
CA ALA B 341 13.13 15.32 -25.93
C ALA B 341 12.79 13.96 -25.32
N SER B 342 13.73 13.38 -24.57
CA SER B 342 13.48 12.08 -23.95
C SER B 342 12.26 12.09 -23.02
N LEU B 343 12.10 13.11 -22.18
CA LEU B 343 10.96 13.18 -21.26
C LEU B 343 9.67 13.43 -22.05
N THR B 344 9.75 14.27 -23.07
CA THR B 344 8.58 14.57 -23.86
C THR B 344 8.12 13.27 -24.52
N LYS B 345 9.08 12.44 -24.95
CA LYS B 345 8.71 11.19 -25.58
C LYS B 345 8.12 10.22 -24.54
N GLU B 346 8.70 10.17 -23.35
CA GLU B 346 8.19 9.28 -22.32
C GLU B 346 6.72 9.66 -22.04
N ARG B 347 6.42 10.95 -21.98
CA ARG B 347 5.06 11.43 -21.73
C ARG B 347 4.11 10.85 -22.79
N GLY B 348 4.51 11.01 -24.05
CA GLY B 348 3.73 10.53 -25.17
C GLY B 348 3.54 9.02 -25.18
N ARG B 349 4.47 8.29 -24.56
CA ARG B 349 4.36 6.84 -24.51
C ARG B 349 3.29 6.51 -23.46
N LEU B 350 3.23 7.26 -22.35
CA LEU B 350 2.21 7.00 -21.33
C LEU B 350 0.83 7.28 -22.00
N VAL B 351 0.74 8.38 -22.74
CA VAL B 351 -0.54 8.71 -23.40
C VAL B 351 -0.91 7.60 -24.37
N ASP B 352 0.06 7.03 -25.06
CA ASP B 352 -0.24 5.94 -26.00
C ASP B 352 -0.86 4.76 -25.22
N MET B 353 -0.25 4.43 -24.09
CA MET B 353 -0.74 3.33 -23.25
C MET B 353 -2.18 3.60 -22.79
N MET B 354 -2.47 4.87 -22.49
CA MET B 354 -3.82 5.23 -22.06
C MET B 354 -4.78 5.03 -23.22
N THR B 355 -4.40 5.42 -24.43
CA THR B 355 -5.31 5.23 -25.55
C THR B 355 -5.50 3.74 -25.80
N ASP B 356 -4.43 2.95 -25.65
CA ASP B 356 -4.57 1.51 -25.89
C ASP B 356 -5.41 0.73 -24.87
N SER B 357 -5.45 1.20 -23.63
CA SER B 357 -6.21 0.50 -22.61
C SER B 357 -7.49 1.15 -22.14
N HIS B 358 -7.82 2.32 -22.67
CA HIS B 358 -9.03 2.97 -22.21
C HIS B 358 -10.34 2.20 -22.26
N THR B 359 -10.51 1.28 -23.21
CA THR B 359 -11.78 0.57 -23.25
C THR B 359 -12.01 -0.37 -22.09
N TRP B 360 -10.93 -0.91 -21.52
CA TRP B 360 -11.13 -1.81 -20.38
C TRP B 360 -11.21 -1.04 -19.05
N LEU B 361 -10.64 0.15 -19.04
CA LEU B 361 -10.63 0.99 -17.84
C LEU B 361 -11.87 1.85 -17.66
N HIS B 362 -12.46 2.26 -18.77
CA HIS B 362 -13.65 3.10 -18.71
C HIS B 362 -14.77 2.70 -17.80
N GLY B 363 -15.10 3.60 -16.88
CA GLY B 363 -16.17 3.35 -15.94
C GLY B 363 -15.92 2.38 -14.80
N LYS B 364 -14.72 1.83 -14.71
CA LYS B 364 -14.42 0.88 -13.64
C LYS B 364 -14.49 1.62 -12.33
N ARG B 365 -15.16 1.02 -11.36
CA ARG B 365 -15.34 1.62 -10.04
C ARG B 365 -14.33 1.15 -8.97
N PHE B 366 -13.76 2.10 -8.25
CA PHE B 366 -12.78 1.76 -7.23
C PHE B 366 -13.03 2.36 -5.84
N ALA B 367 -12.53 1.64 -4.84
CA ALA B 367 -12.59 2.02 -3.44
C ALA B 367 -11.04 2.09 -3.26
N LEU B 368 -10.52 3.04 -2.51
CA LEU B 368 -9.07 3.16 -2.32
C LEU B 368 -8.77 3.93 -1.03
N TRP B 369 -7.59 3.67 -0.46
CA TRP B 369 -7.16 4.34 0.77
C TRP B 369 -5.64 4.53 0.78
N GLY B 370 -5.15 5.25 1.78
CA GLY B 370 -3.72 5.50 1.90
C GLY B 370 -3.48 6.90 2.45
N ASP B 371 -2.23 7.37 2.36
CA ASP B 371 -1.87 8.70 2.86
C ASP B 371 -2.48 9.78 1.95
N PRO B 372 -2.65 11.01 2.47
CA PRO B 372 -3.26 12.08 1.68
C PRO B 372 -2.70 12.40 0.30
N ASP B 373 -1.41 12.63 0.19
CA ASP B 373 -0.87 12.94 -1.12
C ASP B 373 -1.01 11.77 -2.09
N PHE B 374 -0.65 10.57 -1.63
CA PHE B 374 -0.74 9.38 -2.46
C PHE B 374 -2.20 9.18 -2.93
N VAL B 375 -3.15 9.29 -2.00
CA VAL B 375 -4.57 9.12 -2.35
C VAL B 375 -5.08 10.11 -3.39
N MET B 376 -4.73 11.38 -3.24
CA MET B 376 -5.21 12.35 -4.21
C MET B 376 -4.54 12.16 -5.57
N GLY B 377 -3.30 11.70 -5.55
CA GLY B 377 -2.58 11.46 -6.80
C GLY B 377 -3.21 10.29 -7.52
N LEU B 378 -3.62 9.27 -6.76
CA LEU B 378 -4.24 8.08 -7.33
C LEU B 378 -5.61 8.51 -7.93
N VAL B 379 -6.35 9.32 -7.16
CA VAL B 379 -7.65 9.82 -7.60
C VAL B 379 -7.52 10.59 -8.93
N LYS B 380 -6.55 11.52 -8.99
CA LYS B 380 -6.35 12.32 -10.20
C LYS B 380 -6.05 11.42 -11.41
N PHE B 381 -5.14 10.46 -11.26
CA PHE B 381 -4.80 9.56 -12.37
C PHE B 381 -6.03 8.72 -12.78
N LEU B 382 -6.79 8.21 -11.80
CA LEU B 382 -7.97 7.39 -12.14
C LEU B 382 -8.92 8.21 -13.02
N LEU B 383 -9.08 9.50 -12.70
CA LEU B 383 -9.96 10.36 -13.46
C LEU B 383 -9.42 10.50 -14.88
N GLU B 384 -8.11 10.67 -15.01
CA GLU B 384 -7.45 10.81 -16.31
C GLU B 384 -7.66 9.54 -17.16
N LEU B 385 -7.80 8.39 -16.48
CA LEU B 385 -8.00 7.12 -17.16
C LEU B 385 -9.46 6.84 -17.52
N GLY B 386 -10.36 7.73 -17.10
CA GLY B 386 -11.77 7.50 -17.37
C GLY B 386 -12.39 6.52 -16.38
N CYS B 387 -11.77 6.34 -15.21
CA CYS B 387 -12.28 5.44 -14.17
C CYS B 387 -13.05 6.26 -13.13
N GLU B 388 -13.84 5.57 -12.30
CA GLU B 388 -14.63 6.23 -11.25
C GLU B 388 -14.20 5.90 -9.84
N PRO B 389 -13.54 6.85 -9.15
CA PRO B 389 -13.08 6.65 -7.76
C PRO B 389 -14.26 6.85 -6.81
N VAL B 390 -15.07 5.80 -6.61
CA VAL B 390 -16.23 5.86 -5.73
C VAL B 390 -16.02 6.04 -4.22
N HIS B 391 -15.19 5.20 -3.60
CA HIS B 391 -14.95 5.32 -2.16
C HIS B 391 -13.51 5.71 -1.93
N ILE B 392 -13.31 6.98 -1.56
CA ILE B 392 -11.97 7.51 -1.30
C ILE B 392 -11.82 7.65 0.20
N LEU B 393 -10.96 6.82 0.79
CA LEU B 393 -10.76 6.88 2.23
C LEU B 393 -9.35 7.23 2.67
N CYS B 394 -9.24 8.25 3.50
CA CYS B 394 -7.94 8.68 4.02
C CYS B 394 -8.16 8.91 5.53
N HIS B 395 -7.86 7.87 6.31
CA HIS B 395 -8.01 7.90 7.74
C HIS B 395 -7.29 9.10 8.38
N ASN B 396 -6.06 9.37 7.94
CA ASN B 396 -5.29 10.48 8.47
C ASN B 396 -5.41 11.77 7.65
N GLY B 397 -6.51 11.94 6.91
CA GLY B 397 -6.69 13.12 6.09
C GLY B 397 -7.32 14.25 6.92
N ASN B 398 -7.49 15.43 6.37
CA ASN B 398 -8.08 16.51 7.14
C ASN B 398 -9.06 17.29 6.29
N LYS B 399 -9.80 18.20 6.91
CA LYS B 399 -10.79 19.00 6.20
C LYS B 399 -10.30 19.81 5.01
N ARG B 400 -9.16 20.49 5.15
CA ARG B 400 -8.65 21.28 4.04
C ARG B 400 -8.28 20.33 2.87
N TRP B 401 -7.69 19.18 3.20
CA TRP B 401 -7.30 18.21 2.19
C TRP B 401 -8.55 17.70 1.48
N LYS B 402 -9.60 17.37 2.24
CA LYS B 402 -10.84 16.87 1.62
C LYS B 402 -11.40 17.91 0.64
N LYS B 403 -11.35 19.19 1.02
CA LYS B 403 -11.89 20.22 0.10
C LYS B 403 -11.08 20.23 -1.19
N ALA B 404 -9.76 20.13 -1.07
CA ALA B 404 -8.92 20.11 -2.27
C ALA B 404 -9.31 18.90 -3.15
N VAL B 405 -9.47 17.72 -2.55
CA VAL B 405 -9.84 16.52 -3.31
C VAL B 405 -11.24 16.69 -3.89
N ASP B 406 -12.15 17.27 -3.14
CA ASP B 406 -13.51 17.45 -3.68
C ASP B 406 -13.42 18.38 -4.92
N ALA B 407 -12.50 19.34 -4.92
CA ALA B 407 -12.38 20.24 -6.07
C ALA B 407 -11.85 19.48 -7.29
N ILE B 408 -10.86 18.61 -7.07
CA ILE B 408 -10.30 17.81 -8.14
C ILE B 408 -11.39 16.97 -8.77
N LEU B 409 -12.25 16.38 -7.92
CA LEU B 409 -13.33 15.55 -8.40
C LEU B 409 -14.36 16.37 -9.17
N ALA B 410 -14.73 17.55 -8.66
CA ALA B 410 -15.72 18.41 -9.35
C ALA B 410 -15.25 18.84 -10.74
N ALA B 411 -13.93 18.80 -10.96
CA ALA B 411 -13.40 19.20 -12.25
C ALA B 411 -13.49 18.11 -13.32
N SER B 412 -14.06 16.96 -12.97
CA SER B 412 -14.19 15.86 -13.92
C SER B 412 -15.50 15.13 -13.77
N PRO B 413 -16.16 14.81 -14.89
CA PRO B 413 -17.45 14.09 -14.87
C PRO B 413 -17.25 12.73 -14.24
N TYR B 414 -16.02 12.21 -14.32
CA TYR B 414 -15.72 10.89 -13.74
C TYR B 414 -15.64 10.91 -12.22
N GLY B 415 -15.77 12.09 -11.65
CA GLY B 415 -15.71 12.22 -10.21
C GLY B 415 -17.09 12.37 -9.59
N LYS B 416 -18.13 12.29 -10.40
CA LYS B 416 -19.50 12.45 -9.90
C LYS B 416 -20.01 11.47 -8.84
N ASN B 417 -19.57 10.21 -8.87
CA ASN B 417 -20.04 9.24 -7.88
C ASN B 417 -19.11 9.03 -6.69
N ALA B 418 -18.08 9.85 -6.63
CA ALA B 418 -17.09 9.78 -5.57
C ALA B 418 -17.43 10.49 -4.27
N THR B 419 -17.01 9.91 -3.15
CA THR B 419 -17.26 10.53 -1.86
C THR B 419 -15.91 10.39 -1.14
N VAL B 420 -15.44 11.49 -0.56
CA VAL B 420 -14.18 11.49 0.17
C VAL B 420 -14.46 11.37 1.66
N TYR B 421 -13.81 10.40 2.30
CA TYR B 421 -13.99 10.15 3.72
C TYR B 421 -12.72 10.38 4.55
N ILE B 422 -12.80 11.19 5.59
CA ILE B 422 -11.62 11.41 6.41
C ILE B 422 -11.97 10.93 7.82
N GLY B 423 -10.99 10.46 8.58
CA GLY B 423 -11.25 9.99 9.93
C GLY B 423 -11.91 8.61 10.00
N LYS B 424 -12.21 8.01 8.85
CA LYS B 424 -12.85 6.68 8.81
C LYS B 424 -11.81 5.59 8.61
N ASP B 425 -12.11 4.40 9.10
CA ASP B 425 -11.18 3.29 8.98
C ASP B 425 -11.58 2.18 7.99
N LEU B 426 -10.82 1.08 7.97
CA LEU B 426 -11.14 -0.02 7.05
C LEU B 426 -12.39 -0.81 7.43
N TRP B 427 -12.93 -0.59 8.62
CA TRP B 427 -14.15 -1.33 8.98
C TRP B 427 -15.28 -0.50 8.35
N HIS B 428 -15.05 0.80 8.22
CA HIS B 428 -16.05 1.68 7.62
C HIS B 428 -16.02 1.35 6.10
N LEU B 429 -14.81 1.24 5.56
CA LEU B 429 -14.65 0.94 4.13
C LEU B 429 -15.29 -0.40 3.78
N ARG B 430 -15.18 -1.39 4.68
CA ARG B 430 -15.76 -2.72 4.45
C ARG B 430 -17.29 -2.56 4.20
N SER B 431 -17.96 -1.73 4.99
CA SER B 431 -19.39 -1.55 4.79
C SER B 431 -19.67 -0.94 3.41
N LEU B 432 -18.88 0.06 3.05
CA LEU B 432 -19.05 0.71 1.77
C LEU B 432 -18.93 -0.23 0.56
N VAL B 433 -17.97 -1.17 0.60
CA VAL B 433 -17.85 -2.06 -0.53
C VAL B 433 -18.93 -3.13 -0.56
N PHE B 434 -19.71 -3.26 0.53
CA PHE B 434 -20.80 -4.22 0.57
C PHE B 434 -22.05 -3.44 0.12
N THR B 435 -22.30 -2.26 0.68
CA THR B 435 -23.50 -1.47 0.29
C THR B 435 -23.49 -0.78 -1.09
N ASP B 436 -22.33 -0.38 -1.56
CA ASP B 436 -22.21 0.29 -2.86
C ASP B 436 -20.99 -0.39 -3.49
N LYS B 437 -21.14 -1.65 -3.86
CA LYS B 437 -20.06 -2.42 -4.43
C LYS B 437 -19.31 -1.86 -5.67
N PRO B 438 -18.00 -1.68 -5.53
CA PRO B 438 -17.14 -1.19 -6.61
C PRO B 438 -16.60 -2.42 -7.32
N ASP B 439 -15.79 -2.23 -8.35
CA ASP B 439 -15.23 -3.39 -9.07
C ASP B 439 -13.94 -3.88 -8.38
N PHE B 440 -13.14 -2.95 -7.88
CA PHE B 440 -11.89 -3.32 -7.20
C PHE B 440 -11.59 -2.35 -6.06
N MET B 441 -10.59 -2.72 -5.25
CA MET B 441 -10.13 -1.92 -4.12
C MET B 441 -8.65 -1.71 -4.44
N ILE B 442 -8.14 -0.51 -4.20
CA ILE B 442 -6.72 -0.25 -4.45
C ILE B 442 -6.28 0.13 -3.03
N GLY B 443 -5.42 -0.67 -2.43
CA GLY B 443 -4.95 -0.39 -1.07
C GLY B 443 -3.81 -1.28 -0.63
N ASN B 444 -3.49 -1.25 0.67
CA ASN B 444 -2.39 -2.06 1.22
C ASN B 444 -2.84 -3.46 1.63
N SER B 445 -1.93 -4.25 2.21
CA SER B 445 -2.28 -5.61 2.61
C SER B 445 -3.47 -5.79 3.53
N TYR B 446 -3.78 -4.81 4.38
CA TYR B 446 -4.92 -4.97 5.26
C TYR B 446 -6.21 -5.16 4.48
N GLY B 447 -6.19 -4.77 3.21
CA GLY B 447 -7.37 -4.93 2.39
C GLY B 447 -7.71 -6.36 2.08
N LYS B 448 -6.77 -7.30 2.26
CA LYS B 448 -7.05 -8.70 1.94
C LYS B 448 -8.18 -9.25 2.80
N PHE B 449 -8.31 -8.74 4.02
CA PHE B 449 -9.38 -9.24 4.89
C PHE B 449 -10.75 -8.80 4.39
N ILE B 450 -10.80 -7.64 3.72
CA ILE B 450 -12.05 -7.13 3.18
C ILE B 450 -12.41 -8.01 1.96
N GLN B 451 -11.42 -8.33 1.13
CA GLN B 451 -11.72 -9.17 -0.04
C GLN B 451 -12.30 -10.51 0.46
N ARG B 452 -11.63 -11.11 1.45
CA ARG B 452 -12.08 -12.38 2.04
C ARG B 452 -13.54 -12.23 2.51
N ASP B 453 -13.83 -11.14 3.21
CA ASP B 453 -15.18 -10.90 3.70
C ASP B 453 -16.21 -10.82 2.56
N THR B 454 -15.91 -10.06 1.51
CA THR B 454 -16.86 -9.97 0.41
C THR B 454 -17.03 -11.33 -0.31
N LEU B 455 -15.98 -12.14 -0.40
CA LEU B 455 -16.14 -13.43 -1.08
C LEU B 455 -17.12 -14.31 -0.29
N HIS B 456 -17.07 -14.20 1.03
CA HIS B 456 -17.96 -14.99 1.87
C HIS B 456 -19.43 -14.71 1.56
N LYS B 457 -19.75 -13.47 1.21
CA LYS B 457 -21.15 -13.17 0.89
C LYS B 457 -21.48 -13.92 -0.41
N GLY B 458 -20.53 -13.95 -1.34
CA GLY B 458 -20.71 -14.65 -2.61
C GLY B 458 -19.64 -14.28 -3.63
N LYS B 459 -19.32 -15.20 -4.55
CA LYS B 459 -18.30 -14.93 -5.57
C LYS B 459 -18.69 -13.68 -6.36
N GLU B 460 -19.99 -13.47 -6.59
CA GLU B 460 -20.41 -12.30 -7.34
C GLU B 460 -20.31 -11.01 -6.54
N PHE B 461 -20.03 -11.09 -5.25
CA PHE B 461 -19.92 -9.89 -4.43
C PHE B 461 -18.47 -9.60 -4.08
N GLU B 462 -17.57 -10.51 -4.47
CA GLU B 462 -16.16 -10.35 -4.18
C GLU B 462 -15.54 -9.12 -4.83
N VAL B 463 -14.79 -8.36 -4.06
CA VAL B 463 -14.14 -7.16 -4.55
C VAL B 463 -12.65 -7.45 -4.46
N PRO B 464 -12.00 -7.69 -5.62
CA PRO B 464 -10.58 -7.99 -5.53
C PRO B 464 -9.68 -6.83 -5.14
N LEU B 465 -8.63 -7.13 -4.38
CA LEU B 465 -7.69 -6.12 -3.94
C LEU B 465 -6.53 -5.96 -4.93
N ILE B 466 -6.15 -4.71 -5.19
CA ILE B 466 -5.04 -4.38 -6.09
C ILE B 466 -4.11 -3.68 -5.09
N ARG B 467 -2.96 -4.28 -4.84
CA ARG B 467 -1.97 -3.77 -3.90
C ARG B 467 -1.04 -2.62 -4.27
N ILE B 468 -1.38 -1.41 -3.82
CA ILE B 468 -0.59 -0.24 -4.08
C ILE B 468 -0.76 0.59 -2.81
N GLY B 469 0.37 0.88 -2.16
CA GLY B 469 0.34 1.65 -0.93
C GLY B 469 1.35 1.05 0.05
N PHE B 470 1.10 1.27 1.34
CA PHE B 470 1.96 0.79 2.41
C PHE B 470 1.11 0.48 3.66
N PRO B 471 1.39 -0.64 4.34
CA PRO B 471 2.45 -1.58 3.96
C PRO B 471 1.96 -2.74 3.07
N ILE B 472 2.88 -3.36 2.35
CA ILE B 472 2.52 -4.50 1.50
C ILE B 472 3.45 -5.57 2.06
N PHE B 473 2.85 -6.50 2.79
CA PHE B 473 3.53 -7.61 3.45
C PHE B 473 3.30 -8.98 2.89
N ASP B 474 2.26 -9.15 2.09
CA ASP B 474 1.98 -10.48 1.55
C ASP B 474 2.35 -10.78 0.09
N ARG B 475 3.20 -9.91 -0.48
CA ARG B 475 3.69 -10.07 -1.84
C ARG B 475 5.13 -9.63 -1.66
N HIS B 476 6.00 -10.14 -2.55
CA HIS B 476 7.40 -9.80 -2.47
C HIS B 476 7.91 -8.78 -3.47
N HIS B 477 8.79 -7.91 -2.96
CA HIS B 477 9.44 -6.88 -3.74
C HIS B 477 8.64 -5.80 -4.46
N LEU B 478 7.39 -5.59 -4.07
CA LEU B 478 6.62 -4.57 -4.73
C LEU B 478 7.16 -3.20 -4.25
N HIS B 479 7.99 -3.20 -3.19
CA HIS B 479 8.54 -1.94 -2.68
C HIS B 479 9.56 -1.40 -3.70
N ARG B 480 9.89 -2.18 -4.74
CA ARG B 480 10.85 -1.73 -5.76
C ARG B 480 10.11 -0.95 -6.84
N SER B 481 8.78 -0.95 -6.79
CA SER B 481 7.94 -0.23 -7.78
C SER B 481 8.04 1.28 -7.76
N THR B 482 7.34 1.91 -8.71
CA THR B 482 7.29 3.36 -8.86
C THR B 482 5.82 3.79 -9.02
N THR B 483 5.43 4.88 -8.37
CA THR B 483 4.05 5.40 -8.47
C THR B 483 4.09 6.88 -8.94
N LEU B 484 5.27 7.49 -8.90
CA LEU B 484 5.46 8.90 -9.30
C LEU B 484 5.93 9.03 -10.75
N GLY B 485 5.66 10.20 -11.36
CA GLY B 485 6.06 10.47 -12.73
C GLY B 485 5.36 9.66 -13.82
N TYR B 486 5.87 9.77 -15.05
CA TYR B 486 5.28 9.02 -16.17
C TYR B 486 5.56 7.54 -15.94
N GLU B 487 6.74 7.23 -15.41
CA GLU B 487 7.10 5.85 -15.16
C GLU B 487 6.12 5.21 -14.16
N GLY B 488 5.80 5.91 -13.08
CA GLY B 488 4.88 5.37 -12.10
C GLY B 488 3.47 5.27 -12.70
N ALA B 489 3.07 6.23 -13.53
CA ALA B 489 1.72 6.18 -14.14
C ALA B 489 1.63 4.95 -15.06
N MET B 490 2.70 4.67 -15.81
CA MET B 490 2.70 3.51 -16.71
C MET B 490 2.54 2.23 -15.88
N GLN B 491 3.27 2.14 -14.76
CA GLN B 491 3.19 0.97 -13.89
C GLN B 491 1.80 0.76 -13.29
N ILE B 492 1.20 1.84 -12.77
CA ILE B 492 -0.11 1.79 -12.18
C ILE B 492 -1.13 1.42 -13.29
N LEU B 493 -1.05 2.07 -14.43
CA LEU B 493 -1.99 1.77 -15.52
C LEU B 493 -1.93 0.28 -15.89
N THR B 494 -0.71 -0.24 -16.03
CA THR B 494 -0.52 -1.64 -16.37
C THR B 494 -1.13 -2.54 -15.30
N THR B 495 -0.87 -2.20 -14.05
CA THR B 495 -1.39 -2.99 -12.94
C THR B 495 -2.92 -2.94 -12.91
N LEU B 496 -3.53 -1.78 -13.15
CA LEU B 496 -4.97 -1.68 -13.13
C LEU B 496 -5.62 -2.44 -14.28
N VAL B 497 -5.18 -2.21 -15.50
CA VAL B 497 -5.82 -2.93 -16.57
C VAL B 497 -5.62 -4.44 -16.49
N ASN B 498 -4.44 -4.90 -16.09
CA ASN B 498 -4.24 -6.33 -16.02
C ASN B 498 -4.99 -6.97 -14.83
N SER B 499 -5.34 -6.16 -13.81
CA SER B 499 -6.09 -6.69 -12.66
C SER B 499 -7.52 -6.93 -13.20
N ILE B 500 -7.97 -6.02 -14.06
CA ILE B 500 -9.30 -6.12 -14.66
C ILE B 500 -9.37 -7.35 -15.58
N LEU B 501 -8.37 -7.51 -16.41
CA LEU B 501 -8.32 -8.62 -17.35
C LEU B 501 -8.14 -9.98 -16.63
N GLU B 502 -7.42 -10.00 -15.52
CA GLU B 502 -7.21 -11.23 -14.75
C GLU B 502 -8.55 -11.70 -14.18
N ARG B 503 -9.30 -10.77 -13.61
CA ARG B 503 -10.59 -11.07 -13.01
C ARG B 503 -11.56 -11.53 -14.12
N LEU B 504 -11.56 -10.84 -15.26
CA LEU B 504 -12.46 -11.22 -16.35
C LEU B 504 -12.12 -12.65 -16.81
N ASP B 505 -10.83 -12.98 -16.88
CA ASP B 505 -10.42 -14.32 -17.30
C ASP B 505 -10.94 -15.32 -16.25
N GLU B 506 -10.87 -14.96 -14.97
CA GLU B 506 -11.34 -15.86 -13.94
C GLU B 506 -12.84 -16.12 -14.11
N GLU B 507 -13.62 -15.06 -14.35
CA GLU B 507 -15.07 -15.20 -14.53
C GLU B 507 -15.54 -15.87 -15.82
N THR B 508 -14.64 -16.02 -16.79
CA THR B 508 -15.00 -16.64 -18.06
C THR B 508 -14.22 -17.95 -18.27
N ARG B 509 -13.70 -18.51 -17.19
CA ARG B 509 -12.93 -19.74 -17.30
C ARG B 509 -13.82 -21.00 -17.16
N GLY B 510 -15.14 -20.82 -17.00
CA GLY B 510 -16.04 -21.94 -16.85
C GLY B 510 -16.37 -22.70 -18.13
N MET B 511 -15.82 -23.90 -18.23
CA MET B 511 -16.01 -24.78 -19.40
C MET B 511 -17.46 -24.94 -19.82
N GLN B 512 -17.76 -24.52 -21.04
CA GLN B 512 -19.10 -24.60 -21.59
C GLN B 512 -20.11 -23.81 -20.78
N ALA B 513 -19.65 -22.89 -19.93
CA ALA B 513 -20.58 -22.10 -19.13
C ALA B 513 -20.35 -20.60 -19.38
N THR B 514 -19.14 -20.13 -19.08
CA THR B 514 -18.82 -18.72 -19.28
C THR B 514 -17.62 -18.59 -20.22
N ASP B 515 -17.03 -19.71 -20.66
CA ASP B 515 -15.86 -19.60 -21.54
C ASP B 515 -16.13 -19.14 -22.97
N TYR B 516 -17.37 -18.83 -23.30
CA TYR B 516 -17.65 -18.35 -24.67
C TYR B 516 -16.95 -16.98 -24.78
N ASN B 517 -16.69 -16.31 -23.64
CA ASN B 517 -16.04 -14.98 -23.64
C ASN B 517 -14.59 -15.09 -23.09
N HIS B 518 -13.98 -16.29 -23.18
CA HIS B 518 -12.61 -16.47 -22.69
C HIS B 518 -11.68 -16.19 -23.84
N ASP B 519 -11.75 -14.96 -24.34
CA ASP B 519 -10.95 -14.50 -25.47
C ASP B 519 -9.42 -14.61 -25.40
N LEU B 520 -8.82 -15.13 -26.47
CA LEU B 520 -7.38 -15.25 -26.54
C LEU B 520 -6.82 -13.81 -26.62
N VAL B 521 -7.52 -12.94 -27.36
CA VAL B 521 -7.09 -11.53 -27.53
C VAL B 521 -7.98 -10.51 -26.80
N ARG B 522 -7.35 -9.56 -26.07
CA ARG B 522 -8.11 -8.51 -25.35
C ARG B 522 -7.40 -7.16 -25.52
N MET C 3 -15.74 17.03 -47.45
CA MET C 3 -17.01 17.81 -47.59
C MET C 3 -16.93 18.61 -48.89
N SER C 4 -18.00 18.59 -49.69
CA SER C 4 -18.05 19.30 -50.97
C SER C 4 -17.54 18.31 -52.02
N ARG C 5 -18.27 18.14 -53.14
CA ARG C 5 -17.87 17.22 -54.18
C ARG C 5 -16.56 17.59 -54.83
N GLU C 6 -16.38 18.88 -55.11
CA GLU C 6 -15.15 19.36 -55.74
C GLU C 6 -13.95 19.06 -54.86
N GLU C 7 -14.09 19.39 -53.60
CA GLU C 7 -13.02 19.18 -52.64
C GLU C 7 -12.62 17.71 -52.51
N VAL C 8 -13.60 16.81 -52.59
CA VAL C 8 -13.30 15.39 -52.49
C VAL C 8 -12.59 14.89 -53.75
N GLU C 9 -13.13 15.24 -54.92
CA GLU C 9 -12.53 14.84 -56.20
C GLU C 9 -11.09 15.33 -56.21
N SER C 10 -10.89 16.54 -55.71
CA SER C 10 -9.54 17.13 -55.65
C SER C 10 -8.64 16.38 -54.69
N LEU C 11 -9.22 15.95 -53.56
CA LEU C 11 -8.45 15.21 -52.56
C LEU C 11 -7.94 13.93 -53.22
N ILE C 12 -8.83 13.22 -53.89
CA ILE C 12 -8.48 11.98 -54.58
C ILE C 12 -7.32 12.16 -55.53
N GLN C 13 -7.41 13.14 -56.43
CA GLN C 13 -6.34 13.40 -57.39
C GLN C 13 -5.04 13.78 -56.69
N GLU C 14 -5.10 14.58 -55.64
CA GLU C 14 -3.89 14.96 -54.93
C GLU C 14 -3.17 13.74 -54.37
N VAL C 15 -3.94 12.86 -53.72
CA VAL C 15 -3.39 11.64 -53.13
C VAL C 15 -2.75 10.72 -54.17
N LEU C 16 -3.42 10.55 -55.31
CA LEU C 16 -2.93 9.70 -56.38
C LEU C 16 -1.59 10.14 -57.00
N GLU C 17 -1.23 11.40 -56.86
CA GLU C 17 0.02 11.92 -57.41
C GLU C 17 1.30 11.18 -57.02
N VAL C 18 1.34 10.57 -55.84
CA VAL C 18 2.53 9.88 -55.40
C VAL C 18 2.79 8.55 -56.13
N TYR C 19 1.77 8.02 -56.77
CA TYR C 19 1.93 6.75 -57.46
C TYR C 19 2.60 6.72 -58.82
N PRO C 20 3.30 5.60 -59.13
CA PRO C 20 3.93 5.47 -60.44
C PRO C 20 2.70 5.37 -61.37
N GLU C 21 2.89 5.63 -62.65
CA GLU C 21 1.81 5.59 -63.63
C GLU C 21 0.80 4.43 -63.57
N LYS C 22 1.30 3.20 -63.66
CA LYS C 22 0.45 2.01 -63.62
C LYS C 22 -0.47 1.93 -62.38
N ALA C 23 0.11 2.14 -61.19
CA ALA C 23 -0.66 2.10 -59.96
C ALA C 23 -1.65 3.27 -59.90
N ARG C 24 -1.23 4.42 -60.40
CA ARG C 24 -2.10 5.59 -60.37
C ARG C 24 -3.39 5.42 -61.14
N LYS C 25 -3.28 4.93 -62.38
CA LYS C 25 -4.44 4.72 -63.23
C LYS C 25 -5.36 3.68 -62.64
N ASP C 26 -4.77 2.63 -62.06
CA ASP C 26 -5.57 1.58 -61.46
C ASP C 26 -6.29 2.06 -60.19
N ARG C 27 -5.56 2.68 -59.27
CA ARG C 27 -6.16 3.17 -58.01
C ARG C 27 -7.25 4.20 -58.25
N ASN C 28 -7.07 5.03 -59.26
CA ASN C 28 -8.08 6.02 -59.55
C ASN C 28 -9.46 5.40 -59.77
N LYS C 29 -9.52 4.16 -60.25
CA LYS C 29 -10.81 3.51 -60.49
C LYS C 29 -11.45 2.91 -59.25
N HIS C 30 -10.71 2.89 -58.14
CA HIS C 30 -11.22 2.33 -56.88
C HIS C 30 -11.55 3.38 -55.82
N LEU C 31 -11.51 4.65 -56.23
CA LEU C 31 -11.80 5.79 -55.35
C LEU C 31 -12.91 6.59 -56.01
N ALA C 32 -13.92 7.01 -55.25
CA ALA C 32 -15.03 7.78 -55.80
C ALA C 32 -15.78 8.63 -54.79
N VAL C 33 -16.49 9.64 -55.30
CA VAL C 33 -17.29 10.56 -54.52
C VAL C 33 -18.72 10.02 -54.67
N ASN C 34 -19.37 9.68 -53.57
CA ASN C 34 -20.73 9.16 -53.62
C ASN C 34 -21.83 9.99 -54.24
N ASP C 35 -22.74 9.29 -54.92
CA ASP C 35 -23.89 9.91 -55.56
C ASP C 35 -25.03 8.97 -55.22
N PRO C 36 -25.85 9.32 -54.22
CA PRO C 36 -26.99 8.50 -53.76
C PRO C 36 -27.94 8.08 -54.86
N ALA C 37 -27.96 8.83 -55.97
CA ALA C 37 -28.84 8.52 -57.10
C ALA C 37 -28.42 7.32 -57.93
N VAL C 38 -27.13 7.03 -57.95
CA VAL C 38 -26.59 5.89 -58.71
C VAL C 38 -27.10 4.55 -58.22
N THR C 39 -27.41 3.66 -59.16
CA THR C 39 -27.91 2.32 -58.82
C THR C 39 -26.97 1.26 -59.37
N GLN C 40 -26.20 1.65 -60.38
CA GLN C 40 -25.23 0.75 -61.02
C GLN C 40 -23.86 1.32 -60.65
N SER C 41 -23.36 0.89 -59.49
CA SER C 41 -22.08 1.33 -58.96
C SER C 41 -20.89 1.30 -59.90
N LYS C 42 -20.89 0.40 -60.88
CA LYS C 42 -19.75 0.36 -61.80
C LYS C 42 -19.52 1.67 -62.56
N LYS C 43 -20.56 2.48 -62.67
CA LYS C 43 -20.41 3.75 -63.36
C LYS C 43 -19.55 4.68 -62.55
N CYS C 44 -19.37 4.35 -61.27
CA CYS C 44 -18.55 5.18 -60.37
C CYS C 44 -17.35 4.56 -59.72
N ILE C 45 -17.37 3.26 -59.47
CA ILE C 45 -16.23 2.63 -58.82
C ILE C 45 -16.08 1.16 -59.21
N ILE C 46 -14.84 0.70 -59.33
CA ILE C 46 -14.63 -0.70 -59.69
C ILE C 46 -14.15 -1.46 -58.46
N SER C 47 -14.46 -2.75 -58.38
CA SER C 47 -14.03 -3.53 -57.23
C SER C 47 -13.73 -4.98 -57.58
N ASN C 48 -13.35 -5.74 -56.56
CA ASN C 48 -13.04 -7.17 -56.71
C ASN C 48 -11.98 -7.46 -57.82
N LYS C 49 -10.93 -6.65 -57.86
CA LYS C 49 -9.85 -6.78 -58.81
C LYS C 49 -8.64 -7.07 -57.94
N LYS C 50 -7.53 -7.48 -58.54
CA LYS C 50 -6.32 -7.78 -57.76
C LYS C 50 -5.78 -6.49 -57.13
N SER C 51 -4.94 -6.64 -56.10
CA SER C 51 -4.35 -5.48 -55.43
C SER C 51 -3.03 -5.21 -56.15
N GLN C 52 -2.63 -3.94 -56.24
CA GLN C 52 -1.38 -3.60 -56.91
C GLN C 52 -0.27 -3.95 -55.91
N PRO C 53 0.84 -4.52 -56.40
CA PRO C 53 1.97 -4.91 -55.57
C PRO C 53 2.63 -3.76 -54.79
N GLY C 54 3.11 -4.07 -53.59
CA GLY C 54 3.78 -3.10 -52.74
C GLY C 54 3.04 -1.91 -52.19
N LEU C 55 1.72 -1.85 -52.35
CA LEU C 55 0.98 -0.71 -51.83
C LEU C 55 0.37 -0.83 -50.42
N MET C 56 0.60 -1.95 -49.76
CA MET C 56 0.09 -2.21 -48.42
C MET C 56 -1.43 -2.37 -48.34
N THR C 57 -1.98 -3.27 -49.14
CA THR C 57 -3.42 -3.50 -49.12
C THR C 57 -3.70 -4.05 -47.70
N ILE C 58 -4.93 -3.94 -47.24
CA ILE C 58 -5.34 -4.41 -45.92
C ILE C 58 -5.94 -5.80 -46.01
N ARG C 59 -6.13 -6.24 -47.25
CA ARG C 59 -6.69 -7.56 -47.57
C ARG C 59 -5.96 -8.80 -47.09
N GLY C 60 -6.74 -9.86 -46.94
CA GLY C 60 -6.20 -11.16 -46.50
C GLY C 60 -6.25 -12.10 -47.71
N CYS C 61 -6.29 -13.41 -47.47
CA CYS C 61 -6.33 -14.36 -48.58
C CYS C 61 -7.57 -15.25 -48.55
N ALA C 62 -7.67 -16.16 -49.52
CA ALA C 62 -8.80 -17.09 -49.64
C ALA C 62 -8.88 -18.04 -48.46
N TYR C 63 -7.71 -18.40 -47.91
CA TYR C 63 -7.68 -19.31 -46.79
C TYR C 63 -8.38 -18.60 -45.63
N ALA C 64 -8.10 -17.30 -45.46
CA ALA C 64 -8.74 -16.55 -44.38
C ALA C 64 -10.25 -16.54 -44.61
N GLY C 65 -10.67 -16.36 -45.87
CA GLY C 65 -12.09 -16.34 -46.19
C GLY C 65 -12.77 -17.69 -46.04
N SER C 66 -12.03 -18.79 -46.16
CA SER C 66 -12.64 -20.10 -46.04
C SER C 66 -12.47 -20.68 -44.63
N LYS C 67 -11.24 -20.81 -44.18
CA LYS C 67 -10.96 -21.36 -42.86
C LYS C 67 -11.35 -20.40 -41.73
N GLY C 68 -10.84 -19.18 -41.81
CA GLY C 68 -11.13 -18.20 -40.78
C GLY C 68 -12.55 -17.71 -40.69
N VAL C 69 -13.20 -17.56 -41.83
CA VAL C 69 -14.58 -17.07 -41.87
C VAL C 69 -15.74 -18.04 -41.91
N VAL C 70 -15.81 -18.81 -42.99
CA VAL C 70 -16.89 -19.78 -43.15
C VAL C 70 -16.82 -21.10 -42.39
N TRP C 71 -15.73 -21.84 -42.54
CA TRP C 71 -15.61 -23.11 -41.85
C TRP C 71 -15.14 -23.08 -40.38
N GLY C 72 -14.15 -22.24 -40.08
CA GLY C 72 -13.66 -22.16 -38.70
C GLY C 72 -14.71 -22.22 -37.59
N PRO C 73 -15.81 -21.46 -37.72
CA PRO C 73 -16.91 -21.41 -36.72
C PRO C 73 -17.73 -22.68 -36.47
N ILE C 74 -17.80 -23.58 -37.42
CA ILE C 74 -18.58 -24.81 -37.23
C ILE C 74 -17.89 -25.49 -36.06
N LYS C 75 -18.57 -25.47 -34.92
CA LYS C 75 -18.04 -26.03 -33.71
C LYS C 75 -17.78 -27.48 -33.46
N ASP C 76 -18.60 -28.37 -34.01
CA ASP C 76 -18.35 -29.78 -33.75
C ASP C 76 -17.58 -30.55 -34.81
N MET C 77 -16.89 -29.81 -35.68
CA MET C 77 -16.07 -30.38 -36.76
C MET C 77 -14.63 -29.96 -36.45
N ILE C 78 -13.66 -30.70 -36.99
CA ILE C 78 -12.27 -30.39 -36.77
C ILE C 78 -11.79 -29.91 -38.13
N HIS C 79 -11.22 -28.71 -38.16
CA HIS C 79 -10.71 -28.11 -39.38
C HIS C 79 -9.19 -28.13 -39.38
N ILE C 80 -8.63 -28.77 -40.40
CA ILE C 80 -7.19 -28.88 -40.53
C ILE C 80 -6.60 -27.82 -41.41
N SER C 81 -5.67 -27.04 -40.87
CA SER C 81 -5.03 -26.00 -41.67
C SER C 81 -3.92 -26.85 -42.33
N HIS C 82 -4.18 -27.30 -43.56
CA HIS C 82 -3.26 -28.15 -44.34
C HIS C 82 -2.11 -27.44 -45.09
N GLY C 83 -0.89 -27.62 -44.57
CA GLY C 83 0.27 -27.00 -45.17
C GLY C 83 1.26 -26.65 -44.07
N PRO C 84 2.12 -25.65 -44.28
CA PRO C 84 3.10 -25.26 -43.25
C PRO C 84 2.39 -24.64 -42.00
N VAL C 85 3.13 -24.51 -40.90
CA VAL C 85 2.63 -23.99 -39.64
C VAL C 85 2.09 -22.56 -39.53
N GLY C 86 2.51 -21.68 -40.42
CA GLY C 86 2.06 -20.30 -40.37
C GLY C 86 0.58 -19.94 -40.31
N CYS C 87 -0.12 -20.18 -41.41
CA CYS C 87 -1.55 -19.86 -41.54
C CYS C 87 -2.44 -20.19 -40.33
N GLY C 88 -2.38 -21.44 -39.87
CA GLY C 88 -3.18 -21.84 -38.73
C GLY C 88 -2.84 -21.12 -37.42
N GLN C 89 -1.56 -20.82 -37.22
CA GLN C 89 -1.15 -20.14 -35.99
C GLN C 89 -1.60 -18.68 -35.95
N TYR C 90 -1.42 -17.93 -37.03
CA TYR C 90 -1.84 -16.53 -37.02
C TYR C 90 -3.34 -16.42 -36.93
N SER C 91 -4.07 -17.39 -37.46
CA SER C 91 -5.54 -17.32 -37.40
C SER C 91 -6.16 -18.07 -36.22
N ARG C 92 -5.35 -18.59 -35.30
CA ARG C 92 -5.92 -19.31 -34.16
C ARG C 92 -6.58 -18.37 -33.17
N ALA C 93 -7.89 -18.51 -33.01
CA ALA C 93 -8.68 -17.69 -32.08
C ALA C 93 -8.59 -16.18 -32.28
N GLY C 94 -8.32 -15.75 -33.51
CA GLY C 94 -8.23 -14.33 -33.75
C GLY C 94 -9.58 -13.71 -34.02
N ARG C 95 -10.53 -14.54 -34.45
CA ARG C 95 -11.86 -14.08 -34.77
C ARG C 95 -12.80 -14.60 -33.72
N ARG C 96 -13.57 -13.67 -33.15
CA ARG C 96 -14.51 -13.98 -32.10
C ARG C 96 -15.85 -14.61 -32.46
N ASN C 97 -15.80 -15.71 -33.22
CA ASN C 97 -17.00 -16.43 -33.64
C ASN C 97 -17.36 -17.36 -32.46
N TYR C 98 -18.18 -16.81 -31.57
CA TYR C 98 -18.64 -17.46 -30.36
C TYR C 98 -19.46 -18.73 -30.49
N TYR C 99 -19.35 -19.59 -29.48
CA TYR C 99 -20.07 -20.85 -29.49
C TYR C 99 -20.12 -21.44 -28.10
N ILE C 100 -21.05 -22.39 -27.90
CA ILE C 100 -21.21 -23.08 -26.63
C ILE C 100 -20.66 -24.53 -26.86
N GLY C 101 -19.74 -25.00 -26.02
CA GLY C 101 -19.20 -26.35 -26.21
C GLY C 101 -18.11 -26.68 -25.20
N THR C 102 -17.60 -27.92 -25.24
CA THR C 102 -16.53 -28.38 -24.35
C THR C 102 -15.39 -28.57 -25.31
N THR C 103 -14.57 -27.52 -25.43
CA THR C 103 -13.44 -27.50 -26.33
C THR C 103 -12.37 -28.57 -26.09
N GLY C 104 -12.03 -29.25 -27.19
CA GLY C 104 -11.04 -30.30 -27.12
C GLY C 104 -11.76 -31.64 -26.92
N VAL C 105 -13.08 -31.59 -26.65
CA VAL C 105 -13.87 -32.80 -26.43
C VAL C 105 -14.96 -32.90 -27.49
N ASN C 106 -15.98 -32.04 -27.48
CA ASN C 106 -17.03 -32.14 -28.52
C ASN C 106 -17.06 -30.91 -29.45
N ALA C 107 -16.27 -29.88 -29.14
CA ALA C 107 -16.17 -28.63 -29.90
C ALA C 107 -14.68 -28.33 -30.11
N PHE C 108 -14.31 -27.64 -31.19
CA PHE C 108 -12.88 -27.39 -31.40
C PHE C 108 -12.46 -26.08 -32.00
N VAL C 109 -13.36 -25.11 -31.99
CA VAL C 109 -13.10 -23.80 -32.55
C VAL C 109 -11.81 -23.06 -32.26
N THR C 110 -11.46 -22.95 -30.99
CA THR C 110 -10.25 -22.24 -30.62
C THR C 110 -8.93 -23.00 -30.83
N MET C 111 -9.01 -24.27 -31.15
CA MET C 111 -7.79 -25.04 -31.36
C MET C 111 -7.19 -24.88 -32.76
N ASN C 112 -5.90 -25.17 -32.89
CA ASN C 112 -5.23 -25.06 -34.19
C ASN C 112 -4.72 -26.46 -34.59
N PHE C 113 -5.42 -27.10 -35.51
CA PHE C 113 -5.06 -28.43 -36.00
C PHE C 113 -4.30 -28.16 -37.30
N THR C 114 -3.14 -28.78 -37.47
CA THR C 114 -2.40 -28.52 -38.69
C THR C 114 -1.51 -29.71 -39.07
N SER C 115 -1.16 -29.80 -40.36
CA SER C 115 -0.29 -30.89 -40.83
C SER C 115 1.19 -30.45 -40.78
N ASP C 116 1.43 -29.21 -40.33
CA ASP C 116 2.77 -28.61 -40.17
C ASP C 116 3.82 -29.10 -41.19
N PHE C 117 3.61 -28.77 -42.47
CA PHE C 117 4.54 -29.17 -43.52
C PHE C 117 5.99 -28.81 -43.28
N GLN C 118 6.86 -29.80 -43.50
CA GLN C 118 8.31 -29.68 -43.34
C GLN C 118 8.81 -29.84 -44.79
N GLU C 119 10.09 -29.57 -45.02
CA GLU C 119 10.62 -29.69 -46.38
C GLU C 119 10.34 -31.04 -47.07
N LYS C 120 10.44 -32.15 -46.34
CA LYS C 120 10.18 -33.43 -46.97
C LYS C 120 8.74 -33.56 -47.45
N ASP C 121 7.83 -32.82 -46.84
CA ASP C 121 6.41 -32.88 -47.24
C ASP C 121 6.21 -32.13 -48.56
N ILE C 122 7.06 -31.13 -48.82
CA ILE C 122 6.98 -30.36 -50.04
C ILE C 122 7.55 -31.23 -51.19
N VAL C 123 8.68 -31.88 -50.91
CA VAL C 123 9.34 -32.75 -51.89
C VAL C 123 8.48 -33.96 -52.31
N PHE C 124 8.01 -34.75 -51.34
CA PHE C 124 7.19 -35.93 -51.61
C PHE C 124 5.69 -35.73 -51.63
N GLY C 125 5.18 -34.59 -51.23
CA GLY C 125 3.74 -34.37 -51.24
C GLY C 125 3.16 -34.73 -49.87
N GLY C 126 2.00 -34.19 -49.52
CA GLY C 126 1.46 -34.53 -48.20
C GLY C 126 0.22 -35.40 -48.11
N ASP C 127 -0.11 -36.13 -49.18
CA ASP C 127 -1.30 -36.98 -49.13
C ASP C 127 -1.21 -38.13 -48.15
N LYS C 128 -0.04 -38.74 -48.00
CA LYS C 128 0.08 -39.83 -47.04
C LYS C 128 0.03 -39.25 -45.62
N LYS C 129 0.64 -38.09 -45.44
CA LYS C 129 0.65 -37.43 -44.13
C LYS C 129 -0.80 -37.13 -43.78
N LEU C 130 -1.56 -36.60 -44.75
CA LEU C 130 -2.96 -36.26 -44.52
C LEU C 130 -3.78 -37.47 -44.05
N ALA C 131 -3.60 -38.60 -44.73
CA ALA C 131 -4.30 -39.83 -44.41
C ALA C 131 -3.95 -40.25 -42.98
N LYS C 132 -2.67 -40.21 -42.63
CA LYS C 132 -2.25 -40.60 -41.27
C LYS C 132 -2.78 -39.59 -40.24
N LEU C 133 -2.77 -38.31 -40.60
CA LEU C 133 -3.26 -37.25 -39.70
C LEU C 133 -4.73 -37.54 -39.36
N ILE C 134 -5.52 -37.88 -40.38
CA ILE C 134 -6.94 -38.18 -40.18
C ILE C 134 -7.17 -39.33 -39.17
N ASP C 135 -6.36 -40.37 -39.23
CA ASP C 135 -6.52 -41.49 -38.30
C ASP C 135 -6.18 -41.00 -36.88
N GLU C 136 -5.17 -40.12 -36.79
CA GLU C 136 -4.75 -39.58 -35.50
C GLU C 136 -5.85 -38.70 -34.89
N VAL C 137 -6.53 -37.92 -35.74
CA VAL C 137 -7.60 -37.03 -35.29
C VAL C 137 -8.74 -37.89 -34.75
N GLU C 138 -9.04 -38.94 -35.50
CA GLU C 138 -10.10 -39.88 -35.14
C GLU C 138 -9.81 -40.57 -33.80
N THR C 139 -8.54 -40.90 -33.58
CA THR C 139 -8.13 -41.55 -32.34
C THR C 139 -8.17 -40.63 -31.11
N LEU C 140 -7.64 -39.43 -31.24
CA LEU C 140 -7.60 -38.46 -30.14
C LEU C 140 -8.81 -37.53 -29.93
N PHE C 141 -9.70 -37.43 -30.92
CA PHE C 141 -10.88 -36.58 -30.85
C PHE C 141 -12.06 -37.35 -31.42
N PRO C 142 -12.41 -38.48 -30.77
CA PRO C 142 -13.50 -39.36 -31.18
C PRO C 142 -14.87 -38.73 -31.28
N LEU C 143 -15.11 -37.63 -30.57
CA LEU C 143 -16.42 -37.00 -30.65
C LEU C 143 -16.54 -35.99 -31.77
N ASN C 144 -15.49 -35.80 -32.59
CA ASN C 144 -15.64 -34.83 -33.67
C ASN C 144 -16.71 -35.40 -34.60
N LYS C 145 -17.51 -34.53 -35.22
CA LYS C 145 -18.58 -35.00 -36.11
C LYS C 145 -18.31 -34.74 -37.59
N GLY C 146 -17.05 -34.52 -37.95
CA GLY C 146 -16.72 -34.26 -39.33
C GLY C 146 -15.39 -33.53 -39.37
N ILE C 147 -14.67 -33.68 -40.47
CA ILE C 147 -13.38 -33.04 -40.64
C ILE C 147 -13.32 -32.24 -41.93
N SER C 148 -12.63 -31.10 -41.92
CA SER C 148 -12.52 -30.30 -43.12
C SER C 148 -11.01 -30.14 -43.33
N VAL C 149 -10.60 -30.02 -44.59
CA VAL C 149 -9.19 -29.86 -44.94
C VAL C 149 -9.03 -28.51 -45.63
N GLN C 150 -8.49 -27.54 -44.92
CA GLN C 150 -8.29 -26.19 -45.45
C GLN C 150 -6.92 -26.05 -46.05
N SER C 151 -6.86 -26.13 -47.37
CA SER C 151 -5.60 -26.02 -48.08
C SER C 151 -4.88 -24.69 -48.02
N GLU C 152 -3.59 -24.74 -47.71
CA GLU C 152 -2.81 -23.52 -47.65
C GLU C 152 -2.09 -23.49 -49.01
N CYS C 153 -1.42 -22.37 -49.33
CA CYS C 153 -0.71 -22.22 -50.60
C CYS C 153 0.01 -23.42 -51.24
N PRO C 154 0.86 -24.14 -50.51
CA PRO C 154 1.56 -25.25 -51.16
C PRO C 154 0.79 -26.46 -51.71
N ILE C 155 -0.36 -26.77 -51.12
CA ILE C 155 -1.17 -27.92 -51.56
C ILE C 155 -1.39 -27.99 -53.08
N GLY C 156 -1.94 -26.95 -53.67
CA GLY C 156 -2.17 -26.96 -55.10
C GLY C 156 -0.91 -26.84 -55.92
N LEU C 157 0.08 -26.13 -55.39
CA LEU C 157 1.33 -25.94 -56.09
C LEU C 157 2.14 -27.23 -56.22
N ILE C 158 2.02 -28.16 -55.28
CA ILE C 158 2.80 -29.39 -55.41
C ILE C 158 1.99 -30.55 -56.01
N GLY C 159 0.74 -30.28 -56.36
CA GLY C 159 -0.11 -31.30 -56.96
C GLY C 159 -0.71 -32.37 -56.07
N ASP C 160 -0.89 -32.08 -54.78
CA ASP C 160 -1.48 -33.10 -53.91
C ASP C 160 -2.93 -33.34 -54.34
N ASP C 161 -3.45 -34.52 -54.02
CA ASP C 161 -4.83 -34.83 -54.38
C ASP C 161 -5.62 -35.01 -53.08
N ILE C 162 -6.01 -33.91 -52.44
CA ILE C 162 -6.76 -34.05 -51.18
C ILE C 162 -8.18 -34.57 -51.35
N GLU C 163 -8.75 -34.43 -52.56
CA GLU C 163 -10.11 -34.91 -52.84
C GLU C 163 -10.12 -36.44 -52.73
N SER C 164 -9.13 -37.10 -53.32
CA SER C 164 -9.06 -38.57 -53.26
C SER C 164 -8.91 -39.02 -51.81
N VAL C 165 -7.98 -38.40 -51.10
CA VAL C 165 -7.75 -38.76 -49.70
C VAL C 165 -9.06 -38.64 -48.91
N SER C 166 -9.80 -37.56 -49.12
CA SER C 166 -11.06 -37.35 -48.40
C SER C 166 -12.09 -38.40 -48.74
N LYS C 167 -12.15 -38.78 -50.01
CA LYS C 167 -13.10 -39.79 -50.44
C LYS C 167 -12.75 -41.13 -49.84
N VAL C 168 -11.48 -41.52 -49.96
CA VAL C 168 -11.01 -42.80 -49.43
C VAL C 168 -11.14 -42.91 -47.91
N LYS C 169 -10.63 -41.91 -47.19
CA LYS C 169 -10.71 -41.94 -45.73
C LYS C 169 -12.15 -41.75 -45.27
N GLY C 170 -12.92 -40.99 -46.03
CA GLY C 170 -14.31 -40.77 -45.66
C GLY C 170 -15.10 -42.07 -45.69
N ALA C 171 -14.92 -42.86 -46.75
CA ALA C 171 -15.63 -44.13 -46.87
C ALA C 171 -15.07 -45.08 -45.84
N GLU C 172 -13.76 -45.12 -45.71
CA GLU C 172 -13.16 -46.01 -44.75
C GLU C 172 -13.66 -45.77 -43.34
N LEU C 173 -13.74 -44.50 -42.93
CA LEU C 173 -14.20 -44.20 -41.59
C LEU C 173 -15.67 -43.84 -41.44
N SER C 174 -16.42 -43.83 -42.54
CA SER C 174 -17.83 -43.47 -42.49
C SER C 174 -17.90 -42.11 -41.81
N LYS C 175 -17.10 -41.17 -42.31
CA LYS C 175 -17.06 -39.84 -41.75
C LYS C 175 -17.04 -38.80 -42.84
N THR C 176 -17.68 -37.67 -42.57
CA THR C 176 -17.72 -36.57 -43.53
C THR C 176 -16.37 -35.87 -43.48
N ILE C 177 -15.66 -35.86 -44.60
CA ILE C 177 -14.35 -35.23 -44.70
C ILE C 177 -14.41 -34.32 -45.92
N VAL C 178 -14.34 -33.04 -45.67
CA VAL C 178 -14.40 -32.03 -46.72
C VAL C 178 -13.09 -31.40 -47.19
N PRO C 179 -12.75 -31.62 -48.48
CA PRO C 179 -11.52 -31.05 -49.01
C PRO C 179 -11.87 -29.64 -49.51
N VAL C 180 -11.11 -28.63 -49.09
CA VAL C 180 -11.42 -27.27 -49.53
C VAL C 180 -10.18 -26.68 -50.16
N ARG C 181 -10.29 -26.32 -51.44
CA ARG C 181 -9.16 -25.73 -52.16
C ARG C 181 -9.15 -24.22 -51.98
N CYS C 182 -8.86 -23.79 -50.76
CA CYS C 182 -8.82 -22.36 -50.49
C CYS C 182 -7.38 -21.84 -50.42
N GLU C 183 -6.47 -22.41 -51.20
CA GLU C 183 -5.08 -21.97 -51.19
C GLU C 183 -5.07 -20.46 -51.35
N GLY C 184 -4.21 -19.80 -50.57
CA GLY C 184 -4.10 -18.35 -50.62
C GLY C 184 -3.79 -17.65 -51.93
N PHE C 185 -3.21 -18.36 -52.89
CA PHE C 185 -2.90 -17.72 -54.16
C PHE C 185 -4.13 -17.63 -55.06
N ARG C 186 -5.23 -18.29 -54.68
CA ARG C 186 -6.43 -18.23 -55.51
C ARG C 186 -7.21 -16.94 -55.23
N GLY C 187 -7.87 -16.38 -56.24
CA GLY C 187 -8.63 -15.15 -56.02
C GLY C 187 -7.76 -13.92 -55.80
N VAL C 188 -8.31 -12.89 -55.19
CA VAL C 188 -7.54 -11.67 -54.95
C VAL C 188 -7.73 -11.16 -53.52
N SER C 189 -8.49 -11.92 -52.73
CA SER C 189 -8.76 -11.52 -51.36
C SER C 189 -9.49 -12.63 -50.63
N GLN C 190 -10.11 -12.28 -49.49
CA GLN C 190 -10.87 -13.25 -48.69
C GLN C 190 -12.12 -13.71 -49.45
N SER C 191 -12.64 -12.86 -50.34
CA SER C 191 -13.85 -13.18 -51.10
C SER C 191 -13.93 -14.52 -51.80
N LEU C 192 -12.96 -14.83 -52.65
CA LEU C 192 -13.04 -16.13 -53.34
C LEU C 192 -13.10 -17.28 -52.33
N GLY C 193 -12.48 -17.06 -51.16
CA GLY C 193 -12.47 -18.09 -50.12
C GLY C 193 -13.90 -18.41 -49.69
N HIS C 194 -14.75 -17.38 -49.62
CA HIS C 194 -16.16 -17.55 -49.23
C HIS C 194 -16.85 -18.46 -50.26
N HIS C 195 -16.73 -18.06 -51.52
CA HIS C 195 -17.32 -18.79 -52.64
C HIS C 195 -16.78 -20.23 -52.64
N ILE C 196 -15.46 -20.38 -52.61
CA ILE C 196 -14.90 -21.74 -52.60
C ILE C 196 -15.48 -22.55 -51.42
N ALA C 197 -15.65 -21.90 -50.26
CA ALA C 197 -16.19 -22.57 -49.07
C ALA C 197 -17.66 -22.96 -49.23
N ASN C 198 -18.47 -22.04 -49.77
CA ASN C 198 -19.90 -22.31 -49.98
C ASN C 198 -20.02 -23.52 -50.91
N ASP C 199 -19.25 -23.55 -51.99
CA ASP C 199 -19.30 -24.67 -52.93
C ASP C 199 -18.89 -25.98 -52.25
N ALA C 200 -17.96 -25.91 -51.30
CA ALA C 200 -17.52 -27.12 -50.60
C ALA C 200 -18.65 -27.67 -49.71
N VAL C 201 -19.40 -26.77 -49.08
CA VAL C 201 -20.51 -27.18 -48.21
C VAL C 201 -21.54 -27.86 -49.13
N ARG C 202 -21.87 -27.15 -50.20
CA ARG C 202 -22.83 -27.67 -51.17
C ARG C 202 -22.46 -29.07 -51.64
N ASP C 203 -21.25 -29.23 -52.16
CA ASP C 203 -20.79 -30.53 -52.67
C ASP C 203 -20.51 -31.67 -51.71
N TRP C 204 -20.13 -31.38 -50.48
CA TRP C 204 -19.82 -32.47 -49.55
C TRP C 204 -20.65 -32.60 -48.30
N VAL C 205 -21.48 -31.61 -48.00
CA VAL C 205 -22.29 -31.68 -46.78
C VAL C 205 -23.80 -31.50 -46.90
N LEU C 206 -24.22 -30.39 -47.52
CA LEU C 206 -25.63 -30.05 -47.69
C LEU C 206 -26.63 -31.10 -48.19
N GLY C 207 -26.25 -31.99 -49.08
CA GLY C 207 -27.23 -32.96 -49.55
C GLY C 207 -27.28 -34.25 -48.77
N LYS C 208 -26.59 -34.32 -47.64
CA LYS C 208 -26.59 -35.55 -46.87
C LYS C 208 -27.95 -36.04 -46.45
N ARG C 209 -28.88 -35.14 -46.19
CA ARG C 209 -30.21 -35.56 -45.78
C ARG C 209 -31.29 -35.36 -46.83
N ASP C 210 -30.88 -35.29 -48.10
CA ASP C 210 -31.84 -35.11 -49.19
C ASP C 210 -32.95 -36.17 -49.22
N GLU C 211 -32.65 -37.39 -48.80
CA GLU C 211 -33.63 -38.48 -48.80
C GLU C 211 -34.17 -38.79 -47.41
N ASP C 212 -33.77 -38.02 -46.41
CA ASP C 212 -34.22 -38.24 -45.04
C ASP C 212 -35.45 -37.40 -44.73
N THR C 213 -36.51 -38.04 -44.25
CA THR C 213 -37.74 -37.31 -43.91
C THR C 213 -38.04 -37.36 -42.41
N THR C 214 -37.07 -37.74 -41.58
CA THR C 214 -37.33 -37.79 -40.15
C THR C 214 -37.47 -36.42 -39.45
N PHE C 215 -37.02 -35.34 -40.10
CA PHE C 215 -37.14 -34.02 -39.48
C PHE C 215 -38.55 -33.44 -39.55
N ALA C 216 -39.14 -33.18 -38.39
CA ALA C 216 -40.49 -32.61 -38.34
C ALA C 216 -40.33 -31.11 -38.53
N SER C 217 -40.84 -30.61 -39.64
CA SER C 217 -40.76 -29.19 -39.95
C SER C 217 -42.05 -28.45 -39.63
N THR C 218 -41.95 -27.14 -39.46
CA THR C 218 -43.11 -26.35 -39.15
C THR C 218 -43.09 -25.27 -40.19
N PRO C 219 -44.21 -24.56 -40.33
CA PRO C 219 -44.25 -23.48 -41.32
C PRO C 219 -43.46 -22.22 -40.89
N TYR C 220 -42.91 -22.20 -39.68
CA TYR C 220 -42.15 -21.05 -39.23
C TYR C 220 -40.65 -21.27 -39.12
N ASP C 221 -40.17 -22.32 -39.79
CA ASP C 221 -38.77 -22.68 -39.79
C ASP C 221 -37.92 -21.80 -40.69
N VAL C 222 -36.89 -21.18 -40.10
CA VAL C 222 -35.99 -20.30 -40.85
C VAL C 222 -34.54 -20.67 -40.48
N ALA C 223 -33.59 -20.11 -41.20
CA ALA C 223 -32.18 -20.35 -40.93
C ALA C 223 -31.52 -19.01 -40.99
N ILE C 224 -30.56 -18.77 -40.10
CA ILE C 224 -29.86 -17.51 -40.09
C ILE C 224 -28.64 -17.78 -40.97
N ILE C 225 -28.60 -17.15 -42.14
CA ILE C 225 -27.50 -17.33 -43.07
C ILE C 225 -26.52 -16.14 -43.09
N GLY C 226 -25.26 -16.41 -42.79
CA GLY C 226 -24.30 -15.31 -42.80
C GLY C 226 -24.14 -14.44 -41.56
N ASP C 227 -24.11 -15.06 -40.38
CA ASP C 227 -23.92 -14.34 -39.12
C ASP C 227 -22.94 -15.23 -38.38
N TYR C 228 -21.73 -14.74 -38.18
CA TYR C 228 -20.73 -15.53 -37.51
C TYR C 228 -20.65 -15.40 -35.99
N ASN C 229 -21.72 -14.85 -35.44
CA ASN C 229 -21.85 -14.66 -33.99
C ASN C 229 -20.67 -13.96 -33.32
N ILE C 230 -20.18 -12.86 -33.91
CA ILE C 230 -19.04 -12.13 -33.36
C ILE C 230 -19.48 -11.51 -32.01
N GLY C 231 -18.80 -11.94 -30.94
CA GLY C 231 -19.14 -11.43 -29.62
C GLY C 231 -20.57 -11.78 -29.22
N GLY C 232 -21.14 -12.81 -29.87
CA GLY C 232 -22.51 -13.23 -29.58
C GLY C 232 -23.61 -12.62 -30.46
N ASP C 233 -23.20 -11.92 -31.52
CA ASP C 233 -24.13 -11.28 -32.47
C ASP C 233 -25.31 -12.14 -32.93
N ALA C 234 -25.06 -13.39 -33.27
CA ALA C 234 -26.13 -14.27 -33.72
C ALA C 234 -27.13 -14.60 -32.62
N TRP C 235 -26.65 -14.83 -31.41
CA TRP C 235 -27.56 -15.15 -30.31
C TRP C 235 -28.49 -13.98 -30.01
N SER C 236 -27.99 -12.75 -30.10
CA SER C 236 -28.85 -11.61 -29.81
C SER C 236 -29.78 -11.26 -31.00
N SER C 237 -29.62 -12.02 -32.08
CA SER C 237 -30.42 -11.87 -33.30
C SER C 237 -31.48 -12.98 -33.18
N ARG C 238 -31.01 -14.20 -32.92
CA ARG C 238 -31.85 -15.39 -32.77
C ARG C 238 -32.97 -15.20 -31.75
N ILE C 239 -32.64 -14.59 -30.60
CA ILE C 239 -33.63 -14.36 -29.57
C ILE C 239 -34.86 -13.56 -30.09
N LEU C 240 -34.62 -12.51 -30.90
CA LEU C 240 -35.73 -11.69 -31.44
C LEU C 240 -36.61 -12.48 -32.45
N LEU C 241 -35.96 -13.22 -33.36
CA LEU C 241 -36.67 -14.00 -34.36
C LEU C 241 -37.58 -15.03 -33.69
N GLU C 242 -37.10 -15.67 -32.61
CA GLU C 242 -37.90 -16.65 -31.92
C GLU C 242 -38.96 -16.00 -31.02
N GLU C 243 -38.68 -14.81 -30.53
CA GLU C 243 -39.70 -14.14 -29.70
C GLU C 243 -40.84 -13.79 -30.68
N MET C 244 -40.50 -13.65 -31.96
CA MET C 244 -41.47 -13.32 -33.00
C MET C 244 -42.26 -14.56 -33.43
N GLY C 245 -41.94 -15.71 -32.86
CA GLY C 245 -42.64 -16.94 -33.21
C GLY C 245 -42.04 -17.82 -34.26
N LEU C 246 -40.88 -17.43 -34.79
CA LEU C 246 -40.23 -18.25 -35.81
C LEU C 246 -39.35 -19.30 -35.11
N ARG C 247 -38.93 -20.32 -35.84
CA ARG C 247 -38.09 -21.36 -35.27
C ARG C 247 -36.77 -21.39 -36.03
N CYS C 248 -35.68 -21.00 -35.38
CA CYS C 248 -34.36 -21.00 -36.05
C CYS C 248 -33.70 -22.36 -36.03
N VAL C 249 -33.83 -23.04 -37.16
CA VAL C 249 -33.28 -24.37 -37.34
C VAL C 249 -31.77 -24.38 -37.43
N ALA C 250 -31.20 -23.37 -38.07
CA ALA C 250 -29.75 -23.29 -38.22
C ALA C 250 -29.15 -21.90 -38.20
N GLN C 251 -27.86 -21.85 -37.87
CA GLN C 251 -27.08 -20.61 -37.80
C GLN C 251 -25.83 -20.85 -38.65
N TRP C 252 -25.65 -20.09 -39.74
CA TRP C 252 -24.47 -20.27 -40.60
C TRP C 252 -23.52 -19.08 -40.49
N SER C 253 -22.38 -19.24 -39.81
CA SER C 253 -21.95 -20.48 -39.15
C SER C 253 -21.55 -20.25 -37.68
N GLY C 254 -21.85 -19.05 -37.16
CA GLY C 254 -21.52 -18.70 -35.78
C GLY C 254 -22.25 -19.63 -34.85
N ASP C 255 -21.52 -20.34 -34.00
CA ASP C 255 -22.08 -21.32 -33.05
C ASP C 255 -22.83 -22.43 -33.80
N GLY C 256 -22.46 -22.64 -35.06
CA GLY C 256 -23.12 -23.65 -35.87
C GLY C 256 -22.61 -25.07 -35.74
N SER C 257 -23.52 -26.02 -35.93
CA SER C 257 -23.15 -27.43 -35.84
C SER C 257 -23.30 -28.04 -37.26
N ILE C 258 -22.60 -29.13 -37.55
CA ILE C 258 -22.74 -29.73 -38.86
C ILE C 258 -24.21 -30.20 -39.03
N SER C 259 -24.85 -30.70 -37.98
CA SER C 259 -26.23 -31.15 -38.13
C SER C 259 -27.18 -30.01 -38.53
N GLU C 260 -27.03 -28.82 -37.96
CA GLU C 260 -27.92 -27.70 -38.32
C GLU C 260 -27.77 -27.38 -39.80
N ILE C 261 -26.54 -27.47 -40.29
CA ILE C 261 -26.27 -27.18 -41.69
C ILE C 261 -26.97 -28.21 -42.55
N GLU C 262 -26.85 -29.48 -42.19
CA GLU C 262 -27.47 -30.56 -42.94
C GLU C 262 -29.01 -30.51 -42.90
N LEU C 263 -29.54 -29.82 -41.89
CA LEU C 263 -30.97 -29.66 -41.70
C LEU C 263 -31.54 -28.45 -42.40
N THR C 264 -30.68 -27.50 -42.76
CA THR C 264 -31.12 -26.28 -43.42
C THR C 264 -32.03 -26.45 -44.66
N PRO C 265 -31.74 -27.46 -45.53
CA PRO C 265 -32.61 -27.65 -46.70
C PRO C 265 -34.08 -27.90 -46.31
N LYS C 266 -34.40 -28.08 -45.03
CA LYS C 266 -35.79 -28.32 -44.63
C LYS C 266 -36.51 -27.03 -44.17
N VAL C 267 -35.82 -25.89 -44.14
CA VAL C 267 -36.45 -24.65 -43.70
C VAL C 267 -37.37 -24.02 -44.74
N LYS C 268 -38.17 -23.04 -44.32
CA LYS C 268 -39.09 -22.37 -45.23
C LYS C 268 -38.55 -21.07 -45.77
N LEU C 269 -37.52 -20.52 -45.12
CA LEU C 269 -36.97 -19.24 -45.57
C LEU C 269 -35.58 -19.08 -45.01
N ASN C 270 -34.68 -18.63 -45.86
CA ASN C 270 -33.29 -18.41 -45.47
C ASN C 270 -33.17 -16.93 -45.26
N LEU C 271 -32.75 -16.54 -44.04
CA LEU C 271 -32.57 -15.13 -43.71
C LEU C 271 -31.10 -14.77 -43.86
N VAL C 272 -30.78 -14.01 -44.90
CA VAL C 272 -29.41 -13.60 -45.16
C VAL C 272 -28.95 -12.27 -44.58
N HIS C 273 -27.94 -12.32 -43.72
CA HIS C 273 -27.41 -11.09 -43.10
C HIS C 273 -26.20 -10.76 -43.94
N CYS C 274 -25.17 -11.62 -43.89
CA CYS C 274 -24.00 -11.33 -44.70
C CYS C 274 -24.19 -11.82 -46.16
N TYR C 275 -24.66 -10.91 -47.00
CA TYR C 275 -24.89 -11.21 -48.40
C TYR C 275 -23.60 -11.66 -49.09
N ARG C 276 -22.53 -10.90 -48.92
CA ARG C 276 -21.26 -11.22 -49.54
C ARG C 276 -20.74 -12.64 -49.34
N SER C 277 -20.65 -13.09 -48.10
CA SER C 277 -20.14 -14.43 -47.85
C SER C 277 -21.07 -15.62 -48.12
N MET C 278 -22.37 -15.42 -48.02
CA MET C 278 -23.25 -16.55 -48.27
C MET C 278 -24.40 -16.44 -49.28
N ASN C 279 -24.29 -15.51 -50.22
CA ASN C 279 -25.36 -15.39 -51.18
C ASN C 279 -25.24 -16.61 -52.08
N TYR C 280 -24.01 -17.13 -52.25
CA TYR C 280 -23.75 -18.31 -53.10
C TYR C 280 -24.57 -19.53 -52.72
N ILE C 281 -24.45 -19.96 -51.46
CA ILE C 281 -25.20 -21.11 -51.04
C ILE C 281 -26.69 -20.81 -50.94
N SER C 282 -27.04 -19.53 -50.76
CA SER C 282 -28.45 -19.14 -50.66
C SER C 282 -29.14 -19.36 -52.03
N ARG C 283 -28.49 -18.90 -53.10
CA ARG C 283 -29.03 -19.04 -54.46
C ARG C 283 -29.15 -20.55 -54.74
N HIS C 284 -28.14 -21.32 -54.33
CA HIS C 284 -28.19 -22.74 -54.55
C HIS C 284 -29.38 -23.39 -53.86
N MET C 285 -29.66 -23.02 -52.61
CA MET C 285 -30.78 -23.64 -51.93
C MET C 285 -32.12 -23.32 -52.57
N GLU C 286 -32.22 -22.16 -53.19
CA GLU C 286 -33.48 -21.79 -53.83
C GLU C 286 -33.61 -22.65 -55.07
N GLU C 287 -32.54 -22.70 -55.85
CA GLU C 287 -32.49 -23.48 -57.07
C GLU C 287 -32.78 -24.96 -56.84
N LYS C 288 -32.12 -25.55 -55.86
CA LYS C 288 -32.31 -26.95 -55.56
C LYS C 288 -33.47 -27.35 -54.68
N TYR C 289 -33.74 -26.59 -53.63
CA TYR C 289 -34.82 -26.93 -52.72
C TYR C 289 -36.05 -26.03 -52.79
N GLY C 290 -35.96 -24.96 -53.56
CA GLY C 290 -37.07 -24.03 -53.68
C GLY C 290 -37.19 -23.09 -52.50
N ILE C 291 -36.17 -23.05 -51.65
CA ILE C 291 -36.20 -22.16 -50.49
C ILE C 291 -35.87 -20.73 -50.86
N PRO C 292 -36.82 -19.80 -50.66
CA PRO C 292 -36.51 -18.41 -51.01
C PRO C 292 -35.61 -17.79 -49.90
N TRP C 293 -34.87 -16.75 -50.24
CA TRP C 293 -34.00 -16.08 -49.28
C TRP C 293 -34.17 -14.57 -49.35
N MET C 294 -33.95 -13.88 -48.23
CA MET C 294 -34.09 -12.42 -48.21
C MET C 294 -33.01 -11.80 -47.36
N GLU C 295 -32.61 -10.59 -47.72
CA GLU C 295 -31.57 -9.88 -46.98
C GLU C 295 -32.18 -9.09 -45.83
N TYR C 296 -31.45 -8.99 -44.73
CA TYR C 296 -31.95 -8.24 -43.58
C TYR C 296 -30.77 -7.55 -42.91
N ASN C 297 -31.08 -6.65 -41.97
CA ASN C 297 -30.08 -5.90 -41.25
C ASN C 297 -30.50 -5.73 -39.81
N PHE C 298 -29.70 -6.25 -38.86
CA PHE C 298 -30.02 -6.13 -37.43
C PHE C 298 -29.09 -5.15 -36.71
N PHE C 299 -28.63 -4.13 -37.42
CA PHE C 299 -27.76 -3.11 -36.83
C PHE C 299 -28.58 -1.86 -36.51
N GLY C 300 -28.82 -1.62 -35.23
CA GLY C 300 -29.60 -0.44 -34.85
C GLY C 300 -31.12 -0.68 -34.82
N PRO C 301 -31.85 0.08 -33.99
CA PRO C 301 -33.30 -0.10 -33.91
C PRO C 301 -34.07 0.11 -35.22
N THR C 302 -33.71 1.14 -35.99
CA THR C 302 -34.42 1.41 -37.24
C THR C 302 -34.33 0.21 -38.20
N LYS C 303 -33.11 -0.25 -38.48
CA LYS C 303 -32.92 -1.38 -39.37
C LYS C 303 -33.47 -2.68 -38.80
N THR C 304 -33.36 -2.87 -37.48
CA THR C 304 -33.87 -4.10 -36.86
C THR C 304 -35.39 -4.16 -36.94
N ILE C 305 -36.05 -3.04 -36.63
CA ILE C 305 -37.49 -2.99 -36.67
C ILE C 305 -37.95 -3.21 -38.11
N GLU C 306 -37.28 -2.56 -39.03
CA GLU C 306 -37.62 -2.71 -40.45
C GLU C 306 -37.45 -4.15 -40.90
N SER C 307 -36.38 -4.79 -40.43
CA SER C 307 -36.12 -6.17 -40.80
C SER C 307 -37.13 -7.14 -40.19
N LEU C 308 -37.46 -6.93 -38.92
CA LEU C 308 -38.42 -7.83 -38.25
C LEU C 308 -39.77 -7.80 -39.00
N ARG C 309 -40.18 -6.58 -39.34
CA ARG C 309 -41.42 -6.33 -40.04
C ARG C 309 -41.39 -6.98 -41.43
N ALA C 310 -40.30 -6.81 -42.17
CA ALA C 310 -40.18 -7.40 -43.50
C ALA C 310 -40.19 -8.94 -43.44
N ILE C 311 -39.50 -9.50 -42.45
CA ILE C 311 -39.46 -10.93 -42.31
C ILE C 311 -40.84 -11.48 -41.93
N ALA C 312 -41.48 -10.82 -40.96
CA ALA C 312 -42.79 -11.25 -40.49
C ALA C 312 -43.82 -11.24 -41.63
N ALA C 313 -43.70 -10.26 -42.51
CA ALA C 313 -44.63 -10.13 -43.63
C ALA C 313 -44.57 -11.35 -44.52
N LYS C 314 -43.51 -12.14 -44.41
CA LYS C 314 -43.38 -13.34 -45.24
C LYS C 314 -44.19 -14.50 -44.67
N PHE C 315 -44.70 -14.36 -43.46
CA PHE C 315 -45.48 -15.41 -42.84
C PHE C 315 -46.91 -14.93 -42.56
N ASP C 316 -47.71 -15.75 -41.92
CA ASP C 316 -49.08 -15.37 -41.61
C ASP C 316 -49.24 -14.24 -40.61
N GLU C 317 -50.49 -13.88 -40.38
CA GLU C 317 -50.86 -12.81 -39.46
C GLU C 317 -50.46 -13.01 -38.01
N SER C 318 -50.34 -14.26 -37.58
CA SER C 318 -49.97 -14.52 -36.20
C SER C 318 -48.50 -14.10 -35.98
N ILE C 319 -47.66 -14.27 -36.99
CA ILE C 319 -46.26 -13.90 -36.86
C ILE C 319 -46.21 -12.37 -36.87
N GLN C 320 -46.97 -11.74 -37.77
CA GLN C 320 -46.97 -10.29 -37.84
C GLN C 320 -47.46 -9.67 -36.54
N LYS C 321 -48.36 -10.35 -35.84
CA LYS C 321 -48.86 -9.83 -34.59
C LYS C 321 -47.73 -9.92 -33.54
N LYS C 322 -47.08 -11.09 -33.46
CA LYS C 322 -45.99 -11.27 -32.52
C LYS C 322 -44.87 -10.27 -32.82
N CYS C 323 -44.66 -9.98 -34.10
CA CYS C 323 -43.63 -9.05 -34.50
C CYS C 323 -43.88 -7.70 -33.82
N GLU C 324 -45.12 -7.21 -33.86
CA GLU C 324 -45.41 -5.93 -33.24
C GLU C 324 -45.30 -6.00 -31.72
N GLU C 325 -45.59 -7.15 -31.13
CA GLU C 325 -45.48 -7.28 -29.69
C GLU C 325 -44.00 -7.18 -29.29
N VAL C 326 -43.12 -7.84 -30.07
CA VAL C 326 -41.69 -7.82 -29.82
C VAL C 326 -41.17 -6.38 -29.99
N ILE C 327 -41.61 -5.69 -31.04
CA ILE C 327 -41.16 -4.32 -31.25
C ILE C 327 -41.58 -3.43 -30.06
N ALA C 328 -42.79 -3.63 -29.55
CA ALA C 328 -43.25 -2.82 -28.43
C ALA C 328 -42.49 -3.18 -27.14
N LYS C 329 -42.08 -4.43 -27.00
CA LYS C 329 -41.37 -4.82 -25.80
C LYS C 329 -40.06 -4.07 -25.67
N TYR C 330 -39.31 -4.02 -26.76
CA TYR C 330 -38.01 -3.36 -26.77
C TYR C 330 -37.96 -1.88 -26.99
N LYS C 331 -39.06 -1.30 -27.47
CA LYS C 331 -39.13 0.15 -27.72
C LYS C 331 -38.59 0.98 -26.58
N PRO C 332 -39.10 0.77 -25.36
CA PRO C 332 -38.52 1.61 -24.29
C PRO C 332 -37.04 1.35 -23.98
N GLU C 333 -36.53 0.19 -24.36
CA GLU C 333 -35.12 -0.10 -24.08
C GLU C 333 -34.21 0.67 -25.03
N TRP C 334 -34.44 0.58 -26.32
CA TRP C 334 -33.58 1.32 -27.23
C TRP C 334 -33.84 2.83 -27.16
N GLU C 335 -35.06 3.23 -26.76
CA GLU C 335 -35.31 4.67 -26.68
C GLU C 335 -34.48 5.21 -25.52
N ALA C 336 -34.34 4.41 -24.46
CA ALA C 336 -33.55 4.85 -23.31
C ALA C 336 -32.06 4.95 -23.74
N VAL C 337 -31.61 4.02 -24.57
CA VAL C 337 -30.22 4.04 -25.05
C VAL C 337 -30.02 5.31 -25.89
N VAL C 338 -30.97 5.61 -26.75
CA VAL C 338 -30.86 6.81 -27.59
C VAL C 338 -30.91 8.04 -26.70
N ALA C 339 -31.83 8.04 -25.74
CA ALA C 339 -31.96 9.18 -24.85
C ALA C 339 -30.66 9.47 -24.10
N LYS C 340 -29.95 8.40 -23.72
CA LYS C 340 -28.70 8.58 -23.00
C LYS C 340 -27.50 8.96 -23.84
N TYR C 341 -27.30 8.21 -24.92
CA TYR C 341 -26.17 8.44 -25.79
C TYR C 341 -26.24 9.38 -26.99
N ARG C 342 -27.39 9.51 -27.65
CA ARG C 342 -27.40 10.40 -28.79
C ARG C 342 -26.94 11.82 -28.47
N PRO C 343 -27.36 12.36 -27.31
CA PRO C 343 -26.89 13.73 -27.06
C PRO C 343 -25.38 13.82 -26.90
N ARG C 344 -24.74 12.70 -26.67
CA ARG C 344 -23.30 12.70 -26.50
C ARG C 344 -22.56 12.47 -27.83
N LEU C 345 -23.30 12.00 -28.84
CA LEU C 345 -22.71 11.73 -30.16
C LEU C 345 -23.29 12.48 -31.35
N GLU C 346 -24.34 13.25 -31.09
CA GLU C 346 -25.02 14.03 -32.11
C GLU C 346 -24.07 14.83 -32.97
N GLY C 347 -24.17 14.66 -34.28
CA GLY C 347 -23.32 15.40 -35.19
C GLY C 347 -21.91 14.90 -35.48
N LYS C 348 -21.42 13.97 -34.68
CA LYS C 348 -20.08 13.47 -34.91
C LYS C 348 -19.95 12.71 -36.23
N ARG C 349 -18.81 12.89 -36.89
CA ARG C 349 -18.55 12.26 -38.16
C ARG C 349 -17.64 11.04 -38.05
N VAL C 350 -18.03 9.98 -38.76
CA VAL C 350 -17.30 8.72 -38.76
C VAL C 350 -16.83 8.25 -40.14
N MET C 351 -15.65 7.65 -40.18
CA MET C 351 -15.10 7.11 -41.42
C MET C 351 -14.92 5.63 -41.12
N LEU C 352 -15.41 4.78 -42.02
CA LEU C 352 -15.31 3.35 -41.84
C LEU C 352 -14.54 2.65 -42.97
N TYR C 353 -13.98 1.49 -42.65
CA TYR C 353 -13.24 0.68 -43.61
C TYR C 353 -13.26 -0.73 -43.07
N ILE C 354 -14.07 -1.58 -43.68
CA ILE C 354 -14.14 -2.95 -43.21
C ILE C 354 -14.09 -3.96 -44.35
N GLY C 355 -14.71 -5.13 -44.19
CA GLY C 355 -14.67 -6.16 -45.23
C GLY C 355 -15.60 -6.26 -46.43
N GLY C 356 -16.79 -6.80 -46.20
CA GLY C 356 -17.75 -6.95 -47.28
C GLY C 356 -19.21 -6.74 -46.94
N LEU C 357 -19.52 -6.39 -45.68
CA LEU C 357 -20.91 -6.17 -45.30
C LEU C 357 -21.06 -4.96 -44.41
N ARG C 358 -20.41 -5.01 -43.26
CA ARG C 358 -20.49 -3.93 -42.31
C ARG C 358 -20.26 -2.49 -42.81
N PRO C 359 -19.39 -2.28 -43.81
CA PRO C 359 -19.18 -0.90 -44.27
C PRO C 359 -20.47 -0.17 -44.66
N ARG C 360 -21.50 -0.91 -45.02
CA ARG C 360 -22.74 -0.26 -45.37
C ARG C 360 -23.78 -0.66 -44.32
N HIS C 361 -23.67 -1.87 -43.81
CA HIS C 361 -24.64 -2.35 -42.83
C HIS C 361 -24.77 -1.61 -41.50
N VAL C 362 -23.71 -0.95 -41.05
CA VAL C 362 -23.77 -0.23 -39.77
C VAL C 362 -24.19 1.23 -39.81
N ILE C 363 -24.29 1.79 -41.03
CA ILE C 363 -24.69 3.19 -41.19
C ILE C 363 -25.93 3.58 -40.41
N GLY C 364 -26.99 2.77 -40.54
CA GLY C 364 -28.22 3.05 -39.83
C GLY C 364 -28.04 3.16 -38.32
N ALA C 365 -27.21 2.29 -37.74
CA ALA C 365 -26.97 2.33 -36.29
C ALA C 365 -26.30 3.66 -35.92
N TYR C 366 -25.30 4.08 -36.71
CA TYR C 366 -24.66 5.35 -36.40
C TYR C 366 -25.67 6.50 -36.50
N GLU C 367 -26.57 6.44 -37.47
CA GLU C 367 -27.55 7.50 -37.63
C GLU C 367 -28.57 7.50 -36.50
N ASP C 368 -28.81 6.34 -35.91
CA ASP C 368 -29.77 6.24 -34.81
C ASP C 368 -29.22 6.98 -33.58
N LEU C 369 -27.93 7.29 -33.63
CA LEU C 369 -27.27 8.00 -32.54
C LEU C 369 -26.91 9.40 -33.00
N GLY C 370 -27.52 9.80 -34.11
CA GLY C 370 -27.28 11.13 -34.68
C GLY C 370 -25.92 11.35 -35.30
N MET C 371 -25.21 10.29 -35.61
CA MET C 371 -23.89 10.39 -36.20
C MET C 371 -23.96 10.30 -37.72
N GLU C 372 -22.93 10.84 -38.38
CA GLU C 372 -22.86 10.84 -39.85
C GLU C 372 -21.63 10.09 -40.38
N VAL C 373 -21.85 9.18 -41.32
CA VAL C 373 -20.75 8.41 -41.91
C VAL C 373 -20.29 9.22 -43.13
N VAL C 374 -19.15 9.87 -43.02
CA VAL C 374 -18.63 10.68 -44.11
C VAL C 374 -17.71 9.94 -45.07
N GLY C 375 -17.40 8.68 -44.77
CA GLY C 375 -16.53 7.92 -45.66
C GLY C 375 -16.66 6.45 -45.30
N THR C 376 -16.61 5.59 -46.31
CA THR C 376 -16.73 4.17 -46.08
C THR C 376 -16.13 3.43 -47.28
N GLY C 377 -15.72 2.19 -47.06
CA GLY C 377 -15.13 1.41 -48.12
C GLY C 377 -15.02 -0.02 -47.68
N TYR C 378 -14.69 -0.90 -48.63
CA TYR C 378 -14.56 -2.32 -48.35
C TYR C 378 -13.24 -2.89 -48.84
N GLU C 379 -12.75 -3.89 -48.12
CA GLU C 379 -11.51 -4.54 -48.49
C GLU C 379 -11.68 -5.40 -49.76
N PHE C 380 -12.81 -6.12 -49.81
CA PHE C 380 -13.07 -7.01 -50.90
C PHE C 380 -14.50 -7.14 -51.42
N ALA C 381 -15.31 -6.10 -51.25
CA ALA C 381 -16.68 -6.18 -51.74
C ALA C 381 -16.69 -6.23 -53.29
N HIS C 382 -17.80 -6.68 -53.86
CA HIS C 382 -17.99 -6.77 -55.31
C HIS C 382 -18.90 -5.60 -55.68
N ASN C 383 -19.17 -5.39 -56.96
CA ASN C 383 -20.03 -4.27 -57.29
C ASN C 383 -21.46 -4.39 -56.85
N ASP C 384 -21.99 -5.61 -56.67
CA ASP C 384 -23.38 -5.69 -56.22
C ASP C 384 -23.44 -5.16 -54.75
N ASP C 385 -22.29 -5.13 -54.08
CA ASP C 385 -22.23 -4.63 -52.70
C ASP C 385 -22.26 -3.10 -52.78
N TYR C 386 -21.48 -2.54 -53.70
CA TYR C 386 -21.47 -1.08 -53.83
C TYR C 386 -22.86 -0.60 -54.33
N ASP C 387 -23.54 -1.43 -55.11
CA ASP C 387 -24.86 -1.02 -55.59
C ASP C 387 -25.76 -0.81 -54.38
N ARG C 388 -25.62 -1.65 -53.36
CA ARG C 388 -26.43 -1.55 -52.14
C ARG C 388 -25.90 -0.48 -51.18
N THR C 389 -24.71 0.04 -51.49
CA THR C 389 -24.06 1.04 -50.65
C THR C 389 -24.30 2.51 -50.93
N MET C 390 -24.20 2.90 -52.20
CA MET C 390 -24.40 4.31 -52.58
C MET C 390 -25.68 4.94 -52.09
N LYS C 391 -26.77 4.21 -52.13
CA LYS C 391 -28.04 4.76 -51.67
C LYS C 391 -28.06 4.93 -50.14
N GLU C 392 -27.19 4.21 -49.42
CA GLU C 392 -27.12 4.29 -47.94
C GLU C 392 -26.22 5.42 -47.43
N MET C 393 -25.33 5.90 -48.28
CA MET C 393 -24.39 6.95 -47.93
C MET C 393 -24.90 8.29 -48.42
N GLY C 394 -24.47 9.36 -47.75
CA GLY C 394 -24.87 10.69 -48.14
C GLY C 394 -24.17 11.17 -49.40
N ASP C 395 -24.76 12.18 -50.03
CA ASP C 395 -24.21 12.75 -51.25
C ASP C 395 -22.85 13.34 -50.93
N SER C 396 -21.90 13.18 -51.85
CA SER C 396 -20.55 13.71 -51.68
C SER C 396 -19.67 13.12 -50.59
N THR C 397 -20.00 11.92 -50.12
CA THR C 397 -19.20 11.28 -49.08
C THR C 397 -18.14 10.51 -49.84
N LEU C 398 -17.05 10.12 -49.20
CA LEU C 398 -15.98 9.38 -49.88
C LEU C 398 -16.11 7.84 -49.81
N LEU C 399 -15.78 7.18 -50.92
CA LEU C 399 -15.85 5.72 -51.02
C LEU C 399 -14.48 5.24 -51.49
N TYR C 400 -14.01 4.13 -50.91
CA TYR C 400 -12.71 3.57 -51.28
C TYR C 400 -12.73 2.06 -51.28
N ASP C 401 -12.30 1.49 -52.39
CA ASP C 401 -12.25 0.04 -52.52
C ASP C 401 -10.79 -0.44 -52.40
N ASP C 402 -10.57 -1.46 -51.56
CA ASP C 402 -9.22 -1.99 -51.35
C ASP C 402 -8.27 -0.82 -51.15
N VAL C 403 -8.64 0.08 -50.24
CA VAL C 403 -7.84 1.24 -49.95
C VAL C 403 -6.41 0.83 -49.54
N THR C 404 -5.44 1.68 -49.89
CA THR C 404 -4.05 1.43 -49.55
C THR C 404 -3.78 2.18 -48.22
N GLY C 405 -2.77 1.74 -47.48
CA GLY C 405 -2.44 2.37 -46.21
C GLY C 405 -2.24 3.86 -46.41
N TYR C 406 -1.44 4.19 -47.41
CA TYR C 406 -1.14 5.58 -47.75
C TYR C 406 -2.41 6.39 -47.97
N GLU C 407 -3.31 5.86 -48.81
CA GLU C 407 -4.58 6.54 -49.11
C GLU C 407 -5.43 6.81 -47.87
N PHE C 408 -5.66 5.76 -47.09
CA PHE C 408 -6.46 5.88 -45.89
C PHE C 408 -5.89 6.96 -44.97
N GLU C 409 -4.57 6.96 -44.76
CA GLU C 409 -3.97 7.98 -43.89
C GLU C 409 -4.17 9.39 -44.44
N GLU C 410 -4.00 9.56 -45.75
CA GLU C 410 -4.17 10.87 -46.34
C GLU C 410 -5.62 11.34 -46.31
N PHE C 411 -6.55 10.43 -46.59
CA PHE C 411 -7.96 10.82 -46.57
C PHE C 411 -8.35 11.24 -45.16
N VAL C 412 -7.88 10.48 -44.17
CA VAL C 412 -8.20 10.83 -42.79
C VAL C 412 -7.62 12.18 -42.39
N LYS C 413 -6.39 12.50 -42.83
CA LYS C 413 -5.79 13.79 -42.46
C LYS C 413 -6.61 14.99 -43.04
N ARG C 414 -7.17 14.83 -44.22
CA ARG C 414 -7.94 15.91 -44.84
C ARG C 414 -9.36 15.99 -44.29
N ILE C 415 -10.08 14.87 -44.34
CA ILE C 415 -11.46 14.78 -43.86
C ILE C 415 -11.61 15.01 -42.36
N LYS C 416 -10.65 14.57 -41.57
CA LYS C 416 -10.68 14.75 -40.13
C LYS C 416 -11.94 14.27 -39.41
N PRO C 417 -12.22 12.97 -39.52
CA PRO C 417 -13.39 12.38 -38.88
C PRO C 417 -13.24 12.44 -37.35
N ASP C 418 -14.36 12.39 -36.64
CA ASP C 418 -14.31 12.43 -35.18
C ASP C 418 -14.06 11.01 -34.66
N LEU C 419 -14.30 10.03 -35.51
CA LEU C 419 -14.12 8.63 -35.13
C LEU C 419 -13.89 7.74 -36.35
N ILE C 420 -13.07 6.71 -36.19
CA ILE C 420 -12.79 5.77 -37.31
C ILE C 420 -13.12 4.36 -36.86
N GLY C 421 -13.77 3.60 -37.74
CA GLY C 421 -14.14 2.23 -37.44
C GLY C 421 -13.52 1.33 -38.47
N SER C 422 -12.47 0.62 -38.08
CA SER C 422 -11.79 -0.28 -38.99
C SER C 422 -11.19 -1.50 -38.26
N GLY C 423 -10.09 -2.05 -38.78
CA GLY C 423 -9.48 -3.22 -38.17
C GLY C 423 -8.25 -3.08 -37.30
N ILE C 424 -7.71 -4.22 -36.85
CA ILE C 424 -6.54 -4.24 -35.98
C ILE C 424 -5.27 -3.62 -36.59
N LYS C 425 -5.11 -3.75 -37.90
CA LYS C 425 -3.93 -3.21 -38.57
C LYS C 425 -4.04 -1.68 -38.71
N GLU C 426 -5.24 -1.16 -38.58
CA GLU C 426 -5.46 0.29 -38.69
C GLU C 426 -5.52 1.02 -37.35
N LYS C 427 -6.12 0.37 -36.38
CA LYS C 427 -6.29 0.92 -35.04
C LYS C 427 -5.21 1.82 -34.43
N PHE C 428 -4.02 1.26 -34.21
CA PHE C 428 -2.95 2.01 -33.61
C PHE C 428 -2.41 3.20 -34.42
N ILE C 429 -2.59 3.16 -35.75
CA ILE C 429 -2.11 4.25 -36.58
C ILE C 429 -2.87 5.54 -36.24
N PHE C 430 -4.19 5.47 -36.27
CA PHE C 430 -5.04 6.60 -35.99
C PHE C 430 -5.13 7.07 -34.55
N GLN C 431 -4.91 6.17 -33.60
CA GLN C 431 -4.97 6.57 -32.21
C GLN C 431 -3.79 7.50 -32.00
N LYS C 432 -2.67 7.18 -32.63
CA LYS C 432 -1.48 8.02 -32.50
C LYS C 432 -1.74 9.42 -33.08
N MET C 433 -2.69 9.51 -33.99
CA MET C 433 -3.04 10.78 -34.62
C MET C 433 -4.07 11.51 -33.77
N GLY C 434 -4.43 10.91 -32.63
CA GLY C 434 -5.41 11.55 -31.76
C GLY C 434 -6.85 11.35 -32.24
N ILE C 435 -7.10 10.37 -33.09
CA ILE C 435 -8.44 10.14 -33.57
C ILE C 435 -9.09 8.93 -32.91
N PRO C 436 -10.20 9.14 -32.20
CA PRO C 436 -10.88 8.00 -31.54
C PRO C 436 -11.05 6.85 -32.53
N PHE C 437 -10.73 5.63 -32.11
CA PHE C 437 -10.86 4.48 -33.00
C PHE C 437 -11.59 3.29 -32.38
N ARG C 438 -12.47 2.65 -33.15
CA ARG C 438 -13.20 1.48 -32.63
C ARG C 438 -13.01 0.35 -33.64
N GLU C 439 -12.63 -0.83 -33.16
CA GLU C 439 -12.45 -1.96 -34.07
C GLU C 439 -13.85 -2.40 -34.52
N MET C 440 -14.08 -2.47 -35.83
CA MET C 440 -15.38 -2.87 -36.30
C MET C 440 -15.46 -4.27 -36.91
N HIS C 441 -14.48 -5.10 -36.55
CA HIS C 441 -14.42 -6.50 -37.01
C HIS C 441 -14.63 -7.23 -35.67
N SER C 442 -13.68 -7.07 -34.76
CA SER C 442 -13.72 -7.70 -33.43
C SER C 442 -14.53 -6.96 -32.37
N TRP C 443 -15.14 -5.85 -32.73
CA TRP C 443 -15.95 -5.06 -31.80
C TRP C 443 -15.05 -4.63 -30.61
N ASP C 444 -13.74 -4.63 -30.83
CA ASP C 444 -12.80 -4.25 -29.78
C ASP C 444 -13.02 -5.06 -28.52
N TYR C 445 -13.26 -6.36 -28.69
CA TYR C 445 -13.48 -7.30 -27.58
C TYR C 445 -14.72 -7.05 -26.76
N SER C 446 -15.66 -6.32 -27.37
CA SER C 446 -16.92 -5.97 -26.73
C SER C 446 -18.02 -6.66 -27.56
N GLY C 447 -19.21 -6.09 -27.58
CA GLY C 447 -20.29 -6.72 -28.33
C GLY C 447 -21.11 -7.63 -27.43
N PRO C 448 -22.20 -8.20 -27.96
CA PRO C 448 -22.70 -8.14 -29.34
C PRO C 448 -23.19 -6.76 -29.79
N TYR C 449 -23.26 -6.55 -31.11
CA TYR C 449 -23.73 -5.30 -31.67
C TYR C 449 -25.07 -5.52 -32.40
N HIS C 450 -25.39 -6.77 -32.76
CA HIS C 450 -26.66 -7.05 -33.46
C HIS C 450 -27.89 -7.01 -32.56
N GLY C 451 -29.04 -6.66 -33.15
CA GLY C 451 -30.27 -6.60 -32.40
C GLY C 451 -30.45 -5.47 -31.42
N PHE C 452 -31.49 -5.56 -30.59
CA PHE C 452 -31.75 -4.52 -29.59
C PHE C 452 -30.73 -4.56 -28.45
N ASP C 453 -30.42 -5.74 -27.92
CA ASP C 453 -29.44 -5.82 -26.84
C ASP C 453 -28.07 -5.38 -27.34
N GLY C 454 -27.79 -5.66 -28.61
CA GLY C 454 -26.51 -5.28 -29.16
C GLY C 454 -26.38 -3.79 -29.38
N PHE C 455 -27.50 -3.12 -29.65
CA PHE C 455 -27.49 -1.67 -29.87
C PHE C 455 -27.03 -0.92 -28.61
N ALA C 456 -27.50 -1.33 -27.43
CA ALA C 456 -27.11 -0.67 -26.18
C ALA C 456 -25.57 -0.69 -26.02
N ILE C 457 -24.96 -1.85 -26.28
CA ILE C 457 -23.52 -2.03 -26.18
C ILE C 457 -22.75 -1.15 -27.18
N PHE C 458 -23.24 -1.15 -28.43
CA PHE C 458 -22.66 -0.36 -29.52
C PHE C 458 -22.63 1.12 -29.12
N ALA C 459 -23.75 1.63 -28.61
CA ALA C 459 -23.88 3.03 -28.19
C ALA C 459 -22.88 3.35 -27.08
N ARG C 460 -22.89 2.50 -26.07
CA ARG C 460 -22.00 2.64 -24.94
C ARG C 460 -20.55 2.73 -25.42
N ASP C 461 -20.17 1.82 -26.33
CA ASP C 461 -18.83 1.74 -26.91
C ASP C 461 -18.46 2.97 -27.76
N MET C 462 -19.36 3.45 -28.61
CA MET C 462 -19.00 4.61 -29.42
C MET C 462 -18.79 5.81 -28.52
N ASP C 463 -19.57 5.88 -27.46
CA ASP C 463 -19.45 6.98 -26.52
C ASP C 463 -18.19 6.95 -25.67
N MET C 464 -17.90 5.79 -25.07
CA MET C 464 -16.70 5.68 -24.21
C MET C 464 -15.42 6.04 -24.93
N THR C 465 -15.33 5.67 -26.21
CA THR C 465 -14.15 5.95 -26.98
C THR C 465 -14.10 7.35 -27.56
N LEU C 466 -15.15 7.77 -28.26
CA LEU C 466 -15.15 9.10 -28.85
C LEU C 466 -14.99 10.22 -27.81
N ASN C 467 -15.67 10.11 -26.67
CA ASN C 467 -15.56 11.15 -25.63
C ASN C 467 -14.58 10.83 -24.50
N ASN C 468 -13.64 9.94 -24.76
CA ASN C 468 -12.70 9.61 -23.71
C ASN C 468 -11.76 10.76 -23.35
N PRO C 469 -11.45 10.92 -22.06
CA PRO C 469 -10.55 12.04 -21.72
C PRO C 469 -9.13 11.92 -22.29
N CYS C 470 -8.72 10.73 -22.70
CA CYS C 470 -7.38 10.60 -23.25
C CYS C 470 -7.09 11.44 -24.52
N TRP C 471 -8.10 11.63 -25.37
CA TRP C 471 -7.95 12.39 -26.60
C TRP C 471 -7.62 13.87 -26.45
N LYS C 472 -7.74 14.40 -25.25
CA LYS C 472 -7.45 15.82 -25.00
C LYS C 472 -6.01 15.95 -24.47
N LYS C 473 -5.30 14.84 -24.36
CA LYS C 473 -3.93 14.85 -23.84
C LYS C 473 -2.74 14.53 -24.71
N LEU C 474 -2.91 14.49 -26.03
CA LEU C 474 -1.77 14.18 -26.88
C LEU C 474 -0.69 15.24 -27.05
N GLN C 475 -1.02 16.50 -26.76
CA GLN C 475 -0.02 17.54 -26.93
C GLN C 475 0.56 17.98 -25.59
N ALA C 476 1.87 17.87 -25.44
CA ALA C 476 2.51 18.27 -24.19
C ALA C 476 2.25 19.76 -24.02
N PRO C 477 1.88 20.19 -22.79
CA PRO C 477 1.60 21.61 -22.56
C PRO C 477 2.78 22.55 -22.79
N TRP C 478 4.00 22.05 -22.89
CA TRP C 478 5.12 22.95 -23.12
C TRP C 478 5.34 23.11 -24.64
N GLU C 479 4.35 22.69 -25.40
CA GLU C 479 4.38 22.78 -26.85
C GLU C 479 3.26 23.69 -27.37
N SER D 1 -32.73 -8.54 -23.12
CA SER D 1 -33.05 -7.16 -22.59
C SER D 1 -31.83 -6.52 -21.97
N GLN D 2 -31.87 -5.19 -21.84
CA GLN D 2 -30.79 -4.41 -21.24
C GLN D 2 -31.36 -3.35 -20.28
N GLN D 3 -30.61 -3.01 -19.25
CA GLN D 3 -31.01 -1.98 -18.27
C GLN D 3 -30.05 -0.91 -18.75
N VAL D 4 -30.58 0.17 -19.29
CA VAL D 4 -29.75 1.25 -19.82
C VAL D 4 -28.61 1.74 -18.95
N ASP D 5 -28.79 1.77 -17.63
CA ASP D 5 -27.72 2.24 -16.75
C ASP D 5 -26.74 1.16 -16.26
N LYS D 6 -26.90 -0.06 -16.76
CA LYS D 6 -26.05 -1.20 -16.42
C LYS D 6 -26.06 -2.15 -17.61
N ILE D 7 -25.53 -1.69 -18.73
CA ILE D 7 -25.48 -2.50 -19.94
C ILE D 7 -24.55 -3.70 -19.79
N LYS D 8 -24.99 -4.86 -20.28
CA LYS D 8 -24.21 -6.08 -20.19
C LYS D 8 -23.63 -6.46 -21.56
N ALA D 9 -22.35 -6.86 -21.60
CA ALA D 9 -21.71 -7.25 -22.85
C ALA D 9 -21.95 -8.77 -22.88
N SER D 10 -21.48 -9.47 -23.93
CA SER D 10 -21.69 -10.92 -24.05
C SER D 10 -21.66 -11.59 -22.67
N TYR D 11 -20.65 -11.29 -21.88
CA TYR D 11 -20.60 -11.86 -20.54
C TYR D 11 -20.91 -10.62 -19.68
N PRO D 12 -21.93 -10.70 -18.81
CA PRO D 12 -22.82 -11.83 -18.52
C PRO D 12 -24.18 -11.83 -19.20
N LEU D 13 -24.34 -11.02 -20.24
CA LEU D 13 -25.61 -10.96 -20.97
C LEU D 13 -26.25 -12.31 -21.26
N PHE D 14 -25.50 -13.20 -21.91
CA PHE D 14 -26.02 -14.51 -22.25
C PHE D 14 -26.32 -15.48 -21.12
N LEU D 15 -26.11 -15.00 -19.88
CA LEU D 15 -26.38 -15.82 -18.69
C LEU D 15 -27.84 -15.52 -18.26
N ASP D 16 -28.46 -14.49 -18.85
CA ASP D 16 -29.84 -14.18 -18.49
C ASP D 16 -30.67 -15.44 -18.77
N GLN D 17 -31.75 -15.61 -18.03
CA GLN D 17 -32.61 -16.77 -18.23
C GLN D 17 -33.18 -16.97 -19.64
N ASP D 18 -33.67 -15.90 -20.27
CA ASP D 18 -34.22 -16.06 -21.60
C ASP D 18 -33.15 -16.53 -22.62
N TYR D 19 -31.92 -16.01 -22.52
CA TYR D 19 -30.86 -16.43 -23.44
C TYR D 19 -30.49 -17.90 -23.15
N LYS D 20 -30.42 -18.23 -21.87
CA LYS D 20 -30.10 -19.58 -21.44
C LYS D 20 -31.14 -20.58 -21.97
N ASP D 21 -32.43 -20.25 -21.88
CA ASP D 21 -33.49 -21.15 -22.38
C ASP D 21 -33.37 -21.30 -23.90
N MET D 22 -33.08 -20.18 -24.56
CA MET D 22 -32.93 -20.16 -26.01
C MET D 22 -31.76 -21.09 -26.43
N LEU D 23 -30.60 -20.97 -25.76
CA LEU D 23 -29.47 -21.82 -26.12
C LEU D 23 -29.76 -23.30 -25.86
N ALA D 24 -30.53 -23.59 -24.83
CA ALA D 24 -30.89 -24.98 -24.49
C ALA D 24 -31.74 -25.57 -25.64
N LYS D 25 -32.67 -24.76 -26.15
CA LYS D 25 -33.55 -25.18 -27.24
C LYS D 25 -32.79 -25.35 -28.55
N LYS D 26 -31.78 -24.51 -28.78
CA LYS D 26 -30.99 -24.59 -30.00
C LYS D 26 -30.26 -25.92 -30.00
N ARG D 27 -29.69 -26.26 -28.84
CA ARG D 27 -28.94 -27.49 -28.66
C ARG D 27 -29.82 -28.73 -28.82
N ASP D 28 -30.86 -28.80 -28.01
CA ASP D 28 -31.76 -29.94 -28.06
C ASP D 28 -32.45 -30.13 -29.39
N GLY D 29 -32.89 -29.04 -30.01
CA GLY D 29 -33.56 -29.19 -31.28
C GLY D 29 -32.74 -29.37 -32.54
N PHE D 30 -31.54 -28.78 -32.65
CA PHE D 30 -30.80 -28.93 -33.90
C PHE D 30 -29.33 -29.29 -33.92
N GLU D 31 -28.67 -29.39 -32.76
CA GLU D 31 -27.25 -29.70 -32.70
C GLU D 31 -26.87 -31.17 -32.63
N GLU D 32 -27.85 -32.02 -32.33
CA GLU D 32 -27.62 -33.47 -32.25
C GLU D 32 -26.29 -33.66 -31.50
N LYS D 33 -26.23 -33.01 -30.35
CA LYS D 33 -25.08 -33.02 -29.47
C LYS D 33 -24.87 -34.29 -28.69
N TYR D 34 -23.62 -34.67 -28.47
CA TYR D 34 -23.38 -35.88 -27.71
C TYR D 34 -23.90 -35.62 -26.30
N PRO D 35 -24.48 -36.64 -25.66
CA PRO D 35 -25.02 -36.50 -24.30
C PRO D 35 -23.93 -35.97 -23.36
N GLN D 36 -24.32 -35.17 -22.38
CA GLN D 36 -23.37 -34.62 -21.43
C GLN D 36 -22.57 -35.69 -20.71
N ASP D 37 -23.18 -36.83 -20.35
CA ASP D 37 -22.36 -37.84 -19.66
C ASP D 37 -21.28 -38.44 -20.56
N LYS D 38 -21.52 -38.45 -21.86
CA LYS D 38 -20.57 -38.98 -22.81
C LYS D 38 -19.43 -37.94 -22.92
N ILE D 39 -19.80 -36.67 -22.95
CA ILE D 39 -18.78 -35.62 -23.04
C ILE D 39 -17.87 -35.69 -21.80
N ASP D 40 -18.46 -35.88 -20.63
CA ASP D 40 -17.67 -35.97 -19.39
C ASP D 40 -16.71 -37.17 -19.45
N GLU D 41 -17.21 -38.28 -19.98
CA GLU D 41 -16.41 -39.49 -20.09
C GLU D 41 -15.20 -39.27 -20.98
N VAL D 42 -15.40 -38.71 -22.16
CA VAL D 42 -14.28 -38.49 -23.06
C VAL D 42 -13.31 -37.45 -22.45
N PHE D 43 -13.86 -36.37 -21.87
CA PHE D 43 -12.99 -35.35 -21.26
C PHE D 43 -12.08 -36.02 -20.23
N GLN D 44 -12.65 -36.84 -19.37
CA GLN D 44 -11.87 -37.52 -18.35
C GLN D 44 -10.78 -38.39 -18.97
N TRP D 45 -11.14 -39.12 -20.03
CA TRP D 45 -10.17 -39.98 -20.71
C TRP D 45 -9.01 -39.13 -21.25
N THR D 46 -9.29 -37.90 -21.69
CA THR D 46 -8.23 -37.03 -22.23
C THR D 46 -7.22 -36.56 -21.17
N THR D 47 -7.52 -36.83 -19.90
CA THR D 47 -6.59 -36.43 -18.83
C THR D 47 -5.78 -37.64 -18.34
N THR D 48 -5.98 -38.82 -18.92
CA THR D 48 -5.25 -40.02 -18.48
C THR D 48 -3.93 -40.32 -19.14
N LYS D 49 -3.18 -41.24 -18.51
CA LYS D 49 -1.89 -41.67 -19.01
C LYS D 49 -2.11 -42.44 -20.31
N GLU D 50 -3.19 -43.24 -20.39
CA GLU D 50 -3.48 -44.02 -21.62
C GLU D 50 -3.60 -43.05 -22.79
N TYR D 51 -4.38 -41.99 -22.61
CA TYR D 51 -4.56 -40.98 -23.68
C TYR D 51 -3.22 -40.29 -23.99
N GLN D 52 -2.42 -40.00 -22.94
CA GLN D 52 -1.13 -39.37 -23.17
C GLN D 52 -0.23 -40.22 -24.07
N GLU D 53 -0.26 -41.53 -23.90
CA GLU D 53 0.59 -42.40 -24.74
C GLU D 53 0.19 -42.31 -26.20
N LEU D 54 -1.11 -42.36 -26.45
CA LEU D 54 -1.65 -42.25 -27.80
C LEU D 54 -1.28 -40.89 -28.37
N ASN D 55 -1.36 -39.88 -27.52
CA ASN D 55 -1.06 -38.51 -27.88
C ASN D 55 0.41 -38.37 -28.31
N PHE D 56 1.33 -38.96 -27.55
CA PHE D 56 2.75 -38.85 -27.88
C PHE D 56 3.20 -39.68 -29.08
N GLN D 57 2.37 -40.60 -29.56
CA GLN D 57 2.78 -41.37 -30.72
C GLN D 57 2.28 -40.72 -32.00
N ARG D 58 1.77 -39.49 -31.93
CA ARG D 58 1.30 -38.87 -33.16
C ARG D 58 2.50 -38.70 -34.08
N GLU D 59 2.31 -38.82 -35.39
CA GLU D 59 3.40 -38.66 -36.33
C GLU D 59 3.02 -37.72 -37.44
N ALA D 60 1.72 -37.50 -37.66
CA ALA D 60 1.32 -36.62 -38.74
C ALA D 60 0.52 -35.41 -38.29
N LEU D 61 -0.29 -35.57 -37.25
CA LEU D 61 -1.10 -34.46 -36.76
C LEU D 61 -0.40 -33.63 -35.69
N THR D 62 -0.54 -32.32 -35.83
CA THR D 62 0.03 -31.35 -34.92
C THR D 62 -1.18 -30.58 -34.37
N VAL D 63 -1.22 -30.38 -33.05
CA VAL D 63 -2.33 -29.66 -32.43
C VAL D 63 -1.82 -28.55 -31.49
N ASN D 64 -2.26 -27.32 -31.73
CA ASN D 64 -1.83 -26.17 -30.91
C ASN D 64 -0.30 -26.03 -30.87
N PRO D 65 0.32 -25.77 -32.02
CA PRO D 65 1.78 -25.61 -32.05
C PRO D 65 2.27 -24.45 -31.22
N ALA D 66 3.55 -24.47 -30.90
CA ALA D 66 4.14 -23.38 -30.11
C ALA D 66 5.31 -22.81 -30.93
N LYS D 67 5.01 -22.41 -32.16
CA LYS D 67 6.00 -21.84 -33.08
C LYS D 67 5.22 -21.23 -34.23
N ALA D 68 5.84 -20.34 -35.00
CA ALA D 68 5.21 -19.70 -36.15
C ALA D 68 6.14 -19.96 -37.35
N CYS D 69 5.88 -19.35 -38.51
CA CYS D 69 6.71 -19.54 -39.69
C CYS D 69 7.78 -18.48 -39.96
N GLN D 70 8.79 -18.87 -40.73
CA GLN D 70 9.92 -17.99 -41.08
C GLN D 70 9.74 -16.51 -41.38
N PRO D 71 8.91 -16.17 -42.37
CA PRO D 71 8.77 -14.75 -42.67
C PRO D 71 8.35 -13.84 -41.52
N LEU D 72 7.64 -14.37 -40.52
CA LEU D 72 7.24 -13.54 -39.38
C LEU D 72 8.53 -12.98 -38.76
N GLY D 73 9.53 -13.86 -38.63
CA GLY D 73 10.81 -13.48 -38.06
C GLY D 73 11.61 -12.54 -38.96
N ALA D 74 11.47 -12.73 -40.26
CA ALA D 74 12.17 -11.88 -41.22
C ALA D 74 11.61 -10.47 -41.10
N VAL D 75 10.30 -10.36 -40.95
CA VAL D 75 9.68 -9.04 -40.82
C VAL D 75 10.17 -8.29 -39.57
N LEU D 76 10.22 -8.99 -38.43
CA LEU D 76 10.66 -8.36 -37.18
C LEU D 76 12.13 -7.91 -37.27
N CYS D 77 12.94 -8.72 -37.93
CA CYS D 77 14.35 -8.40 -38.09
C CYS D 77 14.48 -7.14 -38.94
N ALA D 78 13.75 -7.10 -40.05
CA ALA D 78 13.78 -5.96 -40.97
C ALA D 78 13.32 -4.66 -40.29
N LEU D 79 12.32 -4.79 -39.45
CA LEU D 79 11.75 -3.66 -38.72
C LEU D 79 12.80 -2.94 -37.87
N GLY D 80 13.90 -3.62 -37.55
CA GLY D 80 14.94 -3.00 -36.75
C GLY D 80 15.98 -2.16 -37.46
N PHE D 81 15.73 -1.86 -38.73
CA PHE D 81 16.70 -1.06 -39.51
C PHE D 81 16.11 0.29 -39.85
N GLU D 82 16.93 1.33 -39.83
CA GLU D 82 16.45 2.68 -40.13
C GLU D 82 15.69 2.82 -41.44
N LYS D 83 14.53 3.47 -41.36
CA LYS D 83 13.66 3.70 -42.51
C LYS D 83 13.59 2.51 -43.47
N THR D 84 13.45 1.32 -42.89
CA THR D 84 13.39 0.11 -43.70
C THR D 84 11.99 -0.46 -43.71
N MET D 85 11.52 -0.82 -44.90
CA MET D 85 10.19 -1.39 -45.07
C MET D 85 10.31 -2.90 -45.30
N PRO D 86 9.68 -3.73 -44.42
CA PRO D 86 9.74 -5.19 -44.59
C PRO D 86 8.88 -5.41 -45.85
N TYR D 87 9.35 -6.27 -46.74
CA TYR D 87 8.66 -6.59 -48.00
C TYR D 87 8.67 -8.11 -48.15
N VAL D 88 7.49 -8.72 -48.25
CA VAL D 88 7.49 -10.16 -48.37
C VAL D 88 6.99 -10.54 -49.74
N HIS D 89 7.90 -11.07 -50.55
CA HIS D 89 7.60 -11.48 -51.91
C HIS D 89 6.75 -12.72 -51.84
N GLY D 90 5.52 -12.64 -52.33
CA GLY D 90 4.65 -13.80 -52.30
C GLY D 90 3.19 -13.39 -52.19
N SER D 91 2.42 -14.23 -51.50
CA SER D 91 0.97 -13.99 -51.31
C SER D 91 0.69 -12.99 -50.20
N GLN D 92 -0.24 -12.06 -50.46
CA GLN D 92 -0.59 -11.02 -49.47
C GLN D 92 -1.26 -11.48 -48.18
N GLY D 93 -1.93 -12.64 -48.22
CA GLY D 93 -2.60 -13.12 -47.03
C GLY D 93 -1.67 -13.22 -45.84
N CYS D 94 -0.45 -13.65 -46.14
CA CYS D 94 0.58 -13.83 -45.14
C CYS D 94 0.89 -12.52 -44.45
N VAL D 95 1.00 -11.46 -45.23
CA VAL D 95 1.31 -10.15 -44.69
C VAL D 95 0.19 -9.60 -43.76
N ALA D 96 -1.07 -9.86 -44.09
CA ALA D 96 -2.17 -9.40 -43.26
C ALA D 96 -2.00 -10.10 -41.91
N TYR D 97 -1.61 -11.38 -41.94
CA TYR D 97 -1.42 -12.15 -40.71
C TYR D 97 -0.18 -11.71 -39.91
N PHE D 98 0.97 -11.53 -40.56
CA PHE D 98 2.15 -11.09 -39.82
C PHE D 98 1.89 -9.77 -39.11
N ARG D 99 1.29 -8.81 -39.79
CA ARG D 99 1.03 -7.52 -39.17
C ARG D 99 0.11 -7.61 -37.94
N SER D 100 -1.04 -8.27 -38.14
CA SER D 100 -2.04 -8.48 -37.11
C SER D 100 -1.45 -9.20 -35.88
N TYR D 101 -0.61 -10.19 -36.12
CA TYR D 101 0.02 -10.96 -35.04
C TYR D 101 0.86 -10.03 -34.17
N PHE D 102 1.72 -9.21 -34.79
CA PHE D 102 2.54 -8.28 -34.03
C PHE D 102 1.72 -7.10 -33.48
N ASN D 103 0.69 -6.66 -34.21
CA ASN D 103 -0.15 -5.54 -33.75
C ASN D 103 -0.77 -5.91 -32.38
N ARG D 104 -1.27 -7.14 -32.23
CA ARG D 104 -1.89 -7.59 -30.98
C ARG D 104 -0.94 -7.77 -29.82
N HIS D 105 0.31 -8.11 -30.11
CA HIS D 105 1.29 -8.30 -29.05
C HIS D 105 1.87 -6.96 -28.54
N PHE D 106 2.23 -6.08 -29.48
CA PHE D 106 2.81 -4.77 -29.15
C PHE D 106 1.80 -3.65 -29.01
N ARG D 107 0.59 -3.86 -29.53
CA ARG D 107 -0.48 -2.88 -29.49
C ARG D 107 0.08 -1.64 -30.21
N GLU D 108 0.71 -1.84 -31.36
CA GLU D 108 1.30 -0.76 -32.16
C GLU D 108 1.14 -1.05 -33.64
N PRO D 109 1.31 -0.03 -34.49
CA PRO D 109 1.21 -0.26 -35.93
C PRO D 109 2.39 -1.15 -36.33
N VAL D 110 2.25 -1.92 -37.41
CA VAL D 110 3.33 -2.80 -37.88
C VAL D 110 3.23 -2.69 -39.38
N SER D 111 4.22 -2.03 -39.98
CA SER D 111 4.23 -1.81 -41.42
C SER D 111 4.99 -2.88 -42.16
N CYS D 112 4.40 -3.36 -43.25
CA CYS D 112 5.00 -4.39 -44.07
C CYS D 112 4.16 -4.45 -45.33
N VAL D 113 4.79 -4.77 -46.46
CA VAL D 113 4.08 -4.87 -47.73
C VAL D 113 4.31 -6.25 -48.35
N SER D 114 3.49 -6.52 -49.35
CA SER D 114 3.50 -7.76 -50.11
C SER D 114 3.49 -7.35 -51.59
N ASP D 115 3.85 -8.25 -52.52
CA ASP D 115 3.80 -7.86 -53.91
C ASP D 115 2.67 -8.62 -54.61
N SER D 116 1.72 -9.03 -53.77
CA SER D 116 0.52 -9.76 -54.13
C SER D 116 0.53 -10.71 -55.34
N MET D 117 1.37 -11.74 -55.29
CA MET D 117 1.43 -12.70 -56.36
C MET D 117 0.12 -13.48 -56.26
N THR D 118 -0.52 -13.73 -57.39
CA THR D 118 -1.77 -14.47 -57.39
C THR D 118 -1.69 -15.72 -58.25
N GLU D 119 -2.84 -16.29 -58.57
CA GLU D 119 -2.84 -17.49 -59.39
C GLU D 119 -2.09 -17.38 -60.71
N ASP D 120 -2.11 -16.22 -61.37
CA ASP D 120 -1.38 -16.15 -62.64
C ASP D 120 0.12 -16.02 -62.49
N ALA D 121 0.61 -16.08 -61.26
CA ALA D 121 2.05 -15.98 -61.01
C ALA D 121 2.50 -17.35 -60.51
N ALA D 122 1.53 -18.20 -60.20
CA ALA D 122 1.79 -19.54 -59.69
C ALA D 122 2.44 -20.42 -60.73
N VAL D 123 2.18 -20.12 -61.99
CA VAL D 123 2.75 -20.91 -63.07
C VAL D 123 4.09 -20.34 -63.54
N PHE D 124 4.12 -19.06 -63.86
CA PHE D 124 5.35 -18.44 -64.34
C PHE D 124 6.18 -17.60 -63.39
N GLY D 125 5.90 -17.66 -62.10
CA GLY D 125 6.69 -16.87 -61.16
C GLY D 125 6.23 -15.45 -60.94
N GLY D 126 6.83 -14.78 -59.97
CA GLY D 126 6.45 -13.40 -59.70
C GLY D 126 7.44 -12.31 -60.04
N GLN D 127 8.16 -12.46 -61.13
CA GLN D 127 9.12 -11.44 -61.52
C GLN D 127 8.46 -10.07 -61.70
N GLN D 128 7.31 -10.03 -62.37
CA GLN D 128 6.65 -8.76 -62.60
C GLN D 128 6.18 -8.14 -61.26
N ASN D 129 5.72 -8.99 -60.33
CA ASN D 129 5.25 -8.51 -59.03
C ASN D 129 6.39 -7.79 -58.31
N MET D 130 7.58 -8.34 -58.43
CA MET D 130 8.75 -7.76 -57.81
C MET D 130 9.12 -6.41 -58.45
N LYS D 131 9.00 -6.30 -59.77
CA LYS D 131 9.33 -5.04 -60.44
C LYS D 131 8.40 -3.92 -60.04
N ASP D 132 7.11 -4.17 -60.18
CA ASP D 132 6.11 -3.16 -59.83
C ASP D 132 6.10 -2.95 -58.31
N GLY D 133 6.23 -4.04 -57.56
CA GLY D 133 6.23 -3.97 -56.11
C GLY D 133 7.27 -3.03 -55.53
N LEU D 134 8.53 -3.30 -55.86
CA LEU D 134 9.60 -2.45 -55.35
C LEU D 134 9.39 -0.99 -55.77
N GLN D 135 8.97 -0.78 -57.02
CA GLN D 135 8.75 0.60 -57.47
C GLN D 135 7.63 1.30 -56.71
N ASN D 136 6.47 0.64 -56.59
CA ASN D 136 5.31 1.20 -55.88
C ASN D 136 5.63 1.46 -54.40
N CYS D 137 6.31 0.50 -53.76
CA CYS D 137 6.68 0.61 -52.35
C CYS D 137 7.60 1.79 -52.07
N LYS D 138 8.68 1.89 -52.85
CA LYS D 138 9.61 3.00 -52.65
C LYS D 138 8.93 4.35 -52.88
N ALA D 139 8.13 4.43 -53.94
CA ALA D 139 7.43 5.66 -54.27
C ALA D 139 6.37 6.08 -53.26
N THR D 140 5.56 5.11 -52.85
CA THR D 140 4.48 5.35 -51.91
C THR D 140 4.82 5.50 -50.44
N TYR D 141 5.70 4.66 -49.92
CA TYR D 141 6.09 4.71 -48.53
C TYR D 141 7.46 5.30 -48.21
N LYS D 142 8.16 5.71 -49.27
CA LYS D 142 9.48 6.30 -49.16
C LYS D 142 10.49 5.74 -48.15
N PRO D 143 10.71 4.43 -48.18
CA PRO D 143 11.70 3.90 -47.24
C PRO D 143 13.07 4.14 -47.85
N ASP D 144 14.11 4.03 -47.03
CA ASP D 144 15.47 4.22 -47.53
C ASP D 144 16.07 2.84 -47.84
N MET D 145 15.33 1.80 -47.49
CA MET D 145 15.75 0.44 -47.71
C MET D 145 14.53 -0.49 -47.69
N ILE D 146 14.56 -1.51 -48.53
CA ILE D 146 13.46 -2.47 -48.61
C ILE D 146 14.14 -3.82 -48.36
N ALA D 147 13.75 -4.50 -47.28
CA ALA D 147 14.33 -5.81 -46.94
C ALA D 147 13.36 -6.89 -47.42
N VAL D 148 13.80 -7.70 -48.37
CA VAL D 148 12.95 -8.75 -48.92
C VAL D 148 13.05 -10.17 -48.37
N SER D 149 11.89 -10.77 -48.12
CA SER D 149 11.81 -12.13 -47.60
C SER D 149 10.74 -12.82 -48.48
N THR D 150 10.34 -14.05 -48.16
CA THR D 150 9.33 -14.72 -49.00
C THR D 150 8.26 -15.56 -48.33
N THR D 151 7.15 -15.77 -49.03
CA THR D 151 6.06 -16.58 -48.51
C THR D 151 6.29 -17.97 -49.14
N CYS D 152 5.60 -19.00 -48.63
CA CYS D 152 5.79 -20.35 -49.14
C CYS D 152 5.46 -20.58 -50.61
N MET D 153 4.49 -19.82 -51.13
CA MET D 153 4.11 -19.96 -52.54
C MET D 153 5.34 -19.64 -53.41
N ALA D 154 6.00 -18.52 -53.15
CA ALA D 154 7.16 -18.13 -53.93
C ALA D 154 8.29 -19.14 -53.79
N GLU D 155 8.43 -19.72 -52.60
CA GLU D 155 9.49 -20.70 -52.37
C GLU D 155 9.21 -21.99 -53.16
N VAL D 156 7.97 -22.46 -53.10
CA VAL D 156 7.58 -23.68 -53.81
C VAL D 156 7.75 -23.54 -55.33
N ILE D 157 7.42 -22.39 -55.90
CA ILE D 157 7.58 -22.25 -57.34
C ILE D 157 9.01 -21.87 -57.76
N GLY D 158 9.88 -21.66 -56.79
CA GLY D 158 11.27 -21.31 -57.09
C GLY D 158 11.69 -19.93 -57.57
N ASP D 159 10.93 -18.88 -57.25
CA ASP D 159 11.30 -17.53 -57.67
C ASP D 159 12.72 -17.23 -57.17
N ASP D 160 13.57 -16.70 -58.05
CA ASP D 160 14.95 -16.38 -57.66
C ASP D 160 15.02 -14.91 -57.26
N LEU D 161 14.99 -14.67 -55.95
CA LEU D 161 15.04 -13.34 -55.40
C LEU D 161 16.16 -12.52 -55.99
N ASN D 162 17.39 -13.06 -55.95
CA ASN D 162 18.55 -12.36 -56.49
C ASN D 162 18.35 -11.87 -57.91
N ALA D 163 17.92 -12.76 -58.79
CA ALA D 163 17.69 -12.42 -60.18
C ALA D 163 16.54 -11.41 -60.33
N PHE D 164 15.43 -11.66 -59.62
CA PHE D 164 14.27 -10.76 -59.70
C PHE D 164 14.59 -9.32 -59.32
N ILE D 165 15.38 -9.14 -58.27
CA ILE D 165 15.77 -7.81 -57.78
C ILE D 165 16.76 -7.18 -58.79
N ASN D 166 17.73 -7.97 -59.25
CA ASN D 166 18.72 -7.49 -60.22
C ASN D 166 18.00 -6.95 -61.47
N ASN D 167 17.03 -7.72 -61.97
CA ASN D 167 16.29 -7.31 -63.14
C ASN D 167 15.45 -6.06 -62.90
N SER D 168 14.90 -5.94 -61.69
CA SER D 168 14.08 -4.77 -61.35
C SER D 168 14.96 -3.53 -61.47
N LYS D 169 16.20 -3.66 -61.00
CA LYS D 169 17.17 -2.57 -61.04
C LYS D 169 17.69 -2.35 -62.47
N LYS D 170 18.05 -3.43 -63.13
CA LYS D 170 18.56 -3.38 -64.48
C LYS D 170 17.56 -2.67 -65.38
N GLU D 171 16.27 -2.91 -65.18
CA GLU D 171 15.24 -2.28 -65.99
C GLU D 171 14.71 -0.95 -65.46
N GLY D 172 15.32 -0.42 -64.41
CA GLY D 172 14.87 0.86 -63.87
C GLY D 172 13.65 0.95 -62.98
N PHE D 173 13.21 -0.14 -62.36
CA PHE D 173 12.03 -0.03 -61.49
C PHE D 173 12.41 0.63 -60.17
N ILE D 174 13.67 0.50 -59.78
CA ILE D 174 14.21 1.09 -58.54
C ILE D 174 15.66 1.43 -58.82
N PRO D 175 16.20 2.47 -58.17
CA PRO D 175 17.60 2.86 -58.39
C PRO D 175 18.56 1.73 -58.12
N ASP D 176 19.60 1.68 -58.94
CA ASP D 176 20.62 0.66 -58.82
C ASP D 176 21.34 0.67 -57.48
N GLU D 177 21.46 1.85 -56.88
CA GLU D 177 22.15 1.95 -55.59
C GLU D 177 21.20 1.78 -54.40
N PHE D 178 19.90 1.69 -54.67
CA PHE D 178 18.92 1.53 -53.61
C PHE D 178 19.11 0.18 -52.92
N PRO D 179 19.36 0.18 -51.62
CA PRO D 179 19.57 -1.09 -50.90
C PRO D 179 18.36 -2.03 -50.84
N VAL D 180 18.53 -3.25 -51.35
CA VAL D 180 17.46 -4.23 -51.33
C VAL D 180 18.02 -5.58 -50.86
N PRO D 181 18.43 -5.65 -49.60
CA PRO D 181 18.95 -6.93 -49.12
C PRO D 181 17.79 -7.93 -49.19
N PHE D 182 18.08 -9.22 -49.24
CA PHE D 182 17.01 -10.22 -49.33
C PHE D 182 17.37 -11.55 -48.69
N ALA D 183 16.37 -12.40 -48.54
CA ALA D 183 16.61 -13.72 -47.94
C ALA D 183 15.43 -14.62 -48.25
N HIS D 184 15.72 -15.89 -48.54
CA HIS D 184 14.70 -16.88 -48.83
C HIS D 184 14.28 -17.34 -47.43
N THR D 185 12.99 -17.30 -47.15
CA THR D 185 12.51 -17.69 -45.83
C THR D 185 11.35 -18.68 -45.93
N PRO D 186 11.64 -19.95 -46.30
CA PRO D 186 10.60 -20.97 -46.43
C PRO D 186 9.92 -21.36 -45.12
N SER D 187 8.61 -21.22 -45.07
CA SER D 187 7.85 -21.54 -43.88
C SER D 187 7.92 -23.04 -43.51
N PHE D 188 8.22 -23.90 -44.48
CA PHE D 188 8.30 -25.34 -44.22
C PHE D 188 9.66 -25.79 -43.70
N VAL D 189 10.53 -24.84 -43.36
CA VAL D 189 11.86 -25.14 -42.81
C VAL D 189 11.97 -24.36 -41.50
N GLY D 190 12.33 -25.06 -40.44
CA GLY D 190 12.49 -24.42 -39.14
C GLY D 190 11.27 -23.66 -38.65
N SER D 191 11.49 -22.43 -38.19
CA SER D 191 10.37 -21.64 -37.68
C SER D 191 10.64 -20.16 -37.81
N HIS D 192 9.80 -19.34 -37.18
CA HIS D 192 9.97 -17.91 -37.25
C HIS D 192 11.38 -17.45 -36.85
N VAL D 193 11.99 -18.11 -35.87
CA VAL D 193 13.34 -17.65 -35.49
C VAL D 193 14.35 -17.93 -36.59
N THR D 194 14.08 -18.94 -37.42
CA THR D 194 14.99 -19.26 -38.51
C THR D 194 14.85 -18.14 -39.53
N GLY D 195 13.65 -17.59 -39.67
CA GLY D 195 13.46 -16.50 -40.62
C GLY D 195 14.25 -15.26 -40.19
N TRP D 196 14.33 -15.01 -38.87
CA TRP D 196 15.06 -13.86 -38.35
C TRP D 196 16.54 -14.04 -38.74
N ASP D 197 17.08 -15.21 -38.45
CA ASP D 197 18.48 -15.55 -38.76
C ASP D 197 18.76 -15.38 -40.25
N ASN D 198 17.87 -15.91 -41.09
CA ASN D 198 18.06 -15.79 -42.54
C ASN D 198 18.04 -14.34 -43.00
N MET D 199 17.07 -13.57 -42.53
CA MET D 199 16.97 -12.17 -42.91
C MET D 199 18.18 -11.39 -42.45
N PHE D 200 18.59 -11.58 -41.21
CA PHE D 200 19.75 -10.86 -40.69
C PHE D 200 21.03 -11.13 -41.51
N GLU D 201 21.36 -12.40 -41.71
CA GLU D 201 22.54 -12.77 -42.47
C GLU D 201 22.42 -12.14 -43.88
N GLY D 202 21.21 -12.10 -44.42
CA GLY D 202 21.02 -11.53 -45.75
C GLY D 202 21.35 -10.04 -45.77
N ILE D 203 20.94 -9.32 -44.74
CA ILE D 203 21.22 -7.88 -44.67
C ILE D 203 22.71 -7.67 -44.38
N ALA D 204 23.30 -8.51 -43.54
CA ALA D 204 24.73 -8.40 -43.21
C ALA D 204 25.60 -8.65 -44.46
N ARG D 205 25.26 -9.68 -45.23
CA ARG D 205 26.04 -9.99 -46.41
C ARG D 205 25.87 -8.88 -47.47
N TYR D 206 24.67 -8.31 -47.59
CA TYR D 206 24.42 -7.27 -48.58
C TYR D 206 25.34 -6.05 -48.39
N PHE D 207 25.54 -5.63 -47.14
CA PHE D 207 26.38 -4.50 -46.84
C PHE D 207 27.88 -4.74 -46.62
N THR D 208 28.31 -6.00 -46.55
CA THR D 208 29.72 -6.26 -46.32
C THR D 208 30.44 -7.32 -47.16
N LEU D 209 29.72 -8.24 -47.80
CA LEU D 209 30.37 -9.28 -48.60
C LEU D 209 31.40 -8.85 -49.64
N LYS D 210 31.03 -7.86 -50.45
CA LYS D 210 31.88 -7.33 -51.50
C LYS D 210 32.94 -6.30 -51.11
N SER D 211 32.93 -5.85 -49.86
CA SER D 211 33.91 -4.86 -49.42
C SER D 211 34.77 -5.25 -48.21
N MET D 212 34.98 -6.55 -48.01
CA MET D 212 35.77 -7.01 -46.87
C MET D 212 37.24 -6.62 -46.88
N ASP D 213 37.79 -6.34 -48.06
CA ASP D 213 39.21 -5.97 -48.16
C ASP D 213 39.45 -4.61 -47.53
N ASP D 214 38.36 -3.88 -47.32
CA ASP D 214 38.45 -2.55 -46.73
C ASP D 214 38.36 -2.57 -45.19
N LYS D 215 37.94 -3.69 -44.63
CA LYS D 215 37.80 -3.81 -43.19
C LYS D 215 39.01 -4.23 -42.37
N VAL D 216 39.03 -3.74 -41.14
CA VAL D 216 40.10 -4.04 -40.20
C VAL D 216 39.44 -4.38 -38.84
N VAL D 217 39.54 -5.63 -38.41
CA VAL D 217 38.94 -6.03 -37.15
C VAL D 217 39.42 -5.20 -35.94
N GLY D 218 38.45 -4.71 -35.19
CA GLY D 218 38.77 -3.92 -34.02
C GLY D 218 39.07 -2.45 -34.30
N SER D 219 39.11 -2.05 -35.56
CA SER D 219 39.40 -0.65 -35.85
C SER D 219 38.36 0.33 -35.34
N ASN D 220 37.09 -0.04 -35.23
CA ASN D 220 36.13 0.95 -34.73
C ASN D 220 35.94 0.93 -33.21
N LYS D 221 36.64 0.02 -32.54
CA LYS D 221 36.57 -0.10 -31.09
C LYS D 221 35.23 -0.43 -30.43
N LYS D 222 34.27 -0.91 -31.21
CA LYS D 222 32.96 -1.26 -30.69
C LYS D 222 32.75 -2.78 -30.64
N ILE D 223 31.64 -3.18 -30.02
CA ILE D 223 31.28 -4.59 -29.91
C ILE D 223 29.90 -4.68 -30.56
N ASN D 224 29.73 -5.52 -31.58
CA ASN D 224 28.42 -5.63 -32.21
C ASN D 224 27.56 -6.56 -31.33
N ILE D 225 26.27 -6.28 -31.29
CA ILE D 225 25.33 -7.08 -30.51
C ILE D 225 24.20 -7.44 -31.45
N VAL D 226 23.93 -8.74 -31.61
CA VAL D 226 22.85 -9.21 -32.50
C VAL D 226 21.82 -9.81 -31.55
N PRO D 227 20.65 -9.17 -31.45
CA PRO D 227 19.59 -9.63 -30.53
C PRO D 227 18.75 -10.85 -30.88
N GLY D 228 18.56 -11.13 -32.16
CA GLY D 228 17.75 -12.29 -32.52
C GLY D 228 16.27 -11.88 -32.41
N PHE D 229 15.35 -12.81 -32.63
CA PHE D 229 13.90 -12.56 -32.55
C PHE D 229 13.63 -12.19 -31.08
N GLU D 230 13.29 -10.91 -30.84
CA GLU D 230 13.02 -10.39 -29.49
C GLU D 230 11.71 -9.59 -29.46
N THR D 231 10.80 -9.95 -28.55
CA THR D 231 9.53 -9.25 -28.47
C THR D 231 9.27 -8.50 -27.15
N TYR D 232 10.32 -8.28 -26.35
CA TYR D 232 10.18 -7.56 -25.10
C TYR D 232 11.02 -6.31 -25.32
N LEU D 233 10.40 -5.14 -25.26
CA LEU D 233 11.12 -3.88 -25.46
C LEU D 233 12.22 -3.69 -24.41
N GLY D 234 11.97 -4.13 -23.18
CA GLY D 234 12.96 -3.98 -22.13
C GLY D 234 14.24 -4.74 -22.41
N ASN D 235 14.17 -5.73 -23.31
CA ASN D 235 15.40 -6.50 -23.59
C ASN D 235 16.38 -5.73 -24.48
N PHE D 236 15.87 -5.00 -25.46
CA PHE D 236 16.79 -4.24 -26.29
C PHE D 236 17.39 -3.16 -25.36
N ARG D 237 16.50 -2.53 -24.60
CA ARG D 237 16.86 -1.47 -23.68
C ARG D 237 17.85 -1.79 -22.57
N VAL D 238 17.65 -2.92 -21.88
CA VAL D 238 18.55 -3.27 -20.82
C VAL D 238 19.96 -3.56 -21.35
N ILE D 239 20.08 -4.14 -22.54
CA ILE D 239 21.42 -4.43 -23.09
C ILE D 239 22.15 -3.09 -23.39
N LYS D 240 21.46 -2.15 -24.02
CA LYS D 240 22.08 -0.85 -24.31
C LYS D 240 22.40 -0.10 -23.01
N ARG D 241 21.53 -0.21 -22.01
CA ARG D 241 21.79 0.49 -20.74
C ARG D 241 23.00 -0.10 -20.04
N MET D 242 23.13 -1.41 -20.01
CA MET D 242 24.28 -1.99 -19.33
C MET D 242 25.60 -1.68 -20.03
N LEU D 243 25.61 -1.72 -21.36
CA LEU D 243 26.82 -1.44 -22.13
C LEU D 243 27.22 0.03 -21.95
N SER D 244 26.25 0.94 -22.01
CA SER D 244 26.55 2.36 -21.82
C SER D 244 27.04 2.59 -20.40
N GLU D 245 26.43 1.88 -19.46
CA GLU D 245 26.80 1.99 -18.07
C GLU D 245 28.26 1.59 -17.86
N MET D 246 28.76 0.67 -18.71
CA MET D 246 30.13 0.18 -18.63
C MET D 246 31.09 1.01 -19.48
N GLY D 247 30.55 1.96 -20.23
CA GLY D 247 31.41 2.78 -21.05
C GLY D 247 31.89 1.96 -22.25
N VAL D 248 31.11 0.98 -22.65
CA VAL D 248 31.50 0.14 -23.79
C VAL D 248 30.87 0.64 -25.10
N GLY D 249 31.69 0.82 -26.13
CA GLY D 249 31.16 1.27 -27.40
C GLY D 249 30.49 0.04 -27.98
N TYR D 250 29.36 0.21 -28.63
CA TYR D 250 28.64 -0.91 -29.19
C TYR D 250 27.75 -0.50 -30.33
N SER D 251 27.24 -1.49 -31.03
CA SER D 251 26.36 -1.26 -32.16
C SER D 251 25.32 -2.40 -32.11
N LEU D 252 24.05 -2.03 -31.92
CA LEU D 252 22.96 -2.99 -31.85
C LEU D 252 22.46 -3.21 -33.27
N LEU D 253 22.74 -4.39 -33.82
CA LEU D 253 22.33 -4.73 -35.19
C LEU D 253 20.93 -5.36 -35.26
N SER D 254 19.98 -4.52 -35.67
CA SER D 254 18.55 -4.78 -35.81
C SER D 254 18.06 -4.34 -34.44
N ASP D 255 17.61 -3.09 -34.39
CA ASP D 255 17.10 -2.45 -33.18
C ASP D 255 15.73 -1.86 -33.45
N PRO D 256 14.66 -2.62 -33.13
CA PRO D 256 13.32 -2.11 -33.38
C PRO D 256 12.62 -1.43 -32.22
N GLU D 257 13.36 -1.16 -31.15
CA GLU D 257 12.75 -0.55 -29.97
C GLU D 257 12.03 0.78 -30.17
N GLU D 258 12.55 1.65 -31.04
CA GLU D 258 11.88 2.94 -31.28
C GLU D 258 10.63 2.76 -32.10
N VAL D 259 10.71 2.04 -33.24
CA VAL D 259 9.55 1.84 -34.09
C VAL D 259 8.42 1.00 -33.45
N LEU D 260 8.72 0.22 -32.40
CA LEU D 260 7.71 -0.60 -31.74
C LEU D 260 7.21 0.13 -30.49
N ASP D 261 7.54 1.41 -30.35
CA ASP D 261 7.10 2.18 -29.17
C ASP D 261 7.07 3.69 -29.44
N THR D 262 6.40 4.12 -30.50
CA THR D 262 6.35 5.54 -30.80
C THR D 262 5.32 6.23 -29.90
N PRO D 263 5.52 7.52 -29.59
CA PRO D 263 4.56 8.23 -28.74
C PRO D 263 3.28 8.59 -29.47
N ALA D 264 2.19 8.73 -28.70
CA ALA D 264 0.91 9.10 -29.27
C ALA D 264 0.88 10.60 -29.00
N ASP D 265 1.44 11.38 -29.92
CA ASP D 265 1.51 12.81 -29.79
C ASP D 265 0.84 13.59 -30.93
N GLY D 266 -0.01 12.92 -31.71
CA GLY D 266 -0.66 13.62 -32.81
C GLY D 266 -0.18 13.20 -34.18
N GLN D 267 0.91 12.44 -34.25
CA GLN D 267 1.33 12.03 -35.58
C GLN D 267 1.75 10.60 -35.61
N PHE D 268 1.50 9.95 -36.73
CA PHE D 268 1.85 8.56 -36.92
C PHE D 268 3.21 8.54 -37.59
N ARG D 269 4.15 7.83 -36.98
CA ARG D 269 5.50 7.73 -37.52
C ARG D 269 5.66 6.32 -38.07
N MET D 270 5.64 6.17 -39.38
CA MET D 270 5.79 4.84 -39.97
C MET D 270 7.12 4.20 -39.63
N TYR D 271 8.16 5.04 -39.55
CA TYR D 271 9.50 4.60 -39.22
C TYR D 271 10.05 5.39 -38.03
N ALA D 272 10.98 4.79 -37.29
CA ALA D 272 11.59 5.45 -36.14
C ALA D 272 12.81 4.69 -35.67
N GLY D 273 13.88 5.42 -35.36
CA GLY D 273 15.11 4.80 -34.89
C GLY D 273 15.64 3.72 -35.82
N GLY D 274 16.22 2.67 -35.23
CA GLY D 274 16.76 1.56 -36.00
C GLY D 274 18.25 1.62 -36.29
N THR D 275 18.82 0.44 -36.58
CA THR D 275 20.23 0.31 -36.90
C THR D 275 20.40 1.06 -38.24
N THR D 276 21.43 1.87 -38.40
CA THR D 276 21.59 2.59 -39.68
C THR D 276 22.37 1.73 -40.68
N GLN D 277 22.26 2.09 -41.95
CA GLN D 277 22.96 1.37 -43.01
C GLN D 277 24.47 1.47 -42.76
N GLU D 278 24.88 2.64 -42.28
CA GLU D 278 26.28 2.86 -41.99
C GLU D 278 26.78 1.92 -40.90
N GLU D 279 25.92 1.64 -39.92
CA GLU D 279 26.34 0.74 -38.85
C GLU D 279 26.53 -0.67 -39.39
N MET D 280 25.72 -1.06 -40.38
CA MET D 280 25.89 -2.41 -40.94
C MET D 280 27.19 -2.47 -41.74
N LYS D 281 27.42 -1.42 -42.53
CA LYS D 281 28.64 -1.35 -43.36
C LYS D 281 29.91 -1.38 -42.52
N ASP D 282 29.85 -0.69 -41.38
CA ASP D 282 30.95 -0.60 -40.45
C ASP D 282 31.10 -1.74 -39.47
N ALA D 283 30.07 -2.58 -39.35
CA ALA D 283 30.12 -3.71 -38.42
C ALA D 283 31.39 -4.57 -38.44
N PRO D 284 31.93 -4.91 -39.63
CA PRO D 284 33.13 -5.77 -39.66
C PRO D 284 34.31 -5.16 -38.93
N ASN D 285 34.26 -3.83 -38.79
CA ASN D 285 35.31 -3.11 -38.09
C ASN D 285 35.28 -3.16 -36.59
N ALA D 286 34.31 -3.88 -36.04
CA ALA D 286 34.21 -4.00 -34.60
C ALA D 286 35.24 -4.97 -34.02
N LEU D 287 35.40 -4.92 -32.71
CA LEU D 287 36.35 -5.80 -32.00
C LEU D 287 35.84 -7.23 -32.06
N ASN D 288 34.51 -7.35 -31.98
CA ASN D 288 33.91 -8.68 -32.02
C ASN D 288 32.40 -8.53 -32.18
N THR D 289 31.71 -9.66 -32.19
CA THR D 289 30.25 -9.69 -32.33
C THR D 289 29.70 -10.70 -31.35
N VAL D 290 28.75 -10.24 -30.54
CA VAL D 290 28.13 -11.07 -29.55
C VAL D 290 26.71 -11.38 -29.99
N LEU D 291 26.35 -12.66 -29.96
CA LEU D 291 25.01 -13.12 -30.36
C LEU D 291 24.22 -13.40 -29.07
N LEU D 292 23.15 -12.65 -28.82
CA LEU D 292 22.36 -12.85 -27.61
C LEU D 292 21.52 -14.13 -27.59
N GLN D 293 21.10 -14.60 -28.76
CA GLN D 293 20.29 -15.82 -28.82
C GLN D 293 20.95 -16.71 -29.87
N PRO D 294 22.11 -17.28 -29.51
CA PRO D 294 22.89 -18.14 -30.41
C PRO D 294 22.16 -19.35 -31.02
N TRP D 295 21.19 -19.93 -30.31
CA TRP D 295 20.52 -21.08 -30.90
C TRP D 295 19.66 -20.83 -32.13
N HIS D 296 19.48 -19.56 -32.49
CA HIS D 296 18.69 -19.26 -33.68
C HIS D 296 19.47 -18.26 -34.54
N LEU D 297 20.78 -18.17 -34.29
CA LEU D 297 21.64 -17.26 -35.07
C LEU D 297 22.85 -18.06 -35.67
N GLU D 298 22.64 -19.34 -35.96
CA GLU D 298 23.70 -20.17 -36.53
C GLU D 298 24.19 -19.75 -37.93
N LYS D 299 23.28 -19.37 -38.82
CA LYS D 299 23.70 -18.96 -40.14
C LYS D 299 24.45 -17.63 -40.00
N THR D 300 23.93 -16.72 -39.18
CA THR D 300 24.57 -15.44 -38.96
C THR D 300 25.99 -15.68 -38.39
N LYS D 301 26.10 -16.59 -37.43
CA LYS D 301 27.38 -16.90 -36.81
C LYS D 301 28.41 -17.37 -37.85
N LYS D 302 28.00 -18.23 -38.78
CA LYS D 302 28.92 -18.74 -39.79
C LYS D 302 29.44 -17.60 -40.67
N PHE D 303 28.57 -16.65 -40.96
CA PHE D 303 28.96 -15.52 -41.79
C PHE D 303 29.85 -14.54 -41.05
N VAL D 304 29.52 -14.27 -39.79
CA VAL D 304 30.29 -13.35 -38.98
C VAL D 304 31.67 -13.93 -38.68
N GLU D 305 31.75 -15.22 -38.37
CA GLU D 305 33.05 -15.83 -38.07
C GLU D 305 33.86 -16.04 -39.33
N GLY D 306 33.22 -16.61 -40.34
CA GLY D 306 33.91 -16.87 -41.59
C GLY D 306 34.28 -15.72 -42.48
N THR D 307 33.43 -14.70 -42.51
CA THR D 307 33.70 -13.55 -43.36
C THR D 307 34.24 -12.30 -42.62
N TRP D 308 33.64 -11.96 -41.49
CA TRP D 308 34.11 -10.79 -40.74
C TRP D 308 35.34 -11.16 -39.91
N LYS D 309 35.56 -12.45 -39.69
CA LYS D 309 36.69 -12.91 -38.91
C LYS D 309 36.59 -12.54 -37.44
N HIS D 310 35.36 -12.49 -36.91
CA HIS D 310 35.22 -12.15 -35.49
C HIS D 310 35.19 -13.43 -34.70
N GLU D 311 35.88 -13.42 -33.57
CA GLU D 311 35.93 -14.60 -32.73
C GLU D 311 34.71 -14.60 -31.82
N VAL D 312 33.54 -14.76 -32.41
CA VAL D 312 32.28 -14.79 -31.67
C VAL D 312 32.41 -15.65 -30.40
N PRO D 313 32.23 -15.03 -29.21
CA PRO D 313 32.33 -15.70 -27.91
C PRO D 313 31.23 -16.77 -27.76
N LYS D 314 31.54 -17.88 -27.08
CA LYS D 314 30.55 -18.94 -26.88
C LYS D 314 29.79 -18.57 -25.61
N LEU D 315 28.78 -17.75 -25.77
CA LEU D 315 27.99 -17.31 -24.63
C LEU D 315 26.53 -17.70 -24.74
N ASN D 316 25.93 -18.03 -23.61
CA ASN D 316 24.51 -18.39 -23.60
C ASN D 316 23.79 -17.03 -23.52
N ILE D 317 22.48 -17.08 -23.72
CA ILE D 317 21.63 -15.89 -23.66
C ILE D 317 21.85 -15.33 -22.25
N PRO D 318 21.97 -14.01 -22.09
CA PRO D 318 22.18 -13.41 -20.76
C PRO D 318 20.90 -13.33 -19.91
N MET D 319 20.48 -14.48 -19.38
CA MET D 319 19.30 -14.62 -18.55
C MET D 319 19.73 -15.31 -17.29
N GLY D 320 19.25 -14.84 -16.15
CA GLY D 320 19.63 -15.47 -14.91
C GLY D 320 20.91 -14.83 -14.39
N LEU D 321 21.35 -15.27 -13.22
CA LEU D 321 22.55 -14.76 -12.57
C LEU D 321 23.87 -15.15 -13.25
N ASP D 322 24.18 -16.45 -13.31
CA ASP D 322 25.43 -16.90 -13.93
C ASP D 322 25.64 -16.43 -15.35
N TRP D 323 24.63 -16.55 -16.18
CA TRP D 323 24.77 -16.12 -17.57
C TRP D 323 24.87 -14.60 -17.77
N THR D 324 24.30 -13.81 -16.85
CA THR D 324 24.41 -12.36 -17.01
C THR D 324 25.89 -12.06 -16.55
N ASP D 325 26.35 -12.72 -15.50
CA ASP D 325 27.72 -12.52 -15.02
C ASP D 325 28.70 -12.85 -16.17
N GLU D 326 28.47 -13.98 -16.85
CA GLU D 326 29.34 -14.41 -17.96
C GLU D 326 29.34 -13.42 -19.10
N PHE D 327 28.16 -12.89 -19.41
CA PHE D 327 28.05 -11.90 -20.50
C PHE D 327 28.86 -10.64 -20.14
N LEU D 328 28.67 -10.13 -18.93
CA LEU D 328 29.40 -8.93 -18.53
C LEU D 328 30.93 -9.14 -18.52
N MET D 329 31.37 -10.26 -17.97
CA MET D 329 32.79 -10.56 -17.90
C MET D 329 33.41 -10.67 -19.29
N LYS D 330 32.68 -11.27 -20.23
CA LYS D 330 33.19 -11.42 -21.58
C LYS D 330 33.27 -10.05 -22.28
N VAL D 331 32.25 -9.22 -22.05
CA VAL D 331 32.20 -7.90 -22.64
C VAL D 331 33.34 -7.08 -22.06
N SER D 332 33.60 -7.28 -20.77
CA SER D 332 34.67 -6.56 -20.11
C SER D 332 35.99 -6.97 -20.73
N GLU D 333 36.13 -8.28 -20.93
CA GLU D 333 37.35 -8.83 -21.53
C GLU D 333 37.58 -8.30 -22.96
N ILE D 334 36.54 -8.28 -23.78
CA ILE D 334 36.68 -7.80 -25.16
C ILE D 334 36.91 -6.30 -25.33
N SER D 335 36.28 -5.48 -24.49
CA SER D 335 36.41 -4.04 -24.58
C SER D 335 37.53 -3.46 -23.73
N GLY D 336 37.93 -4.18 -22.69
CA GLY D 336 38.98 -3.64 -21.84
C GLY D 336 38.38 -2.76 -20.73
N GLN D 337 37.06 -2.61 -20.73
CA GLN D 337 36.38 -1.80 -19.70
C GLN D 337 36.05 -2.66 -18.49
N PRO D 338 36.29 -2.14 -17.29
CA PRO D 338 35.97 -2.94 -16.12
C PRO D 338 34.46 -2.93 -15.86
N ILE D 339 33.99 -3.86 -15.05
CA ILE D 339 32.58 -3.89 -14.75
C ILE D 339 32.51 -2.87 -13.63
N PRO D 340 31.66 -1.84 -13.80
CA PRO D 340 31.51 -0.77 -12.80
C PRO D 340 30.77 -1.15 -11.52
N ALA D 341 30.98 -0.34 -10.49
CA ALA D 341 30.36 -0.54 -9.20
C ALA D 341 28.83 -0.65 -9.26
N SER D 342 28.21 0.14 -10.13
CA SER D 342 26.77 0.11 -10.25
C SER D 342 26.23 -1.27 -10.67
N LEU D 343 26.89 -1.92 -11.63
CA LEU D 343 26.43 -3.23 -12.08
C LEU D 343 26.71 -4.29 -11.02
N THR D 344 27.82 -4.16 -10.34
CA THR D 344 28.17 -5.11 -9.29
C THR D 344 27.11 -4.98 -8.19
N LYS D 345 26.67 -3.74 -7.92
CA LYS D 345 25.66 -3.56 -6.89
C LYS D 345 24.31 -4.13 -7.37
N GLU D 346 23.95 -3.92 -8.65
CA GLU D 346 22.69 -4.43 -9.18
C GLU D 346 22.66 -5.97 -9.02
N ARG D 347 23.79 -6.60 -9.31
CA ARG D 347 23.90 -8.06 -9.18
C ARG D 347 23.58 -8.48 -7.76
N GLY D 348 24.24 -7.80 -6.80
CA GLY D 348 24.03 -8.09 -5.39
C GLY D 348 22.59 -7.85 -4.92
N ARG D 349 21.88 -6.96 -5.59
CA ARG D 349 20.49 -6.69 -5.23
C ARG D 349 19.64 -7.88 -5.71
N LEU D 350 19.96 -8.44 -6.88
CA LEU D 350 19.21 -9.59 -7.39
C LEU D 350 19.45 -10.75 -6.40
N VAL D 351 20.70 -10.96 -5.99
CA VAL D 351 20.99 -12.03 -5.05
C VAL D 351 20.20 -11.81 -3.75
N ASP D 352 20.09 -10.56 -3.32
CA ASP D 352 19.35 -10.27 -2.08
C ASP D 352 17.89 -10.72 -2.23
N MET D 353 17.29 -10.40 -3.38
CA MET D 353 15.91 -10.76 -3.67
C MET D 353 15.78 -12.30 -3.66
N MET D 354 16.79 -12.98 -4.21
CA MET D 354 16.75 -14.44 -4.22
C MET D 354 16.78 -14.98 -2.79
N THR D 355 17.62 -14.40 -1.92
CA THR D 355 17.65 -14.89 -0.54
C THR D 355 16.32 -14.59 0.16
N ASP D 356 15.72 -13.43 -0.14
CA ASP D 356 14.44 -13.09 0.51
C ASP D 356 13.22 -13.92 0.08
N SER D 357 13.24 -14.43 -1.14
CA SER D 357 12.11 -15.21 -1.64
C SER D 357 12.31 -16.69 -1.81
N HIS D 358 13.51 -17.18 -1.53
CA HIS D 358 13.76 -18.59 -1.69
C HIS D 358 12.83 -19.57 -1.01
N THR D 359 12.28 -19.23 0.15
CA THR D 359 11.40 -20.20 0.80
C THR D 359 10.09 -20.47 0.08
N TRP D 360 9.57 -19.50 -0.68
CA TRP D 360 8.32 -19.69 -1.38
C TRP D 360 8.58 -20.33 -2.75
N LEU D 361 9.79 -20.14 -3.25
CA LEU D 361 10.16 -20.70 -4.56
C LEU D 361 10.66 -22.13 -4.51
N HIS D 362 11.31 -22.48 -3.42
CA HIS D 362 11.87 -23.83 -3.28
C HIS D 362 10.98 -25.01 -3.63
N GLY D 363 11.45 -25.79 -4.60
CA GLY D 363 10.73 -26.98 -5.03
C GLY D 363 9.48 -26.79 -5.86
N LYS D 364 9.12 -25.54 -6.20
CA LYS D 364 7.93 -25.29 -7.01
C LYS D 364 8.16 -25.92 -8.37
N ARG D 365 7.15 -26.64 -8.84
CA ARG D 365 7.22 -27.32 -10.11
C ARG D 365 6.63 -26.53 -11.28
N PHE D 366 7.35 -26.50 -12.40
CA PHE D 366 6.88 -25.77 -13.57
C PHE D 366 6.92 -26.52 -14.89
N ALA D 367 5.98 -26.15 -15.77
CA ALA D 367 5.89 -26.71 -17.12
C ALA D 367 6.16 -25.36 -17.84
N LEU D 368 6.89 -25.35 -18.94
CA LEU D 368 7.17 -24.10 -19.63
C LEU D 368 7.50 -24.36 -21.09
N TRP D 369 7.31 -23.35 -21.94
CA TRP D 369 7.59 -23.47 -23.38
C TRP D 369 8.02 -22.13 -23.97
N GLY D 370 8.45 -22.16 -25.23
CA GLY D 370 8.89 -20.94 -25.89
C GLY D 370 10.03 -21.24 -26.86
N ASP D 371 10.72 -20.20 -27.31
CA ASP D 371 11.83 -20.37 -28.25
C ASP D 371 13.01 -20.97 -27.50
N PRO D 372 13.95 -21.61 -28.23
CA PRO D 372 15.10 -22.25 -27.59
C PRO D 372 15.95 -21.47 -26.61
N ASP D 373 16.45 -20.31 -27.02
CA ASP D 373 17.29 -19.53 -26.11
C ASP D 373 16.52 -19.06 -24.87
N PHE D 374 15.31 -18.53 -25.11
CA PHE D 374 14.48 -18.06 -24.01
C PHE D 374 14.18 -19.25 -23.04
N VAL D 375 13.81 -20.42 -23.57
CA VAL D 375 13.51 -21.58 -22.72
C VAL D 375 14.67 -22.05 -21.87
N MET D 376 15.87 -22.12 -22.45
CA MET D 376 17.02 -22.56 -21.68
C MET D 376 17.44 -21.51 -20.65
N GLY D 377 17.21 -20.24 -20.95
CA GLY D 377 17.55 -19.17 -20.01
C GLY D 377 16.59 -19.25 -18.84
N LEU D 378 15.32 -19.52 -19.13
CA LEU D 378 14.30 -19.64 -18.10
C LEU D 378 14.66 -20.84 -17.21
N VAL D 379 14.99 -21.96 -17.86
CA VAL D 379 15.38 -23.18 -17.14
C VAL D 379 16.58 -22.92 -16.21
N LYS D 380 17.62 -22.27 -16.73
CA LYS D 380 18.81 -21.97 -15.91
C LYS D 380 18.45 -21.12 -14.67
N PHE D 381 17.68 -20.04 -14.87
CA PHE D 381 17.29 -19.18 -13.74
C PHE D 381 16.43 -19.97 -12.74
N LEU D 382 15.47 -20.78 -13.23
CA LEU D 382 14.62 -21.56 -12.31
C LEU D 382 15.50 -22.43 -11.41
N LEU D 383 16.55 -23.02 -11.98
CA LEU D 383 17.44 -23.86 -11.19
C LEU D 383 18.15 -23.03 -10.13
N GLU D 384 18.60 -21.83 -10.52
CA GLU D 384 19.29 -20.91 -9.61
C GLU D 384 18.36 -20.51 -8.45
N LEU D 385 17.04 -20.54 -8.70
CA LEU D 385 16.05 -20.19 -7.67
C LEU D 385 15.65 -21.36 -6.79
N GLY D 386 16.15 -22.54 -7.11
CA GLY D 386 15.81 -23.71 -6.33
C GLY D 386 14.46 -24.27 -6.75
N CYS D 387 14.03 -23.94 -7.97
CA CYS D 387 12.75 -24.43 -8.49
C CYS D 387 12.99 -25.67 -9.38
N GLU D 388 11.92 -26.43 -9.66
CA GLU D 388 12.04 -27.62 -10.50
C GLU D 388 11.34 -27.52 -11.82
N PRO D 389 12.10 -27.35 -12.92
CA PRO D 389 11.53 -27.25 -14.27
C PRO D 389 11.16 -28.65 -14.78
N VAL D 390 10.01 -29.18 -14.39
CA VAL D 390 9.56 -30.50 -14.79
C VAL D 390 9.21 -30.77 -16.27
N HIS D 391 8.43 -29.91 -16.90
CA HIS D 391 8.08 -30.12 -18.30
C HIS D 391 8.62 -28.97 -19.12
N ILE D 392 9.70 -29.23 -19.85
CA ILE D 392 10.34 -28.22 -20.69
C ILE D 392 9.99 -28.53 -22.11
N LEU D 393 9.20 -27.67 -22.75
CA LEU D 393 8.80 -27.89 -24.13
C LEU D 393 9.23 -26.79 -25.10
N CYS D 394 9.90 -27.20 -26.19
CA CYS D 394 10.36 -26.25 -27.21
C CYS D 394 10.02 -26.94 -28.52
N HIS D 395 8.86 -26.56 -29.07
CA HIS D 395 8.37 -27.13 -30.32
C HIS D 395 9.40 -26.98 -31.44
N ASN D 396 9.97 -25.79 -31.58
CA ASN D 396 10.98 -25.53 -32.60
C ASN D 396 12.43 -25.78 -32.16
N GLY D 397 12.65 -26.61 -31.15
CA GLY D 397 13.99 -26.89 -30.68
C GLY D 397 14.63 -28.02 -31.50
N ASN D 398 15.90 -28.35 -31.25
CA ASN D 398 16.53 -29.42 -32.02
C ASN D 398 17.32 -30.30 -31.12
N LYS D 399 17.86 -31.39 -31.67
CA LYS D 399 18.65 -32.35 -30.89
C LYS D 399 19.88 -31.79 -30.20
N ARG D 400 20.67 -30.99 -30.90
CA ARG D 400 21.87 -30.43 -30.26
C ARG D 400 21.46 -29.51 -29.08
N TRP D 401 20.39 -28.73 -29.27
CA TRP D 401 19.91 -27.81 -28.24
C TRP D 401 19.44 -28.64 -27.02
N LYS D 402 18.69 -29.71 -27.27
CA LYS D 402 18.21 -30.55 -26.19
C LYS D 402 19.39 -31.09 -25.38
N LYS D 403 20.45 -31.53 -26.06
CA LYS D 403 21.63 -32.05 -25.33
C LYS D 403 22.20 -30.97 -24.43
N ALA D 404 22.28 -29.74 -24.95
CA ALA D 404 22.81 -28.65 -24.15
C ALA D 404 21.94 -28.43 -22.90
N VAL D 405 20.61 -28.42 -23.10
CA VAL D 405 19.70 -28.22 -21.97
C VAL D 405 19.77 -29.38 -21.01
N ASP D 406 19.92 -30.60 -21.53
CA ASP D 406 20.02 -31.73 -20.62
C ASP D 406 21.31 -31.59 -19.79
N ALA D 407 22.38 -31.02 -20.37
CA ALA D 407 23.64 -30.84 -19.61
C ALA D 407 23.42 -29.81 -18.48
N ILE D 408 22.72 -28.71 -18.78
CA ILE D 408 22.44 -27.68 -17.79
C ILE D 408 21.68 -28.31 -16.61
N LEU D 409 20.71 -29.15 -16.94
CA LEU D 409 19.91 -29.81 -15.92
C LEU D 409 20.74 -30.81 -15.09
N ALA D 410 21.57 -31.60 -15.74
CA ALA D 410 22.40 -32.55 -15.00
C ALA D 410 23.36 -31.84 -14.03
N ALA D 411 23.69 -30.59 -14.28
CA ALA D 411 24.59 -29.86 -13.40
C ALA D 411 23.91 -29.35 -12.10
N SER D 412 22.62 -29.65 -11.97
CA SER D 412 21.90 -29.21 -10.79
C SER D 412 20.94 -30.27 -10.22
N PRO D 413 20.92 -30.41 -8.89
CA PRO D 413 20.02 -31.40 -8.27
C PRO D 413 18.56 -31.03 -8.55
N TYR D 414 18.33 -29.75 -8.82
CA TYR D 414 16.97 -29.27 -9.09
C TYR D 414 16.51 -29.64 -10.48
N GLY D 415 17.41 -30.21 -11.26
CA GLY D 415 17.03 -30.59 -12.61
C GLY D 415 16.71 -32.06 -12.73
N LYS D 416 16.71 -32.76 -11.59
CA LYS D 416 16.44 -34.19 -11.62
C LYS D 416 15.10 -34.70 -12.13
N ASN D 417 14.03 -33.93 -11.96
CA ASN D 417 12.73 -34.37 -12.43
C ASN D 417 12.28 -33.75 -13.75
N ALA D 418 13.22 -33.11 -14.42
CA ALA D 418 12.94 -32.46 -15.68
C ALA D 418 13.12 -33.31 -16.91
N THR D 419 12.29 -33.06 -17.92
CA THR D 419 12.40 -33.81 -19.17
C THR D 419 12.26 -32.73 -20.24
N VAL D 420 13.15 -32.75 -21.22
CA VAL D 420 13.13 -31.78 -22.31
C VAL D 420 12.47 -32.40 -23.51
N TYR D 421 11.47 -31.70 -24.06
CA TYR D 421 10.72 -32.16 -25.21
C TYR D 421 10.87 -31.28 -26.45
N ILE D 422 11.27 -31.85 -27.58
CA ILE D 422 11.41 -31.05 -28.79
C ILE D 422 10.43 -31.64 -29.80
N GLY D 423 9.93 -30.82 -30.71
CA GLY D 423 8.98 -31.30 -31.71
C GLY D 423 7.57 -31.54 -31.18
N LYS D 424 7.36 -31.37 -29.88
CA LYS D 424 6.03 -31.58 -29.28
C LYS D 424 5.28 -30.24 -29.19
N ASP D 425 3.95 -30.30 -29.18
CA ASP D 425 3.12 -29.12 -29.12
C ASP D 425 2.35 -28.92 -27.79
N LEU D 426 1.49 -27.91 -27.74
CA LEU D 426 0.72 -27.63 -26.53
C LEU D 426 -0.36 -28.65 -26.22
N TRP D 427 -0.66 -29.55 -27.17
CA TRP D 427 -1.68 -30.56 -26.88
C TRP D 427 -0.92 -31.66 -26.16
N HIS D 428 0.38 -31.77 -26.46
CA HIS D 428 1.20 -32.78 -25.79
C HIS D 428 1.40 -32.25 -24.35
N LEU D 429 1.73 -30.95 -24.25
CA LEU D 429 1.95 -30.34 -22.93
C LEU D 429 0.73 -30.47 -22.05
N ARG D 430 -0.46 -30.32 -22.64
CA ARG D 430 -1.71 -30.44 -21.89
C ARG D 430 -1.78 -31.80 -21.18
N SER D 431 -1.40 -32.87 -21.87
CA SER D 431 -1.43 -34.20 -21.24
C SER D 431 -0.45 -34.24 -20.06
N LEU D 432 0.77 -33.72 -20.28
CA LEU D 432 1.79 -33.71 -19.23
C LEU D 432 1.33 -32.99 -17.96
N VAL D 433 0.60 -31.87 -18.08
CA VAL D 433 0.17 -31.17 -16.88
C VAL D 433 -1.02 -31.85 -16.19
N PHE D 434 -1.60 -32.85 -16.86
CA PHE D 434 -2.72 -33.60 -16.26
C PHE D 434 -2.07 -34.84 -15.61
N THR D 435 -1.21 -35.56 -16.36
CA THR D 435 -0.57 -36.78 -15.78
C THR D 435 0.53 -36.58 -14.72
N ASP D 436 1.28 -35.48 -14.79
CA ASP D 436 2.35 -35.22 -13.83
C ASP D 436 2.16 -33.75 -13.53
N LYS D 437 1.11 -33.45 -12.77
CA LYS D 437 0.78 -32.07 -12.44
C LYS D 437 1.82 -31.19 -11.76
N PRO D 438 2.21 -30.07 -12.40
CA PRO D 438 3.18 -29.13 -11.86
C PRO D 438 2.36 -28.09 -11.08
N ASP D 439 3.03 -27.12 -10.47
CA ASP D 439 2.32 -26.08 -9.71
C ASP D 439 1.86 -24.95 -10.65
N PHE D 440 2.69 -24.62 -11.64
CA PHE D 440 2.33 -23.54 -12.58
C PHE D 440 2.90 -23.83 -13.96
N MET D 441 2.42 -23.04 -14.93
CA MET D 441 2.88 -23.13 -16.30
C MET D 441 3.47 -21.74 -16.59
N ILE D 442 4.57 -21.68 -17.30
CA ILE D 442 5.16 -20.38 -17.63
C ILE D 442 5.12 -20.45 -19.16
N GLY D 443 4.31 -19.60 -19.79
CA GLY D 443 4.21 -19.61 -21.24
C GLY D 443 3.47 -18.44 -21.81
N ASN D 444 3.12 -18.50 -23.10
CA ASN D 444 2.40 -17.42 -23.75
C ASN D 444 0.86 -17.57 -23.59
N SER D 445 0.10 -16.67 -24.20
CA SER D 445 -1.37 -16.70 -24.09
C SER D 445 -2.05 -18.00 -24.48
N TYR D 446 -1.48 -18.80 -25.38
CA TYR D 446 -2.14 -20.05 -25.75
C TYR D 446 -2.28 -20.95 -24.57
N GLY D 447 -1.47 -20.71 -23.55
CA GLY D 447 -1.55 -21.55 -22.36
C GLY D 447 -2.85 -21.34 -21.56
N LYS D 448 -3.59 -20.26 -21.82
CA LYS D 448 -4.84 -20.06 -21.05
C LYS D 448 -5.87 -21.18 -21.27
N PHE D 449 -5.85 -21.80 -22.44
CA PHE D 449 -6.78 -22.88 -22.73
C PHE D 449 -6.44 -24.13 -21.92
N ILE D 450 -5.14 -24.32 -21.63
CA ILE D 450 -4.71 -25.47 -20.85
C ILE D 450 -5.18 -25.21 -19.41
N GLN D 451 -5.02 -23.98 -18.92
CA GLN D 451 -5.47 -23.71 -17.53
C GLN D 451 -6.97 -23.99 -17.44
N ARG D 452 -7.74 -23.50 -18.40
CA ARG D 452 -9.19 -23.70 -18.44
C ARG D 452 -9.48 -25.22 -18.41
N ASP D 453 -8.76 -25.99 -19.24
CA ASP D 453 -8.96 -27.44 -19.27
C ASP D 453 -8.67 -28.08 -17.90
N THR D 454 -7.58 -27.70 -17.24
CA THR D 454 -7.28 -28.31 -15.95
C THR D 454 -8.31 -27.91 -14.88
N LEU D 455 -8.86 -26.69 -14.96
CA LEU D 455 -9.85 -26.31 -13.95
C LEU D 455 -11.11 -27.17 -14.11
N HIS D 456 -11.42 -27.52 -15.34
CA HIS D 456 -12.59 -28.34 -15.59
C HIS D 456 -12.48 -29.67 -14.86
N LYS D 457 -11.28 -30.25 -14.77
CA LYS D 457 -11.14 -31.53 -14.07
C LYS D 457 -11.46 -31.27 -12.59
N GLY D 458 -11.03 -30.12 -12.08
CA GLY D 458 -11.27 -29.77 -10.70
C GLY D 458 -10.39 -28.60 -10.22
N LYS D 459 -10.89 -27.82 -9.26
CA LYS D 459 -10.10 -26.69 -8.75
C LYS D 459 -8.73 -27.15 -8.25
N GLU D 460 -8.67 -28.34 -7.66
CA GLU D 460 -7.42 -28.85 -7.14
C GLU D 460 -6.48 -29.33 -8.22
N PHE D 461 -6.96 -29.42 -9.46
CA PHE D 461 -6.09 -29.87 -10.56
C PHE D 461 -5.69 -28.70 -11.45
N GLU D 462 -6.23 -27.52 -11.15
CA GLU D 462 -5.93 -26.34 -11.95
C GLU D 462 -4.48 -25.94 -11.91
N VAL D 463 -3.92 -25.67 -13.09
CA VAL D 463 -2.52 -25.27 -13.18
C VAL D 463 -2.55 -23.84 -13.70
N PRO D 464 -2.27 -22.87 -12.82
CA PRO D 464 -2.32 -21.49 -13.31
C PRO D 464 -1.20 -21.09 -14.27
N LEU D 465 -1.53 -20.25 -15.24
CA LEU D 465 -0.57 -19.77 -16.21
C LEU D 465 0.11 -18.48 -15.76
N ILE D 466 1.41 -18.39 -16.00
CA ILE D 466 2.20 -17.23 -15.66
C ILE D 466 2.68 -16.85 -17.07
N ARG D 467 2.25 -15.69 -17.52
CA ARG D 467 2.58 -15.18 -18.85
C ARG D 467 3.93 -14.52 -19.14
N ILE D 468 4.85 -15.30 -19.72
CA ILE D 468 6.17 -14.83 -20.09
C ILE D 468 6.45 -15.55 -21.40
N GLY D 469 6.73 -14.77 -22.43
CA GLY D 469 7.01 -15.33 -23.73
C GLY D 469 6.31 -14.52 -24.81
N PHE D 470 6.04 -15.18 -25.94
CA PHE D 470 5.38 -14.55 -27.09
C PHE D 470 4.52 -15.57 -27.82
N PRO D 471 3.31 -15.17 -28.24
CA PRO D 471 2.75 -13.83 -28.02
C PRO D 471 1.88 -13.73 -26.75
N ILE D 472 1.71 -12.52 -26.25
CA ILE D 472 0.89 -12.31 -25.08
C ILE D 472 -0.11 -11.31 -25.60
N PHE D 473 -1.33 -11.80 -25.81
CA PHE D 473 -2.45 -11.03 -26.34
C PHE D 473 -3.59 -10.68 -25.40
N ASP D 474 -3.67 -11.39 -24.29
CA ASP D 474 -4.75 -11.15 -23.35
C ASP D 474 -4.46 -10.33 -22.09
N ARG D 475 -3.34 -9.63 -22.11
CA ARG D 475 -2.90 -8.76 -21.00
C ARG D 475 -2.31 -7.60 -21.76
N HIS D 476 -2.33 -6.43 -21.15
CA HIS D 476 -1.79 -5.26 -21.79
C HIS D 476 -0.45 -4.78 -21.32
N HIS D 477 0.37 -4.38 -22.30
CA HIS D 477 1.69 -3.86 -22.09
C HIS D 477 2.79 -4.68 -21.44
N LEU D 478 2.62 -5.98 -21.42
CA LEU D 478 3.66 -6.80 -20.83
C LEU D 478 4.88 -6.81 -21.80
N HIS D 479 4.67 -6.38 -23.04
CA HIS D 479 5.77 -6.34 -24.02
C HIS D 479 6.80 -5.27 -23.59
N ARG D 480 6.46 -4.48 -22.57
CA ARG D 480 7.37 -3.44 -22.08
C ARG D 480 8.34 -4.03 -21.07
N SER D 481 8.08 -5.26 -20.64
CA SER D 481 8.92 -5.97 -19.66
C SER D 481 10.33 -6.31 -20.11
N THR D 482 11.11 -6.85 -19.18
CA THR D 482 12.50 -7.24 -19.43
C THR D 482 12.72 -8.69 -18.92
N THR D 483 13.42 -9.54 -19.68
CA THR D 483 13.68 -10.91 -19.23
C THR D 483 15.20 -11.17 -19.21
N LEU D 484 15.96 -10.26 -19.80
CA LEU D 484 17.44 -10.39 -19.86
C LEU D 484 18.15 -9.60 -18.74
N GLY D 485 19.37 -10.00 -18.41
CA GLY D 485 20.16 -9.33 -17.37
C GLY D 485 19.66 -9.45 -15.95
N TYR D 486 20.28 -8.68 -15.05
CA TYR D 486 19.86 -8.71 -13.65
C TYR D 486 18.46 -8.11 -13.56
N GLU D 487 18.20 -7.07 -14.35
CA GLU D 487 16.89 -6.42 -14.34
C GLU D 487 15.78 -7.42 -14.73
N GLY D 488 16.03 -8.22 -15.79
CA GLY D 488 15.06 -9.21 -16.24
C GLY D 488 14.87 -10.31 -15.19
N ALA D 489 15.96 -10.73 -14.56
CA ALA D 489 15.89 -11.77 -13.53
C ALA D 489 15.05 -11.26 -12.34
N MET D 490 15.25 -10.00 -11.94
CA MET D 490 14.48 -9.43 -10.82
C MET D 490 12.98 -9.43 -11.17
N GLN D 491 12.65 -9.04 -12.40
CA GLN D 491 11.27 -9.00 -12.85
C GLN D 491 10.63 -10.40 -12.87
N ILE D 492 11.35 -11.37 -13.42
CA ILE D 492 10.86 -12.76 -13.48
C ILE D 492 10.72 -13.31 -12.05
N LEU D 493 11.74 -13.12 -11.21
CA LEU D 493 11.64 -13.61 -9.84
C LEU D 493 10.40 -13.01 -9.14
N THR D 494 10.19 -11.70 -9.28
CA THR D 494 9.05 -11.05 -8.64
C THR D 494 7.75 -11.67 -9.17
N THR D 495 7.68 -11.84 -10.48
CA THR D 495 6.48 -12.41 -11.09
C THR D 495 6.21 -13.83 -10.62
N LEU D 496 7.26 -14.65 -10.50
CA LEU D 496 7.09 -16.03 -10.05
C LEU D 496 6.68 -16.11 -8.58
N VAL D 497 7.40 -15.45 -7.69
CA VAL D 497 6.99 -15.55 -6.31
C VAL D 497 5.59 -14.95 -6.04
N ASN D 498 5.23 -13.85 -6.71
CA ASN D 498 3.92 -13.29 -6.45
C ASN D 498 2.80 -14.13 -7.08
N SER D 499 3.13 -14.92 -8.10
CA SER D 499 2.12 -15.78 -8.76
C SER D 499 1.82 -16.90 -7.73
N ILE D 500 2.87 -17.33 -7.03
CA ILE D 500 2.74 -18.38 -6.02
C ILE D 500 1.90 -17.84 -4.85
N LEU D 501 2.24 -16.64 -4.40
CA LEU D 501 1.50 -16.03 -3.28
C LEU D 501 0.05 -15.70 -3.61
N GLU D 502 -0.22 -15.32 -4.86
CA GLU D 502 -1.59 -14.98 -5.29
C GLU D 502 -2.46 -16.24 -5.24
N ARG D 503 -1.93 -17.34 -5.74
CA ARG D 503 -2.64 -18.60 -5.75
C ARG D 503 -2.84 -19.08 -4.30
N LEU D 504 -1.82 -18.97 -3.44
CA LEU D 504 -1.96 -19.40 -2.06
C LEU D 504 -3.07 -18.56 -1.38
N ASP D 505 -3.12 -17.28 -1.69
CA ASP D 505 -4.14 -16.40 -1.09
C ASP D 505 -5.51 -16.87 -1.59
N GLU D 506 -5.58 -17.27 -2.87
CA GLU D 506 -6.86 -17.73 -3.39
C GLU D 506 -7.30 -19.00 -2.66
N GLU D 507 -6.36 -19.93 -2.43
CA GLU D 507 -6.70 -21.17 -1.74
C GLU D 507 -6.97 -21.07 -0.26
N THR D 508 -6.61 -19.95 0.35
CA THR D 508 -6.83 -19.74 1.79
C THR D 508 -7.83 -18.61 2.06
N ARG D 509 -8.63 -18.27 1.06
CA ARG D 509 -9.61 -17.22 1.21
C ARG D 509 -10.97 -17.73 1.71
N GLY D 510 -11.09 -19.04 1.95
CA GLY D 510 -12.37 -19.60 2.41
C GLY D 510 -12.66 -19.33 3.89
N MET D 511 -13.66 -18.47 4.13
CA MET D 511 -14.09 -18.08 5.48
C MET D 511 -14.34 -19.27 6.41
N GLN D 512 -13.58 -19.34 7.49
CA GLN D 512 -13.71 -20.40 8.49
C GLN D 512 -13.44 -21.78 7.89
N ALA D 513 -12.81 -21.82 6.73
CA ALA D 513 -12.51 -23.10 6.11
C ALA D 513 -11.00 -23.24 5.85
N THR D 514 -10.45 -22.35 5.04
CA THR D 514 -9.04 -22.39 4.74
C THR D 514 -8.38 -21.06 5.14
N ASP D 515 -9.15 -20.09 5.63
CA ASP D 515 -8.53 -18.81 5.99
C ASP D 515 -7.66 -18.79 7.26
N TYR D 516 -7.51 -19.94 7.91
CA TYR D 516 -6.67 -19.98 9.09
C TYR D 516 -5.23 -19.70 8.59
N ASN D 517 -4.97 -19.94 7.29
CA ASN D 517 -3.64 -19.70 6.70
C ASN D 517 -3.67 -18.49 5.75
N HIS D 518 -4.61 -17.57 5.94
CA HIS D 518 -4.71 -16.39 5.08
C HIS D 518 -3.87 -15.28 5.75
N ASP D 519 -2.58 -15.55 5.89
CA ASP D 519 -1.61 -14.63 6.52
C ASP D 519 -1.43 -13.23 5.94
N LEU D 520 -1.47 -12.22 6.82
CA LEU D 520 -1.30 -10.84 6.42
C LEU D 520 0.15 -10.70 5.93
N VAL D 521 1.07 -11.39 6.61
CA VAL D 521 2.49 -11.33 6.26
C VAL D 521 3.05 -12.63 5.64
N ARG D 522 3.76 -12.51 4.50
CA ARG D 522 4.36 -13.69 3.85
C ARG D 522 5.78 -13.40 3.42
N ALA E 1 -3.44 8.55 64.34
CA ALA E 1 -2.53 7.96 63.30
C ALA E 1 -1.65 9.06 62.75
N MET E 2 -2.23 9.81 61.82
CA MET E 2 -1.59 10.92 61.13
C MET E 2 -2.67 11.60 60.30
N ARG E 3 -2.68 12.92 60.34
CA ARG E 3 -3.66 13.69 59.58
C ARG E 3 -2.91 14.42 58.49
N GLN E 4 -3.22 14.05 57.27
CA GLN E 4 -2.58 14.65 56.13
C GLN E 4 -3.48 15.74 55.60
N CYS E 5 -3.07 16.97 55.84
CA CYS E 5 -3.84 18.10 55.39
C CYS E 5 -3.08 18.90 54.36
N ALA E 6 -3.78 19.82 53.68
CA ALA E 6 -3.18 20.65 52.67
C ALA E 6 -3.85 22.02 52.73
N ILE E 7 -3.06 23.08 52.59
CA ILE E 7 -3.59 24.43 52.60
C ILE E 7 -3.50 24.87 51.14
N TYR E 8 -4.64 25.20 50.53
CA TYR E 8 -4.73 25.65 49.13
C TYR E 8 -5.27 27.08 49.10
N GLY E 9 -4.80 27.90 48.15
CA GLY E 9 -5.27 29.28 48.06
C GLY E 9 -4.48 29.98 46.99
N LYS E 10 -5.02 31.04 46.40
CA LYS E 10 -4.31 31.76 45.35
C LYS E 10 -3.12 32.44 45.98
N GLY E 11 -2.20 32.93 45.14
CA GLY E 11 -1.01 33.60 45.65
C GLY E 11 -1.23 35.05 46.02
N GLY E 12 -0.31 35.63 46.78
CA GLY E 12 -0.44 37.02 47.17
C GLY E 12 -1.45 37.44 48.24
N ILE E 13 -2.10 36.51 48.93
CA ILE E 13 -3.06 36.91 49.95
C ILE E 13 -2.60 36.47 51.34
N GLY E 14 -1.31 36.12 51.41
CA GLY E 14 -0.69 35.68 52.66
C GLY E 14 -0.94 34.24 53.12
N LYS E 15 -1.36 33.38 52.21
CA LYS E 15 -1.63 31.97 52.56
C LYS E 15 -0.47 31.29 53.31
N SER E 16 0.75 31.50 52.84
CA SER E 16 1.89 30.87 53.49
C SER E 16 2.21 31.35 54.91
N THR E 17 1.96 32.63 55.19
CA THR E 17 2.24 33.14 56.52
C THR E 17 1.19 32.53 57.42
N THR E 18 -0.02 32.33 56.90
CA THR E 18 -1.07 31.74 57.73
C THR E 18 -0.80 30.25 57.99
N THR E 19 -0.27 29.54 56.98
CA THR E 19 0.03 28.12 57.09
C THR E 19 1.07 27.90 58.18
N GLN E 20 2.16 28.66 58.10
CA GLN E 20 3.24 28.57 59.07
C GLN E 20 2.83 29.01 60.46
N ASN E 21 2.00 30.04 60.56
CA ASN E 21 1.59 30.50 61.88
C ASN E 21 0.66 29.45 62.46
N LEU E 22 -0.12 28.82 61.59
CA LEU E 22 -1.03 27.77 62.04
C LEU E 22 -0.17 26.61 62.62
N VAL E 23 0.71 26.07 61.79
CA VAL E 23 1.58 24.98 62.21
C VAL E 23 2.36 25.26 63.50
N ALA E 24 2.88 26.48 63.65
CA ALA E 24 3.61 26.83 64.85
C ALA E 24 2.66 26.72 66.04
N ALA E 25 1.40 27.10 65.83
CA ALA E 25 0.42 27.04 66.90
C ALA E 25 0.16 25.58 67.32
N LEU E 26 0.19 24.68 66.35
CA LEU E 26 -0.03 23.29 66.62
C LEU E 26 1.20 22.76 67.38
N ALA E 27 2.40 23.26 67.05
CA ALA E 27 3.62 22.80 67.75
C ALA E 27 3.65 23.25 69.22
N GLU E 28 3.52 24.56 69.48
CA GLU E 28 3.56 25.01 70.89
C GLU E 28 2.47 24.25 71.64
N MET E 29 1.52 23.69 70.88
CA MET E 29 0.40 22.93 71.44
C MET E 29 0.81 21.48 71.73
N GLY E 30 1.93 21.05 71.14
CA GLY E 30 2.40 19.70 71.36
C GLY E 30 2.14 18.70 70.23
N LYS E 31 1.95 19.18 69.00
CA LYS E 31 1.70 18.31 67.85
C LYS E 31 2.98 18.21 67.02
N LYS E 32 3.23 17.02 66.49
CA LYS E 32 4.42 16.79 65.66
C LYS E 32 3.93 17.05 64.26
N VAL E 33 4.49 18.08 63.65
CA VAL E 33 4.09 18.44 62.29
C VAL E 33 5.21 18.65 61.30
N MET E 34 4.89 18.30 60.07
CA MET E 34 5.81 18.43 58.93
C MET E 34 5.14 19.29 57.85
N ILE E 35 5.87 20.27 57.34
CA ILE E 35 5.36 21.15 56.29
C ILE E 35 6.01 20.76 54.97
N VAL E 36 5.22 20.47 53.94
CA VAL E 36 5.79 20.10 52.65
C VAL E 36 5.45 21.28 51.69
N GLY E 37 6.42 22.15 51.44
CA GLY E 37 6.22 23.29 50.56
C GLY E 37 6.04 22.90 49.11
N CYS E 38 4.90 23.28 48.53
CA CYS E 38 4.61 22.94 47.14
C CYS E 38 4.34 24.20 46.33
N ASP E 39 4.77 25.34 46.84
CA ASP E 39 4.55 26.59 46.15
C ASP E 39 5.83 27.07 45.45
N PRO E 40 5.73 27.46 44.18
CA PRO E 40 6.95 27.92 43.51
C PRO E 40 7.34 29.34 43.96
N LYS E 41 6.31 30.19 44.11
CA LYS E 41 6.48 31.59 44.51
C LYS E 41 6.19 32.05 45.95
N ALA E 42 6.19 31.13 46.92
CA ALA E 42 5.93 31.50 48.30
C ALA E 42 6.52 30.47 49.26
N ASP E 43 7.81 30.59 49.56
CA ASP E 43 8.47 29.66 50.45
C ASP E 43 7.65 29.50 51.72
N SER E 44 7.23 28.25 51.96
CA SER E 44 6.42 27.88 53.10
C SER E 44 7.16 27.47 54.38
N THR E 45 8.48 27.58 54.40
CA THR E 45 9.18 27.18 55.61
C THR E 45 10.07 28.27 56.17
N ARG E 46 10.19 29.36 55.43
CA ARG E 46 11.01 30.47 55.85
C ARG E 46 10.80 30.96 57.27
N LEU E 47 9.54 31.01 57.72
CA LEU E 47 9.27 31.48 59.07
C LEU E 47 9.53 30.45 60.17
N ILE E 48 9.49 29.17 59.81
CA ILE E 48 9.73 28.13 60.80
C ILE E 48 11.23 27.90 61.00
N LEU E 49 12.01 28.16 59.96
CA LEU E 49 13.46 27.96 60.00
C LEU E 49 14.26 29.23 60.15
N HIS E 50 13.59 30.38 60.20
CA HIS E 50 14.28 31.66 60.34
C HIS E 50 15.19 31.84 59.13
N SER E 51 15.17 30.86 58.22
CA SER E 51 16.02 30.95 57.05
C SER E 51 15.49 31.97 56.06
N LYS E 52 16.33 32.32 55.10
CA LYS E 52 16.00 33.29 54.07
C LYS E 52 15.37 32.56 52.88
N ALA E 53 15.73 31.30 52.73
CA ALA E 53 15.20 30.47 51.64
C ALA E 53 15.70 29.08 51.90
N GLN E 54 14.82 28.10 51.89
CA GLN E 54 15.25 26.74 52.13
C GLN E 54 15.54 26.01 50.84
N ASN E 55 16.64 25.26 50.83
CA ASN E 55 17.05 24.50 49.65
C ASN E 55 15.96 23.49 49.31
N THR E 56 15.61 23.45 48.02
CA THR E 56 14.57 22.54 47.56
C THR E 56 15.06 21.20 47.03
N ILE E 57 14.17 20.21 47.02
CA ILE E 57 14.47 18.89 46.54
C ILE E 57 14.91 18.98 45.09
N MET E 58 14.05 19.54 44.25
CA MET E 58 14.35 19.70 42.83
C MET E 58 15.69 20.38 42.61
N GLU E 59 15.90 21.44 43.37
CA GLU E 59 17.13 22.23 43.32
C GLU E 59 18.37 21.41 43.70
N MET E 60 18.29 20.68 44.81
CA MET E 60 19.39 19.86 45.29
C MET E 60 19.50 18.56 44.50
N ALA E 61 18.44 18.19 43.79
CA ALA E 61 18.43 16.96 43.00
C ALA E 61 19.14 17.18 41.67
N ALA E 62 19.38 18.44 41.33
CA ALA E 62 20.06 18.77 40.08
C ALA E 62 21.54 18.56 40.41
N GLU E 63 21.85 18.80 41.68
CA GLU E 63 23.20 18.66 42.22
C GLU E 63 23.59 17.18 42.41
N ALA E 64 23.09 16.31 41.55
CA ALA E 64 23.41 14.89 41.66
C ALA E 64 22.74 14.07 40.56
N GLY E 65 22.33 14.75 39.49
CA GLY E 65 21.69 14.07 38.37
C GLY E 65 20.39 13.37 38.73
N THR E 66 20.25 12.95 39.98
CA THR E 66 19.04 12.27 40.45
C THR E 66 18.80 12.44 41.95
N VAL E 67 17.55 12.23 42.39
CA VAL E 67 17.17 12.35 43.79
C VAL E 67 17.63 11.20 44.67
N GLU E 68 17.92 10.07 44.04
CA GLU E 68 18.37 8.88 44.76
C GLU E 68 19.73 9.11 45.43
N ASP E 69 20.20 10.36 45.43
CA ASP E 69 21.50 10.71 46.02
C ASP E 69 21.41 11.64 47.20
N LEU E 70 20.27 12.31 47.34
CA LEU E 70 20.05 13.25 48.42
C LEU E 70 19.95 12.61 49.81
N GLU E 71 20.20 13.43 50.83
CA GLU E 71 20.13 12.97 52.21
C GLU E 71 19.09 13.69 53.04
N LEU E 72 18.18 12.91 53.61
CA LEU E 72 17.10 13.39 54.45
C LEU E 72 17.38 14.69 55.23
N GLU E 73 18.59 14.86 55.74
CA GLU E 73 18.94 16.06 56.51
C GLU E 73 19.34 17.26 55.66
N ASP E 74 19.49 17.02 54.36
CA ASP E 74 19.85 18.09 53.44
C ASP E 74 18.52 18.74 53.04
N VAL E 75 17.50 17.89 52.98
CA VAL E 75 16.14 18.27 52.63
C VAL E 75 15.28 18.64 53.84
N LEU E 76 15.00 17.64 54.69
CA LEU E 76 14.18 17.83 55.87
C LEU E 76 14.90 18.55 57.02
N LYS E 77 14.50 19.80 57.25
CA LYS E 77 15.08 20.60 58.30
C LYS E 77 14.03 20.82 59.38
N ALA E 78 14.47 20.96 60.62
CA ALA E 78 13.53 21.17 61.71
C ALA E 78 13.70 22.58 62.18
N GLY E 79 12.61 23.15 62.68
CA GLY E 79 12.67 24.53 63.16
C GLY E 79 11.86 24.72 64.42
N TYR E 80 11.31 25.92 64.59
CA TYR E 80 10.52 26.21 65.77
C TYR E 80 9.57 25.08 66.13
N GLY E 81 9.47 24.82 67.43
CA GLY E 81 8.60 23.77 67.93
C GLY E 81 8.88 22.39 67.39
N GLY E 82 10.00 22.25 66.72
CA GLY E 82 10.31 20.95 66.17
C GLY E 82 9.55 20.55 64.93
N VAL E 83 8.92 21.51 64.23
CA VAL E 83 8.20 21.10 63.04
C VAL E 83 9.26 20.91 61.93
N LYS E 84 9.11 19.84 61.16
CA LYS E 84 10.03 19.52 60.08
C LYS E 84 9.59 20.16 58.75
N CYS E 85 10.54 20.75 58.04
CA CYS E 85 10.27 21.42 56.76
C CYS E 85 11.00 20.93 55.52
N VAL E 86 10.28 20.89 54.42
CA VAL E 86 10.83 20.45 53.15
C VAL E 86 10.15 21.24 52.01
N GLU E 87 10.96 21.74 51.07
CA GLU E 87 10.46 22.49 49.94
C GLU E 87 10.60 21.63 48.67
N SER E 88 9.49 21.36 47.99
CA SER E 88 9.57 20.55 46.77
C SER E 88 10.47 21.18 45.72
N GLY E 89 10.25 22.47 45.49
CA GLY E 89 11.04 23.17 44.49
C GLY E 89 10.11 23.34 43.31
N GLY E 90 9.75 24.58 43.02
CA GLY E 90 8.85 24.85 41.91
C GLY E 90 9.37 24.26 40.61
N PRO E 91 8.51 24.20 39.57
CA PRO E 91 8.95 23.64 38.28
C PRO E 91 9.96 24.56 37.62
N GLU E 92 11.02 23.97 37.05
CA GLU E 92 12.03 24.77 36.40
C GLU E 92 11.28 25.60 35.34
N PRO E 93 11.38 26.94 35.43
CA PRO E 93 10.70 27.84 34.49
C PRO E 93 10.81 27.41 33.03
N GLY E 94 9.66 27.13 32.42
CA GLY E 94 9.68 26.73 31.03
C GLY E 94 9.69 25.26 30.68
N VAL E 95 10.13 24.39 31.59
CA VAL E 95 10.16 22.99 31.25
C VAL E 95 9.55 22.03 32.28
N GLY E 96 9.55 22.42 33.54
CA GLY E 96 9.01 21.51 34.54
C GLY E 96 7.52 21.55 34.78
N CYS E 97 7.02 20.53 35.48
CA CYS E 97 5.62 20.41 35.82
C CYS E 97 5.61 20.45 37.32
N ALA E 98 4.74 21.26 37.88
CA ALA E 98 4.66 21.37 39.33
C ALA E 98 4.16 20.05 39.89
N GLY E 99 3.37 19.32 39.10
CA GLY E 99 2.83 18.03 39.53
C GLY E 99 3.84 16.92 39.73
N ARG E 100 4.91 16.93 38.95
CA ARG E 100 5.95 15.91 39.08
C ARG E 100 6.90 16.36 40.16
N GLY E 101 7.00 17.66 40.37
CA GLY E 101 7.90 18.16 41.40
C GLY E 101 7.42 17.77 42.79
N VAL E 102 6.11 17.56 42.90
CA VAL E 102 5.52 17.18 44.18
C VAL E 102 5.76 15.70 44.40
N ILE E 103 5.39 14.91 43.39
CA ILE E 103 5.54 13.46 43.41
C ILE E 103 6.97 13.08 43.81
N THR E 104 7.91 13.94 43.44
CA THR E 104 9.34 13.78 43.72
C THR E 104 9.53 13.78 45.22
N ALA E 105 9.07 14.86 45.82
CA ALA E 105 9.15 15.06 47.26
C ALA E 105 8.51 13.92 48.04
N ILE E 106 7.24 13.62 47.73
CA ILE E 106 6.52 12.55 48.43
C ILE E 106 7.30 11.25 48.51
N ASN E 107 7.84 10.78 47.38
CA ASN E 107 8.62 9.55 47.34
C ASN E 107 9.90 9.61 48.17
N PHE E 108 10.65 10.70 48.06
CA PHE E 108 11.86 10.82 48.82
C PHE E 108 11.55 10.77 50.33
N LEU E 109 10.48 11.45 50.75
CA LEU E 109 10.12 11.46 52.16
C LEU E 109 9.64 10.10 52.63
N GLU E 110 8.81 9.46 51.83
CA GLU E 110 8.25 8.15 52.13
C GLU E 110 9.36 7.11 52.29
N GLU E 111 10.33 7.12 51.39
CA GLU E 111 11.41 6.16 51.48
C GLU E 111 12.49 6.41 52.51
N GLU E 112 12.64 7.66 52.95
CA GLU E 112 13.65 7.97 53.95
C GLU E 112 12.99 7.80 55.32
N GLY E 113 11.74 7.32 55.29
CA GLY E 113 10.98 7.11 56.51
C GLY E 113 10.65 8.39 57.27
N ALA E 114 10.56 9.51 56.54
CA ALA E 114 10.26 10.80 57.15
C ALA E 114 8.77 11.02 57.10
N TYR E 115 8.06 10.00 56.62
CA TYR E 115 6.62 10.07 56.51
C TYR E 115 5.99 8.99 57.37
N GLU E 116 6.51 8.82 58.59
CA GLU E 116 5.99 7.80 59.50
C GLU E 116 4.92 8.30 60.46
N ASP E 117 4.40 7.39 61.27
CA ASP E 117 3.37 7.75 62.21
C ASP E 117 3.74 8.41 63.51
N ASP E 118 4.93 8.99 63.55
CA ASP E 118 5.42 9.68 64.72
C ASP E 118 4.84 11.10 64.57
N LEU E 119 4.42 11.41 63.35
CA LEU E 119 3.83 12.72 63.00
C LEU E 119 2.35 12.73 63.32
N ASP E 120 1.85 13.85 63.84
CA ASP E 120 0.44 13.96 64.17
C ASP E 120 -0.25 14.63 62.98
N PHE E 121 0.47 15.54 62.32
CA PHE E 121 -0.04 16.27 61.17
C PHE E 121 1.00 16.54 60.09
N VAL E 122 0.57 16.50 58.83
CA VAL E 122 1.40 16.78 57.66
C VAL E 122 0.56 17.87 56.95
N PHE E 123 1.20 18.95 56.52
CA PHE E 123 0.49 20.02 55.83
C PHE E 123 1.19 20.37 54.54
N TYR E 124 0.53 20.12 53.42
CA TYR E 124 1.09 20.43 52.12
C TYR E 124 0.60 21.85 51.86
N ASP E 125 1.52 22.77 51.60
CA ASP E 125 1.20 24.16 51.33
C ASP E 125 1.24 24.28 49.82
N VAL E 126 0.07 24.27 49.17
CA VAL E 126 0.07 24.38 47.71
C VAL E 126 -0.68 25.54 47.06
N LEU E 127 -0.10 26.05 45.99
CA LEU E 127 -0.67 27.17 45.24
C LEU E 127 -1.96 26.78 44.55
N GLY E 128 -2.97 27.65 44.68
CA GLY E 128 -4.28 27.41 44.07
C GLY E 128 -4.64 28.36 42.92
N ASP E 129 -3.64 29.08 42.38
CA ASP E 129 -3.84 30.02 41.27
C ASP E 129 -4.49 29.35 40.07
N VAL E 130 -3.97 28.19 39.69
CA VAL E 130 -4.48 27.40 38.56
C VAL E 130 -4.66 26.00 39.15
N VAL E 131 -5.85 25.43 39.04
CA VAL E 131 -6.02 24.10 39.59
C VAL E 131 -5.96 23.08 38.43
N CYS E 132 -4.74 22.69 38.08
CA CYS E 132 -4.54 21.73 37.01
C CYS E 132 -4.12 20.41 37.61
N GLY E 133 -3.90 19.42 36.74
CA GLY E 133 -3.50 18.09 37.17
C GLY E 133 -2.22 18.13 37.99
N GLY E 134 -1.32 19.03 37.62
CA GLY E 134 -0.06 19.13 38.36
C GLY E 134 -0.25 19.56 39.81
N PHE E 135 -0.90 20.70 40.03
CA PHE E 135 -1.12 21.19 41.39
C PHE E 135 -2.11 20.42 42.25
N ALA E 136 -2.85 19.51 41.63
CA ALA E 136 -3.82 18.69 42.37
C ALA E 136 -3.26 17.30 42.62
N MET E 137 -1.94 17.17 42.46
CA MET E 137 -1.26 15.89 42.68
C MET E 137 -1.36 15.44 44.14
N PRO E 138 -1.34 16.40 45.10
CA PRO E 138 -1.45 15.92 46.48
C PRO E 138 -2.83 15.32 46.74
N ILE E 139 -3.81 15.74 45.95
CA ILE E 139 -5.18 15.24 46.09
C ILE E 139 -5.37 13.95 45.30
N ARG E 140 -4.78 13.93 44.11
CA ARG E 140 -4.83 12.81 43.18
C ARG E 140 -4.13 11.58 43.78
N GLU E 141 -2.97 11.80 44.36
CA GLU E 141 -2.20 10.72 44.96
C GLU E 141 -2.70 10.41 46.37
N ASN E 142 -3.90 10.86 46.68
CA ASN E 142 -4.54 10.67 47.97
C ASN E 142 -3.60 10.85 49.16
N LYS E 143 -2.86 11.97 49.18
CA LYS E 143 -1.94 12.24 50.28
C LYS E 143 -2.55 13.35 51.14
N ALA E 144 -3.29 14.26 50.50
CA ALA E 144 -3.95 15.37 51.19
C ALA E 144 -5.40 14.89 51.35
N GLN E 145 -5.80 14.67 52.60
CA GLN E 145 -7.15 14.19 52.89
C GLN E 145 -8.04 15.31 53.42
N GLU E 146 -7.44 16.29 54.10
CA GLU E 146 -8.21 17.41 54.64
C GLU E 146 -7.69 18.67 53.99
N ILE E 147 -8.56 19.31 53.20
CA ILE E 147 -8.17 20.54 52.52
C ILE E 147 -8.77 21.77 53.23
N TYR E 148 -7.95 22.79 53.43
CA TYR E 148 -8.42 24.02 54.06
C TYR E 148 -8.03 25.03 53.00
N ILE E 149 -8.98 25.87 52.61
CA ILE E 149 -8.67 26.86 51.59
C ILE E 149 -8.49 28.25 52.17
N VAL E 150 -7.32 28.85 51.93
CA VAL E 150 -7.11 30.19 52.45
C VAL E 150 -7.66 31.13 51.36
N CYS E 151 -8.52 32.07 51.75
CA CYS E 151 -9.06 32.99 50.76
C CYS E 151 -9.26 34.35 51.36
N SER E 152 -9.82 35.25 50.56
CA SER E 152 -10.08 36.62 50.96
C SER E 152 -11.39 37.10 50.39
N GLY E 153 -11.90 38.18 50.95
CA GLY E 153 -13.15 38.75 50.50
C GLY E 153 -13.11 39.51 49.19
N GLU E 154 -12.53 38.93 48.16
CA GLU E 154 -12.46 39.60 46.86
C GLU E 154 -12.55 38.54 45.74
N MET E 155 -13.00 38.97 44.56
CA MET E 155 -13.18 38.08 43.42
C MET E 155 -12.20 36.94 43.12
N MET E 156 -10.95 37.26 42.78
CA MET E 156 -9.95 36.23 42.46
C MET E 156 -9.77 35.19 43.57
N ALA E 157 -9.59 35.66 44.80
CA ALA E 157 -9.41 34.77 45.95
C ALA E 157 -10.60 33.82 46.11
N MET E 158 -11.83 34.33 45.92
CA MET E 158 -13.04 33.53 46.04
C MET E 158 -13.26 32.62 44.83
N TYR E 159 -12.80 33.09 43.66
CA TYR E 159 -12.93 32.33 42.42
C TYR E 159 -12.00 31.11 42.55
N ALA E 160 -10.80 31.34 43.09
CA ALA E 160 -9.80 30.28 43.28
C ALA E 160 -10.35 29.27 44.30
N ALA E 161 -11.00 29.76 45.36
CA ALA E 161 -11.55 28.86 46.37
C ALA E 161 -12.57 27.91 45.73
N ASN E 162 -13.31 28.44 44.75
CA ASN E 162 -14.32 27.65 44.04
C ASN E 162 -13.66 26.69 43.09
N ASN E 163 -12.51 27.11 42.55
CA ASN E 163 -11.76 26.28 41.61
C ASN E 163 -11.21 25.05 42.32
N ILE E 164 -10.58 25.29 43.48
CA ILE E 164 -10.00 24.23 44.27
C ILE E 164 -11.15 23.29 44.67
N SER E 165 -12.29 23.84 45.04
CA SER E 165 -13.42 23.00 45.43
C SER E 165 -13.83 22.09 44.29
N LYS E 166 -13.68 22.56 43.06
CA LYS E 166 -14.04 21.73 41.92
C LYS E 166 -13.04 20.60 41.78
N GLY E 167 -11.78 20.85 42.13
CA GLY E 167 -10.79 19.80 42.02
C GLY E 167 -11.06 18.75 43.08
N ILE E 168 -11.43 19.21 44.27
CA ILE E 168 -11.72 18.32 45.38
C ILE E 168 -12.85 17.36 44.98
N VAL E 169 -13.91 17.91 44.37
CA VAL E 169 -15.07 17.13 43.92
C VAL E 169 -14.72 16.05 42.88
N LYS E 170 -13.81 16.36 41.97
CA LYS E 170 -13.41 15.40 40.95
C LYS E 170 -12.79 14.12 41.53
N TYR E 171 -12.09 14.24 42.65
CA TYR E 171 -11.45 13.08 43.30
C TYR E 171 -12.20 12.56 44.51
N ALA E 172 -13.19 13.29 44.99
CA ALA E 172 -13.98 12.89 46.15
C ALA E 172 -14.63 11.52 46.03
N ASN E 173 -14.99 11.14 44.80
CA ASN E 173 -15.62 9.84 44.58
C ASN E 173 -14.63 8.75 44.22
N SER E 174 -13.35 9.06 44.38
CA SER E 174 -12.32 8.09 44.07
C SER E 174 -11.53 7.80 45.33
N GLY E 175 -11.47 8.78 46.24
CA GLY E 175 -10.76 8.64 47.49
C GLY E 175 -11.43 9.34 48.67
N SER E 176 -10.66 9.57 49.72
CA SER E 176 -11.15 10.22 50.93
C SER E 176 -10.95 11.73 51.05
N VAL E 177 -10.44 12.37 50.01
CA VAL E 177 -10.23 13.81 50.08
C VAL E 177 -11.51 14.59 50.38
N ARG E 178 -11.42 15.59 51.23
CA ARG E 178 -12.58 16.40 51.61
C ARG E 178 -12.17 17.85 51.92
N LEU E 179 -13.15 18.75 51.87
CA LEU E 179 -12.88 20.15 52.17
C LEU E 179 -13.17 20.34 53.66
N GLY E 180 -12.18 20.77 54.42
CA GLY E 180 -12.39 20.98 55.85
C GLY E 180 -12.94 22.36 56.20
N GLY E 181 -12.70 23.32 55.31
CA GLY E 181 -13.19 24.66 55.59
C GLY E 181 -12.46 25.76 54.86
N LEU E 182 -12.94 26.97 55.03
CA LEU E 182 -12.38 28.16 54.42
C LEU E 182 -11.68 28.96 55.51
N ILE E 183 -10.51 29.50 55.20
CA ILE E 183 -9.78 30.30 56.18
C ILE E 183 -9.72 31.69 55.52
N CYS E 184 -10.35 32.68 56.15
CA CYS E 184 -10.34 34.00 55.59
C CYS E 184 -9.21 34.87 56.11
N ASN E 185 -8.30 35.24 55.21
CA ASN E 185 -7.17 36.09 55.57
C ASN E 185 -7.72 37.48 55.30
N SER E 186 -8.06 38.20 56.36
CA SER E 186 -8.61 39.55 56.24
C SER E 186 -7.82 40.56 55.40
N ARG E 187 -8.56 41.44 54.73
CA ARG E 187 -7.98 42.48 53.91
C ARG E 187 -8.51 43.78 54.51
N ASN E 188 -9.13 43.66 55.67
CA ASN E 188 -9.70 44.80 56.39
C ASN E 188 -10.93 45.32 55.66
N THR E 189 -11.49 44.52 54.79
CA THR E 189 -12.66 44.94 54.05
C THR E 189 -13.97 44.81 54.82
N ASP E 190 -14.83 45.80 54.64
CA ASP E 190 -16.14 45.85 55.28
C ASP E 190 -16.99 44.60 54.99
N ARG E 191 -17.49 43.94 56.04
CA ARG E 191 -18.31 42.73 55.91
C ARG E 191 -17.57 41.51 55.28
N GLU E 192 -16.24 41.57 55.21
CA GLU E 192 -15.50 40.44 54.63
C GLU E 192 -15.86 39.08 55.25
N ASP E 193 -15.88 39.02 56.58
CA ASP E 193 -16.21 37.78 57.28
C ASP E 193 -17.56 37.22 56.88
N GLU E 194 -18.58 38.10 56.79
CA GLU E 194 -19.92 37.66 56.40
C GLU E 194 -19.92 37.13 54.97
N LEU E 195 -19.16 37.78 54.09
CA LEU E 195 -19.08 37.36 52.69
C LEU E 195 -18.44 35.98 52.57
N ILE E 196 -17.36 35.73 53.30
CA ILE E 196 -16.72 34.42 53.21
C ILE E 196 -17.61 33.37 53.85
N ILE E 197 -18.36 33.76 54.87
CA ILE E 197 -19.26 32.85 55.57
C ILE E 197 -20.36 32.44 54.59
N ALA E 198 -20.86 33.41 53.84
CA ALA E 198 -21.90 33.17 52.84
C ALA E 198 -21.32 32.25 51.79
N LEU E 199 -20.06 32.49 51.42
CA LEU E 199 -19.43 31.64 50.41
C LEU E 199 -19.32 30.19 50.95
N ALA E 200 -18.95 30.05 52.22
CA ALA E 200 -18.81 28.71 52.80
C ALA E 200 -20.16 27.99 52.85
N ASN E 201 -21.21 28.73 53.18
CA ASN E 201 -22.54 28.15 53.26
C ASN E 201 -22.93 27.65 51.89
N LYS E 202 -22.67 28.43 50.85
CA LYS E 202 -23.03 28.00 49.50
C LYS E 202 -22.22 26.77 49.08
N LEU E 203 -20.93 26.76 49.42
CA LEU E 203 -20.07 25.63 49.06
C LEU E 203 -20.37 24.36 49.86
N GLY E 204 -21.10 24.52 50.96
CA GLY E 204 -21.45 23.39 51.80
C GLY E 204 -20.48 23.16 52.93
N THR E 205 -19.59 24.13 53.13
CA THR E 205 -18.59 24.00 54.18
C THR E 205 -18.77 25.00 55.31
N GLN E 206 -17.67 25.51 55.83
CA GLN E 206 -17.71 26.46 56.91
C GLN E 206 -16.50 27.40 56.82
N MET E 207 -16.55 28.55 57.46
CA MET E 207 -15.42 29.45 57.44
C MET E 207 -14.82 29.09 58.82
N ILE E 208 -13.86 28.16 58.84
CA ILE E 208 -13.25 27.72 60.09
C ILE E 208 -12.66 28.86 60.94
N HIS E 209 -12.16 29.92 60.30
CA HIS E 209 -11.61 31.04 61.06
C HIS E 209 -11.34 32.31 60.25
N PHE E 210 -11.47 33.45 60.91
CA PHE E 210 -11.24 34.74 60.29
C PHE E 210 -9.91 35.23 60.87
N VAL E 211 -8.87 35.31 60.04
CA VAL E 211 -7.54 35.76 60.48
C VAL E 211 -7.44 37.27 60.25
N PRO E 212 -7.41 38.04 61.33
CA PRO E 212 -7.31 39.50 61.26
C PRO E 212 -6.01 40.00 60.70
N ARG E 213 -6.03 41.22 60.19
CA ARG E 213 -4.83 41.83 59.64
C ARG E 213 -4.29 42.45 60.92
N ASP E 214 -3.00 42.27 61.22
CA ASP E 214 -2.41 42.82 62.45
C ASP E 214 -0.92 43.03 62.14
N ASN E 215 -0.42 44.22 62.46
CA ASN E 215 0.98 44.52 62.20
C ASN E 215 2.02 43.64 62.88
N VAL E 216 1.64 42.92 63.93
CA VAL E 216 2.62 42.08 64.60
C VAL E 216 2.99 40.96 63.65
N VAL E 217 2.10 40.68 62.69
CA VAL E 217 2.32 39.63 61.70
C VAL E 217 3.50 40.01 60.84
N GLN E 218 3.55 41.27 60.44
CA GLN E 218 4.64 41.73 59.60
C GLN E 218 5.92 41.94 60.40
N ARG E 219 5.78 42.41 61.64
CA ARG E 219 6.97 42.61 62.44
C ARG E 219 7.68 41.28 62.58
N ALA E 220 6.89 40.22 62.78
CA ALA E 220 7.41 38.87 62.92
C ALA E 220 8.05 38.42 61.61
N GLU E 221 7.35 38.64 60.50
CA GLU E 221 7.87 38.24 59.21
C GLU E 221 9.26 38.76 58.85
N ILE E 222 9.53 40.05 59.05
CA ILE E 222 10.87 40.58 58.71
C ILE E 222 11.94 39.92 59.55
N ARG E 223 11.54 39.36 60.67
CA ARG E 223 12.50 38.70 61.55
C ARG E 223 12.53 37.21 61.19
N ARG E 224 11.89 36.89 60.06
CA ARG E 224 11.80 35.53 59.55
C ARG E 224 11.21 34.50 60.52
N MET E 225 10.13 34.88 61.18
CA MET E 225 9.49 33.99 62.12
C MET E 225 7.98 34.19 62.21
N THR E 226 7.33 33.30 62.95
CA THR E 226 5.88 33.36 63.12
C THR E 226 5.59 34.25 64.32
N VAL E 227 4.34 34.69 64.45
CA VAL E 227 3.97 35.55 65.56
C VAL E 227 3.96 34.67 66.82
N ILE E 228 3.58 33.40 66.66
CA ILE E 228 3.56 32.47 67.79
C ILE E 228 4.93 32.43 68.48
N GLU E 229 5.99 32.62 67.70
CA GLU E 229 7.32 32.59 68.24
C GLU E 229 7.80 33.98 68.62
N TYR E 230 7.55 34.95 67.74
CA TYR E 230 7.98 36.31 68.00
C TYR E 230 7.40 37.00 69.22
N ASP E 231 6.10 36.84 69.43
CA ASP E 231 5.40 37.45 70.57
C ASP E 231 4.21 36.55 70.90
N PRO E 232 4.45 35.48 71.66
CA PRO E 232 3.36 34.57 72.02
C PRO E 232 2.26 35.17 72.88
N LYS E 233 2.44 36.41 73.31
CA LYS E 233 1.45 37.10 74.13
C LYS E 233 0.63 38.04 73.27
N ALA E 234 1.02 38.21 72.01
CA ALA E 234 0.27 39.10 71.14
C ALA E 234 -1.13 38.55 70.89
N LYS E 235 -2.08 39.44 70.68
CA LYS E 235 -3.48 39.08 70.42
C LYS E 235 -3.59 38.20 69.19
N GLN E 236 -2.80 38.51 68.18
CA GLN E 236 -2.80 37.73 66.93
C GLN E 236 -2.39 36.30 67.21
N ALA E 237 -1.52 36.11 68.21
CA ALA E 237 -1.05 34.76 68.58
C ALA E 237 -2.23 33.88 68.94
N ASP E 238 -3.16 34.42 69.71
CA ASP E 238 -4.34 33.64 70.09
C ASP E 238 -5.27 33.38 68.90
N GLU E 239 -5.15 34.21 67.87
CA GLU E 239 -6.00 34.03 66.69
C GLU E 239 -5.55 32.71 66.06
N TYR E 240 -4.25 32.56 65.89
CA TYR E 240 -3.69 31.35 65.31
C TYR E 240 -3.96 30.13 66.21
N ARG E 241 -3.93 30.33 67.52
CA ARG E 241 -4.19 29.21 68.42
C ARG E 241 -5.63 28.72 68.24
N ALA E 242 -6.57 29.66 68.09
CA ALA E 242 -7.98 29.28 67.91
C ALA E 242 -8.16 28.55 66.58
N LEU E 243 -7.52 29.06 65.53
CA LEU E 243 -7.64 28.40 64.22
C LEU E 243 -7.04 27.00 64.34
N ALA E 244 -5.90 26.91 65.04
CA ALA E 244 -5.23 25.62 65.23
C ALA E 244 -6.13 24.64 66.00
N ARG E 245 -6.75 25.11 67.07
CA ARG E 245 -7.64 24.27 67.88
C ARG E 245 -8.81 23.78 67.06
N LYS E 246 -9.42 24.67 66.28
CA LYS E 246 -10.57 24.29 65.45
C LYS E 246 -10.18 23.26 64.40
N VAL E 247 -8.97 23.37 63.86
CA VAL E 247 -8.56 22.40 62.86
C VAL E 247 -8.42 21.05 63.57
N VAL E 248 -7.68 21.03 64.68
CA VAL E 248 -7.47 19.79 65.43
C VAL E 248 -8.81 19.10 65.74
N ASP E 249 -9.79 19.85 66.24
CA ASP E 249 -11.09 19.25 66.55
C ASP E 249 -12.07 19.18 65.41
N ASN E 250 -11.74 19.82 64.30
CA ASN E 250 -12.66 19.81 63.16
C ASN E 250 -13.18 18.45 62.83
N LYS E 251 -14.49 18.38 62.58
CA LYS E 251 -15.15 17.14 62.22
C LYS E 251 -15.99 17.30 60.95
N LEU E 252 -16.02 18.52 60.43
CA LEU E 252 -16.78 18.83 59.22
C LEU E 252 -15.89 18.72 58.00
N LEU E 253 -15.94 17.55 57.37
CA LEU E 253 -15.16 17.23 56.18
C LEU E 253 -16.22 16.88 55.15
N VAL E 254 -16.36 17.71 54.12
CA VAL E 254 -17.37 17.46 53.09
C VAL E 254 -16.93 17.51 51.64
N ILE E 255 -17.84 17.09 50.78
CA ILE E 255 -17.61 17.08 49.34
C ILE E 255 -18.35 18.37 49.04
N PRO E 256 -17.61 19.42 48.65
CA PRO E 256 -18.21 20.72 48.35
C PRO E 256 -19.06 20.77 47.08
N ASN E 257 -19.86 21.83 47.00
CA ASN E 257 -20.75 22.09 45.88
C ASN E 257 -20.31 23.39 45.23
N PRO E 258 -19.41 23.29 44.26
CA PRO E 258 -18.93 24.49 43.58
C PRO E 258 -20.11 25.28 43.03
N ILE E 259 -19.98 26.60 42.95
CA ILE E 259 -21.07 27.42 42.43
C ILE E 259 -20.78 27.87 40.98
N THR E 260 -21.76 28.48 40.34
CA THR E 260 -21.57 28.95 38.97
C THR E 260 -20.93 30.35 39.04
N MET E 261 -20.37 30.82 37.92
CA MET E 261 -19.77 32.15 37.92
C MET E 261 -20.91 33.16 38.19
N ASP E 262 -22.09 32.91 37.64
CA ASP E 262 -23.21 33.83 37.87
C ASP E 262 -23.51 33.97 39.36
N GLU E 263 -23.49 32.85 40.09
CA GLU E 263 -23.76 32.87 41.54
C GLU E 263 -22.68 33.66 42.27
N LEU E 264 -21.42 33.42 41.90
CA LEU E 264 -20.32 34.12 42.53
C LEU E 264 -20.50 35.64 42.32
N GLU E 265 -20.75 36.05 41.07
CA GLU E 265 -20.94 37.48 40.77
C GLU E 265 -22.16 38.05 41.49
N GLU E 266 -23.23 37.26 41.61
CA GLU E 266 -24.42 37.75 42.30
C GLU E 266 -24.05 37.99 43.77
N LEU E 267 -23.25 37.08 44.35
CA LEU E 267 -22.86 37.22 45.75
C LEU E 267 -22.09 38.52 45.98
N LEU E 268 -21.06 38.73 45.18
CA LEU E 268 -20.21 39.92 45.26
C LEU E 268 -21.05 41.17 45.01
N MET E 269 -22.04 41.04 44.14
CA MET E 269 -22.91 42.19 43.83
C MET E 269 -23.83 42.45 45.03
N GLU E 270 -24.27 41.37 45.67
CA GLU E 270 -25.15 41.50 46.83
C GLU E 270 -24.42 42.24 47.94
N PHE E 271 -23.11 42.05 48.01
CA PHE E 271 -22.34 42.71 49.03
C PHE E 271 -21.84 44.10 48.63
N GLY E 272 -22.12 44.52 47.39
CA GLY E 272 -21.69 45.83 46.91
C GLY E 272 -20.21 45.98 46.51
N ILE E 273 -19.53 44.85 46.35
CA ILE E 273 -18.12 44.79 45.98
C ILE E 273 -17.98 44.84 44.45
N MET E 274 -19.02 44.38 43.77
CA MET E 274 -19.04 44.36 42.31
C MET E 274 -20.17 45.26 41.82
N GLU E 275 -19.86 46.14 40.87
CA GLU E 275 -20.84 47.07 40.31
C GLU E 275 -21.82 46.32 39.45
N VAL E 276 -23.10 46.65 39.56
CA VAL E 276 -24.11 45.96 38.75
C VAL E 276 -24.14 46.52 37.33
N GLU E 277 -24.03 45.62 36.37
CA GLU E 277 -24.03 45.97 34.97
C GLU E 277 -25.40 46.41 34.44
N ASP E 278 -25.43 47.52 33.70
CA ASP E 278 -26.68 48.02 33.12
C ASP E 278 -26.68 47.38 31.74
N GLU E 279 -27.43 46.30 31.58
CA GLU E 279 -27.49 45.61 30.29
C GLU E 279 -27.89 46.47 29.09
N SER E 280 -28.92 47.29 29.27
CA SER E 280 -29.41 48.16 28.21
C SER E 280 -28.30 49.03 27.63
N ILE E 281 -27.22 49.19 28.38
CA ILE E 281 -26.10 50.02 27.93
C ILE E 281 -24.86 49.28 27.42
N VAL E 282 -24.87 47.95 27.53
CA VAL E 282 -23.75 47.11 27.08
C VAL E 282 -23.48 47.25 25.57
N GLY E 283 -22.21 47.45 25.22
CA GLY E 283 -21.86 47.60 23.82
C GLY E 283 -22.16 48.98 23.25
N LYS E 284 -22.60 49.93 24.08
CA LYS E 284 -22.92 51.29 23.62
C LYS E 284 -21.74 52.23 23.89
N THR E 285 -21.41 53.07 22.92
CA THR E 285 -20.30 54.01 23.07
C THR E 285 -20.71 55.16 24.00
N ALA E 286 -19.72 55.87 24.53
CA ALA E 286 -19.95 56.99 25.43
C ALA E 286 -20.82 58.04 24.73
N GLU E 287 -20.62 58.18 23.42
CA GLU E 287 -21.38 59.13 22.64
C GLU E 287 -22.85 58.75 22.46
N GLU E 288 -23.13 57.46 22.45
CA GLU E 288 -24.51 57.00 22.29
C GLU E 288 -25.33 57.14 23.58
N VAL E 289 -24.67 57.06 24.73
CA VAL E 289 -25.35 57.18 26.01
C VAL E 289 -24.41 57.56 27.17
N ALA F 1 4.46 38.03 6.23
CA ALA F 1 3.66 39.16 6.77
C ALA F 1 3.22 38.88 8.22
N MET F 2 2.15 38.09 8.37
CA MET F 2 1.56 37.72 9.66
C MET F 2 2.50 37.54 10.85
N ARG F 3 2.38 38.40 11.86
CA ARG F 3 3.21 38.31 13.06
C ARG F 3 2.46 37.60 14.18
N GLN F 4 3.14 36.63 14.80
CA GLN F 4 2.62 35.83 15.89
C GLN F 4 3.13 36.36 17.22
N CYS F 5 2.24 36.95 18.01
CA CYS F 5 2.67 37.49 19.29
C CYS F 5 1.95 36.83 20.46
N ALA F 6 2.61 36.81 21.60
CA ALA F 6 2.05 36.23 22.81
C ALA F 6 2.18 37.23 23.95
N ILE F 7 1.08 37.47 24.66
CA ILE F 7 1.16 38.41 25.77
C ILE F 7 1.24 37.56 27.05
N TYR F 8 2.38 37.61 27.71
CA TYR F 8 2.57 36.84 28.93
C TYR F 8 2.61 37.73 30.17
N GLY F 9 2.06 37.25 31.28
CA GLY F 9 2.09 38.05 32.48
C GLY F 9 1.35 37.43 33.63
N LYS F 10 1.65 37.95 34.81
CA LYS F 10 1.02 37.48 36.01
C LYS F 10 -0.46 37.84 35.91
N GLY F 11 -1.30 37.15 36.69
CA GLY F 11 -2.73 37.42 36.67
C GLY F 11 -3.05 38.55 37.66
N GLY F 12 -4.24 39.11 37.56
CA GLY F 12 -4.60 40.17 38.47
C GLY F 12 -3.94 41.53 38.31
N ILE F 13 -3.36 41.85 37.15
CA ILE F 13 -2.72 43.16 36.96
C ILE F 13 -3.19 43.89 35.67
N GLY F 14 -4.35 43.47 35.16
CA GLY F 14 -4.93 44.06 33.96
C GLY F 14 -4.38 43.62 32.61
N LYS F 15 -3.59 42.55 32.60
CA LYS F 15 -3.01 42.03 31.37
C LYS F 15 -4.03 41.78 30.25
N SER F 16 -5.16 41.18 30.58
CA SER F 16 -6.17 40.91 29.57
C SER F 16 -6.81 42.16 29.01
N THR F 17 -6.94 43.17 29.87
CA THR F 17 -7.53 44.44 29.47
C THR F 17 -6.57 45.14 28.52
N THR F 18 -5.30 45.14 28.88
CA THR F 18 -4.29 45.76 28.06
C THR F 18 -4.18 45.05 26.71
N THR F 19 -4.32 43.72 26.71
CA THR F 19 -4.24 42.94 25.48
C THR F 19 -5.38 43.24 24.54
N GLN F 20 -6.59 43.32 25.10
CA GLN F 20 -7.74 43.61 24.26
C GLN F 20 -7.75 45.07 23.75
N ASN F 21 -7.20 46.00 24.53
CA ASN F 21 -7.21 47.39 24.07
C ASN F 21 -6.09 47.59 23.03
N LEU F 22 -5.04 46.78 23.13
CA LEU F 22 -3.92 46.87 22.20
C LEU F 22 -4.43 46.38 20.85
N VAL F 23 -5.18 45.27 20.89
CA VAL F 23 -5.75 44.65 19.70
C VAL F 23 -6.82 45.51 19.01
N ALA F 24 -7.66 46.14 19.84
CA ALA F 24 -8.73 47.01 19.34
C ALA F 24 -8.06 48.21 18.65
N ALA F 25 -6.96 48.68 19.21
CA ALA F 25 -6.25 49.81 18.63
C ALA F 25 -5.65 49.41 17.28
N LEU F 26 -5.13 48.19 17.17
CA LEU F 26 -4.54 47.74 15.91
C LEU F 26 -5.66 47.58 14.86
N ALA F 27 -6.81 47.07 15.27
CA ALA F 27 -7.90 46.90 14.32
C ALA F 27 -8.34 48.29 13.88
N GLU F 28 -8.33 49.23 14.82
CA GLU F 28 -8.76 50.60 14.55
C GLU F 28 -7.89 51.25 13.48
N MET F 29 -6.59 50.99 13.53
CA MET F 29 -5.69 51.57 12.55
C MET F 29 -5.59 50.76 11.26
N GLY F 30 -6.49 49.81 11.03
CA GLY F 30 -6.44 49.02 9.81
C GLY F 30 -5.85 47.62 9.79
N LYS F 31 -5.34 47.11 10.91
CA LYS F 31 -4.76 45.75 10.92
C LYS F 31 -5.81 44.63 11.07
N LYS F 32 -5.46 43.43 10.57
CA LYS F 32 -6.32 42.25 10.63
C LYS F 32 -5.77 41.51 11.83
N VAL F 33 -6.61 41.27 12.84
CA VAL F 33 -6.08 40.59 14.02
C VAL F 33 -6.93 39.46 14.54
N MET F 34 -6.29 38.50 15.20
CA MET F 34 -7.01 37.39 15.76
C MET F 34 -6.54 37.28 17.21
N ILE F 35 -7.48 37.11 18.12
CA ILE F 35 -7.11 36.98 19.53
C ILE F 35 -7.38 35.56 19.96
N VAL F 36 -6.37 34.90 20.50
CA VAL F 36 -6.53 33.54 20.94
C VAL F 36 -6.28 33.55 22.46
N GLY F 37 -7.32 33.33 23.25
CA GLY F 37 -7.16 33.32 24.69
C GLY F 37 -6.54 32.02 25.15
N CYS F 38 -5.51 32.10 25.98
CA CYS F 38 -4.86 30.89 26.48
C CYS F 38 -4.77 30.90 28.00
N ASP F 39 -5.79 31.48 28.62
CA ASP F 39 -5.86 31.57 30.07
C ASP F 39 -7.03 30.64 30.48
N PRO F 40 -6.83 29.83 31.52
CA PRO F 40 -7.88 28.91 31.98
C PRO F 40 -9.14 29.68 32.39
N LYS F 41 -8.98 30.98 32.71
CA LYS F 41 -10.13 31.79 33.11
C LYS F 41 -10.96 32.16 31.89
N ALA F 42 -10.38 32.03 30.69
CA ALA F 42 -11.05 32.35 29.43
C ALA F 42 -11.81 33.68 29.46
N ASP F 43 -11.06 34.75 29.67
CA ASP F 43 -11.60 36.10 29.75
C ASP F 43 -10.70 37.02 28.94
N SER F 44 -10.25 36.56 27.77
CA SER F 44 -9.39 37.36 26.94
C SER F 44 -10.10 38.02 25.77
N THR F 45 -11.38 37.76 25.60
CA THR F 45 -12.09 38.35 24.48
C THR F 45 -13.42 39.05 24.76
N ARG F 46 -13.88 39.06 26.00
CA ARG F 46 -15.16 39.71 26.31
C ARG F 46 -15.36 41.15 25.90
N LEU F 47 -14.29 41.95 26.01
CA LEU F 47 -14.36 43.36 25.65
C LEU F 47 -14.52 43.59 24.15
N ILE F 48 -13.96 42.66 23.36
CA ILE F 48 -14.04 42.74 21.91
C ILE F 48 -15.40 42.25 21.44
N LEU F 49 -15.93 41.27 22.14
CA LEU F 49 -17.22 40.68 21.80
C LEU F 49 -18.43 41.24 22.53
N HIS F 50 -18.22 42.06 23.56
CA HIS F 50 -19.32 42.63 24.35
C HIS F 50 -20.07 41.45 24.96
N SER F 51 -19.35 40.41 25.37
CA SER F 51 -20.00 39.23 25.96
C SER F 51 -19.56 38.87 27.38
N LYS F 52 -20.37 38.02 28.00
CA LYS F 52 -20.12 37.56 29.36
C LYS F 52 -19.16 36.37 29.45
N ALA F 53 -19.05 35.60 28.37
CA ALA F 53 -18.18 34.44 28.36
C ALA F 53 -18.25 33.68 27.02
N GLN F 54 -17.13 33.60 26.33
CA GLN F 54 -17.10 32.91 25.05
C GLN F 54 -16.89 31.40 25.20
N ASN F 55 -17.70 30.61 24.50
CA ASN F 55 -17.59 29.16 24.56
C ASN F 55 -16.16 28.83 24.19
N THR F 56 -15.51 28.00 24.98
CA THR F 56 -14.13 27.66 24.70
C THR F 56 -13.99 26.39 23.86
N ILE F 57 -12.83 26.21 23.27
CA ILE F 57 -12.62 25.01 22.45
C ILE F 57 -12.55 23.80 23.39
N MET F 58 -11.90 23.95 24.54
CA MET F 58 -11.81 22.83 25.45
C MET F 58 -13.19 22.36 25.95
N GLU F 59 -14.07 23.32 26.25
CA GLU F 59 -15.41 22.99 26.73
C GLU F 59 -16.15 22.18 25.69
N MET F 60 -16.14 22.66 24.47
CA MET F 60 -16.83 21.97 23.40
C MET F 60 -16.17 20.66 23.01
N ALA F 61 -14.84 20.62 23.07
CA ALA F 61 -14.12 19.41 22.71
C ALA F 61 -14.43 18.25 23.66
N ALA F 62 -14.62 18.54 24.93
CA ALA F 62 -14.91 17.51 25.91
C ALA F 62 -16.26 16.82 25.65
N GLU F 63 -17.18 17.55 25.05
CA GLU F 63 -18.52 17.03 24.74
C GLU F 63 -18.54 16.15 23.48
N ALA F 64 -17.57 16.35 22.58
CA ALA F 64 -17.47 15.60 21.33
C ALA F 64 -16.64 14.32 21.20
N GLY F 65 -16.95 13.55 20.14
CA GLY F 65 -16.25 12.31 19.88
C GLY F 65 -14.80 12.62 19.55
N THR F 66 -14.59 13.61 18.67
CA THR F 66 -13.24 14.04 18.27
C THR F 66 -13.29 15.55 18.15
N VAL F 67 -12.15 16.22 18.26
CA VAL F 67 -12.12 17.66 18.15
C VAL F 67 -12.59 18.14 16.76
N GLU F 68 -12.34 17.34 15.71
CA GLU F 68 -12.76 17.74 14.35
C GLU F 68 -14.28 17.81 14.21
N ASP F 69 -15.01 17.31 15.21
CA ASP F 69 -16.47 17.36 15.19
C ASP F 69 -16.88 18.84 15.40
N LEU F 70 -16.00 19.63 16.00
CA LEU F 70 -16.26 21.05 16.25
C LEU F 70 -16.18 21.88 14.98
N GLU F 71 -16.94 22.96 14.91
CA GLU F 71 -16.90 23.81 13.72
C GLU F 71 -16.33 25.16 14.08
N LEU F 72 -15.35 25.61 13.32
CA LEU F 72 -14.71 26.91 13.56
C LEU F 72 -15.75 27.97 13.95
N GLU F 73 -16.86 27.96 13.22
CA GLU F 73 -17.97 28.89 13.43
C GLU F 73 -18.46 29.05 14.88
N ASP F 74 -18.43 27.97 15.67
CA ASP F 74 -18.88 28.07 17.05
C ASP F 74 -17.71 28.50 17.95
N VAL F 75 -16.52 28.29 17.43
CA VAL F 75 -15.29 28.62 18.14
C VAL F 75 -14.78 30.05 17.88
N LEU F 76 -14.73 30.44 16.62
CA LEU F 76 -14.27 31.76 16.23
C LEU F 76 -15.39 32.77 16.07
N LYS F 77 -15.29 33.90 16.78
CA LYS F 77 -16.30 34.95 16.71
C LYS F 77 -15.68 36.30 16.38
N ALA F 78 -16.34 37.00 15.46
CA ALA F 78 -15.88 38.32 15.03
C ALA F 78 -16.46 39.36 16.00
N GLY F 79 -15.63 40.29 16.43
CA GLY F 79 -16.11 41.32 17.34
C GLY F 79 -15.78 42.70 16.82
N TYR F 80 -15.46 43.61 17.73
CA TYR F 80 -15.13 44.98 17.35
C TYR F 80 -14.04 45.07 16.30
N GLY F 81 -14.20 46.02 15.37
CA GLY F 81 -13.23 46.20 14.32
C GLY F 81 -12.89 44.93 13.54
N GLY F 82 -13.83 43.99 13.52
CA GLY F 82 -13.62 42.74 12.82
C GLY F 82 -12.60 41.81 13.43
N VAL F 83 -12.00 42.14 14.57
CA VAL F 83 -11.03 41.20 15.09
C VAL F 83 -11.71 39.87 15.50
N LYS F 84 -11.06 38.77 15.13
CA LYS F 84 -11.51 37.41 15.39
C LYS F 84 -11.13 36.95 16.79
N CYS F 85 -12.06 36.33 17.51
CA CYS F 85 -11.76 35.87 18.86
C CYS F 85 -12.01 34.38 19.15
N VAL F 86 -11.06 33.78 19.86
CA VAL F 86 -11.10 32.38 20.25
C VAL F 86 -10.62 32.22 21.70
N GLU F 87 -11.19 31.27 22.43
CA GLU F 87 -10.81 31.01 23.81
C GLU F 87 -10.47 29.52 23.81
N SER F 88 -9.24 29.20 24.20
CA SER F 88 -8.77 27.82 24.27
C SER F 88 -9.51 27.10 25.38
N GLY F 89 -9.59 27.75 26.54
CA GLY F 89 -10.27 27.17 27.69
C GLY F 89 -9.30 26.17 28.30
N GLY F 90 -9.64 25.57 29.44
CA GLY F 90 -8.75 24.59 30.05
C GLY F 90 -9.45 23.27 30.38
N PRO F 91 -8.70 22.22 30.78
CA PRO F 91 -9.44 20.99 31.10
C PRO F 91 -10.08 21.18 32.47
N GLU F 92 -10.99 20.30 32.84
CA GLU F 92 -11.65 20.42 34.13
C GLU F 92 -10.64 20.60 35.26
N PRO F 93 -11.03 21.31 36.32
CA PRO F 93 -10.13 21.55 37.44
C PRO F 93 -9.63 20.27 38.09
N GLY F 94 -8.32 20.19 38.25
CA GLY F 94 -7.70 19.03 38.86
C GLY F 94 -7.28 17.89 37.96
N VAL F 95 -7.86 17.79 36.77
CA VAL F 95 -7.47 16.70 35.90
C VAL F 95 -6.40 16.93 34.84
N GLY F 96 -6.72 17.64 33.78
CA GLY F 96 -5.70 17.84 32.77
C GLY F 96 -4.54 18.80 32.96
N CYS F 97 -3.70 18.88 31.94
CA CYS F 97 -2.55 19.77 31.95
C CYS F 97 -3.10 20.97 31.20
N ALA F 98 -3.27 22.10 31.87
CA ALA F 98 -3.80 23.29 31.19
C ALA F 98 -2.99 23.63 29.94
N GLY F 99 -1.68 23.47 30.02
CA GLY F 99 -0.83 23.77 28.87
C GLY F 99 -1.13 22.92 27.65
N ARG F 100 -1.33 21.62 27.84
CA ARG F 100 -1.61 20.74 26.71
C ARG F 100 -2.99 21.09 26.12
N GLY F 101 -3.88 21.61 26.98
CA GLY F 101 -5.21 21.98 26.53
C GLY F 101 -5.09 23.16 25.57
N VAL F 102 -4.16 24.07 25.88
CA VAL F 102 -3.92 25.24 25.04
C VAL F 102 -3.34 24.84 23.68
N ILE F 103 -2.42 23.88 23.66
CA ILE F 103 -1.82 23.43 22.41
C ILE F 103 -2.85 22.70 21.56
N THR F 104 -3.73 21.95 22.22
CA THR F 104 -4.76 21.21 21.50
C THR F 104 -5.63 22.21 20.74
N ALA F 105 -6.00 23.31 21.41
CA ALA F 105 -6.84 24.35 20.82
C ALA F 105 -6.18 25.07 19.65
N ILE F 106 -4.89 25.37 19.78
CA ILE F 106 -4.17 26.06 18.73
C ILE F 106 -3.98 25.16 17.52
N ASN F 107 -3.73 23.88 17.77
CA ASN F 107 -3.53 22.90 16.68
C ASN F 107 -4.85 22.83 15.91
N PHE F 108 -5.97 22.92 16.63
CA PHE F 108 -7.28 22.87 15.98
C PHE F 108 -7.49 24.07 15.06
N LEU F 109 -7.13 25.25 15.53
CA LEU F 109 -7.29 26.46 14.71
C LEU F 109 -6.46 26.33 13.45
N GLU F 110 -5.26 25.76 13.59
CA GLU F 110 -4.37 25.57 12.45
C GLU F 110 -5.01 24.71 11.37
N GLU F 111 -5.49 23.53 11.75
CA GLU F 111 -6.12 22.60 10.82
C GLU F 111 -7.40 23.13 10.24
N GLU F 112 -8.17 23.86 11.04
CA GLU F 112 -9.43 24.39 10.55
C GLU F 112 -9.34 25.57 9.59
N GLY F 113 -8.13 26.05 9.32
CA GLY F 113 -8.02 27.18 8.43
C GLY F 113 -8.32 28.56 9.05
N ALA F 114 -8.29 28.65 10.38
CA ALA F 114 -8.56 29.91 11.07
C ALA F 114 -7.51 30.98 10.77
N TYR F 115 -6.30 30.57 10.45
CA TYR F 115 -5.27 31.56 10.14
C TYR F 115 -5.37 31.98 8.68
N GLU F 116 -6.20 32.99 8.39
CA GLU F 116 -6.36 33.44 7.01
C GLU F 116 -5.07 34.12 6.51
N ASP F 117 -4.87 34.12 5.21
CA ASP F 117 -3.67 34.72 4.61
C ASP F 117 -3.78 36.24 4.73
N ASP F 118 -4.95 36.69 5.17
CA ASP F 118 -5.29 38.09 5.37
C ASP F 118 -4.61 38.66 6.62
N LEU F 119 -4.76 37.96 7.73
CA LEU F 119 -4.20 38.34 9.02
C LEU F 119 -2.86 39.06 9.07
N ASP F 120 -2.83 40.15 9.86
CA ASP F 120 -1.63 40.94 10.05
C ASP F 120 -1.04 40.47 11.37
N PHE F 121 -1.92 40.25 12.35
CA PHE F 121 -1.51 39.81 13.66
C PHE F 121 -2.39 38.74 14.30
N VAL F 122 -1.77 38.01 15.21
CA VAL F 122 -2.39 36.95 15.96
C VAL F 122 -1.78 37.19 17.35
N PHE F 123 -2.63 37.38 18.35
CA PHE F 123 -2.17 37.61 19.71
C PHE F 123 -2.68 36.52 20.64
N TYR F 124 -1.76 35.82 21.29
CA TYR F 124 -2.11 34.76 22.24
C TYR F 124 -2.04 35.38 23.62
N ASP F 125 -3.14 35.35 24.37
CA ASP F 125 -3.14 35.92 25.70
C ASP F 125 -2.89 34.76 26.65
N VAL F 126 -1.64 34.58 27.04
CA VAL F 126 -1.25 33.49 27.93
C VAL F 126 -0.91 33.78 29.41
N LEU F 127 -1.37 32.91 30.30
CA LEU F 127 -1.11 33.07 31.72
C LEU F 127 0.37 32.89 32.03
N GLY F 128 0.91 33.76 32.88
CA GLY F 128 2.30 33.68 33.24
C GLY F 128 2.60 33.66 34.74
N ASP F 129 1.68 33.18 35.57
CA ASP F 129 1.96 33.15 37.00
C ASP F 129 3.10 32.12 37.10
N VAL F 130 2.75 30.84 37.21
CA VAL F 130 3.77 29.78 37.30
C VAL F 130 4.19 29.45 35.85
N VAL F 131 5.41 29.74 35.47
CA VAL F 131 5.82 29.43 34.10
C VAL F 131 6.32 28.00 33.95
N CYS F 132 5.41 27.05 34.03
CA CYS F 132 5.74 25.62 33.92
C CYS F 132 5.91 25.18 32.46
N GLY F 133 6.34 23.94 32.27
CA GLY F 133 6.51 23.46 30.90
C GLY F 133 5.18 23.56 30.15
N GLY F 134 4.07 23.39 30.87
CA GLY F 134 2.76 23.46 30.26
C GLY F 134 2.46 24.83 29.66
N PHE F 135 2.48 25.87 30.49
CA PHE F 135 2.21 27.18 29.97
C PHE F 135 3.29 27.72 29.02
N ALA F 136 4.45 27.07 29.00
CA ALA F 136 5.55 27.48 28.13
C ALA F 136 5.48 26.79 26.77
N MET F 137 4.51 25.89 26.59
CA MET F 137 4.38 25.18 25.33
C MET F 137 4.20 26.02 24.07
N PRO F 138 3.50 27.16 24.16
CA PRO F 138 3.34 27.95 22.94
C PRO F 138 4.71 28.42 22.44
N ILE F 139 5.65 28.54 23.37
CA ILE F 139 7.02 28.96 23.06
C ILE F 139 7.75 27.76 22.49
N ARG F 140 7.78 26.67 23.25
CA ARG F 140 8.45 25.46 22.81
C ARG F 140 7.97 24.99 21.41
N GLU F 141 6.70 25.21 21.09
CA GLU F 141 6.14 24.80 19.79
C GLU F 141 6.10 25.89 18.73
N ASN F 142 6.94 26.92 18.87
CA ASN F 142 7.02 28.04 17.93
C ASN F 142 5.66 28.53 17.48
N LYS F 143 4.73 28.67 18.41
CA LYS F 143 3.39 29.14 18.10
C LYS F 143 3.44 30.67 17.99
N ALA F 144 4.36 31.30 18.73
CA ALA F 144 4.53 32.76 18.72
C ALA F 144 6.00 33.11 18.71
N GLN F 145 6.41 34.10 17.90
CA GLN F 145 7.82 34.52 17.83
C GLN F 145 8.13 35.73 18.72
N GLU F 146 7.13 36.59 18.88
CA GLU F 146 7.30 37.80 19.71
C GLU F 146 6.55 37.69 21.04
N ILE F 147 7.31 37.76 22.11
CA ILE F 147 6.76 37.69 23.44
C ILE F 147 6.85 39.10 24.06
N TYR F 148 5.72 39.56 24.57
CA TYR F 148 5.65 40.87 25.21
C TYR F 148 5.14 40.52 26.61
N ILE F 149 5.86 40.96 27.63
CA ILE F 149 5.48 40.69 29.00
C ILE F 149 4.81 41.86 29.70
N VAL F 150 3.62 41.61 30.26
CA VAL F 150 2.89 42.65 30.96
C VAL F 150 3.24 42.45 32.44
N CYS F 151 3.68 43.52 33.08
CA CYS F 151 4.02 43.44 34.49
C CYS F 151 3.69 44.77 35.16
N SER F 152 4.11 44.90 36.41
CA SER F 152 3.86 46.12 37.17
C SER F 152 5.00 46.28 38.16
N GLY F 153 5.08 47.45 38.77
CA GLY F 153 6.15 47.69 39.73
C GLY F 153 6.17 46.91 41.02
N GLU F 154 5.58 45.72 41.07
CA GLU F 154 5.59 44.95 42.31
C GLU F 154 6.38 43.64 42.18
N MET F 155 6.77 43.11 43.33
CA MET F 155 7.54 41.87 43.45
C MET F 155 7.09 40.69 42.58
N MET F 156 5.89 40.17 42.84
CA MET F 156 5.37 39.03 42.09
C MET F 156 5.23 39.21 40.57
N ALA F 157 4.74 40.37 40.13
CA ALA F 157 4.58 40.62 38.71
C ALA F 157 5.94 40.67 38.04
N MET F 158 6.92 41.25 38.72
CA MET F 158 8.28 41.35 38.17
C MET F 158 8.95 39.97 38.23
N TYR F 159 8.63 39.23 39.28
CA TYR F 159 9.18 37.90 39.48
C TYR F 159 8.67 37.03 38.32
N ALA F 160 7.39 37.21 37.95
CA ALA F 160 6.79 36.48 36.85
C ALA F 160 7.52 36.84 35.55
N ALA F 161 7.83 38.13 35.39
CA ALA F 161 8.53 38.60 34.20
C ALA F 161 9.90 37.93 34.05
N ASN F 162 10.58 37.73 35.17
CA ASN F 162 11.90 37.11 35.14
C ASN F 162 11.74 35.64 34.76
N ASN F 163 10.67 35.01 35.25
CA ASN F 163 10.43 33.60 34.95
C ASN F 163 10.11 33.42 33.47
N ILE F 164 9.27 34.29 32.92
CA ILE F 164 8.95 34.17 31.53
C ILE F 164 10.23 34.33 30.69
N SER F 165 11.12 35.25 31.10
CA SER F 165 12.36 35.45 30.35
C SER F 165 13.21 34.18 30.41
N LYS F 166 13.12 33.47 31.52
CA LYS F 166 13.85 32.22 31.70
C LYS F 166 13.29 31.20 30.71
N GLY F 167 11.96 31.13 30.61
CA GLY F 167 11.34 30.21 29.70
C GLY F 167 11.89 30.46 28.30
N ILE F 168 11.87 31.72 27.91
CA ILE F 168 12.36 32.10 26.59
C ILE F 168 13.82 31.63 26.42
N VAL F 169 14.67 31.94 27.39
CA VAL F 169 16.08 31.54 27.29
C VAL F 169 16.23 30.03 27.09
N LYS F 170 15.35 29.27 27.73
CA LYS F 170 15.35 27.81 27.66
C LYS F 170 15.32 27.28 26.21
N TYR F 171 14.43 27.84 25.39
CA TYR F 171 14.29 27.43 24.00
C TYR F 171 14.99 28.30 22.97
N ALA F 172 15.61 29.39 23.41
CA ALA F 172 16.30 30.28 22.49
C ALA F 172 17.39 29.65 21.66
N ASN F 173 18.20 28.75 22.25
CA ASN F 173 19.27 28.11 21.49
C ASN F 173 18.80 27.15 20.39
N SER F 174 17.49 26.93 20.29
CA SER F 174 16.98 26.02 19.28
C SER F 174 15.75 26.51 18.53
N GLY F 175 15.35 27.73 18.81
CA GLY F 175 14.19 28.29 18.13
C GLY F 175 14.35 29.79 17.90
N SER F 176 13.35 30.40 17.28
CA SER F 176 13.34 31.84 16.98
C SER F 176 12.48 32.69 17.94
N VAL F 177 11.93 32.10 19.00
CA VAL F 177 11.09 32.86 19.93
C VAL F 177 11.93 33.85 20.73
N ARG F 178 11.53 35.12 20.72
CA ARG F 178 12.24 36.18 21.44
C ARG F 178 11.37 37.20 22.23
N LEU F 179 11.99 37.87 23.20
CA LEU F 179 11.36 38.88 24.07
C LEU F 179 11.39 40.25 23.38
N GLY F 180 10.22 40.79 23.08
CA GLY F 180 10.15 42.08 22.42
C GLY F 180 10.01 43.24 23.37
N GLY F 181 9.90 42.96 24.67
CA GLY F 181 9.76 44.04 25.64
C GLY F 181 8.79 43.82 26.77
N LEU F 182 8.81 44.76 27.71
CA LEU F 182 7.94 44.75 28.89
C LEU F 182 6.91 45.81 28.65
N ILE F 183 5.73 45.60 29.21
CA ILE F 183 4.63 46.55 29.10
C ILE F 183 4.27 46.73 30.56
N CYS F 184 4.51 47.93 31.10
CA CYS F 184 4.17 48.16 32.49
C CYS F 184 2.74 48.64 32.70
N ASN F 185 1.93 47.81 33.35
CA ASN F 185 0.55 48.18 33.61
C ASN F 185 0.71 48.90 34.98
N SER F 186 0.58 50.23 34.96
CA SER F 186 0.72 51.02 36.17
C SER F 186 -0.25 50.69 37.28
N ARG F 187 0.29 50.61 38.50
CA ARG F 187 -0.52 50.31 39.68
C ARG F 187 -0.43 51.60 40.52
N ASN F 188 0.17 52.61 39.92
CA ASN F 188 0.34 53.92 40.53
C ASN F 188 1.42 54.00 41.60
N THR F 189 2.24 52.96 41.69
CA THR F 189 3.32 52.94 42.67
C THR F 189 4.18 54.15 42.33
N ASP F 190 4.87 54.72 43.31
CA ASP F 190 5.72 55.89 43.07
C ASP F 190 6.57 55.91 41.81
N ARG F 191 7.84 55.49 41.89
CA ARG F 191 8.72 55.50 40.70
C ARG F 191 8.62 54.21 39.85
N GLU F 192 7.39 53.75 39.64
CA GLU F 192 7.13 52.55 38.88
C GLU F 192 7.76 52.50 37.47
N ASP F 193 7.57 53.55 36.67
CA ASP F 193 8.14 53.56 35.32
C ASP F 193 9.66 53.36 35.31
N GLU F 194 10.33 53.98 36.27
CA GLU F 194 11.78 53.89 36.39
C GLU F 194 12.23 52.49 36.76
N LEU F 195 11.49 51.87 37.67
CA LEU F 195 11.80 50.53 38.14
C LEU F 195 11.68 49.47 37.05
N ILE F 196 10.68 49.60 36.18
CA ILE F 196 10.49 48.63 35.10
C ILE F 196 11.51 48.88 33.99
N ILE F 197 11.86 50.15 33.77
CA ILE F 197 12.84 50.47 32.75
C ILE F 197 14.16 49.88 33.20
N ALA F 198 14.41 49.92 34.50
CA ALA F 198 15.63 49.40 35.10
C ALA F 198 15.68 47.89 34.96
N LEU F 199 14.52 47.27 35.10
CA LEU F 199 14.42 45.81 35.00
C LEU F 199 14.64 45.45 33.53
N ALA F 200 13.99 46.19 32.65
CA ALA F 200 14.12 45.96 31.22
C ALA F 200 15.60 46.01 30.87
N ASN F 201 16.27 47.06 31.32
CA ASN F 201 17.69 47.20 31.03
C ASN F 201 18.51 46.01 31.50
N LYS F 202 18.24 45.53 32.71
CA LYS F 202 18.98 44.37 33.22
C LYS F 202 18.65 43.12 32.42
N LEU F 203 17.39 43.00 31.99
CA LEU F 203 16.96 41.84 31.20
C LEU F 203 17.49 41.91 29.78
N GLY F 204 17.92 43.11 29.37
CA GLY F 204 18.44 43.29 28.03
C GLY F 204 17.35 43.64 27.05
N THR F 205 16.19 44.03 27.55
CA THR F 205 15.07 44.39 26.68
C THR F 205 14.69 45.86 26.88
N GLN F 206 13.44 46.21 26.60
CA GLN F 206 12.97 47.57 26.74
C GLN F 206 11.59 47.60 27.36
N MET F 207 11.16 48.75 27.85
CA MET F 207 9.83 48.86 28.44
C MET F 207 9.16 49.55 27.28
N ILE F 208 8.58 48.75 26.39
CA ILE F 208 7.92 49.30 25.22
C ILE F 208 6.84 50.35 25.52
N HIS F 209 6.20 50.29 26.68
CA HIS F 209 5.18 51.28 27.01
C HIS F 209 4.75 51.21 28.47
N PHE F 210 4.30 52.35 28.98
CA PHE F 210 3.85 52.47 30.36
C PHE F 210 2.37 52.76 30.21
N VAL F 211 1.55 51.81 30.64
CA VAL F 211 0.10 51.97 30.54
C VAL F 211 -0.40 52.53 31.87
N PRO F 212 -0.70 53.84 31.90
CA PRO F 212 -1.18 54.43 33.15
C PRO F 212 -2.55 53.92 33.58
N ARG F 213 -2.85 54.13 34.86
CA ARG F 213 -4.11 53.73 35.44
C ARG F 213 -5.08 54.87 35.12
N ASP F 214 -6.28 54.54 34.65
CA ASP F 214 -7.24 55.57 34.32
C ASP F 214 -8.59 54.94 34.57
N ASN F 215 -9.48 55.62 35.28
CA ASN F 215 -10.76 55.01 35.52
C ASN F 215 -11.66 54.91 34.31
N VAL F 216 -11.22 55.44 33.17
CA VAL F 216 -12.02 55.35 31.96
C VAL F 216 -12.05 53.84 31.58
N VAL F 217 -10.98 53.12 31.95
CA VAL F 217 -10.92 51.69 31.66
C VAL F 217 -12.11 50.97 32.32
N GLN F 218 -12.38 51.30 33.59
CA GLN F 218 -13.50 50.65 34.28
C GLN F 218 -14.86 51.08 33.74
N ARG F 219 -14.98 52.34 33.33
CA ARG F 219 -16.26 52.78 32.80
C ARG F 219 -16.51 52.05 31.47
N ALA F 220 -15.42 51.74 30.75
CA ALA F 220 -15.58 51.02 29.47
C ALA F 220 -15.96 49.55 29.78
N GLU F 221 -15.21 48.94 30.68
CA GLU F 221 -15.48 47.57 31.03
C GLU F 221 -16.85 47.26 31.61
N ILE F 222 -17.46 48.19 32.35
CA ILE F 222 -18.78 47.89 32.90
C ILE F 222 -19.78 47.74 31.72
N ARG F 223 -19.38 48.17 30.53
CA ARG F 223 -20.24 48.06 29.35
C ARG F 223 -19.73 46.93 28.43
N ARG F 224 -18.77 46.17 28.97
CA ARG F 224 -18.15 45.05 28.28
C ARG F 224 -17.41 45.49 27.03
N MET F 225 -16.64 46.58 27.11
CA MET F 225 -15.91 47.05 25.95
C MET F 225 -14.55 47.60 26.23
N THR F 226 -13.83 47.85 25.14
CA THR F 226 -12.47 48.39 25.25
C THR F 226 -12.62 49.92 25.30
N VAL F 227 -11.55 50.61 25.65
CA VAL F 227 -11.59 52.07 25.70
C VAL F 227 -11.69 52.58 24.26
N ILE F 228 -10.89 51.95 23.40
CA ILE F 228 -10.82 52.28 21.98
C ILE F 228 -12.22 52.36 21.40
N GLU F 229 -13.07 51.39 21.74
CA GLU F 229 -14.42 51.42 21.20
C GLU F 229 -15.39 52.28 22.04
N TYR F 230 -15.28 52.20 23.35
CA TYR F 230 -16.16 52.98 24.21
C TYR F 230 -15.95 54.50 24.15
N ASP F 231 -14.70 54.94 24.21
CA ASP F 231 -14.40 56.36 24.16
C ASP F 231 -13.08 56.66 23.42
N PRO F 232 -13.10 56.58 22.07
CA PRO F 232 -11.91 56.85 21.26
C PRO F 232 -11.21 58.19 21.48
N LYS F 233 -11.93 59.15 22.07
CA LYS F 233 -11.39 60.47 22.34
C LYS F 233 -10.65 60.53 23.67
N ALA F 234 -10.94 59.53 24.50
CA ALA F 234 -10.33 59.42 25.82
C ALA F 234 -8.81 59.47 25.73
N LYS F 235 -8.17 60.05 26.72
CA LYS F 235 -6.72 60.13 26.69
C LYS F 235 -6.11 58.73 26.80
N GLN F 236 -6.79 57.83 27.52
CA GLN F 236 -6.30 56.47 27.68
C GLN F 236 -6.30 55.78 26.31
N ALA F 237 -7.26 56.12 25.46
CA ALA F 237 -7.34 55.51 24.12
C ALA F 237 -6.01 55.77 23.41
N ASP F 238 -5.52 57.00 23.49
CA ASP F 238 -4.25 57.33 22.84
C ASP F 238 -3.09 56.56 23.49
N GLU F 239 -3.25 56.18 24.75
CA GLU F 239 -2.18 55.43 25.42
C GLU F 239 -2.06 54.07 24.73
N TYR F 240 -3.21 53.43 24.44
CA TYR F 240 -3.18 52.14 23.78
C TYR F 240 -2.76 52.26 22.31
N ARG F 241 -3.09 53.36 21.66
CA ARG F 241 -2.70 53.55 20.27
C ARG F 241 -1.17 53.63 20.22
N ALA F 242 -0.57 54.34 21.16
CA ALA F 242 0.88 54.47 21.17
C ALA F 242 1.51 53.09 21.36
N LEU F 243 0.93 52.27 22.26
CA LEU F 243 1.46 50.92 22.51
C LEU F 243 1.37 50.11 21.21
N ALA F 244 0.22 50.19 20.53
CA ALA F 244 0.02 49.47 19.27
C ALA F 244 1.11 49.85 18.26
N ARG F 245 1.22 51.14 17.95
CA ARG F 245 2.20 51.65 17.01
C ARG F 245 3.59 51.15 17.35
N LYS F 246 3.97 51.27 18.61
CA LYS F 246 5.29 50.82 19.00
C LYS F 246 5.50 49.32 18.83
N VAL F 247 4.43 48.52 18.87
CA VAL F 247 4.62 47.08 18.69
C VAL F 247 4.78 46.88 17.19
N VAL F 248 3.92 47.53 16.42
CA VAL F 248 3.97 47.43 14.98
C VAL F 248 5.35 47.80 14.44
N ASP F 249 5.94 48.88 14.96
CA ASP F 249 7.25 49.32 14.52
C ASP F 249 8.39 48.69 15.32
N ASN F 250 8.07 47.72 16.20
CA ASN F 250 9.13 47.10 17.00
C ASN F 250 10.12 46.24 16.20
N LYS F 251 11.40 46.40 16.52
CA LYS F 251 12.47 45.65 15.85
C LYS F 251 13.42 45.08 16.88
N LEU F 252 13.13 45.37 18.16
CA LEU F 252 13.97 44.88 19.25
C LEU F 252 13.44 43.55 19.82
N LEU F 253 13.96 42.46 19.26
CA LEU F 253 13.58 41.09 19.65
C LEU F 253 14.83 40.42 20.19
N VAL F 254 14.94 40.29 21.51
CA VAL F 254 16.13 39.66 22.07
C VAL F 254 15.97 38.41 22.93
N ILE F 255 17.12 37.81 23.25
CA ILE F 255 17.18 36.63 24.08
C ILE F 255 17.54 37.29 25.40
N PRO F 256 16.61 37.31 26.36
CA PRO F 256 16.95 37.98 27.63
C PRO F 256 17.97 37.35 28.56
N ASN F 257 18.38 38.15 29.55
CA ASN F 257 19.35 37.75 30.56
C ASN F 257 18.64 37.84 31.91
N PRO F 258 17.93 36.77 32.32
CA PRO F 258 17.23 36.81 33.62
C PRO F 258 18.19 37.16 34.73
N ILE F 259 17.70 37.89 35.74
CA ILE F 259 18.57 38.27 36.86
C ILE F 259 18.32 37.32 38.02
N THR F 260 19.14 37.41 39.07
CA THR F 260 18.99 36.55 40.23
C THR F 260 18.02 37.13 41.24
N MET F 261 17.62 36.32 42.22
CA MET F 261 16.70 36.81 43.23
C MET F 261 17.35 38.00 43.89
N ASP F 262 18.64 37.87 44.21
CA ASP F 262 19.35 38.96 44.85
C ASP F 262 19.20 40.21 43.99
N GLU F 263 19.63 40.10 42.73
CA GLU F 263 19.55 41.23 41.82
C GLU F 263 18.15 41.84 41.85
N LEU F 264 17.13 40.99 41.89
CA LEU F 264 15.76 41.46 41.91
C LEU F 264 15.45 42.21 43.19
N GLU F 265 15.88 41.68 44.32
CA GLU F 265 15.62 42.35 45.59
C GLU F 265 16.38 43.66 45.69
N GLU F 266 17.61 43.68 45.20
CA GLU F 266 18.42 44.89 45.23
C GLU F 266 17.65 45.96 44.48
N LEU F 267 17.07 45.55 43.35
CA LEU F 267 16.30 46.47 42.52
C LEU F 267 15.04 46.96 43.26
N LEU F 268 14.31 46.05 43.91
CA LEU F 268 13.10 46.41 44.64
C LEU F 268 13.43 47.35 45.79
N MET F 269 14.63 47.23 46.33
CA MET F 269 15.07 48.08 47.43
C MET F 269 15.53 49.42 46.92
N GLU F 270 16.17 49.43 45.76
CA GLU F 270 16.65 50.66 45.18
C GLU F 270 15.51 51.63 44.91
N PHE F 271 14.28 51.10 44.85
CA PHE F 271 13.12 51.96 44.59
C PHE F 271 12.08 51.95 45.71
N GLY F 272 12.51 51.60 46.92
CA GLY F 272 11.60 51.58 48.05
C GLY F 272 10.50 50.53 48.09
N ILE F 273 10.27 49.83 46.97
CA ILE F 273 9.23 48.81 46.93
C ILE F 273 9.49 47.81 48.05
N MET F 274 10.78 47.58 48.32
CA MET F 274 11.22 46.66 49.37
C MET F 274 12.31 47.38 50.17
N GLU F 275 12.41 47.05 51.45
CA GLU F 275 13.41 47.67 52.32
C GLU F 275 14.54 46.74 52.70
N VAL F 276 15.66 47.35 53.09
CA VAL F 276 16.84 46.60 53.50
C VAL F 276 16.43 45.68 54.65
N GLU F 277 17.15 44.58 54.82
CA GLU F 277 16.81 43.67 55.90
C GLU F 277 17.79 43.69 57.07
N ASP F 278 17.29 44.08 58.24
CA ASP F 278 18.11 44.15 59.44
C ASP F 278 18.31 42.70 59.89
N GLU F 279 19.44 42.11 59.50
CA GLU F 279 19.70 40.74 59.88
C GLU F 279 20.22 40.53 61.27
N SER F 280 20.02 41.53 62.11
CA SER F 280 20.49 41.47 63.48
C SER F 280 19.34 40.98 64.35
N ILE F 281 18.13 41.32 63.92
CA ILE F 281 16.91 40.95 64.63
C ILE F 281 16.35 39.63 64.10
N VAL F 282 16.78 39.24 62.92
CA VAL F 282 16.33 38.01 62.30
C VAL F 282 16.40 36.84 63.27
N GLY F 283 15.30 36.55 63.94
CA GLY F 283 15.26 35.45 64.89
C GLY F 283 15.23 35.90 66.34
N LYS F 284 14.62 37.05 66.61
CA LYS F 284 14.52 37.58 67.97
C LYS F 284 13.13 37.41 68.58
N THR F 285 12.85 38.15 69.64
CA THR F 285 11.55 38.04 70.30
C THR F 285 11.21 39.30 71.09
N ALA F 286 11.32 39.19 72.41
CA ALA F 286 11.05 40.29 73.32
C ALA F 286 12.17 40.35 74.36
#